data_9GEV
#
_entry.id   9GEV
#
loop_
_entity.id
_entity.type
_entity.pdbx_description
1 polymer 'RuvB-like 1'
2 polymer 'RuvB-like 2'
3 polymer 'INO80 complex subunit C'
4 polymer 'Nucleosomal DNA Strand 1'
5 polymer 'Nucleosomal DNA Strand 2'
6 polymer 'Histone H3.1'
7 polymer 'Histone H4'
8 polymer 'Histone H2A type 1-B/E'
9 polymer 'Histone H2B type 2-E'
10 polymer 'Chromatin-remodeling ATPase INO80'
11 polymer 'INO80 complex subunit B'
12 polymer 'Actin-related protein 5'
13 non-polymer "ADENOSINE-5'-DIPHOSPHATE"
14 non-polymer "ADENOSINE-5'-TRIPHOSPHATE"
#
loop_
_entity_poly.entity_id
_entity_poly.type
_entity_poly.pdbx_seq_one_letter_code
_entity_poly.pdbx_strand_id
1 'polypeptide(L)'
;MKIEEVKSTTKTQRIASHSHVKGLGLDESGLAKQAASGLVGQENAREACGVIVELIKSKKMAGRAVLLAGPPGTGKTALA
LAIAQELGSKVPFCPMVGSEVYSTEIKKTEVLMENFRRAIGLRIKETKEVYEGEVTELTPCETENPMGGYGKTISHVIIG
LKTAKGTKQLKLDPSIFESLQKERVEAGDVIYIEANSGAVKRQGRCDTYATEFDLEAEEYVPLPKGDVHKKKEIIQDVTL
HDLDVANARPQGGQDILSMMGQLMKPKKTEITDKLRGEINKVVNKYIDQGIAELVPGVLFVDEVHMLDIECFTYLHRALE
SSIAPIVIFASNRGNCVIRGTEDITSPHGIPLDLLDRVMIIRTMLYTPQEMKQIIKIRAQTEGINISEEALNHLGEIGTK
TTLRYSVQLLTPANLLAKINGKDSIEKEHVEEISELFYDAKSSAKILADQQDKYMK
;
C,A,B
2 'polypeptide(L)'
;MATVTATTKVPEIRDVTRIERIGAHSHIRGLGLDDALEPRQASQGMVGQLAARRAAGVVLEMIREGKIAGRAVLIAGQPG
TGKTAIAMGMAQALGPDTPFTAIAGSEIFSLEMSKTEALTQAFRRSIGVRIKEETEIIEGEVVEIQIDRPATGTGSKVGK
LTLKTTEMETIYDLGTKMIESLTKDKVQAGDVITIDKATGKISKLGRSFTRARDYDAMGSQTKFVQCPDGELQKRKEVVH
TVSLHEIDVINSRTQGFLALFSGDTGEIKSEVREQINAKVAEWREEGKAEIIPGVLFIDEVHMLDIESFSFLNRALESDM
APVLIMATNRGITRIRGTSYQSPHGIPIDLLDRLLIVSTTPYSEKDTKQILRIRCEEEDVEMSEDAYTVLTRIGLETSLR
YAIQLITAASLVCRKRKGTEVQVDDIKRVYSLFLDESRSTQYMKEYQDAFLFNELKGETMDTS
;
E,D,F
3 'polypeptide(L)'
;MAAQIPIVATTSTPGIVRNSKKRPASPSHNGSSGGGYGASKKKKASASSFAQGISMEAMSENKMVPSEFSTGPVEKAAKP
LPFKDPNFVHSGHGGAVAGKKNRTWKNLKQILASERALPWQLNDPNYFSIDAPPSFKPAKKYSDVSGLLANYTDPQSKLR
FSTIEEFSYIRRLPSDVVTGYLALRKATSIVP
;
I
4 'polydeoxyribonucleotide'
;(DC)(DA)(DA)(DT)(DA)(DT)(DC)(DC)(DC)(DG)(DA)(DG)(DT)(DA)(DC)(DA)(DT)(DG)(DC)(DA)
(DC)(DA)(DG)(DG)(DA)(DT)(DG)(DT)(DA)(DT)(DA)(DT)(DA)(DT)(DC)(DT)(DG)(DA)(DC)(DA)
(DC)(DG)(DT)(DG)(DC)(DC)(DT)(DG)(DG)(DA)(DG)(DA)(DC)(DT)(DA)(DG)(DG)(DG)(DA)(DG)
(DT)(DA)(DA)(DT)(DC)(DC)(DC)(DC)(DT)(DT)(DG)(DG)(DC)(DG)(DG)(DT)(DT)(DA)(DA)(DA)
(DA)(DC)(DG)(DC)(DG)(DG)(DG)(DG)(DG)(DA)(DC)(DA)(DG)(DC)(DG)(DC)(DG)(DT)(DA)(DC)
(DG)(DT)(DG)(DC)(DG)(DT)(DT)(DT)(DA)(DA)(DG)(DC)(DG)(DG)(DT)(DG)(DC)(DT)(DA)(DG)
(DA)(DG)(DC)(DT)(DG)(DT)(DC)(DT)(DA)(DC)(DG)(DA)(DC)(DC)(DA)(DA)(DT)(DT)(DG)(DA)
(DG)(DC)(DG)(DG)(DC)(DC)(DT)(DC)(DG)(DG)(DC)(DA)
;
K
5 'polydeoxyribonucleotide'
;(DT)(DG)(DC)(DC)(DG)(DA)(DG)(DG)(DC)(DC)(DG)(DC)(DT)(DC)(DA)(DA)(DT)(DT)(DG)(DG)
(DT)(DC)(DG)(DT)(DA)(DG)(DA)(DC)(DA)(DG)(DC)(DT)(DC)(DT)(DA)(DG)(DC)(DA)(DC)(DC)
(DG)(DC)(DT)(DT)(DA)(DA)(DA)(DC)(DG)(DC)(DA)(DC)(DG)(DT)(DA)(DC)(DG)(DC)(DG)(DC)
(DT)(DG)(DT)(DC)(DC)(DC)(DC)(DC)(DG)(DC)(DG)(DT)(DT)(DT)(DT)(DA)(DA)(DC)(DC)(DG)
(DC)(DC)(DA)(DA)(DG)(DG)(DG)(DG)(DA)(DT)(DT)(DA)(DC)(DT)(DC)(DC)(DC)(DT)(DA)(DG)
(DT)(DC)(DT)(DC)(DC)(DA)(DG)(DG)(DC)(DA)(DC)(DG)(DT)(DG)(DT)(DC)(DA)(DG)(DA)(DT)
(DA)(DT)(DA)(DT)(DA)(DC)(DA)(DT)(DC)(DC)(DT)(DG)(DT)(DG)(DC)(DA)(DT)(DG)(DT)(DA)
(DC)(DT)(DC)(DG)(DG)(DG)(DA)(DT)(DA)(DT)(DT)(DG)
;
L
6 'polypeptide(L)'
;MARTKQTARKSTGGKAPRKQLATKAARKSAPATGGVKKPHRYRPGTVALREIRRYQKSTELLIRKLPFQRLVREIAQDFK
TDLRFQSSAVMALQEACEAYLVGLFEDTNLCAIHAKRVTIMPKDIQLARRIRGERA
;
M,Q
7 'polypeptide(L)'
;SGRGKGGKGLGKGGAKRHRKVLRDNIQGITKPAIRRLARRGGVKRISGLIYEETRGVLKVFLENVIRDAVTYTEHAKRKT
VTAMDVVYALKRQGRTLYGFGG
;
N,R
8 'polypeptide(L)'
;SGRGKQGGKARAKAKTRSSRAGLQFPVGRVHRLLRKGNYSERVGAGAPVYLAAVLEYLTAEILELAGNAARDNKKTRIIP
RHLQLAIRNDEELNKLLGRVTIAQGGVLPNIQAVLLPKKTESHHKAKGK
;
O,S
9 'polypeptide(L)'
;PEPAKSAPAPKKGSKKAVTKAQKKDGKKRKRSRKESYSIYVYKVLKQVHPDTGISSKAMGIMNSFVNDIFERIAGEASRL
AHYNKRSTITSREIQTAVRLLLPGELAKHAVSEGTKAVTKYTSSK
;
P,T
10 'polypeptide(L)'
;MASELGARDDGGCTELAKPLYLQYLERALRLDHFLRQTSAIFNRNISSDDSEDGLDDSNPLLPQSGDPLIQVKEEPPNSL
LGETSGAGSSGMLNTYSLNGVLQSESKCDKGNLYNFSKLKKSRKWLKSILLSDESSEADSQSEDDDEEELNLSREELHNM
LRLHKYKKLHQNKYSKDKELQQYQYYSAGLLSTYDPFYEQQRHLLGPKKKKFKEEKKLKAKLKKVKKKRRRDEELSSEES
PRRHHHQTKVFAKFSHDAPPPGTKKKHLSIEQLNARRRKVWLSIVKKELPKANKQKASARNLFLTNSRKLAHQCMKEVRR
AALQAQKNCKETLPRARRLTKEMLLYWKKYEKVEKEHRKRAEKEALEQRKLDEEMREAKRQQRKLNFLITQTELYAHFMS
RKRDMGHDGIQEEILRKLEDSSTQRQIDIGGGVVVNITQEDYDSNHFKAQALKNAENAYHIHQARTRSFDEDAKESRAAA
LRAANKSGTGFGESYSLANPSIRAGEDIPQPTIFNGKLKGYQLKGMNWLANLYEQGINGILADEMGLGKTVQSIALLAHL
AERENIWGPFLIISPASTLNNWHQEFTRFVPKFKVLPYWGNPHDRKVIRRFWSQKTLYTQDAPFHVVITSYQLVVQDVKY
FQRVKWQYMVLDEAQALKSSSSVRWKILLQFQCRNRLLLTGTPIQNTMAELWALLHFIMPTLFDSHEEFNEWFSKDIESH
AENKSAIDENQLSRLHMILKPFMLRRIKKDVENELSDKIEILMYCQLTSRQKLLYQALKNKISIEDLLQSSMGSTQQAQN
TTSSLMNLVMQFRKVCNHPELFERQETWSPFHISLKPYHISKFIYRHGQIRVFNHSRDRWLRVLSPFAPDYIQRSLFHRK
GINEESCFSFLRFIDISPAEMANLMLQGLLARWLALFLSLKASYRLHQLRSWGAPEGESHQRYLRNKDFLLGVNFPLSFP
NLCSCPLLKSLVFSSHCKAVSGYSDQVVHQRRSATSSLRRCLLTELPSFLCVASPRVTAVPLDSYCNDRSAEYERRVLKE
GGSLAAKQCLLNGAPELAADWLNRRSQFFPEPAGGLWSIRPQNGWSFIRIPGKESLITDSGKLYALDVLLTRLKSQGHRV
LIYSQMTRMIDLLEEYMVYRKHTYMRLDGSSKISERRDMVADFQNRNDIFVFLLSTRAGGLGINLTAADTVIFYDSDWNP
TVDQQAMDRAHRLGQTKQVTVYRLICKGTIEERILQRAKEKSEIQRMVISGGNFKPDTLKPKEVVSLLLDDEELEKKLRL
RQEEKRQQEETNRVKERKRKREKYAEKKKKEDELDGKRRKEGVNLVIPFVPSADNSNLSADGDDSFISVDSAMPSPFSEI
SISSELHTGSIPLDESSSDMLVIVDDPASSAPQSRATNSPASITGSVSDTVNGISIQEMPAAGRGHSARSRGRPKGSGST
AKGAGKGRSRKSTAGSAAAMAGAKAGAAAASAAAYAAYGYNVSKGISASSPLQTSLVRPAGLADFGPSSASSPLSSPLSK
GNNVPGNPKNLHMTSSLAPDSLVRKQGKGTNPSGGR
;
G
11 'polypeptide(L)'
;MSKLWRRGSTSGAMEAPEPGEALELSLAGAHGHGVHKKKHKKHKKKHKKKHHQEEDAGPTQPSPAKPQLKLKIKLGGQVL
GTKSVPTFTVIPEGPRSPSPLMVVDNEEEPMEGVPLEQYRAWLDEDSNLSPSPLRDLSGGLGGQEEEEEQRWLDALEKGE
LDDNGDLKKEINERLLTARQRALLQKARSQPSPMLPLPVAEGCPPPALTEEMLLKREERARKRRLQAARRAEEHKNQTIE
RLTKTAATSGRGGRGGARGERRGGRAAAPAPMVRYCSGAQGSTLSFPPGVPAPTAVSQRPSPSGPPPRCSVPGCPHPRRY
ACSRTGQALCSLQCYRINLQMRLGGPEGPGSPLLAT
;
H
12 'polypeptide(L)'
;MAANVFPFRDARAAPDPVLEAGPVAHGPLPVPLVLDNGSFQVRAGWACPGQDPGPEPRLQFRAVCARGRGGARGASGPQV
GNALGSLEPLRWMLRSPFDRNVPVNLELQELLLDYSFQHLGVSSQGCVDHPIVLTEAVCNPLYSRQMMSELLFECYGIPK
VAYGIDSLFSFYHNKPKNSMCSGLIISSGYQCTHVLPILEGRLDAKNCKRINLGGSQAAGYLQRLLQLKYPGHLAAITLS
RMEEILHEHSYIAEDYVEELHKWRCPDYYENNVHKMQLPFSSKLLGSTLTSEEKQERRQQQLRRLQELNARRREEKLQLD
QERLDRLLYVQELLEDGQMDQFHKALIELNMDSPEELQSYIQKLSIAVEQAKQKILQAEVNLEVDVVDSKPETPDLEQLE
PSLEDVESMNDFDPLFSEETPGVEKPVTTVQPVFNLAAYHQLFVGTERIRAPEIIFQPSLIGEEQAGIAETLQYILDRYP
KDIQEMLVQNVFLTGGNTMYPGMKARMEKELLEMRPFRSSFQVQLASNPVLDAWYGARDWALNHLDDNEVWITRKEYEEK
GGEYLKEHCASNIYVPIRLPKQASRSSDAQASSKGSAAGGGGAGEQA
;
J
#
loop_
_chem_comp.id
_chem_comp.type
_chem_comp.name
_chem_comp.formula
ADP non-polymer ADENOSINE-5'-DIPHOSPHATE 'C10 H15 N5 O10 P2'
ATP non-polymer ADENOSINE-5'-TRIPHOSPHATE 'C10 H16 N5 O13 P3'
DA DNA linking 2'-DEOXYADENOSINE-5'-MONOPHOSPHATE 'C10 H14 N5 O6 P'
DC DNA linking 2'-DEOXYCYTIDINE-5'-MONOPHOSPHATE 'C9 H14 N3 O7 P'
DG DNA linking 2'-DEOXYGUANOSINE-5'-MONOPHOSPHATE 'C10 H14 N5 O7 P'
DT DNA linking THYMIDINE-5'-MONOPHOSPHATE 'C10 H15 N2 O8 P'
#
# COMPACT_ATOMS: atom_id res chain seq x y z
N THR A 12 -54.99 9.01 32.33
CA THR A 12 -54.42 9.96 33.31
C THR A 12 -53.07 9.49 33.83
N GLN A 13 -52.34 10.34 34.56
CA GLN A 13 -51.06 10.00 35.18
C GLN A 13 -51.21 8.89 36.24
N ARG A 14 -50.12 8.17 36.53
CA ARG A 14 -50.04 7.16 37.60
C ARG A 14 -49.25 7.68 38.79
N ILE A 15 -49.74 7.42 39.99
CA ILE A 15 -49.28 8.03 41.24
C ILE A 15 -47.96 7.43 41.70
N ALA A 16 -46.99 8.26 42.08
CA ALA A 16 -45.69 7.84 42.57
C ALA A 16 -45.54 8.04 44.08
N SER A 17 -44.38 7.66 44.64
CA SER A 17 -44.11 7.77 46.07
C SER A 17 -44.08 9.22 46.60
N HIS A 18 -43.94 10.21 45.71
CA HIS A 18 -43.91 11.64 46.04
C HIS A 18 -44.93 12.52 45.29
N SER A 19 -45.93 11.97 44.60
CA SER A 19 -46.85 12.79 43.79
C SER A 19 -47.67 13.82 44.58
N HIS A 20 -47.89 13.63 45.88
CA HIS A 20 -48.59 14.61 46.71
C HIS A 20 -47.73 15.80 47.13
N VAL A 21 -46.40 15.69 47.11
CA VAL A 21 -45.51 16.77 47.54
C VAL A 21 -45.58 17.90 46.52
N LYS A 22 -46.27 19.00 46.85
CA LYS A 22 -46.46 20.17 45.97
C LYS A 22 -45.61 21.37 46.34
N GLY A 23 -44.86 21.32 47.44
CA GLY A 23 -44.04 22.41 47.92
C GLY A 23 -43.70 22.24 49.40
N LEU A 24 -43.10 23.27 50.02
CA LEU A 24 -42.81 23.28 51.46
C LEU A 24 -43.99 23.81 52.29
N GLY A 25 -44.94 24.52 51.70
CA GLY A 25 -46.13 25.00 52.40
C GLY A 25 -45.82 26.02 53.50
N LEU A 26 -44.84 26.88 53.29
CA LEU A 26 -44.43 27.89 54.26
C LEU A 26 -45.34 29.13 54.24
N ASP A 27 -45.38 29.85 55.35
CA ASP A 27 -45.90 31.22 55.45
C ASP A 27 -45.03 32.23 54.66
N GLU A 28 -45.58 33.40 54.36
CA GLU A 28 -44.80 34.54 53.85
C GLU A 28 -43.66 34.94 54.81
N SER A 29 -43.86 34.80 56.12
CA SER A 29 -42.84 35.02 57.15
C SER A 29 -41.77 33.92 57.22
N GLY A 30 -41.90 32.84 56.45
CA GLY A 30 -40.95 31.72 56.40
C GLY A 30 -41.15 30.62 57.44
N LEU A 31 -42.13 30.74 58.34
CA LEU A 31 -42.52 29.66 59.26
C LEU A 31 -43.26 28.53 58.51
N ALA A 32 -43.25 27.32 59.06
CA ALA A 32 -43.94 26.17 58.48
C ALA A 32 -45.37 26.00 59.02
N LYS A 33 -46.35 25.87 58.13
CA LYS A 33 -47.72 25.44 58.47
C LYS A 33 -47.73 23.96 58.86
N GLN A 34 -48.60 23.56 59.80
CA GLN A 34 -48.71 22.18 60.29
C GLN A 34 -48.88 21.17 59.17
N ALA A 35 -49.75 21.47 58.21
CA ALA A 35 -50.01 20.64 57.04
C ALA A 35 -50.42 21.51 55.85
N ALA A 36 -49.58 21.59 54.83
CA ALA A 36 -49.81 22.40 53.63
C ALA A 36 -48.98 21.87 52.46
N SER A 37 -49.39 22.16 51.23
CA SER A 37 -48.69 21.73 50.00
C SER A 37 -48.39 20.23 49.96
N GLY A 38 -49.21 19.42 50.63
CA GLY A 38 -49.07 17.98 50.73
C GLY A 38 -48.00 17.46 51.68
N LEU A 39 -47.29 18.32 52.41
CA LEU A 39 -46.42 17.92 53.52
C LEU A 39 -47.08 18.13 54.88
N VAL A 40 -46.58 17.44 55.91
CA VAL A 40 -46.91 17.72 57.32
C VAL A 40 -45.66 17.66 58.21
N GLY A 41 -45.67 18.34 59.35
CA GLY A 41 -44.61 18.19 60.34
C GLY A 41 -43.23 18.64 59.85
N GLN A 42 -42.16 18.10 60.44
CA GLN A 42 -40.77 18.46 60.13
C GLN A 42 -40.48 19.97 60.17
N GLU A 43 -41.19 20.76 60.97
CA GLU A 43 -41.25 22.21 60.77
C GLU A 43 -39.87 22.87 60.72
N ASN A 44 -38.97 22.56 61.64
CA ASN A 44 -37.62 23.13 61.62
C ASN A 44 -36.83 22.72 60.36
N ALA A 45 -37.04 21.54 59.80
CA ALA A 45 -36.41 21.15 58.55
C ALA A 45 -37.11 21.78 57.33
N ARG A 46 -38.43 21.99 57.38
CA ARG A 46 -39.16 22.69 56.31
C ARG A 46 -38.77 24.17 56.29
N GLU A 47 -38.67 24.80 57.44
CA GLU A 47 -38.17 26.16 57.60
C GLU A 47 -36.72 26.29 57.10
N ALA A 48 -35.86 25.33 57.42
CA ALA A 48 -34.51 25.29 56.88
C ALA A 48 -34.53 25.22 55.35
N CYS A 49 -35.33 24.33 54.77
CA CYS A 49 -35.51 24.30 53.33
C CYS A 49 -36.08 25.61 52.78
N GLY A 50 -36.91 26.33 53.53
CA GLY A 50 -37.33 27.68 53.16
C GLY A 50 -36.16 28.64 52.98
N VAL A 51 -35.19 28.63 53.89
CA VAL A 51 -33.96 29.41 53.74
C VAL A 51 -33.15 28.93 52.54
N ILE A 52 -33.09 27.63 52.28
CA ILE A 52 -32.38 27.10 51.11
C ILE A 52 -33.05 27.45 49.79
N VAL A 53 -34.38 27.50 49.72
CA VAL A 53 -35.05 28.03 48.53
C VAL A 53 -34.65 29.48 48.29
N GLU A 54 -34.58 30.33 49.31
CA GLU A 54 -34.08 31.70 49.13
C GLU A 54 -32.60 31.72 48.72
N LEU A 55 -31.78 30.84 49.29
CA LEU A 55 -30.37 30.71 48.92
C LEU A 55 -30.23 30.47 47.42
N ILE A 56 -31.03 29.55 46.87
CA ILE A 56 -31.00 29.20 45.45
C ILE A 56 -31.62 30.30 44.60
N LYS A 57 -32.81 30.81 44.94
CA LYS A 57 -33.49 31.87 44.18
C LYS A 57 -32.71 33.19 44.16
N SER A 58 -31.83 33.44 45.12
CA SER A 58 -30.99 34.64 45.13
C SER A 58 -29.98 34.68 43.98
N LYS A 59 -29.62 33.52 43.42
CA LYS A 59 -28.53 33.33 42.45
C LYS A 59 -27.14 33.83 42.89
N LYS A 60 -26.94 34.25 44.14
CA LYS A 60 -25.65 34.80 44.60
C LYS A 60 -24.59 33.71 44.79
N MET A 61 -24.96 32.60 45.41
CA MET A 61 -24.02 31.62 45.94
C MET A 61 -23.68 30.49 44.98
N ALA A 62 -22.48 29.93 45.12
CA ALA A 62 -22.01 28.78 44.37
C ALA A 62 -21.47 27.71 45.30
N GLY A 63 -21.77 26.45 45.01
CA GLY A 63 -21.15 25.33 45.72
C GLY A 63 -21.47 25.21 47.21
N ARG A 64 -22.36 26.05 47.77
CA ARG A 64 -22.86 25.84 49.12
C ARG A 64 -23.69 24.58 49.15
N ALA A 65 -23.65 23.83 50.24
CA ALA A 65 -24.26 22.52 50.28
C ALA A 65 -24.93 22.22 51.60
N VAL A 66 -26.00 21.42 51.55
CA VAL A 66 -26.75 21.02 52.73
C VAL A 66 -26.83 19.53 52.80
N LEU A 67 -26.87 18.96 54.00
CA LEU A 67 -27.03 17.53 54.19
C LEU A 67 -28.28 17.30 55.01
N LEU A 68 -29.31 16.77 54.39
CA LEU A 68 -30.50 16.34 55.09
C LEU A 68 -30.19 15.01 55.75
N ALA A 69 -30.06 14.95 57.07
CA ALA A 69 -29.68 13.75 57.80
C ALA A 69 -30.79 13.30 58.75
N GLY A 70 -31.23 12.05 58.65
CA GLY A 70 -32.31 11.53 59.51
C GLY A 70 -32.70 10.11 59.15
N PRO A 71 -33.28 9.33 60.07
CA PRO A 71 -33.61 7.92 59.87
C PRO A 71 -34.40 7.59 58.61
N PRO A 72 -34.40 6.34 58.13
CA PRO A 72 -35.21 5.93 57.00
C PRO A 72 -36.69 6.29 57.20
N GLY A 73 -37.35 6.78 56.15
CA GLY A 73 -38.78 7.09 56.19
C GLY A 73 -39.14 8.39 56.90
N THR A 74 -38.17 9.25 57.24
CA THR A 74 -38.44 10.51 57.94
C THR A 74 -38.68 11.70 57.03
N GLY A 75 -38.36 11.66 55.74
CA GLY A 75 -38.89 12.62 54.77
C GLY A 75 -37.87 13.45 54.01
N LYS A 76 -36.58 13.15 54.13
CA LYS A 76 -35.51 13.96 53.52
C LYS A 76 -35.51 13.89 52.00
N THR A 77 -35.93 12.80 51.37
CA THR A 77 -36.13 12.83 49.92
C THR A 77 -37.39 13.61 49.57
N ALA A 78 -38.46 13.55 50.37
CA ALA A 78 -39.63 14.41 50.15
C ALA A 78 -39.28 15.90 50.28
N LEU A 79 -38.53 16.34 51.29
CA LEU A 79 -38.09 17.73 51.40
C LEU A 79 -37.20 18.14 50.23
N ALA A 80 -36.21 17.33 49.83
CA ALA A 80 -35.38 17.68 48.70
C ALA A 80 -36.18 17.82 47.41
N LEU A 81 -37.22 17.01 47.19
CA LEU A 81 -38.14 17.19 46.06
C LEU A 81 -39.11 18.34 46.27
N ALA A 82 -39.52 18.67 47.49
CA ALA A 82 -40.34 19.84 47.75
C ALA A 82 -39.62 21.13 47.33
N ILE A 83 -38.31 21.23 47.55
CA ILE A 83 -37.51 22.34 47.03
C ILE A 83 -37.65 22.43 45.52
N ALA A 84 -37.59 21.32 44.78
CA ALA A 84 -37.77 21.35 43.33
C ALA A 84 -39.14 21.93 42.93
N GLN A 85 -40.18 21.72 43.74
CA GLN A 85 -41.50 22.32 43.50
C GLN A 85 -41.55 23.80 43.87
N GLU A 86 -40.89 24.22 44.96
CA GLU A 86 -40.82 25.64 45.32
C GLU A 86 -40.05 26.47 44.30
N LEU A 87 -39.06 25.88 43.64
CA LEU A 87 -38.31 26.50 42.55
C LEU A 87 -39.08 26.49 41.22
N GLY A 88 -39.80 25.41 40.93
CA GLY A 88 -40.52 25.21 39.66
C GLY A 88 -39.58 24.91 38.48
N SER A 89 -40.15 24.58 37.33
CA SER A 89 -39.40 24.07 36.16
C SER A 89 -38.43 25.07 35.51
N LYS A 90 -38.49 26.35 35.87
CA LYS A 90 -37.64 27.41 35.29
C LYS A 90 -36.15 27.22 35.56
N VAL A 91 -35.79 26.54 36.66
CA VAL A 91 -34.40 26.31 37.07
C VAL A 91 -34.09 24.81 37.11
N PRO A 92 -32.88 24.36 36.78
CA PRO A 92 -32.56 22.95 36.76
C PRO A 92 -32.49 22.39 38.17
N PHE A 93 -33.22 21.31 38.42
CA PHE A 93 -33.01 20.45 39.57
C PHE A 93 -32.58 19.09 39.05
N CYS A 94 -31.39 18.64 39.42
CA CYS A 94 -30.75 17.47 38.86
C CYS A 94 -30.66 16.37 39.91
N PRO A 95 -31.58 15.38 39.94
CA PRO A 95 -31.54 14.31 40.90
C PRO A 95 -30.46 13.29 40.55
N MET A 96 -29.83 12.72 41.57
CA MET A 96 -28.80 11.71 41.47
C MET A 96 -28.90 10.80 42.70
N VAL A 97 -28.38 9.58 42.66
CA VAL A 97 -27.99 8.86 43.88
C VAL A 97 -26.48 8.82 43.96
N GLY A 98 -25.91 8.64 45.14
CA GLY A 98 -24.46 8.46 45.24
C GLY A 98 -23.98 7.33 44.32
N SER A 99 -24.77 6.28 44.14
CA SER A 99 -24.40 5.14 43.30
C SER A 99 -24.27 5.41 41.81
N GLU A 100 -24.67 6.57 41.30
CA GLU A 100 -24.52 6.87 39.87
C GLU A 100 -23.06 7.04 39.47
N VAL A 101 -22.16 7.34 40.41
CA VAL A 101 -20.76 7.64 40.08
C VAL A 101 -19.96 6.44 39.56
N TYR A 102 -20.38 5.21 39.83
CA TYR A 102 -19.65 4.00 39.44
C TYR A 102 -19.86 3.62 37.97
N SER A 103 -19.70 4.56 37.06
CA SER A 103 -19.75 4.28 35.63
C SER A 103 -18.61 3.36 35.20
N THR A 104 -18.80 2.58 34.14
CA THR A 104 -17.73 1.82 33.48
C THR A 104 -17.09 2.56 32.32
N GLU A 105 -17.63 3.71 31.90
CA GLU A 105 -17.10 4.47 30.76
C GLU A 105 -16.25 5.67 31.15
N ILE A 106 -16.45 6.21 32.34
CA ILE A 106 -15.83 7.47 32.76
C ILE A 106 -15.54 7.44 34.27
N LYS A 107 -14.47 8.09 34.72
CA LYS A 107 -14.08 8.04 36.13
C LYS A 107 -15.13 8.64 37.07
N LYS A 108 -15.21 8.14 38.30
CA LYS A 108 -16.18 8.57 39.32
C LYS A 108 -16.23 10.09 39.45
N THR A 109 -15.08 10.73 39.54
CA THR A 109 -15.00 12.18 39.75
C THR A 109 -15.56 12.94 38.57
N GLU A 110 -15.48 12.41 37.35
CA GLU A 110 -16.05 13.11 36.21
C GLU A 110 -17.56 12.91 36.16
N VAL A 111 -18.10 11.79 36.64
CA VAL A 111 -19.55 11.68 36.78
C VAL A 111 -20.07 12.75 37.72
N LEU A 112 -19.39 12.97 38.85
CA LEU A 112 -19.74 14.10 39.72
C LEU A 112 -19.60 15.41 38.98
N MET A 113 -18.52 15.64 38.23
CA MET A 113 -18.38 16.91 37.53
C MET A 113 -19.46 17.11 36.46
N GLU A 114 -19.87 16.07 35.74
CA GLU A 114 -20.97 16.16 34.81
C GLU A 114 -22.27 16.49 35.53
N ASN A 115 -22.59 15.83 36.65
CA ASN A 115 -23.79 16.18 37.39
C ASN A 115 -23.72 17.59 37.98
N PHE A 116 -22.56 18.09 38.39
CA PHE A 116 -22.42 19.49 38.79
C PHE A 116 -22.73 20.43 37.64
N ARG A 117 -22.28 20.13 36.43
CA ARG A 117 -22.50 20.95 35.23
C ARG A 117 -23.90 20.80 34.66
N ARG A 118 -24.65 19.74 34.97
CA ARG A 118 -26.09 19.64 34.62
C ARG A 118 -26.95 20.60 35.42
N ALA A 119 -26.59 20.88 36.66
CA ALA A 119 -27.37 21.74 37.54
C ALA A 119 -27.18 23.25 37.31
N ILE A 120 -26.60 23.67 36.18
CA ILE A 120 -26.50 25.08 35.78
C ILE A 120 -27.10 25.24 34.38
N GLY A 121 -28.16 26.02 34.22
CA GLY A 121 -28.83 26.19 32.93
C GLY A 121 -28.56 27.55 32.32
N LEU A 122 -28.16 27.62 31.06
CA LEU A 122 -28.46 28.80 30.26
C LEU A 122 -29.94 28.85 29.96
N ARG A 123 -30.47 30.05 29.76
CA ARG A 123 -31.79 30.29 29.18
C ARG A 123 -31.60 31.32 28.08
N ILE A 124 -31.25 30.82 26.89
CA ILE A 124 -30.75 31.61 25.77
C ILE A 124 -31.82 31.75 24.69
N LYS A 125 -32.07 32.97 24.22
CA LYS A 125 -33.24 33.27 23.37
C LYS A 125 -32.85 33.84 22.02
N GLU A 126 -33.55 33.46 20.97
CA GLU A 126 -33.28 33.92 19.61
C GLU A 126 -34.51 33.85 18.70
N THR A 127 -34.49 34.63 17.63
CA THR A 127 -35.40 34.58 16.50
C THR A 127 -35.20 33.34 15.64
N LYS A 128 -36.29 32.65 15.33
CA LYS A 128 -36.37 31.71 14.21
C LYS A 128 -37.17 32.36 13.10
N GLU A 129 -36.63 32.39 11.90
CA GLU A 129 -37.33 32.87 10.72
C GLU A 129 -37.11 31.92 9.55
N VAL A 130 -38.19 31.51 8.88
CA VAL A 130 -38.13 30.59 7.74
C VAL A 130 -39.14 30.99 6.69
N TYR A 131 -38.77 30.83 5.43
CA TYR A 131 -39.70 30.95 4.31
C TYR A 131 -40.03 29.56 3.81
N GLU A 132 -41.31 29.22 3.69
CA GLU A 132 -41.73 27.87 3.30
C GLU A 132 -43.03 27.86 2.52
N GLY A 133 -43.24 26.82 1.71
CA GLY A 133 -44.49 26.61 0.99
C GLY A 133 -44.35 25.63 -0.17
N GLU A 134 -45.47 25.30 -0.81
CA GLU A 134 -45.45 24.65 -2.12
C GLU A 134 -44.86 25.63 -3.14
N VAL A 135 -43.81 25.24 -3.86
CA VAL A 135 -43.23 26.10 -4.89
C VAL A 135 -44.03 26.00 -6.19
N THR A 136 -44.82 27.03 -6.48
CA THR A 136 -45.67 27.11 -7.68
C THR A 136 -44.93 27.61 -8.93
N GLU A 137 -43.81 28.30 -8.77
CA GLU A 137 -42.92 28.67 -9.88
C GLU A 137 -41.49 28.86 -9.39
N LEU A 138 -40.52 28.68 -10.28
CA LEU A 138 -39.15 29.16 -10.12
C LEU A 138 -38.80 29.90 -11.42
N THR A 139 -38.97 31.21 -11.40
CA THR A 139 -38.71 32.08 -12.57
C THR A 139 -37.35 32.74 -12.41
N PRO A 140 -36.28 32.24 -13.01
CA PRO A 140 -35.04 32.99 -13.18
C PRO A 140 -35.33 34.21 -14.01
N CYS A 141 -35.22 35.39 -13.40
CA CYS A 141 -35.71 36.63 -13.95
C CYS A 141 -34.53 37.44 -14.49
N GLU A 142 -34.56 37.73 -15.79
CA GLU A 142 -33.44 38.35 -16.48
C GLU A 142 -33.48 39.87 -16.40
N THR A 143 -32.32 40.51 -16.53
CA THR A 143 -32.23 41.95 -16.82
C THR A 143 -32.69 42.24 -18.25
N GLU A 144 -33.06 43.47 -18.56
CA GLU A 144 -33.54 43.86 -19.90
C GLU A 144 -32.51 43.61 -21.01
N ASN A 145 -31.23 43.80 -20.68
CA ASN A 145 -30.08 43.52 -21.54
C ASN A 145 -28.96 42.86 -20.72
N PRO A 146 -28.08 42.05 -21.34
CA PRO A 146 -26.89 41.54 -20.68
C PRO A 146 -25.86 42.66 -20.44
N MET A 147 -24.95 42.44 -19.49
CA MET A 147 -23.73 43.26 -19.40
C MET A 147 -22.76 42.94 -20.55
N GLY A 148 -21.80 43.83 -20.80
CA GLY A 148 -20.93 43.77 -21.97
C GLY A 148 -20.16 42.45 -22.09
N GLY A 149 -20.29 41.80 -23.26
CA GLY A 149 -19.65 40.51 -23.55
C GLY A 149 -20.43 39.26 -23.11
N TYR A 150 -21.62 39.42 -22.53
CA TYR A 150 -22.43 38.32 -22.01
C TYR A 150 -23.69 38.07 -22.85
N GLY A 151 -24.16 36.83 -22.86
CA GLY A 151 -25.35 36.41 -23.62
C GLY A 151 -26.63 36.77 -22.88
N LYS A 152 -26.70 36.42 -21.58
CA LYS A 152 -27.79 36.84 -20.68
C LYS A 152 -27.36 36.90 -19.22
N THR A 153 -28.09 37.69 -18.45
CA THR A 153 -27.88 37.90 -17.02
C THR A 153 -29.17 37.77 -16.24
N ILE A 154 -29.09 37.04 -15.13
CA ILE A 154 -30.18 36.86 -14.19
C ILE A 154 -29.88 37.77 -13.01
N SER A 155 -30.74 38.73 -12.75
CA SER A 155 -30.61 39.62 -11.59
C SER A 155 -31.19 38.99 -10.34
N HIS A 156 -32.18 38.12 -10.47
CA HIS A 156 -32.75 37.38 -9.35
C HIS A 156 -33.54 36.16 -9.84
N VAL A 157 -33.69 35.15 -8.99
CA VAL A 157 -34.72 34.13 -9.16
C VAL A 157 -35.98 34.62 -8.46
N ILE A 158 -37.17 34.28 -8.97
CA ILE A 158 -38.43 34.49 -8.25
C ILE A 158 -38.99 33.13 -7.92
N ILE A 159 -39.25 32.86 -6.65
CA ILE A 159 -39.80 31.58 -6.18
C ILE A 159 -41.22 31.79 -5.70
N GLY A 160 -42.17 31.07 -6.26
CA GLY A 160 -43.60 31.26 -6.00
C GLY A 160 -44.13 30.38 -4.88
N LEU A 161 -43.70 30.60 -3.64
CA LEU A 161 -44.16 29.81 -2.51
C LEU A 161 -45.65 30.03 -2.19
N LYS A 162 -46.35 28.95 -1.82
CA LYS A 162 -47.75 28.96 -1.40
C LYS A 162 -47.97 28.18 -0.11
N THR A 163 -48.84 28.67 0.76
CA THR A 163 -49.34 27.98 1.96
C THR A 163 -50.85 28.17 2.07
N ALA A 164 -51.50 27.49 3.01
CA ALA A 164 -52.94 27.59 3.18
C ALA A 164 -53.47 29.02 3.46
N LYS A 165 -52.61 29.97 3.86
CA LYS A 165 -52.97 31.40 3.98
C LYS A 165 -52.92 32.15 2.64
N GLY A 166 -52.04 31.78 1.71
CA GLY A 166 -51.92 32.46 0.42
C GLY A 166 -50.66 32.09 -0.37
N THR A 167 -50.51 32.69 -1.55
CA THR A 167 -49.30 32.59 -2.39
C THR A 167 -48.52 33.90 -2.30
N LYS A 168 -47.20 33.87 -2.13
CA LYS A 168 -46.39 35.06 -2.44
C LYS A 168 -45.04 34.76 -3.05
N GLN A 169 -44.72 35.46 -4.13
CA GLN A 169 -43.43 35.41 -4.78
C GLN A 169 -42.35 35.98 -3.86
N LEU A 170 -41.22 35.29 -3.76
CA LEU A 170 -40.01 35.82 -3.16
C LEU A 170 -38.96 36.06 -4.24
N LYS A 171 -38.43 37.27 -4.31
CA LYS A 171 -37.23 37.61 -5.09
C LYS A 171 -36.00 37.08 -4.35
N LEU A 172 -35.09 36.36 -5.01
CA LEU A 172 -33.90 35.75 -4.40
C LEU A 172 -32.64 35.93 -5.24
N ASP A 173 -31.48 35.85 -4.59
CA ASP A 173 -30.17 35.95 -5.24
C ASP A 173 -30.00 34.86 -6.31
N PRO A 174 -29.47 35.17 -7.50
CA PRO A 174 -29.29 34.20 -8.59
C PRO A 174 -28.56 32.91 -8.19
N SER A 175 -27.67 32.97 -7.21
CA SER A 175 -26.94 31.80 -6.70
C SER A 175 -27.85 30.73 -6.11
N ILE A 176 -29.11 31.04 -5.76
CA ILE A 176 -30.03 30.05 -5.23
C ILE A 176 -30.32 28.94 -6.25
N PHE A 177 -30.30 29.22 -7.56
CA PHE A 177 -30.57 28.19 -8.57
C PHE A 177 -29.48 27.10 -8.55
N GLU A 178 -28.22 27.49 -8.35
CA GLU A 178 -27.09 26.56 -8.13
C GLU A 178 -27.13 25.84 -6.77
N SER A 179 -28.27 25.87 -6.07
CA SER A 179 -28.58 24.99 -4.93
C SER A 179 -29.92 24.27 -5.11
N LEU A 180 -30.91 24.89 -5.73
CA LEU A 180 -32.16 24.24 -6.13
C LEU A 180 -31.94 23.06 -7.09
N GLN A 181 -30.90 23.13 -7.94
CA GLN A 181 -30.49 22.01 -8.78
C GLN A 181 -29.38 21.12 -8.15
N LYS A 182 -28.98 21.37 -6.91
CA LYS A 182 -28.24 20.41 -6.05
C LYS A 182 -29.19 19.57 -5.20
N GLU A 183 -30.25 20.20 -4.71
CA GLU A 183 -31.52 19.53 -4.43
C GLU A 183 -32.12 18.97 -5.74
N ARG A 184 -33.39 18.56 -5.72
CA ARG A 184 -34.14 18.16 -6.93
C ARG A 184 -35.44 18.93 -7.05
N VAL A 185 -35.43 20.21 -6.66
CA VAL A 185 -36.66 21.00 -6.54
C VAL A 185 -37.35 21.20 -7.88
N GLU A 186 -38.64 20.89 -7.92
CA GLU A 186 -39.52 21.06 -9.07
C GLU A 186 -40.86 21.67 -8.64
N ALA A 187 -41.58 22.29 -9.58
CA ALA A 187 -42.85 22.92 -9.23
C ALA A 187 -43.83 21.91 -8.62
N GLY A 188 -44.43 22.26 -7.50
CA GLY A 188 -45.29 21.36 -6.72
C GLY A 188 -44.60 20.61 -5.57
N ASP A 189 -43.28 20.69 -5.44
CA ASP A 189 -42.63 20.38 -4.15
C ASP A 189 -43.08 21.36 -3.07
N VAL A 190 -42.97 20.97 -1.80
CA VAL A 190 -42.92 21.91 -0.67
C VAL A 190 -41.49 22.00 -0.16
N ILE A 191 -41.02 23.23 0.06
CA ILE A 191 -39.63 23.55 0.37
C ILE A 191 -39.58 24.56 1.50
N TYR A 192 -38.41 24.72 2.12
CA TYR A 192 -38.16 25.78 3.07
C TYR A 192 -36.77 26.41 2.90
N ILE A 193 -36.64 27.66 3.32
CA ILE A 193 -35.40 28.44 3.28
C ILE A 193 -35.18 29.06 4.66
N GLU A 194 -34.04 28.78 5.29
CA GLU A 194 -33.70 29.39 6.57
C GLU A 194 -33.33 30.86 6.38
N ALA A 195 -34.17 31.79 6.82
CA ALA A 195 -34.00 33.20 6.48
C ALA A 195 -32.68 33.79 7.01
N ASN A 196 -32.14 33.24 8.09
CA ASN A 196 -30.85 33.66 8.66
C ASN A 196 -29.62 33.13 7.93
N SER A 197 -29.78 32.18 6.98
CA SER A 197 -28.67 31.40 6.41
C SER A 197 -28.77 31.17 4.90
N GLY A 198 -29.95 31.31 4.30
CA GLY A 198 -30.15 31.27 2.85
C GLY A 198 -30.03 29.88 2.24
N ALA A 199 -29.82 28.84 3.05
CA ALA A 199 -29.90 27.46 2.63
C ALA A 199 -31.35 27.08 2.34
N VAL A 200 -31.60 26.49 1.16
CA VAL A 200 -32.90 25.96 0.73
C VAL A 200 -32.91 24.44 0.83
N LYS A 201 -33.96 23.87 1.41
CA LYS A 201 -34.11 22.44 1.62
C LYS A 201 -35.47 21.98 1.11
N ARG A 202 -35.53 20.80 0.50
CA ARG A 202 -36.75 20.21 -0.06
C ARG A 202 -37.38 19.23 0.93
N GLN A 203 -38.66 19.36 1.25
CA GLN A 203 -39.34 18.37 2.10
C GLN A 203 -39.91 17.19 1.30
N GLY A 204 -40.54 17.45 0.16
CA GLY A 204 -41.14 16.43 -0.72
C GLY A 204 -42.27 16.99 -1.56
N ARG A 205 -42.84 16.22 -2.49
CA ARG A 205 -44.04 16.66 -3.23
C ARG A 205 -45.18 16.95 -2.28
N CYS A 206 -45.93 18.02 -2.56
CA CYS A 206 -47.06 18.41 -1.74
C CYS A 206 -48.20 17.37 -1.80
N ASP A 207 -48.91 17.18 -0.71
CA ASP A 207 -50.08 16.30 -0.57
C ASP A 207 -51.16 16.52 -1.65
N THR A 208 -51.24 17.73 -2.22
CA THR A 208 -52.07 18.04 -3.40
C THR A 208 -51.88 17.06 -4.56
N TYR A 209 -50.68 16.50 -4.73
CA TYR A 209 -50.34 15.59 -5.83
C TYR A 209 -50.39 14.10 -5.44
N ALA A 210 -50.78 13.75 -4.22
CA ALA A 210 -50.76 12.36 -3.76
C ALA A 210 -51.63 11.40 -4.58
N THR A 211 -52.58 11.91 -5.36
CA THR A 211 -53.46 11.11 -6.23
C THR A 211 -52.93 10.91 -7.66
N GLU A 212 -51.86 11.58 -8.10
CA GLU A 212 -51.53 11.60 -9.54
C GLU A 212 -50.82 10.35 -10.08
N PHE A 213 -50.47 9.40 -9.21
CA PHE A 213 -50.08 8.03 -9.55
C PHE A 213 -50.70 7.06 -8.55
N ASP A 214 -50.84 5.77 -8.90
CA ASP A 214 -51.25 4.76 -7.92
C ASP A 214 -50.11 4.47 -6.94
N LEU A 215 -48.86 4.53 -7.38
CA LEU A 215 -47.65 4.51 -6.54
C LEU A 215 -46.65 5.57 -6.99
N GLU A 216 -46.03 6.29 -6.06
CA GLU A 216 -44.80 7.04 -6.33
C GLU A 216 -43.89 6.98 -5.09
N ALA A 217 -42.58 6.95 -5.28
CA ALA A 217 -41.62 6.63 -4.21
C ALA A 217 -41.24 7.83 -3.33
N GLU A 218 -42.22 8.60 -2.85
CA GLU A 218 -41.97 9.66 -1.88
C GLU A 218 -43.13 9.83 -0.89
N GLU A 219 -42.83 10.15 0.37
CA GLU A 219 -43.87 10.55 1.32
C GLU A 219 -44.36 11.95 0.97
N TYR A 220 -45.59 12.06 0.49
CA TYR A 220 -46.19 13.35 0.19
C TYR A 220 -46.41 14.14 1.49
N VAL A 221 -46.06 15.42 1.48
CA VAL A 221 -46.00 16.28 2.67
C VAL A 221 -47.23 17.20 2.70
N PRO A 222 -47.94 17.36 3.82
CA PRO A 222 -49.10 18.24 3.88
C PRO A 222 -48.73 19.70 3.67
N LEU A 223 -49.59 20.47 3.00
CA LEU A 223 -49.35 21.88 2.71
C LEU A 223 -49.22 22.68 4.02
N PRO A 224 -48.18 23.52 4.21
CA PRO A 224 -48.05 24.35 5.40
C PRO A 224 -49.23 25.30 5.61
N LYS A 225 -49.45 25.72 6.85
CA LYS A 225 -50.43 26.76 7.22
C LYS A 225 -49.81 27.84 8.11
N GLY A 226 -50.41 29.02 8.13
CA GLY A 226 -49.71 30.28 8.42
C GLY A 226 -49.06 30.86 7.16
N ASP A 227 -48.51 32.07 7.24
CA ASP A 227 -47.96 32.75 6.07
C ASP A 227 -46.73 32.03 5.50
N VAL A 228 -46.35 32.33 4.24
CA VAL A 228 -45.11 31.83 3.62
C VAL A 228 -43.88 32.21 4.44
N HIS A 229 -43.88 33.38 5.09
CA HIS A 229 -42.80 33.82 5.96
C HIS A 229 -43.21 33.66 7.42
N LYS A 230 -42.51 32.80 8.16
CA LYS A 230 -42.78 32.54 9.57
C LYS A 230 -41.69 33.12 10.43
N LYS A 231 -42.10 33.75 11.52
CA LYS A 231 -41.22 34.30 12.56
C LYS A 231 -41.76 33.96 13.94
N LYS A 232 -40.87 33.56 14.85
CA LYS A 232 -41.07 33.67 16.29
C LYS A 232 -39.75 33.87 17.01
N GLU A 233 -39.77 34.54 18.16
CA GLU A 233 -38.70 34.36 19.13
C GLU A 233 -39.00 33.15 20.00
N ILE A 234 -37.98 32.38 20.32
CA ILE A 234 -38.06 31.17 21.14
C ILE A 234 -37.00 31.24 22.23
N ILE A 235 -37.33 30.71 23.41
CA ILE A 235 -36.41 30.62 24.54
C ILE A 235 -35.97 29.17 24.64
N GLN A 236 -34.67 28.91 24.54
CA GLN A 236 -34.09 27.56 24.58
C GLN A 236 -33.24 27.42 25.83
N ASP A 237 -33.51 26.41 26.64
CA ASP A 237 -32.78 26.18 27.89
C ASP A 237 -31.87 24.96 27.76
N VAL A 238 -30.57 25.17 27.93
CA VAL A 238 -29.54 24.14 27.85
C VAL A 238 -28.73 24.16 29.12
N THR A 239 -28.42 23.01 29.69
CA THR A 239 -27.48 22.96 30.80
C THR A 239 -26.08 23.23 30.27
N LEU A 240 -25.15 23.66 31.11
CA LEU A 240 -23.77 23.72 30.68
C LEU A 240 -23.21 22.34 30.35
N HIS A 241 -23.78 21.26 30.87
CA HIS A 241 -23.38 19.93 30.42
C HIS A 241 -23.82 19.62 29.00
N ASP A 242 -24.95 20.14 28.51
CA ASP A 242 -25.24 20.01 27.08
C ASP A 242 -24.16 20.69 26.23
N LEU A 243 -23.69 21.87 26.65
CA LEU A 243 -22.58 22.53 25.97
C LEU A 243 -21.27 21.76 26.11
N ASP A 244 -20.99 21.11 27.26
CA ASP A 244 -19.84 20.21 27.38
C ASP A 244 -19.94 19.10 26.32
N VAL A 245 -21.06 18.38 26.22
CA VAL A 245 -21.19 17.26 25.29
C VAL A 245 -21.16 17.70 23.84
N ALA A 246 -21.89 18.74 23.43
CA ALA A 246 -21.96 19.13 22.03
C ALA A 246 -20.63 19.64 21.48
N ASN A 247 -19.77 20.21 22.32
CA ASN A 247 -18.40 20.53 21.95
C ASN A 247 -17.48 19.31 22.04
N ALA A 248 -17.65 18.42 23.01
CA ALA A 248 -16.81 17.24 23.15
C ALA A 248 -17.00 16.20 22.04
N ARG A 249 -18.19 16.12 21.44
CA ARG A 249 -18.52 15.13 20.40
C ARG A 249 -19.44 15.75 19.35
N PRO A 250 -18.88 16.56 18.41
CA PRO A 250 -19.65 17.27 17.41
C PRO A 250 -20.54 16.38 16.56
N GLN A 251 -21.72 16.89 16.19
CA GLN A 251 -22.71 16.17 15.40
C GLN A 251 -22.75 16.62 13.92
N GLY A 252 -21.98 17.63 13.54
CA GLY A 252 -21.94 18.17 12.17
C GLY A 252 -21.35 17.16 11.19
N GLY A 253 -22.21 16.54 10.39
CA GLY A 253 -21.95 15.20 9.88
C GLY A 253 -20.87 15.05 8.82
N GLN A 254 -20.69 16.02 7.93
CA GLN A 254 -19.91 15.83 6.69
C GLN A 254 -18.40 16.01 6.88
N ASP A 255 -17.81 15.39 7.89
CA ASP A 255 -16.37 15.19 8.04
C ASP A 255 -16.11 13.71 8.31
N ILE A 256 -15.04 13.12 7.80
CA ILE A 256 -14.80 11.67 7.98
C ILE A 256 -14.77 11.27 9.45
N LEU A 257 -14.20 12.13 10.30
CA LEU A 257 -14.15 11.89 11.74
C LEU A 257 -15.50 12.12 12.42
N SER A 258 -16.37 12.98 11.90
CA SER A 258 -17.74 13.07 12.39
C SER A 258 -18.50 11.78 12.06
N MET A 259 -18.38 11.25 10.85
CA MET A 259 -19.07 10.02 10.50
C MET A 259 -18.50 8.82 11.25
N MET A 260 -17.18 8.66 11.30
CA MET A 260 -16.56 7.59 12.08
C MET A 260 -16.95 7.69 13.54
N GLY A 261 -16.92 8.88 14.13
CA GLY A 261 -17.35 9.11 15.51
C GLY A 261 -18.83 8.84 15.76
N GLN A 262 -19.66 8.79 14.72
CA GLN A 262 -21.09 8.56 14.80
C GLN A 262 -21.49 7.11 14.48
N LEU A 263 -20.64 6.38 13.75
CA LEU A 263 -20.75 4.94 13.50
C LEU A 263 -20.12 4.10 14.61
N MET A 264 -19.03 4.56 15.24
CA MET A 264 -18.52 3.96 16.46
C MET A 264 -19.54 4.04 17.59
N LYS A 265 -19.40 3.17 18.59
CA LYS A 265 -20.21 3.18 19.81
C LYS A 265 -20.11 4.54 20.50
N PRO A 266 -21.22 5.14 20.96
CA PRO A 266 -21.15 6.36 21.74
C PRO A 266 -20.46 6.07 23.06
N LYS A 267 -19.81 7.05 23.66
CA LYS A 267 -19.18 6.87 24.96
C LYS A 267 -19.21 8.17 25.75
N LYS A 268 -19.34 8.10 27.07
CA LYS A 268 -18.92 9.17 27.95
C LYS A 268 -17.39 9.32 27.84
N THR A 269 -16.82 10.52 27.93
CA THR A 269 -15.36 10.71 27.89
C THR A 269 -14.91 11.74 28.91
N GLU A 270 -13.70 11.60 29.45
CA GLU A 270 -13.21 12.42 30.56
C GLU A 270 -12.91 13.88 30.16
N ILE A 271 -13.95 14.70 29.99
CA ILE A 271 -13.88 16.09 29.50
C ILE A 271 -12.83 16.92 30.25
N THR A 272 -12.02 17.67 29.53
CA THR A 272 -10.91 18.42 30.13
C THR A 272 -11.37 19.67 30.85
N ASP A 273 -10.64 20.11 31.89
CA ASP A 273 -10.87 21.43 32.48
C ASP A 273 -10.75 22.56 31.47
N LYS A 274 -10.01 22.36 30.36
CA LYS A 274 -9.91 23.35 29.31
C LYS A 274 -11.25 23.57 28.61
N LEU A 275 -12.00 22.53 28.24
CA LEU A 275 -13.33 22.76 27.64
C LEU A 275 -14.26 23.50 28.61
N ARG A 276 -14.20 23.19 29.91
CA ARG A 276 -14.96 23.94 30.91
C ARG A 276 -14.56 25.41 30.88
N GLY A 277 -13.26 25.69 30.85
CA GLY A 277 -12.74 27.04 30.75
C GLY A 277 -13.26 27.77 29.51
N GLU A 278 -13.12 27.17 28.33
CA GLU A 278 -13.56 27.82 27.10
C GLU A 278 -15.07 28.04 27.05
N ILE A 279 -15.88 27.08 27.49
CA ILE A 279 -17.33 27.29 27.57
C ILE A 279 -17.63 28.44 28.54
N ASN A 280 -17.01 28.49 29.71
CA ASN A 280 -17.22 29.58 30.64
C ASN A 280 -16.86 30.93 30.00
N LYS A 281 -15.74 30.99 29.28
CA LYS A 281 -15.28 32.20 28.58
C LYS A 281 -16.22 32.64 27.46
N VAL A 282 -17.04 31.77 26.87
CA VAL A 282 -18.07 32.18 25.90
C VAL A 282 -19.43 32.42 26.51
N VAL A 283 -19.91 31.65 27.48
CA VAL A 283 -21.19 32.01 28.11
C VAL A 283 -21.09 33.31 28.88
N ASN A 284 -19.93 33.67 29.44
CA ASN A 284 -19.75 35.01 29.99
C ASN A 284 -19.85 36.10 28.93
N LYS A 285 -19.37 35.86 27.70
CA LYS A 285 -19.58 36.80 26.59
C LYS A 285 -21.07 37.03 26.37
N TYR A 286 -21.88 35.97 26.34
CA TYR A 286 -23.31 36.06 26.05
C TYR A 286 -24.17 36.49 27.23
N ILE A 287 -23.72 36.28 28.46
CA ILE A 287 -24.37 36.85 29.64
C ILE A 287 -24.09 38.35 29.70
N ASP A 288 -22.86 38.80 29.44
CA ASP A 288 -22.53 40.23 29.40
C ASP A 288 -23.30 40.95 28.29
N GLN A 289 -23.42 40.35 27.10
CA GLN A 289 -24.21 40.89 25.98
C GLN A 289 -25.73 40.74 26.17
N GLY A 290 -26.19 40.19 27.30
CA GLY A 290 -27.61 40.05 27.63
C GLY A 290 -28.39 39.06 26.78
N ILE A 291 -27.71 38.27 25.93
CA ILE A 291 -28.35 37.31 25.02
C ILE A 291 -28.78 36.04 25.77
N ALA A 292 -27.99 35.62 26.76
CA ALA A 292 -28.29 34.46 27.59
C ALA A 292 -28.60 34.87 29.03
N GLU A 293 -29.77 34.52 29.54
CA GLU A 293 -29.96 34.46 31.00
C GLU A 293 -29.20 33.25 31.55
N LEU A 294 -28.91 33.25 32.85
CA LEU A 294 -28.43 32.09 33.57
C LEU A 294 -29.42 31.71 34.66
N VAL A 295 -29.63 30.43 34.87
CA VAL A 295 -30.39 29.86 35.99
C VAL A 295 -29.53 28.81 36.68
N PRO A 296 -28.64 29.21 37.60
CA PRO A 296 -28.00 28.29 38.50
C PRO A 296 -29.06 27.56 39.32
N GLY A 297 -28.89 26.26 39.51
CA GLY A 297 -29.90 25.43 40.14
C GLY A 297 -29.32 24.50 41.19
N VAL A 298 -29.93 23.33 41.32
CA VAL A 298 -29.66 22.38 42.39
C VAL A 298 -29.15 21.07 41.83
N LEU A 299 -28.06 20.56 42.37
CA LEU A 299 -27.73 19.15 42.28
C LEU A 299 -28.25 18.48 43.53
N PHE A 300 -29.09 17.47 43.41
CA PHE A 300 -29.53 16.69 44.55
C PHE A 300 -28.92 15.30 44.46
N VAL A 301 -28.16 14.91 45.47
CA VAL A 301 -27.67 13.54 45.62
C VAL A 301 -28.42 12.92 46.78
N ASP A 302 -29.19 11.87 46.53
CA ASP A 302 -29.70 11.01 47.59
C ASP A 302 -28.73 9.85 47.83
N GLU A 303 -28.83 9.17 48.96
CA GLU A 303 -27.95 8.05 49.27
C GLU A 303 -26.47 8.42 49.12
N VAL A 304 -26.11 9.60 49.63
CA VAL A 304 -24.77 10.17 49.50
C VAL A 304 -23.70 9.28 50.10
N HIS A 305 -24.05 8.52 51.12
CA HIS A 305 -23.17 7.56 51.76
C HIS A 305 -22.67 6.45 50.83
N MET A 306 -23.17 6.34 49.60
CA MET A 306 -22.66 5.43 48.58
C MET A 306 -21.43 5.95 47.83
N LEU A 307 -21.09 7.22 47.94
CA LEU A 307 -19.88 7.75 47.30
C LEU A 307 -18.60 7.17 47.93
N ASP A 308 -17.60 6.92 47.10
CA ASP A 308 -16.26 6.49 47.49
C ASP A 308 -15.48 7.63 48.19
N ILE A 309 -14.50 7.37 49.04
CA ILE A 309 -13.69 8.46 49.63
C ILE A 309 -12.96 9.30 48.58
N GLU A 310 -12.64 8.75 47.42
CA GLU A 310 -12.16 9.57 46.30
C GLU A 310 -13.24 10.53 45.82
N CYS A 311 -14.50 10.10 45.74
CA CYS A 311 -15.60 10.98 45.39
C CYS A 311 -15.82 12.04 46.46
N PHE A 312 -15.86 11.68 47.73
CA PHE A 312 -15.95 12.69 48.77
C PHE A 312 -14.78 13.66 48.70
N THR A 313 -13.56 13.17 48.48
CA THR A 313 -12.40 14.05 48.40
C THR A 313 -12.35 14.84 47.10
N TYR A 314 -13.11 14.44 46.07
CA TYR A 314 -13.36 15.30 44.92
C TYR A 314 -14.41 16.36 45.21
N LEU A 315 -15.43 16.06 46.01
CA LEU A 315 -16.41 17.07 46.40
C LEU A 315 -15.78 18.24 47.15
N HIS A 316 -14.63 18.07 47.80
CA HIS A 316 -13.94 19.21 48.43
C HIS A 316 -13.60 20.28 47.38
N ARG A 317 -12.90 19.93 46.29
CA ARG A 317 -12.64 20.88 45.21
C ARG A 317 -13.95 21.33 44.57
N ALA A 318 -14.87 20.42 44.28
CA ALA A 318 -16.05 20.79 43.51
C ALA A 318 -16.95 21.76 44.26
N LEU A 319 -17.21 21.57 45.55
CA LEU A 319 -18.05 22.47 46.34
C LEU A 319 -17.40 23.83 46.61
N GLU A 320 -16.08 23.90 46.66
CA GLU A 320 -15.40 25.19 46.85
C GLU A 320 -15.31 26.02 45.57
N SER A 321 -15.44 25.38 44.41
CA SER A 321 -15.33 26.00 43.10
C SER A 321 -16.40 27.08 42.87
N SER A 322 -15.99 28.26 42.41
CA SER A 322 -16.86 29.43 42.22
C SER A 322 -17.93 29.28 41.13
N ILE A 323 -17.92 28.19 40.37
CA ILE A 323 -18.92 27.88 39.33
C ILE A 323 -20.11 27.07 39.88
N ALA A 324 -19.88 26.20 40.86
CA ALA A 324 -20.75 25.08 41.20
C ALA A 324 -22.21 25.44 41.55
N PRO A 325 -23.17 24.52 41.37
CA PRO A 325 -24.57 24.69 41.78
C PRO A 325 -24.71 24.67 43.29
N ILE A 326 -25.91 24.93 43.83
CA ILE A 326 -26.19 24.56 45.22
C ILE A 326 -26.34 23.04 45.28
N VAL A 327 -25.76 22.37 46.26
CA VAL A 327 -25.85 20.91 46.36
C VAL A 327 -26.67 20.49 47.55
N ILE A 328 -27.63 19.60 47.33
CA ILE A 328 -28.37 18.98 48.42
C ILE A 328 -27.91 17.53 48.51
N PHE A 329 -27.35 17.17 49.65
CA PHE A 329 -27.02 15.82 50.01
C PHE A 329 -28.13 15.24 50.88
N ALA A 330 -28.38 13.93 50.80
CA ALA A 330 -29.24 13.25 51.77
C ALA A 330 -28.61 11.94 52.23
N SER A 331 -28.73 11.63 53.51
CA SER A 331 -28.19 10.40 54.10
C SER A 331 -29.06 9.85 55.22
N ASN A 332 -29.26 8.54 55.26
CA ASN A 332 -30.02 7.82 56.30
C ASN A 332 -29.11 7.04 57.25
N ARG A 333 -27.79 7.23 57.17
CA ARG A 333 -26.81 6.43 57.89
C ARG A 333 -26.45 6.99 59.25
N GLY A 334 -26.06 6.09 60.15
CA GLY A 334 -25.42 6.41 61.42
C GLY A 334 -23.92 6.57 61.24
N ASN A 335 -23.13 6.05 62.17
CA ASN A 335 -21.67 6.14 62.19
C ASN A 335 -20.97 5.07 61.31
N CYS A 336 -21.39 4.90 60.05
CA CYS A 336 -20.87 3.85 59.16
C CYS A 336 -19.38 3.97 58.82
N VAL A 337 -18.78 2.93 58.25
CA VAL A 337 -17.48 3.06 57.57
C VAL A 337 -17.63 3.86 56.28
N ILE A 338 -16.70 4.77 56.00
CA ILE A 338 -16.69 5.53 54.75
C ILE A 338 -16.38 4.55 53.60
N ARG A 339 -17.26 4.41 52.60
CA ARG A 339 -17.04 3.48 51.49
C ARG A 339 -15.71 3.75 50.80
N GLY A 340 -14.95 2.71 50.49
CA GLY A 340 -13.61 2.84 49.92
C GLY A 340 -12.49 3.10 50.94
N THR A 341 -12.82 3.02 52.24
CA THR A 341 -11.86 2.82 53.33
C THR A 341 -12.28 1.60 54.14
N GLU A 342 -11.33 0.84 54.70
CA GLU A 342 -11.65 -0.42 55.35
C GLU A 342 -12.36 -0.24 56.70
N ASP A 343 -11.76 0.55 57.60
CA ASP A 343 -12.16 0.57 59.02
C ASP A 343 -12.68 1.93 59.51
N ILE A 344 -12.58 3.00 58.70
CA ILE A 344 -12.79 4.37 59.18
C ILE A 344 -14.28 4.67 59.33
N THR A 345 -14.82 4.51 60.53
CA THR A 345 -16.18 4.94 60.87
C THR A 345 -16.27 6.46 60.90
N SER A 346 -17.31 7.04 60.33
CA SER A 346 -17.54 8.49 60.35
C SER A 346 -19.03 8.83 60.34
N PRO A 347 -19.51 9.88 61.03
CA PRO A 347 -20.92 10.22 61.10
C PRO A 347 -21.59 10.36 59.73
N HIS A 348 -22.84 9.91 59.63
CA HIS A 348 -23.63 9.86 58.39
C HIS A 348 -22.96 9.20 57.19
N GLY A 349 -21.90 8.40 57.39
CA GLY A 349 -21.17 7.71 56.33
C GLY A 349 -20.34 8.64 55.45
N ILE A 350 -20.06 9.86 55.92
CA ILE A 350 -19.41 10.94 55.17
C ILE A 350 -18.11 11.33 55.90
N PRO A 351 -16.98 11.60 55.24
CA PRO A 351 -15.77 12.02 55.92
C PRO A 351 -16.00 13.27 56.76
N LEU A 352 -15.44 13.38 57.96
CA LEU A 352 -15.60 14.57 58.80
C LEU A 352 -15.19 15.86 58.08
N ASP A 353 -14.18 15.84 57.21
CA ASP A 353 -13.75 17.01 56.48
C ASP A 353 -14.64 17.36 55.27
N LEU A 354 -15.53 16.47 54.81
CA LEU A 354 -16.65 16.91 53.96
C LEU A 354 -17.81 17.34 54.82
N LEU A 355 -18.10 16.63 55.90
CA LEU A 355 -19.23 16.92 56.76
C LEU A 355 -19.09 18.30 57.44
N ASP A 356 -17.88 18.83 57.54
CA ASP A 356 -17.59 20.19 57.97
C ASP A 356 -17.99 21.27 56.95
N ARG A 357 -18.03 20.93 55.66
CA ARG A 357 -18.35 21.85 54.56
C ARG A 357 -19.85 21.99 54.25
N VAL A 358 -20.74 21.34 55.00
CA VAL A 358 -22.17 21.28 54.67
C VAL A 358 -23.06 21.70 55.85
N MET A 359 -24.14 22.42 55.56
CA MET A 359 -25.13 22.79 56.57
C MET A 359 -26.04 21.60 56.83
N ILE A 360 -25.92 20.93 57.97
CA ILE A 360 -26.70 19.72 58.24
C ILE A 360 -28.11 20.10 58.68
N ILE A 361 -29.15 19.44 58.17
CA ILE A 361 -30.53 19.65 58.56
C ILE A 361 -31.05 18.36 59.20
N ARG A 362 -31.37 18.38 60.49
CA ARG A 362 -31.86 17.20 61.21
C ARG A 362 -33.30 16.92 60.82
N THR A 363 -33.58 15.73 60.30
CA THR A 363 -34.95 15.28 59.98
C THR A 363 -35.38 14.21 61.00
N MET A 364 -36.56 14.35 61.60
CA MET A 364 -36.93 13.60 62.82
C MET A 364 -37.92 12.46 62.59
N LEU A 365 -38.05 11.52 63.53
CA LEU A 365 -39.14 10.54 63.52
C LEU A 365 -40.50 11.22 63.68
N TYR A 366 -41.53 10.70 63.01
CA TYR A 366 -42.90 11.18 63.18
C TYR A 366 -43.54 10.71 64.47
N THR A 367 -44.35 11.55 65.09
CA THR A 367 -45.29 11.15 66.15
C THR A 367 -46.47 10.39 65.55
N PRO A 368 -47.18 9.54 66.32
CA PRO A 368 -48.31 8.77 65.81
C PRO A 368 -49.35 9.60 65.05
N GLN A 369 -49.66 10.80 65.54
CA GLN A 369 -50.63 11.68 64.88
C GLN A 369 -50.12 12.20 63.54
N GLU A 370 -48.82 12.53 63.40
CA GLU A 370 -48.28 12.93 62.11
C GLU A 370 -48.37 11.78 61.10
N MET A 371 -48.08 10.54 61.51
CA MET A 371 -48.23 9.40 60.61
C MET A 371 -49.66 9.26 60.13
N LYS A 372 -50.65 9.39 61.02
CA LYS A 372 -52.06 9.39 60.65
C LYS A 372 -52.37 10.48 59.63
N GLN A 373 -51.85 11.68 59.84
CA GLN A 373 -52.12 12.79 58.94
C GLN A 373 -51.49 12.58 57.56
N ILE A 374 -50.30 11.99 57.48
CA ILE A 374 -49.66 11.64 56.22
C ILE A 374 -50.44 10.54 55.51
N ILE A 375 -50.86 9.48 56.22
CA ILE A 375 -51.63 8.39 55.62
C ILE A 375 -52.93 8.94 55.01
N LYS A 376 -53.62 9.87 55.68
CA LYS A 376 -54.79 10.53 55.10
C LYS A 376 -54.44 11.25 53.78
N ILE A 377 -53.35 12.02 53.77
CA ILE A 377 -52.93 12.78 52.59
C ILE A 377 -52.48 11.86 51.45
N ARG A 378 -51.85 10.74 51.75
CA ARG A 378 -51.62 9.68 50.75
C ARG A 378 -52.95 9.16 50.23
N ALA A 379 -53.86 8.70 51.08
CA ALA A 379 -55.11 8.12 50.63
C ALA A 379 -55.87 9.05 49.66
N GLN A 380 -56.08 10.32 50.03
CA GLN A 380 -56.83 11.23 49.19
C GLN A 380 -56.12 11.65 47.88
N THR A 381 -54.82 11.39 47.74
CA THR A 381 -54.07 11.64 46.48
C THR A 381 -53.77 10.38 45.69
N GLU A 382 -53.75 9.23 46.35
CA GLU A 382 -53.72 7.90 45.75
C GLU A 382 -55.08 7.49 45.17
N GLY A 383 -56.12 8.28 45.43
CA GLY A 383 -57.48 8.11 44.90
C GLY A 383 -58.40 7.24 45.76
N ILE A 384 -58.09 7.08 47.05
CA ILE A 384 -58.68 6.09 47.94
C ILE A 384 -59.53 6.76 49.03
N ASN A 385 -60.72 6.21 49.31
CA ASN A 385 -61.52 6.62 50.46
C ASN A 385 -61.28 5.63 51.61
N ILE A 386 -60.90 6.09 52.79
CA ILE A 386 -60.72 5.21 53.97
C ILE A 386 -61.62 5.66 55.12
N SER A 387 -62.18 4.70 55.84
CA SER A 387 -62.97 4.98 57.04
C SER A 387 -62.06 5.42 58.19
N GLU A 388 -62.54 6.31 59.07
CA GLU A 388 -61.72 6.87 60.14
C GLU A 388 -61.25 5.81 61.13
N GLU A 389 -62.06 4.79 61.43
CA GLU A 389 -61.63 3.68 62.26
C GLU A 389 -60.55 2.82 61.58
N ALA A 390 -60.59 2.66 60.26
CA ALA A 390 -59.51 1.98 59.54
C ALA A 390 -58.24 2.82 59.52
N LEU A 391 -58.36 4.14 59.32
CA LEU A 391 -57.22 5.05 59.41
C LEU A 391 -56.60 5.05 60.80
N ASN A 392 -57.40 5.10 61.87
CA ASN A 392 -56.88 5.01 63.23
C ASN A 392 -56.10 3.71 63.43
N HIS A 393 -56.62 2.59 62.93
CA HIS A 393 -55.90 1.31 62.96
C HIS A 393 -54.63 1.33 62.12
N LEU A 394 -54.64 1.98 60.97
CA LEU A 394 -53.48 2.05 60.10
C LEU A 394 -52.39 2.98 60.64
N GLY A 395 -52.75 4.05 61.34
CA GLY A 395 -51.81 4.85 62.12
C GLY A 395 -51.21 4.07 63.28
N GLU A 396 -52.00 3.20 63.93
CA GLU A 396 -51.50 2.31 64.97
C GLU A 396 -50.55 1.23 64.41
N ILE A 397 -50.84 0.67 63.22
CA ILE A 397 -49.88 -0.19 62.51
C ILE A 397 -48.60 0.57 62.22
N GLY A 398 -48.70 1.81 61.73
CA GLY A 398 -47.55 2.63 61.42
C GLY A 398 -46.67 2.85 62.64
N THR A 399 -47.29 3.17 63.77
CA THR A 399 -46.58 3.38 65.04
C THR A 399 -45.81 2.13 65.49
N LYS A 400 -46.34 0.92 65.21
CA LYS A 400 -45.65 -0.34 65.53
C LYS A 400 -44.62 -0.78 64.48
N THR A 401 -44.54 -0.11 63.33
CA THR A 401 -43.73 -0.52 62.18
C THR A 401 -42.98 0.68 61.58
N THR A 402 -43.43 1.23 60.46
CA THR A 402 -42.80 2.35 59.75
C THR A 402 -43.87 3.17 59.03
N LEU A 403 -43.61 4.43 58.71
CA LEU A 403 -44.50 5.23 57.85
C LEU A 403 -44.71 4.56 56.49
N ARG A 404 -43.65 4.04 55.89
CA ARG A 404 -43.69 3.42 54.57
C ARG A 404 -44.60 2.20 54.51
N TYR A 405 -44.48 1.26 55.44
CA TYR A 405 -45.36 0.08 55.47
C TYR A 405 -46.81 0.47 55.66
N SER A 406 -47.11 1.31 56.65
CA SER A 406 -48.49 1.76 56.87
C SER A 406 -49.06 2.57 55.70
N VAL A 407 -48.28 3.37 54.97
CA VAL A 407 -48.72 3.98 53.71
C VAL A 407 -48.91 2.93 52.62
N GLN A 408 -48.02 1.95 52.52
CA GLN A 408 -48.06 0.95 51.46
C GLN A 408 -49.28 0.03 51.55
N LEU A 409 -49.84 -0.18 52.74
CA LEU A 409 -51.08 -0.95 52.90
C LEU A 409 -52.30 -0.29 52.24
N LEU A 410 -52.25 0.98 51.82
CA LEU A 410 -53.42 1.66 51.23
C LEU A 410 -53.88 1.04 49.91
N THR A 411 -53.11 1.09 48.82
CA THR A 411 -53.59 0.50 47.55
C THR A 411 -53.97 -0.99 47.62
N PRO A 412 -53.26 -1.93 48.28
CA PRO A 412 -53.75 -3.29 48.42
C PRO A 412 -55.01 -3.36 49.28
N ALA A 413 -55.19 -2.51 50.30
CA ALA A 413 -56.46 -2.46 51.02
C ALA A 413 -57.60 -1.94 50.12
N ASN A 414 -57.36 -0.98 49.23
CA ASN A 414 -58.34 -0.56 48.24
C ASN A 414 -58.69 -1.67 47.26
N LEU A 415 -57.70 -2.42 46.75
CA LEU A 415 -57.97 -3.57 45.89
C LEU A 415 -58.83 -4.60 46.63
N LEU A 416 -58.50 -4.92 47.88
CA LEU A 416 -59.27 -5.87 48.66
C LEU A 416 -60.70 -5.37 48.94
N ALA A 417 -60.89 -4.11 49.29
CA ALA A 417 -62.21 -3.52 49.49
C ALA A 417 -63.04 -3.59 48.21
N LYS A 418 -62.45 -3.21 47.07
CA LYS A 418 -63.08 -3.26 45.75
C LYS A 418 -63.46 -4.69 45.36
N ILE A 419 -62.59 -5.66 45.56
CA ILE A 419 -62.87 -7.08 45.31
C ILE A 419 -64.00 -7.58 46.21
N ASN A 420 -64.03 -7.18 47.49
CA ASN A 420 -65.13 -7.45 48.41
C ASN A 420 -66.34 -6.49 48.21
N GLY A 421 -66.44 -5.81 47.07
CA GLY A 421 -67.62 -5.08 46.61
C GLY A 421 -67.90 -3.74 47.30
N LYS A 422 -66.93 -3.14 47.98
CA LYS A 422 -67.10 -1.91 48.78
C LYS A 422 -66.18 -0.76 48.32
N ASP A 423 -66.71 0.46 48.37
CA ASP A 423 -66.06 1.66 47.83
C ASP A 423 -65.04 2.32 48.76
N SER A 424 -64.89 1.83 50.00
CA SER A 424 -63.98 2.42 50.98
C SER A 424 -63.37 1.37 51.92
N ILE A 425 -62.15 1.63 52.39
CA ILE A 425 -61.43 0.72 53.28
C ILE A 425 -62.09 0.71 54.65
N GLU A 426 -62.53 -0.46 55.09
CA GLU A 426 -63.06 -0.70 56.43
C GLU A 426 -61.97 -1.33 57.33
N LYS A 427 -62.20 -1.34 58.65
CA LYS A 427 -61.26 -1.92 59.63
C LYS A 427 -60.83 -3.33 59.22
N GLU A 428 -61.78 -4.19 58.87
CA GLU A 428 -61.55 -5.58 58.54
C GLU A 428 -60.72 -5.78 57.26
N HIS A 429 -60.59 -4.77 56.40
CA HIS A 429 -59.73 -4.87 55.21
C HIS A 429 -58.26 -4.69 55.57
N VAL A 430 -57.93 -3.68 56.39
CA VAL A 430 -56.54 -3.39 56.73
C VAL A 430 -55.90 -4.54 57.50
N GLU A 431 -56.61 -5.14 58.44
CA GLU A 431 -56.06 -6.26 59.22
C GLU A 431 -55.90 -7.54 58.40
N GLU A 432 -56.65 -7.73 57.31
CA GLU A 432 -56.37 -8.79 56.34
C GLU A 432 -55.04 -8.51 55.62
N ILE A 433 -54.86 -7.32 55.03
CA ILE A 433 -53.62 -7.00 54.33
C ILE A 433 -52.41 -7.06 55.25
N SER A 434 -52.56 -6.64 56.50
CA SER A 434 -51.51 -6.74 57.51
C SER A 434 -51.11 -8.17 57.83
N GLU A 435 -51.99 -9.14 57.59
CA GLU A 435 -51.69 -10.56 57.76
C GLU A 435 -51.15 -11.19 56.47
N LEU A 436 -51.59 -10.72 55.30
CA LEU A 436 -51.07 -11.18 54.01
C LEU A 436 -49.63 -10.72 53.78
N PHE A 437 -49.32 -9.46 54.08
CA PHE A 437 -48.03 -8.84 53.81
C PHE A 437 -47.31 -8.44 55.09
N TYR A 438 -46.09 -8.94 55.29
CA TYR A 438 -45.22 -8.61 56.42
C TYR A 438 -44.41 -7.34 56.19
N ASP A 439 -43.89 -6.77 57.26
CA ASP A 439 -42.96 -5.64 57.21
C ASP A 439 -41.54 -6.09 57.61
N ALA A 440 -40.54 -5.22 57.47
CA ALA A 440 -39.17 -5.56 57.83
C ALA A 440 -39.04 -6.02 59.29
N LYS A 441 -39.75 -5.40 60.24
CA LYS A 441 -39.64 -5.71 61.67
C LYS A 441 -40.21 -7.08 62.00
N SER A 442 -41.39 -7.41 61.48
CA SER A 442 -42.01 -8.73 61.68
C SER A 442 -41.33 -9.83 60.89
N SER A 443 -40.87 -9.58 59.66
CA SER A 443 -40.13 -10.56 58.87
C SER A 443 -38.78 -10.93 59.50
N ALA A 444 -38.03 -9.96 60.02
CA ALA A 444 -36.75 -10.24 60.67
C ALA A 444 -36.89 -11.17 61.87
N LYS A 445 -38.00 -11.09 62.61
CA LYS A 445 -38.31 -12.03 63.69
C LYS A 445 -38.51 -13.46 63.16
N ILE A 446 -39.22 -13.62 62.04
CA ILE A 446 -39.38 -14.93 61.40
C ILE A 446 -38.03 -15.49 60.98
N LEU A 447 -37.15 -14.71 60.35
CA LEU A 447 -35.82 -15.21 59.98
C LEU A 447 -35.00 -15.62 61.21
N ALA A 448 -35.07 -14.88 62.32
CA ALA A 448 -34.36 -15.23 63.54
C ALA A 448 -34.88 -16.51 64.19
N ASP A 449 -36.19 -16.75 64.17
CA ASP A 449 -36.80 -17.98 64.69
C ASP A 449 -36.52 -19.20 63.81
N GLN A 450 -36.36 -19.01 62.50
CA GLN A 450 -36.09 -20.06 61.52
C GLN A 450 -34.61 -20.09 61.06
N GLN A 451 -33.69 -19.63 61.90
CA GLN A 451 -32.31 -19.25 61.55
C GLN A 451 -31.53 -20.30 60.75
N ASP A 452 -31.74 -21.59 60.99
CA ASP A 452 -31.00 -22.69 60.39
C ASP A 452 -31.58 -23.18 59.04
N LYS A 453 -32.63 -22.53 58.51
CA LYS A 453 -33.38 -23.01 57.33
C LYS A 453 -33.24 -22.14 56.07
N TYR A 454 -32.47 -21.05 56.10
CA TYR A 454 -32.31 -20.09 55.00
C TYR A 454 -30.84 -19.97 54.52
N ASP B 15 -27.30 43.45 38.94
CA ASP B 15 -28.50 42.71 38.48
C ASP B 15 -28.13 41.39 37.80
N VAL B 16 -27.53 41.42 36.61
CA VAL B 16 -27.14 40.20 35.86
C VAL B 16 -26.10 39.37 36.62
N THR B 17 -26.19 38.04 36.51
CA THR B 17 -25.31 37.10 37.21
C THR B 17 -24.50 36.25 36.23
N ARG B 18 -23.16 36.32 36.34
CA ARG B 18 -22.21 35.67 35.43
C ARG B 18 -21.99 34.20 35.82
N ILE B 19 -21.20 33.43 35.07
CA ILE B 19 -21.04 32.01 35.42
C ILE B 19 -20.31 31.81 36.75
N GLU B 20 -19.17 32.48 36.97
CA GLU B 20 -18.53 32.50 38.28
C GLU B 20 -19.26 33.43 39.25
N ARG B 21 -19.56 32.93 40.46
CA ARG B 21 -20.38 33.60 41.48
C ARG B 21 -19.69 33.51 42.84
N ILE B 22 -20.37 33.74 43.95
CA ILE B 22 -19.72 33.70 45.27
C ILE B 22 -19.46 32.26 45.71
N GLY B 23 -18.24 31.76 45.49
CA GLY B 23 -17.80 30.42 45.88
C GLY B 23 -17.28 30.38 47.32
N ALA B 24 -16.47 29.38 47.68
CA ALA B 24 -15.86 29.32 49.00
C ALA B 24 -14.66 30.27 49.17
N HIS B 25 -13.91 30.55 48.09
CA HIS B 25 -12.68 31.34 48.11
C HIS B 25 -12.75 32.64 47.29
N SER B 26 -13.92 33.04 46.79
CA SER B 26 -14.02 34.19 45.88
C SER B 26 -13.52 35.51 46.45
N HIS B 27 -13.53 35.68 47.77
CA HIS B 27 -13.00 36.88 48.44
C HIS B 27 -11.47 36.99 48.39
N ILE B 28 -10.74 35.89 48.16
CA ILE B 28 -9.27 35.89 48.10
C ILE B 28 -8.82 36.37 46.73
N ARG B 29 -7.94 37.37 46.71
CA ARG B 29 -7.47 38.04 45.49
C ARG B 29 -5.95 38.09 45.39
N GLY B 30 -5.24 37.47 46.32
CA GLY B 30 -3.79 37.33 46.36
C GLY B 30 -3.31 36.98 47.77
N LEU B 31 -2.01 36.81 48.00
CA LEU B 31 -1.49 36.46 49.33
C LEU B 31 -1.43 37.66 50.31
N GLY B 32 -1.55 38.90 49.82
CA GLY B 32 -1.50 40.08 50.67
C GLY B 32 -0.13 40.33 51.27
N LEU B 33 0.92 40.08 50.50
CA LEU B 33 2.30 40.41 50.85
C LEU B 33 2.66 41.81 50.35
N ASP B 34 3.55 42.51 51.04
CA ASP B 34 4.18 43.72 50.50
C ASP B 34 5.38 43.40 49.59
N ASP B 35 5.99 44.42 49.00
CA ASP B 35 7.10 44.25 48.04
C ASP B 35 8.42 43.82 48.70
N ALA B 36 8.54 43.94 50.02
CA ALA B 36 9.61 43.35 50.82
C ALA B 36 9.25 41.93 51.30
N LEU B 37 8.16 41.37 50.77
CA LEU B 37 7.64 40.03 51.02
C LEU B 37 7.11 39.77 52.44
N GLU B 38 6.85 40.80 53.25
CA GLU B 38 6.17 40.61 54.54
C GLU B 38 4.66 40.48 54.36
N PRO B 39 3.97 39.54 55.03
CA PRO B 39 2.52 39.48 55.04
C PRO B 39 1.92 40.62 55.87
N ARG B 40 0.99 41.38 55.29
CA ARG B 40 0.13 42.30 56.07
C ARG B 40 -0.90 41.50 56.86
N GLN B 41 -1.42 42.00 57.97
CA GLN B 41 -2.42 41.30 58.79
C GLN B 41 -3.70 40.97 58.01
N ALA B 42 -4.13 41.85 57.11
CA ALA B 42 -5.30 41.65 56.25
C ALA B 42 -5.13 42.44 54.96
N SER B 43 -5.06 41.76 53.81
CA SER B 43 -4.78 42.38 52.52
C SER B 43 -5.13 41.44 51.39
N GLN B 44 -5.62 41.94 50.26
CA GLN B 44 -6.05 41.11 49.12
C GLN B 44 -7.02 39.98 49.52
N GLY B 45 -7.79 40.18 50.59
CA GLY B 45 -8.76 39.21 51.10
C GLY B 45 -8.20 38.21 52.11
N MET B 46 -6.92 37.86 52.04
CA MET B 46 -6.32 36.98 53.05
C MET B 46 -6.09 37.70 54.38
N VAL B 47 -6.27 36.99 55.50
CA VAL B 47 -6.03 37.55 56.84
C VAL B 47 -5.30 36.56 57.76
N GLY B 48 -4.61 37.05 58.77
CA GLY B 48 -3.87 36.22 59.74
C GLY B 48 -2.84 35.33 59.06
N GLN B 49 -2.61 34.13 59.62
CA GLN B 49 -1.85 33.04 58.98
C GLN B 49 -0.44 33.43 58.48
N LEU B 50 0.28 34.24 59.27
CA LEU B 50 1.48 34.94 58.81
C LEU B 50 2.56 33.99 58.30
N ALA B 51 2.88 32.94 59.06
CA ALA B 51 3.97 32.04 58.72
C ALA B 51 3.77 31.35 57.37
N ALA B 52 2.60 30.77 57.13
CA ALA B 52 2.36 30.07 55.86
C ALA B 52 2.22 31.03 54.67
N ARG B 53 1.64 32.22 54.84
CA ARG B 53 1.57 33.23 53.77
C ARG B 53 2.93 33.75 53.39
N ARG B 54 3.79 34.04 54.36
CA ARG B 54 5.18 34.44 54.12
C ARG B 54 5.90 33.36 53.31
N ALA B 55 5.80 32.11 53.74
CA ALA B 55 6.44 30.99 53.06
C ALA B 55 5.91 30.81 51.63
N ALA B 56 4.59 30.86 51.45
CA ALA B 56 3.99 30.82 50.13
C ALA B 56 4.47 31.99 49.26
N GLY B 57 4.73 33.17 49.81
CA GLY B 57 5.36 34.26 49.08
C GLY B 57 6.70 33.86 48.48
N VAL B 58 7.55 33.17 49.24
CA VAL B 58 8.84 32.71 48.73
C VAL B 58 8.65 31.71 47.61
N VAL B 59 7.73 30.75 47.72
CA VAL B 59 7.54 29.79 46.62
C VAL B 59 6.87 30.45 45.42
N LEU B 60 5.98 31.41 45.63
CA LEU B 60 5.37 32.19 44.57
C LEU B 60 6.41 32.98 43.81
N GLU B 61 7.37 33.57 44.52
CA GLU B 61 8.48 34.25 43.87
C GLU B 61 9.37 33.26 43.13
N MET B 62 9.59 32.06 43.66
CA MET B 62 10.33 30.99 42.98
C MET B 62 9.61 30.48 41.72
N ILE B 63 8.28 30.38 41.73
CA ILE B 63 7.48 30.02 40.56
C ILE B 63 7.62 31.07 39.46
N ARG B 64 7.50 32.34 39.85
CA ARG B 64 7.53 33.49 38.94
C ARG B 64 8.93 33.77 38.39
N GLU B 65 9.97 33.52 39.17
CA GLU B 65 11.38 33.48 38.72
C GLU B 65 11.59 32.35 37.70
N GLY B 66 11.07 31.15 37.94
CA GLY B 66 11.02 30.07 36.95
C GLY B 66 12.34 29.36 36.64
N LYS B 67 13.44 29.73 37.30
CA LYS B 67 14.81 29.26 36.97
C LYS B 67 15.02 27.76 37.19
N ILE B 68 14.27 27.16 38.12
CA ILE B 68 14.49 25.80 38.60
C ILE B 68 13.22 24.94 38.55
N ALA B 69 13.36 23.73 38.03
CA ALA B 69 12.32 22.72 37.88
C ALA B 69 12.26 21.78 39.08
N GLY B 70 11.23 20.94 39.14
CA GLY B 70 11.23 19.80 40.06
C GLY B 70 11.09 20.20 41.54
N ARG B 71 10.39 21.30 41.79
CA ARG B 71 10.18 21.86 43.13
C ARG B 71 8.83 21.43 43.65
N ALA B 72 8.76 21.00 44.90
CA ALA B 72 7.52 20.60 45.51
C ALA B 72 7.36 21.25 46.88
N VAL B 73 6.13 21.65 47.17
CA VAL B 73 5.75 22.30 48.42
C VAL B 73 4.54 21.57 48.96
N LEU B 74 4.52 21.21 50.23
CA LEU B 74 3.34 20.63 50.87
C LEU B 74 2.81 21.63 51.88
N ILE B 75 1.57 22.08 51.73
CA ILE B 75 0.92 22.94 52.69
C ILE B 75 0.16 22.04 53.65
N ALA B 76 0.45 22.11 54.94
CA ALA B 76 -0.08 21.17 55.93
C ALA B 76 -0.70 21.88 57.14
N GLY B 77 -1.56 21.19 57.90
CA GLY B 77 -2.19 21.72 59.12
C GLY B 77 -3.65 21.31 59.29
N GLN B 78 -4.29 21.68 60.39
CA GLN B 78 -5.65 21.28 60.73
C GLN B 78 -6.65 21.57 59.59
N PRO B 79 -7.75 20.82 59.46
CA PRO B 79 -8.85 21.18 58.59
C PRO B 79 -9.36 22.59 58.88
N GLY B 80 -9.66 23.37 57.85
CA GLY B 80 -10.25 24.70 58.00
C GLY B 80 -9.27 25.74 58.53
N THR B 81 -8.02 25.73 58.05
CA THR B 81 -6.97 26.66 58.49
C THR B 81 -6.22 27.30 57.33
N GLY B 82 -6.83 27.40 56.16
CA GLY B 82 -6.33 28.26 55.11
C GLY B 82 -5.35 27.59 54.16
N LYS B 83 -5.25 26.27 54.15
CA LYS B 83 -4.31 25.58 53.25
C LYS B 83 -4.76 25.77 51.82
N THR B 84 -6.02 25.50 51.56
CA THR B 84 -6.59 25.72 50.23
C THR B 84 -6.73 27.21 49.99
N ALA B 85 -7.03 28.02 51.01
CA ALA B 85 -7.07 29.48 50.86
C ALA B 85 -5.75 30.04 50.35
N ILE B 86 -4.61 29.63 50.90
CA ILE B 86 -3.30 30.05 50.43
C ILE B 86 -3.06 29.58 49.00
N ALA B 87 -3.37 28.33 48.67
CA ALA B 87 -3.13 27.81 47.33
C ALA B 87 -4.03 28.47 46.28
N MET B 88 -5.34 28.58 46.54
CA MET B 88 -6.29 29.31 45.70
C MET B 88 -6.10 30.82 45.80
N GLY B 89 -5.27 31.30 46.72
CA GLY B 89 -4.87 32.68 46.86
C GLY B 89 -3.68 33.01 46.01
N MET B 90 -2.60 32.23 46.07
CA MET B 90 -1.45 32.47 45.20
C MET B 90 -1.79 32.22 43.74
N ALA B 91 -2.78 31.40 43.42
CA ALA B 91 -3.31 31.27 42.07
C ALA B 91 -3.82 32.60 41.50
N GLN B 92 -4.28 33.54 42.35
CA GLN B 92 -4.68 34.89 41.95
C GLN B 92 -3.47 35.83 41.87
N ALA B 93 -2.56 35.78 42.83
CA ALA B 93 -1.37 36.65 42.83
C ALA B 93 -0.41 36.33 41.68
N LEU B 94 -0.34 35.07 41.27
CA LEU B 94 0.40 34.62 40.08
C LEU B 94 -0.25 35.12 38.78
N GLY B 95 -1.53 35.47 38.81
CA GLY B 95 -2.28 36.00 37.67
C GLY B 95 -2.67 34.95 36.63
N PRO B 96 -3.53 35.29 35.68
CA PRO B 96 -4.06 34.36 34.68
C PRO B 96 -3.08 34.04 33.54
N ASP B 97 -2.01 34.82 33.36
CA ASP B 97 -1.09 34.67 32.22
C ASP B 97 -0.10 33.49 32.35
N THR B 98 -0.05 32.82 33.50
CA THR B 98 0.89 31.76 33.85
C THR B 98 0.10 30.56 34.38
N PRO B 99 0.30 29.33 33.88
CA PRO B 99 -0.65 28.27 34.13
C PRO B 99 -0.58 27.76 35.56
N PHE B 100 -1.72 27.74 36.24
CA PHE B 100 -1.91 27.11 37.54
C PHE B 100 -3.01 26.05 37.36
N THR B 101 -2.71 24.78 37.61
CA THR B 101 -3.66 23.69 37.44
C THR B 101 -4.10 23.17 38.80
N ALA B 102 -5.37 23.31 39.16
CA ALA B 102 -5.89 22.73 40.39
C ALA B 102 -6.42 21.33 40.11
N ILE B 103 -5.88 20.32 40.78
CA ILE B 103 -6.31 18.92 40.69
C ILE B 103 -6.62 18.45 42.09
N ALA B 104 -7.78 17.89 42.38
CA ALA B 104 -7.89 17.11 43.60
C ALA B 104 -7.16 15.78 43.39
N GLY B 105 -6.50 15.22 44.40
CA GLY B 105 -5.83 13.94 44.29
C GLY B 105 -6.74 12.78 43.89
N SER B 106 -8.05 12.92 44.03
CA SER B 106 -9.03 11.96 43.49
C SER B 106 -9.08 11.89 41.97
N GLU B 107 -8.69 12.93 41.25
CA GLU B 107 -9.01 13.06 39.83
C GLU B 107 -8.08 12.29 38.89
N ILE B 108 -6.93 11.84 39.37
CA ILE B 108 -6.00 11.04 38.58
C ILE B 108 -6.46 9.59 38.38
N PHE B 109 -7.49 9.14 39.08
CA PHE B 109 -8.00 7.77 39.04
C PHE B 109 -8.89 7.54 37.82
N SER B 110 -8.31 7.67 36.64
CA SER B 110 -8.97 7.58 35.34
C SER B 110 -9.32 6.15 34.92
N LEU B 111 -10.28 6.02 34.00
CA LEU B 111 -10.55 4.79 33.25
C LEU B 111 -10.05 4.86 31.81
N GLU B 112 -9.83 6.05 31.25
CA GLU B 112 -9.17 6.20 29.94
C GLU B 112 -7.66 5.97 29.99
N MET B 113 -7.03 6.12 31.16
CA MET B 113 -5.57 6.02 31.30
C MET B 113 -5.10 5.65 32.71
N SER B 114 -3.88 5.15 32.82
CA SER B 114 -3.26 4.84 34.12
C SER B 114 -3.05 6.05 35.01
N LYS B 115 -2.77 5.82 36.29
CA LYS B 115 -2.45 6.86 37.26
C LYS B 115 -1.22 7.66 36.87
N THR B 116 -0.17 7.01 36.39
CA THR B 116 1.07 7.69 35.98
C THR B 116 0.89 8.48 34.70
N GLU B 117 -0.03 8.10 33.83
CA GLU B 117 -0.43 8.95 32.72
C GLU B 117 -1.18 10.18 33.23
N ALA B 118 -2.19 10.02 34.09
CA ALA B 118 -2.97 11.16 34.56
C ALA B 118 -2.11 12.20 35.30
N LEU B 119 -1.07 11.77 36.02
CA LEU B 119 -0.07 12.70 36.56
C LEU B 119 0.83 13.29 35.48
N THR B 120 1.27 12.52 34.48
CA THR B 120 2.07 13.09 33.39
C THR B 120 1.29 14.14 32.63
N GLN B 121 -0.02 13.98 32.45
CA GLN B 121 -0.86 15.03 31.91
C GLN B 121 -0.99 16.21 32.87
N ALA B 122 -1.31 16.00 34.15
CA ALA B 122 -1.42 17.11 35.09
C ALA B 122 -0.12 17.92 35.23
N PHE B 123 1.04 17.27 35.14
CA PHE B 123 2.32 17.95 35.07
C PHE B 123 2.41 18.80 33.81
N ARG B 124 2.28 18.18 32.65
CA ARG B 124 2.56 18.83 31.37
C ARG B 124 1.50 19.85 30.99
N ARG B 125 0.29 19.72 31.49
CA ARG B 125 -0.76 20.74 31.40
C ARG B 125 -0.44 21.97 32.24
N SER B 126 0.54 21.87 33.14
CA SER B 126 1.03 22.98 33.99
C SER B 126 2.34 23.59 33.51
N ILE B 127 2.82 23.28 32.30
CA ILE B 127 3.88 24.04 31.64
C ILE B 127 3.27 24.76 30.46
N GLY B 128 3.39 26.08 30.38
CA GLY B 128 2.91 26.85 29.25
C GLY B 128 3.98 26.97 28.17
N VAL B 129 3.59 27.04 26.91
CA VAL B 129 4.45 27.46 25.81
C VAL B 129 3.80 28.68 25.19
N ARG B 130 4.12 29.87 25.70
CA ARG B 130 3.51 31.13 25.26
C ARG B 130 4.03 31.51 23.89
N ILE B 131 3.18 31.41 22.88
CA ILE B 131 3.51 31.78 21.50
C ILE B 131 2.82 33.09 21.19
N LYS B 132 3.58 34.11 20.81
CA LYS B 132 3.03 35.31 20.19
C LYS B 132 2.96 35.10 18.70
N GLU B 133 1.75 35.13 18.15
CA GLU B 133 1.47 35.01 16.73
C GLU B 133 1.08 36.39 16.18
N GLU B 134 1.70 36.82 15.08
CA GLU B 134 1.29 38.04 14.39
C GLU B 134 1.17 37.81 12.89
N THR B 135 0.10 38.33 12.27
CA THR B 135 -0.11 38.25 10.82
C THR B 135 -0.77 39.50 10.27
N GLU B 136 -0.56 39.79 8.98
CA GLU B 136 -1.30 40.84 8.27
C GLU B 136 -2.74 40.36 8.04
N ILE B 137 -3.72 41.18 8.38
CA ILE B 137 -5.12 40.95 8.08
C ILE B 137 -5.65 42.04 7.16
N ILE B 138 -6.56 41.69 6.27
CA ILE B 138 -7.29 42.65 5.46
C ILE B 138 -8.68 42.76 6.07
N GLU B 139 -9.12 43.96 6.44
CA GLU B 139 -10.38 44.14 7.14
C GLU B 139 -11.21 45.27 6.52
N GLY B 140 -12.32 44.92 5.89
CA GLY B 140 -13.10 45.85 5.08
C GLY B 140 -14.54 45.42 4.89
N GLU B 141 -15.40 46.36 4.52
CA GLU B 141 -16.68 46.06 3.90
C GLU B 141 -16.44 45.56 2.47
N VAL B 142 -17.04 44.43 2.11
CA VAL B 142 -17.03 43.90 0.75
C VAL B 142 -17.94 44.73 -0.14
N VAL B 143 -17.37 45.50 -1.05
CA VAL B 143 -18.12 46.28 -2.04
C VAL B 143 -18.61 45.39 -3.17
N GLU B 144 -17.80 44.46 -3.65
CA GLU B 144 -18.25 43.48 -4.64
C GLU B 144 -17.40 42.20 -4.63
N ILE B 145 -17.97 41.14 -5.19
CA ILE B 145 -17.23 39.94 -5.55
C ILE B 145 -17.54 39.57 -7.00
N GLN B 146 -16.51 39.32 -7.79
CA GLN B 146 -16.62 38.75 -9.12
C GLN B 146 -16.06 37.33 -9.03
N ILE B 147 -16.85 36.31 -9.35
CA ILE B 147 -16.34 34.96 -9.53
C ILE B 147 -16.62 34.51 -10.96
N ASP B 148 -15.58 34.16 -11.69
CA ASP B 148 -15.63 33.66 -13.06
C ASP B 148 -15.36 32.16 -13.10
N ARG B 149 -16.19 31.42 -13.83
CA ARG B 149 -16.19 29.97 -13.98
C ARG B 149 -16.21 29.57 -15.47
N PRO B 150 -15.31 28.71 -15.97
CA PRO B 150 -15.32 28.32 -17.37
C PRO B 150 -16.47 27.36 -17.67
N ALA B 151 -16.95 27.36 -18.93
CA ALA B 151 -18.13 26.61 -19.35
C ALA B 151 -18.05 25.10 -19.08
N THR B 152 -16.86 24.50 -19.24
CA THR B 152 -16.47 23.20 -18.65
C THR B 152 -14.95 23.15 -18.52
N GLY B 153 -14.23 22.89 -19.62
CA GLY B 153 -12.76 22.94 -19.70
C GLY B 153 -12.02 22.19 -18.59
N THR B 154 -10.86 22.71 -18.19
CA THR B 154 -10.12 22.27 -16.99
C THR B 154 -10.83 22.65 -15.68
N GLY B 155 -11.68 23.70 -15.71
CA GLY B 155 -12.57 24.04 -14.60
C GLY B 155 -11.99 24.95 -13.52
N SER B 156 -10.85 25.60 -13.73
CA SER B 156 -10.26 26.54 -12.76
C SER B 156 -11.05 27.85 -12.69
N LYS B 157 -11.60 28.18 -11.51
CA LYS B 157 -12.25 29.49 -11.26
C LYS B 157 -11.21 30.61 -11.08
N VAL B 158 -11.61 31.83 -11.36
CA VAL B 158 -10.81 33.05 -11.18
C VAL B 158 -11.74 34.20 -10.81
N GLY B 159 -11.29 35.28 -10.19
CA GLY B 159 -12.22 36.27 -9.65
C GLY B 159 -11.55 37.49 -9.02
N LYS B 160 -12.36 38.44 -8.59
CA LYS B 160 -11.92 39.71 -8.00
C LYS B 160 -12.78 40.05 -6.80
N LEU B 161 -12.21 40.78 -5.85
CA LEU B 161 -12.90 41.24 -4.65
C LEU B 161 -12.61 42.72 -4.47
N THR B 162 -13.62 43.54 -4.20
CA THR B 162 -13.40 44.95 -3.87
C THR B 162 -13.80 45.24 -2.43
N LEU B 163 -12.91 45.91 -1.70
CA LEU B 163 -13.02 46.15 -0.26
C LEU B 163 -12.90 47.63 0.07
N LYS B 164 -13.61 48.05 1.11
CA LYS B 164 -13.78 49.44 1.50
C LYS B 164 -13.66 49.60 3.01
N THR B 165 -13.04 50.69 3.45
CA THR B 165 -13.12 51.20 4.82
C THR B 165 -13.78 52.57 4.79
N THR B 166 -14.00 53.18 5.96
CA THR B 166 -14.49 54.58 6.01
C THR B 166 -13.49 55.60 5.43
N GLU B 167 -12.24 55.20 5.16
CA GLU B 167 -11.15 56.05 4.66
C GLU B 167 -10.63 55.65 3.28
N MET B 168 -10.86 54.41 2.84
CA MET B 168 -9.99 53.74 1.86
C MET B 168 -10.76 52.73 1.01
N GLU B 169 -10.23 52.34 -0.15
CA GLU B 169 -10.80 51.30 -1.02
C GLU B 169 -9.71 50.59 -1.83
N THR B 170 -9.89 49.31 -2.17
CA THR B 170 -9.06 48.65 -3.20
C THR B 170 -9.72 47.43 -3.84
N ILE B 171 -9.13 46.98 -4.95
CA ILE B 171 -9.53 45.82 -5.74
C ILE B 171 -8.44 44.75 -5.69
N TYR B 172 -8.80 43.53 -5.31
CA TYR B 172 -7.90 42.37 -5.31
C TYR B 172 -8.28 41.38 -6.41
N ASP B 173 -7.34 41.09 -7.31
CA ASP B 173 -7.42 39.94 -8.20
C ASP B 173 -7.14 38.66 -7.38
N LEU B 174 -8.18 37.88 -7.11
CA LEU B 174 -8.13 36.75 -6.19
C LEU B 174 -7.41 35.54 -6.77
N GLY B 175 -6.79 34.77 -5.89
CA GLY B 175 -6.34 33.41 -6.17
C GLY B 175 -7.42 32.34 -5.99
N THR B 176 -7.11 31.16 -6.52
CA THR B 176 -7.94 29.95 -6.50
C THR B 176 -8.34 29.46 -5.10
N LYS B 177 -7.45 29.49 -4.11
CA LYS B 177 -7.73 28.98 -2.76
C LYS B 177 -8.57 30.00 -1.99
N MET B 178 -8.26 31.28 -2.15
CA MET B 178 -9.12 32.36 -1.68
C MET B 178 -10.55 32.22 -2.20
N ILE B 179 -10.73 32.00 -3.51
CA ILE B 179 -12.06 31.84 -4.11
C ILE B 179 -12.87 30.74 -3.42
N GLU B 180 -12.30 29.54 -3.22
CA GLU B 180 -13.07 28.47 -2.57
C GLU B 180 -13.38 28.81 -1.10
N SER B 181 -12.55 29.59 -0.40
CA SER B 181 -12.87 30.00 0.96
C SER B 181 -13.99 31.05 0.97
N LEU B 182 -13.96 32.04 0.08
CA LEU B 182 -14.96 33.09 0.02
C LEU B 182 -16.33 32.52 -0.31
N THR B 183 -16.42 31.60 -1.28
CA THR B 183 -17.70 30.98 -1.61
C THR B 183 -18.13 29.92 -0.60
N LYS B 184 -17.21 29.18 0.03
CA LYS B 184 -17.55 28.27 1.14
C LYS B 184 -18.23 29.03 2.28
N ASP B 185 -17.63 30.15 2.67
CA ASP B 185 -18.15 31.02 3.73
C ASP B 185 -19.26 31.97 3.25
N LYS B 186 -19.74 31.82 2.00
CA LYS B 186 -20.85 32.53 1.39
C LYS B 186 -20.82 34.03 1.66
N VAL B 187 -19.65 34.66 1.53
CA VAL B 187 -19.55 36.12 1.67
C VAL B 187 -20.30 36.81 0.52
N GLN B 188 -20.95 37.94 0.82
CA GLN B 188 -21.74 38.70 -0.16
C GLN B 188 -21.49 40.21 -0.02
N ALA B 189 -21.81 40.99 -1.04
CA ALA B 189 -21.65 42.43 -0.98
C ALA B 189 -22.37 43.03 0.24
N GLY B 190 -21.70 43.95 0.92
CA GLY B 190 -22.15 44.54 2.17
C GLY B 190 -21.76 43.77 3.43
N ASP B 191 -21.27 42.52 3.35
CA ASP B 191 -20.63 41.88 4.49
C ASP B 191 -19.32 42.61 4.85
N VAL B 192 -19.03 42.75 6.13
CA VAL B 192 -17.74 43.20 6.64
C VAL B 192 -16.95 41.96 7.03
N ILE B 193 -15.74 41.84 6.52
CA ILE B 193 -14.91 40.66 6.69
C ILE B 193 -13.49 41.01 7.10
N THR B 194 -12.82 40.04 7.67
CA THR B 194 -11.46 40.13 8.17
C THR B 194 -10.68 38.89 7.75
N ILE B 195 -9.85 39.03 6.72
CA ILE B 195 -9.14 37.93 6.07
C ILE B 195 -7.74 37.82 6.64
N ASP B 196 -7.31 36.63 7.07
CA ASP B 196 -5.92 36.41 7.44
C ASP B 196 -5.04 36.21 6.20
N LYS B 197 -4.31 37.25 5.79
CA LYS B 197 -3.59 37.28 4.52
C LYS B 197 -2.50 36.21 4.44
N ALA B 198 -2.00 35.75 5.59
CA ALA B 198 -1.01 34.69 5.68
C ALA B 198 -1.58 33.27 5.51
N THR B 199 -2.90 33.07 5.60
CA THR B 199 -3.53 31.74 5.73
C THR B 199 -4.72 31.52 4.80
N GLY B 200 -5.36 32.58 4.31
CA GLY B 200 -6.54 32.48 3.45
C GLY B 200 -7.84 32.14 4.19
N LYS B 201 -7.85 32.20 5.53
CA LYS B 201 -9.08 32.09 6.31
C LYS B 201 -9.83 33.41 6.31
N ILE B 202 -11.10 33.37 5.91
CA ILE B 202 -12.04 34.48 6.09
C ILE B 202 -12.49 34.52 7.55
N SER B 203 -13.00 35.65 8.01
CA SER B 203 -13.91 35.71 9.15
C SER B 203 -14.90 36.86 8.95
N LYS B 204 -16.12 36.75 9.47
CA LYS B 204 -17.22 37.68 9.18
C LYS B 204 -17.67 38.41 10.44
N LEU B 205 -17.74 39.74 10.38
CA LEU B 205 -18.24 40.57 11.49
C LEU B 205 -19.75 40.81 11.40
N GLY B 206 -20.31 40.86 10.19
CA GLY B 206 -21.73 41.13 9.94
C GLY B 206 -21.93 42.06 8.73
N ARG B 207 -23.18 42.39 8.37
CA ARG B 207 -23.45 43.37 7.30
C ARG B 207 -23.21 44.80 7.77
N SER B 208 -22.67 45.61 6.88
CA SER B 208 -22.73 47.08 6.97
C SER B 208 -24.19 47.58 6.83
N PHE B 209 -24.54 48.66 7.52
CA PHE B 209 -25.93 49.18 7.60
C PHE B 209 -26.53 49.62 6.25
N THR B 210 -25.69 49.95 5.26
CA THR B 210 -26.06 50.76 4.10
C THR B 210 -27.07 50.14 3.13
N ARG B 211 -27.28 48.82 3.17
CA ARG B 211 -28.06 48.05 2.17
C ARG B 211 -29.47 47.68 2.62
N ALA B 212 -30.06 48.47 3.51
CA ALA B 212 -31.49 48.39 3.83
C ALA B 212 -32.40 48.78 2.64
N ARG B 213 -31.87 49.51 1.65
CA ARG B 213 -32.61 50.05 0.49
C ARG B 213 -32.89 49.01 -0.60
N ASP B 214 -31.84 48.45 -1.21
CA ASP B 214 -31.92 47.37 -2.20
C ASP B 214 -31.44 46.05 -1.59
N TYR B 215 -32.31 45.04 -1.64
CA TYR B 215 -32.04 43.69 -1.17
C TYR B 215 -33.08 42.72 -1.78
N ASP B 216 -32.86 41.43 -1.65
CA ASP B 216 -33.79 40.37 -2.00
C ASP B 216 -34.67 39.99 -0.79
N ALA B 217 -35.59 39.03 -0.91
CA ALA B 217 -36.19 38.38 0.25
C ALA B 217 -35.09 37.63 1.03
N MET B 218 -35.09 37.74 2.36
CA MET B 218 -33.86 37.64 3.17
C MET B 218 -33.08 36.33 2.92
N GLY B 219 -31.83 36.47 2.46
CA GLY B 219 -30.86 35.38 2.34
C GLY B 219 -29.95 35.26 3.57
N SER B 220 -29.86 36.31 4.38
CA SER B 220 -29.26 36.30 5.71
C SER B 220 -29.90 37.37 6.61
N GLN B 221 -29.86 37.17 7.92
CA GLN B 221 -30.36 38.09 8.95
C GLN B 221 -29.44 38.11 10.17
N THR B 222 -29.08 39.30 10.65
CA THR B 222 -28.28 39.57 11.85
C THR B 222 -28.51 41.03 12.30
N LYS B 223 -28.09 41.39 13.50
CA LYS B 223 -27.71 42.79 13.79
C LYS B 223 -26.64 43.29 12.81
N PHE B 224 -26.75 44.53 12.38
CA PHE B 224 -25.74 45.19 11.53
C PHE B 224 -24.51 45.62 12.35
N VAL B 225 -23.41 45.90 11.67
CA VAL B 225 -22.14 46.37 12.24
C VAL B 225 -21.62 47.57 11.46
N GLN B 226 -20.93 48.50 12.11
CA GLN B 226 -20.38 49.67 11.43
C GLN B 226 -19.25 49.28 10.47
N CYS B 227 -19.11 49.98 9.35
CA CYS B 227 -18.00 49.77 8.40
C CYS B 227 -16.64 49.97 9.12
N PRO B 228 -15.61 49.16 8.84
CA PRO B 228 -14.34 49.26 9.54
C PRO B 228 -13.60 50.55 9.17
N ASP B 229 -12.87 51.09 10.13
CA ASP B 229 -12.17 52.37 10.03
C ASP B 229 -10.72 52.26 9.56
N GLY B 230 -10.16 53.38 9.12
CA GLY B 230 -8.73 53.54 8.89
C GLY B 230 -8.20 52.75 7.69
N GLU B 231 -6.94 52.36 7.78
CA GLU B 231 -6.25 51.63 6.72
C GLU B 231 -6.88 50.24 6.48
N LEU B 232 -6.93 49.81 5.21
CA LEU B 232 -7.56 48.54 4.83
C LEU B 232 -6.78 47.31 5.29
N GLN B 233 -5.45 47.40 5.28
CA GLN B 233 -4.56 46.37 5.76
C GLN B 233 -4.01 46.77 7.12
N LYS B 234 -4.18 45.90 8.11
CA LYS B 234 -3.77 46.12 9.51
C LYS B 234 -3.21 44.81 10.05
N ARG B 235 -2.30 44.85 11.01
CA ARG B 235 -1.69 43.63 11.57
C ARG B 235 -2.50 43.18 12.77
N LYS B 236 -2.53 41.89 13.10
CA LYS B 236 -3.08 41.43 14.38
C LYS B 236 -2.07 40.63 15.18
N GLU B 237 -2.16 40.73 16.49
CA GLU B 237 -1.34 40.07 17.47
C GLU B 237 -2.22 39.21 18.38
N VAL B 238 -1.84 37.95 18.55
CA VAL B 238 -2.47 37.01 19.48
C VAL B 238 -1.38 36.39 20.34
N VAL B 239 -1.62 36.19 21.63
CA VAL B 239 -0.76 35.37 22.48
C VAL B 239 -1.50 34.10 22.88
N HIS B 240 -0.93 32.94 22.57
CA HIS B 240 -1.51 31.65 22.89
C HIS B 240 -0.71 31.03 24.04
N THR B 241 -1.35 30.69 25.16
CA THR B 241 -0.67 29.96 26.24
C THR B 241 -0.94 28.46 26.11
N VAL B 242 -0.40 27.86 25.06
CA VAL B 242 -0.62 26.44 24.74
C VAL B 242 0.22 25.57 25.66
N SER B 243 -0.36 24.79 26.58
CA SER B 243 0.44 24.00 27.52
C SER B 243 1.06 22.76 26.89
N LEU B 244 2.11 22.16 27.49
CA LEU B 244 2.77 21.01 26.87
C LEU B 244 1.83 19.84 26.65
N HIS B 245 0.89 19.59 27.55
CA HIS B 245 -0.04 18.48 27.37
C HIS B 245 -0.83 18.61 26.08
N GLU B 246 -1.31 19.81 25.77
CA GLU B 246 -2.03 20.04 24.54
C GLU B 246 -1.11 20.08 23.33
N ILE B 247 0.18 20.38 23.47
CA ILE B 247 1.13 20.15 22.38
C ILE B 247 1.31 18.64 22.14
N ASP B 248 1.37 17.81 23.19
CA ASP B 248 1.46 16.36 23.02
C ASP B 248 0.20 15.81 22.33
N VAL B 249 -0.99 16.24 22.74
CA VAL B 249 -2.24 15.77 22.15
C VAL B 249 -2.33 16.12 20.67
N ILE B 250 -2.03 17.36 20.28
CA ILE B 250 -2.01 17.80 18.87
C ILE B 250 -1.09 16.93 18.04
N ASN B 251 0.05 16.51 18.60
CA ASN B 251 1.05 15.70 17.94
C ASN B 251 0.81 14.18 18.01
N SER B 252 -0.08 13.70 18.88
CA SER B 252 -0.30 12.26 19.10
C SER B 252 -0.85 11.51 17.89
N ARG B 253 -1.62 12.18 17.02
CA ARG B 253 -2.22 11.65 15.79
C ARG B 253 -2.55 12.78 14.82
N THR B 254 -2.71 12.50 13.53
CA THR B 254 -3.11 13.58 12.60
C THR B 254 -4.56 14.00 12.83
N GLN B 255 -4.85 15.28 12.68
CA GLN B 255 -6.18 15.85 12.96
C GLN B 255 -6.69 15.52 14.38
N GLY B 256 -5.78 15.53 15.37
CA GLY B 256 -6.09 15.22 16.76
C GLY B 256 -6.79 16.33 17.56
N PHE B 257 -7.01 17.51 16.98
CA PHE B 257 -7.37 18.73 17.71
C PHE B 257 -8.58 18.61 18.62
N LEU B 258 -9.61 17.84 18.28
CA LEU B 258 -10.79 17.72 19.14
C LEU B 258 -10.48 17.05 20.48
N ALA B 259 -9.45 16.19 20.56
CA ALA B 259 -9.09 15.50 21.79
C ALA B 259 -8.66 16.44 22.92
N LEU B 260 -8.30 17.69 22.60
CA LEU B 260 -8.02 18.74 23.57
C LEU B 260 -9.22 19.02 24.46
N PHE B 261 -10.41 19.02 23.87
CA PHE B 261 -11.67 19.22 24.57
C PHE B 261 -12.25 17.88 25.04
N SER B 262 -12.32 16.90 24.14
CA SER B 262 -13.03 15.65 24.34
C SER B 262 -12.44 14.76 25.44
N GLY B 263 -11.17 14.95 25.80
CA GLY B 263 -10.46 14.13 26.78
C GLY B 263 -10.10 12.73 26.28
N ASP B 264 -10.23 12.50 24.98
CA ASP B 264 -10.25 11.18 24.35
C ASP B 264 -8.91 10.43 24.39
N THR B 265 -7.77 11.13 24.25
CA THR B 265 -6.45 10.47 24.19
C THR B 265 -6.00 9.96 25.54
N GLY B 266 -5.95 8.64 25.70
CA GLY B 266 -5.27 7.97 26.80
C GLY B 266 -3.82 7.65 26.45
N GLU B 267 -2.95 7.67 27.46
CA GLU B 267 -1.62 7.06 27.42
C GLU B 267 -0.79 7.36 26.16
N ILE B 268 -0.62 8.66 25.86
CA ILE B 268 0.16 9.15 24.71
C ILE B 268 1.58 8.59 24.72
N LYS B 269 2.11 8.25 23.54
CA LYS B 269 3.40 7.57 23.39
C LYS B 269 4.54 8.35 24.04
N SER B 270 5.44 7.68 24.75
CA SER B 270 6.70 8.29 25.20
C SER B 270 7.52 8.86 24.04
N GLU B 271 7.50 8.24 22.86
CA GLU B 271 8.19 8.74 21.67
C GLU B 271 7.66 10.09 21.19
N VAL B 272 6.39 10.43 21.49
CA VAL B 272 5.86 11.77 21.24
C VAL B 272 6.41 12.73 22.29
N ARG B 273 6.26 12.43 23.58
CA ARG B 273 6.71 13.36 24.63
C ARG B 273 8.18 13.69 24.53
N GLU B 274 9.04 12.69 24.37
CA GLU B 274 10.49 12.92 24.27
C GLU B 274 10.88 13.66 23.00
N GLN B 275 10.02 13.67 21.98
CA GLN B 275 10.21 14.51 20.81
C GLN B 275 9.70 15.93 21.05
N ILE B 276 8.57 16.13 21.72
CA ILE B 276 8.10 17.47 22.10
C ILE B 276 9.08 18.12 23.08
N ASN B 277 9.64 17.39 24.04
CA ASN B 277 10.64 17.96 24.93
C ASN B 277 11.87 18.48 24.18
N ALA B 278 12.24 17.85 23.06
CA ALA B 278 13.29 18.38 22.19
C ALA B 278 12.80 19.59 21.39
N LYS B 279 11.65 19.50 20.71
CA LYS B 279 11.22 20.57 19.80
C LYS B 279 10.76 21.83 20.52
N VAL B 280 10.24 21.74 21.74
CA VAL B 280 9.96 22.93 22.56
C VAL B 280 11.24 23.59 23.03
N ALA B 281 12.28 22.82 23.34
CA ALA B 281 13.58 23.41 23.62
C ALA B 281 14.10 24.15 22.38
N GLU B 282 14.00 23.56 21.19
CA GLU B 282 14.37 24.28 19.97
C GLU B 282 13.51 25.54 19.77
N TRP B 283 12.21 25.53 19.96
CA TRP B 283 11.40 26.75 19.89
C TRP B 283 11.78 27.81 20.94
N ARG B 284 12.31 27.43 22.09
CA ARG B 284 12.91 28.39 23.04
C ARG B 284 14.20 28.96 22.47
N GLU B 285 15.14 28.11 22.03
CA GLU B 285 16.44 28.57 21.51
C GLU B 285 16.33 29.35 20.18
N GLU B 286 15.32 29.07 19.36
CA GLU B 286 15.00 29.87 18.17
C GLU B 286 14.30 31.19 18.49
N GLY B 287 13.91 31.44 19.74
CA GLY B 287 13.10 32.61 20.12
C GLY B 287 11.66 32.55 19.58
N LYS B 288 11.24 31.39 19.09
CA LYS B 288 9.92 31.17 18.47
C LYS B 288 8.79 31.11 19.49
N ALA B 289 9.04 30.61 20.70
CA ALA B 289 8.05 30.49 21.77
C ALA B 289 8.67 30.66 23.18
N GLU B 290 7.95 31.28 24.11
CA GLU B 290 8.35 31.40 25.52
C GLU B 290 7.79 30.24 26.36
N ILE B 291 8.60 29.24 26.69
CA ILE B 291 8.18 28.26 27.70
C ILE B 291 8.12 28.91 29.08
N ILE B 292 6.93 28.93 29.69
CA ILE B 292 6.69 29.46 31.03
C ILE B 292 6.35 28.32 31.98
N PRO B 293 7.15 28.03 33.01
CA PRO B 293 6.79 27.07 34.02
C PRO B 293 5.57 27.54 34.79
N GLY B 294 4.70 26.61 35.16
CA GLY B 294 3.52 26.89 35.95
C GLY B 294 3.53 26.13 37.26
N VAL B 295 2.35 26.04 37.86
CA VAL B 295 2.10 25.36 39.12
C VAL B 295 1.12 24.24 38.92
N LEU B 296 1.41 23.06 39.43
CA LEU B 296 0.39 22.02 39.62
C LEU B 296 0.01 22.03 41.09
N PHE B 297 -1.23 22.30 41.43
CA PHE B 297 -1.71 22.22 42.79
C PHE B 297 -2.48 20.92 42.98
N ILE B 298 -1.87 19.90 43.57
CA ILE B 298 -2.54 18.65 43.88
C ILE B 298 -3.18 18.79 45.24
N ASP B 299 -4.37 19.34 45.24
CA ASP B 299 -5.19 19.51 46.42
C ASP B 299 -5.56 18.14 47.00
N GLU B 300 -5.63 17.99 48.31
CA GLU B 300 -5.95 16.72 48.97
C GLU B 300 -5.05 15.56 48.49
N VAL B 301 -3.74 15.78 48.42
CA VAL B 301 -2.83 14.79 47.84
C VAL B 301 -2.76 13.49 48.61
N HIS B 302 -3.24 13.41 49.84
CA HIS B 302 -3.30 12.14 50.59
C HIS B 302 -4.14 11.07 49.91
N MET B 303 -4.91 11.40 48.86
CA MET B 303 -5.60 10.44 47.99
C MET B 303 -4.70 9.70 46.99
N LEU B 304 -3.50 10.14 46.71
CA LEU B 304 -2.65 9.44 45.74
C LEU B 304 -2.27 8.03 46.26
N ASP B 305 -2.35 7.02 45.40
CA ASP B 305 -1.81 5.70 45.73
C ASP B 305 -0.29 5.76 45.85
N ILE B 306 0.33 4.83 46.58
CA ILE B 306 1.80 4.73 46.63
C ILE B 306 2.45 4.53 45.26
N GLU B 307 1.73 3.94 44.30
CA GLU B 307 2.11 3.86 42.88
C GLU B 307 2.25 5.25 42.25
N SER B 308 1.31 6.14 42.56
CA SER B 308 1.29 7.51 42.09
C SER B 308 2.36 8.33 42.78
N PHE B 309 2.52 8.18 44.09
CA PHE B 309 3.60 8.86 44.80
C PHE B 309 4.97 8.43 44.26
N SER B 310 5.16 7.16 43.95
CA SER B 310 6.45 6.74 43.38
C SER B 310 6.68 7.28 41.99
N PHE B 311 5.63 7.55 41.22
CA PHE B 311 5.81 8.33 40.00
C PHE B 311 6.21 9.77 40.33
N LEU B 312 5.57 10.42 41.30
CA LEU B 312 5.99 11.75 41.73
C LEU B 312 7.42 11.80 42.26
N ASN B 313 8.02 10.72 42.76
CA ASN B 313 9.43 10.77 43.12
C ASN B 313 10.30 11.15 41.92
N ARG B 314 9.94 10.70 40.72
CA ARG B 314 10.86 10.64 39.58
C ARG B 314 10.38 11.40 38.35
N ALA B 315 9.10 11.73 38.26
CA ALA B 315 8.59 12.73 37.32
C ALA B 315 9.07 14.13 37.67
N LEU B 316 9.14 14.42 38.97
CA LEU B 316 9.51 15.68 39.61
C LEU B 316 11.01 16.05 39.48
N GLU B 317 11.70 15.47 38.51
CA GLU B 317 13.16 15.63 38.34
C GLU B 317 13.57 15.84 36.87
N SER B 318 12.60 15.93 35.96
CA SER B 318 12.81 16.43 34.60
C SER B 318 12.93 17.95 34.60
N ASP B 319 13.73 18.54 33.72
CA ASP B 319 13.74 20.00 33.54
C ASP B 319 12.43 20.55 32.95
N MET B 320 11.57 19.70 32.39
CA MET B 320 10.19 20.05 32.01
C MET B 320 9.16 19.83 33.13
N ALA B 321 9.56 19.55 34.37
CA ALA B 321 8.60 19.50 35.49
C ALA B 321 8.13 20.91 35.90
N PRO B 322 6.85 21.13 36.22
CA PRO B 322 6.37 22.37 36.79
C PRO B 322 6.83 22.49 38.24
N VAL B 323 6.58 23.62 38.88
CA VAL B 323 6.51 23.60 40.35
C VAL B 323 5.26 22.84 40.73
N LEU B 324 5.24 22.09 41.82
CA LEU B 324 3.99 21.58 42.37
C LEU B 324 3.80 21.97 43.82
N ILE B 325 2.54 22.10 44.18
CA ILE B 325 2.06 22.44 45.50
C ILE B 325 1.05 21.39 45.87
N MET B 326 1.01 21.00 47.12
CA MET B 326 0.10 20.01 47.61
C MET B 326 -0.58 20.53 48.85
N ALA B 327 -1.76 20.03 49.16
CA ALA B 327 -2.41 20.28 50.43
C ALA B 327 -2.76 18.97 51.09
N THR B 328 -2.75 18.91 52.41
CA THR B 328 -3.19 17.76 53.17
C THR B 328 -3.63 18.16 54.57
N ASN B 329 -4.60 17.44 55.14
CA ASN B 329 -5.13 17.65 56.47
C ASN B 329 -5.05 16.40 57.36
N ARG B 330 -4.06 15.52 57.11
CA ARG B 330 -3.96 14.17 57.69
C ARG B 330 -2.76 14.02 58.61
N GLY B 331 -2.94 13.29 59.70
CA GLY B 331 -1.91 13.06 60.71
C GLY B 331 -0.90 12.00 60.26
N ILE B 332 -0.44 11.17 61.19
CA ILE B 332 0.16 9.89 60.82
C ILE B 332 -0.97 9.00 60.30
N THR B 333 -1.01 8.69 59.01
CA THR B 333 -2.03 7.78 58.44
C THR B 333 -1.43 6.83 57.42
N ARG B 334 -2.13 5.72 57.12
CA ARG B 334 -1.64 4.73 56.16
C ARG B 334 -1.66 5.27 54.75
N ILE B 335 -0.53 5.19 54.06
CA ILE B 335 -0.39 5.66 52.69
C ILE B 335 -1.37 4.87 51.82
N ARG B 336 -2.28 5.56 51.13
CA ARG B 336 -3.37 4.91 50.40
C ARG B 336 -2.82 3.88 49.40
N GLY B 337 -3.41 2.69 49.40
CA GLY B 337 -2.90 1.53 48.67
C GLY B 337 -1.96 0.62 49.47
N THR B 338 -1.61 0.96 50.71
CA THR B 338 -0.75 0.14 51.60
C THR B 338 -1.23 0.11 53.04
N SER B 339 -0.58 -0.68 53.89
CA SER B 339 -0.75 -0.64 55.34
C SER B 339 0.28 0.27 56.07
N TYR B 340 1.26 0.84 55.36
CA TYR B 340 2.34 1.60 55.99
C TYR B 340 1.89 2.99 56.45
N GLN B 341 1.95 3.24 57.76
CA GLN B 341 1.69 4.55 58.36
C GLN B 341 2.81 5.53 58.02
N SER B 342 2.49 6.79 57.69
CA SER B 342 3.50 7.86 57.53
C SER B 342 2.90 9.25 57.77
N PRO B 343 3.72 10.28 58.01
CA PRO B 343 3.24 11.65 58.13
C PRO B 343 2.48 12.08 56.88
N HIS B 344 1.39 12.83 57.05
CA HIS B 344 0.55 13.33 55.96
C HIS B 344 -0.04 12.23 55.06
N GLY B 345 0.11 10.96 55.37
CA GLY B 345 -0.26 9.88 54.44
C GLY B 345 0.58 9.86 53.16
N ILE B 346 1.74 10.53 53.14
CA ILE B 346 2.67 10.62 52.01
C ILE B 346 3.90 9.76 52.31
N PRO B 347 4.41 8.93 51.38
CA PRO B 347 5.58 8.13 51.65
C PRO B 347 6.80 9.01 51.83
N ILE B 348 7.71 8.62 52.73
CA ILE B 348 8.89 9.44 53.04
C ILE B 348 9.81 9.63 51.81
N ASP B 349 9.77 8.74 50.81
CA ASP B 349 10.44 8.95 49.52
C ASP B 349 10.12 10.31 48.88
N LEU B 350 8.85 10.72 48.95
CA LEU B 350 8.41 12.00 48.45
C LEU B 350 8.54 13.06 49.52
N LEU B 351 8.25 12.74 50.78
CA LEU B 351 8.24 13.75 51.84
C LEU B 351 9.64 14.31 52.13
N ASP B 352 10.68 13.54 51.86
CA ASP B 352 12.09 13.95 51.90
C ASP B 352 12.44 14.93 50.77
N ARG B 353 11.70 14.88 49.66
CA ARG B 353 11.98 15.54 48.39
C ARG B 353 11.29 16.91 48.24
N LEU B 354 10.64 17.41 49.30
CA LEU B 354 9.80 18.61 49.27
C LEU B 354 9.97 19.50 50.52
N LEU B 355 9.44 20.71 50.46
CA LEU B 355 9.45 21.67 51.57
C LEU B 355 8.05 21.80 52.17
N ILE B 356 7.92 21.72 53.49
CA ILE B 356 6.61 21.65 54.15
C ILE B 356 6.27 23.00 54.77
N VAL B 357 5.20 23.62 54.32
CA VAL B 357 4.70 24.91 54.82
C VAL B 357 3.57 24.61 55.79
N SER B 358 3.69 24.97 57.06
CA SER B 358 2.73 24.54 58.06
C SER B 358 1.87 25.68 58.53
N THR B 359 0.56 25.54 58.35
CA THR B 359 -0.46 26.49 58.77
C THR B 359 -0.81 26.34 60.24
N THR B 360 -1.50 27.33 60.79
CA THR B 360 -1.76 27.50 62.23
C THR B 360 -3.26 27.72 62.48
N PRO B 361 -3.85 27.19 63.56
CA PRO B 361 -5.20 27.55 63.97
C PRO B 361 -5.36 29.05 64.21
N TYR B 362 -6.58 29.57 64.10
CA TYR B 362 -6.84 31.00 64.25
C TYR B 362 -7.16 31.44 65.68
N SER B 363 -6.78 32.67 65.99
CA SER B 363 -7.23 33.39 67.20
C SER B 363 -8.69 33.85 67.09
N GLU B 364 -9.24 34.44 68.15
CA GLU B 364 -10.51 35.17 68.04
C GLU B 364 -10.40 36.34 67.07
N LYS B 365 -9.34 37.14 67.17
CA LYS B 365 -9.12 38.33 66.34
C LYS B 365 -9.12 37.96 64.86
N ASP B 366 -8.34 36.95 64.49
CA ASP B 366 -8.29 36.49 63.11
C ASP B 366 -9.63 35.87 62.69
N THR B 367 -10.26 35.03 63.52
CA THR B 367 -11.54 34.42 63.15
C THR B 367 -12.59 35.47 62.88
N LYS B 368 -12.74 36.47 63.76
CA LYS B 368 -13.64 37.59 63.53
C LYS B 368 -13.28 38.32 62.26
N GLN B 369 -11.99 38.58 62.04
CA GLN B 369 -11.57 39.30 60.86
C GLN B 369 -11.82 38.54 59.56
N ILE B 370 -11.77 37.20 59.56
CA ILE B 370 -12.17 36.40 58.39
C ILE B 370 -13.67 36.60 58.13
N LEU B 371 -14.50 36.48 59.16
CA LEU B 371 -15.94 36.66 59.02
C LEU B 371 -16.27 38.08 58.55
N ARG B 372 -15.49 39.08 58.98
CA ARG B 372 -15.64 40.47 58.56
C ARG B 372 -15.27 40.70 57.09
N ILE B 373 -14.18 40.14 56.56
CA ILE B 373 -13.93 40.18 55.11
C ILE B 373 -14.94 39.34 54.33
N ARG B 374 -15.47 38.26 54.92
CA ARG B 374 -16.48 37.44 54.24
C ARG B 374 -17.80 38.18 54.06
N CYS B 375 -18.30 38.87 55.08
CA CYS B 375 -19.49 39.69 54.93
C CYS B 375 -19.29 40.81 53.91
N GLU B 376 -18.08 41.34 53.78
CA GLU B 376 -17.76 42.37 52.80
C GLU B 376 -17.74 41.82 51.36
N GLU B 377 -17.47 40.53 51.15
CA GLU B 377 -17.59 39.91 49.82
C GLU B 377 -19.04 39.54 49.50
N GLU B 378 -19.79 39.06 50.48
CA GLU B 378 -21.18 38.63 50.28
C GLU B 378 -22.20 39.78 50.25
N ASP B 379 -21.78 41.05 50.37
CA ASP B 379 -22.67 42.21 50.52
C ASP B 379 -23.69 42.03 51.67
N VAL B 380 -23.19 41.64 52.84
CA VAL B 380 -23.98 41.51 54.08
C VAL B 380 -23.55 42.57 55.09
N GLU B 381 -24.52 43.23 55.74
CA GLU B 381 -24.25 44.04 56.94
C GLU B 381 -24.64 43.24 58.18
N MET B 382 -23.77 43.19 59.18
CA MET B 382 -24.09 42.60 60.48
C MET B 382 -23.76 43.57 61.61
N SER B 383 -24.53 43.58 62.69
CA SER B 383 -24.16 44.37 63.86
C SER B 383 -22.89 43.82 64.51
N GLU B 384 -22.15 44.66 65.25
CA GLU B 384 -20.96 44.18 65.99
C GLU B 384 -21.32 43.14 67.05
N ASP B 385 -22.53 43.19 67.57
CA ASP B 385 -23.07 42.16 68.44
C ASP B 385 -23.20 40.83 67.68
N ALA B 386 -23.77 40.86 66.47
CA ALA B 386 -23.87 39.66 65.63
C ALA B 386 -22.50 39.09 65.27
N TYR B 387 -21.52 39.91 64.85
CA TYR B 387 -20.15 39.44 64.63
C TYR B 387 -19.56 38.81 65.89
N THR B 388 -19.86 39.34 67.07
CA THR B 388 -19.33 38.80 68.33
C THR B 388 -19.83 37.38 68.53
N VAL B 389 -21.14 37.17 68.50
CA VAL B 389 -21.71 35.83 68.65
C VAL B 389 -21.22 34.90 67.55
N LEU B 390 -21.16 35.35 66.30
CA LEU B 390 -20.67 34.49 65.22
C LEU B 390 -19.20 34.13 65.38
N THR B 391 -18.37 35.02 65.94
CA THR B 391 -16.99 34.66 66.24
C THR B 391 -16.92 33.57 67.28
N ARG B 392 -17.73 33.66 68.34
CA ARG B 392 -17.79 32.63 69.37
C ARG B 392 -18.22 31.29 68.77
N ILE B 393 -19.23 31.30 67.92
CA ILE B 393 -19.68 30.11 67.20
C ILE B 393 -18.56 29.54 66.32
N GLY B 394 -17.80 30.37 65.61
CA GLY B 394 -16.69 29.95 64.77
C GLY B 394 -15.40 29.54 65.51
N LEU B 395 -15.36 29.61 66.84
CA LEU B 395 -14.28 29.08 67.67
C LEU B 395 -14.70 27.81 68.40
N GLU B 396 -15.94 27.76 68.88
CA GLU B 396 -16.50 26.57 69.51
C GLU B 396 -16.73 25.47 68.47
N THR B 397 -17.43 25.80 67.38
CA THR B 397 -17.47 25.02 66.14
C THR B 397 -16.31 25.45 65.23
N SER B 398 -16.07 24.74 64.14
CA SER B 398 -15.13 25.12 63.07
C SER B 398 -15.45 26.45 62.39
N LEU B 399 -14.47 27.02 61.69
CA LEU B 399 -14.63 28.25 60.91
C LEU B 399 -15.65 28.10 59.78
N ARG B 400 -15.64 27.00 59.03
CA ARG B 400 -16.52 26.82 57.86
C ARG B 400 -18.00 26.87 58.21
N TYR B 401 -18.39 26.44 59.41
CA TYR B 401 -19.77 26.57 59.84
C TYR B 401 -20.14 28.03 60.04
N ALA B 402 -19.33 28.79 60.76
CA ALA B 402 -19.60 30.21 60.97
C ALA B 402 -19.67 30.97 59.64
N ILE B 403 -18.73 30.72 58.71
CA ILE B 403 -18.79 31.27 57.36
C ILE B 403 -20.14 31.00 56.70
N GLN B 404 -20.66 29.78 56.81
CA GLN B 404 -21.91 29.42 56.16
C GLN B 404 -23.11 30.08 56.81
N LEU B 405 -23.12 30.25 58.12
CA LEU B 405 -24.22 30.93 58.78
C LEU B 405 -24.39 32.39 58.35
N ILE B 406 -23.36 33.05 57.83
CA ILE B 406 -23.51 34.43 57.31
C ILE B 406 -24.57 34.47 56.22
N THR B 407 -24.51 33.58 55.23
CA THR B 407 -25.51 33.56 54.17
C THR B 407 -26.88 33.27 54.73
N ALA B 408 -27.06 32.19 55.48
CA ALA B 408 -28.35 31.83 56.03
C ALA B 408 -28.91 32.95 56.91
N ALA B 409 -28.10 33.60 57.75
CA ALA B 409 -28.54 34.71 58.56
C ALA B 409 -28.95 35.91 57.70
N SER B 410 -28.22 36.22 56.63
CA SER B 410 -28.62 37.29 55.72
C SER B 410 -29.94 36.97 55.01
N LEU B 411 -30.17 35.71 54.64
CA LEU B 411 -31.40 35.28 53.99
C LEU B 411 -32.59 35.28 54.95
N VAL B 412 -32.41 34.85 56.20
CA VAL B 412 -33.44 34.97 57.24
C VAL B 412 -33.74 36.44 57.52
N CYS B 413 -32.73 37.28 57.62
CA CYS B 413 -32.88 38.72 57.80
C CYS B 413 -33.69 39.35 56.66
N ARG B 414 -33.35 39.03 55.41
CA ARG B 414 -34.08 39.48 54.22
C ARG B 414 -35.53 38.98 54.21
N LYS B 415 -35.81 37.78 54.72
CA LYS B 415 -37.17 37.23 54.81
C LYS B 415 -38.05 38.01 55.78
N ARG B 416 -37.49 38.52 56.89
CA ARG B 416 -38.14 39.51 57.79
C ARG B 416 -37.98 40.98 57.37
N LYS B 417 -37.48 41.23 56.15
CA LYS B 417 -37.26 42.57 55.56
C LYS B 417 -36.33 43.48 56.37
N GLY B 418 -35.38 42.90 57.11
CA GLY B 418 -34.35 43.65 57.83
C GLY B 418 -33.25 44.19 56.89
N THR B 419 -32.61 45.28 57.28
CA THR B 419 -31.48 45.87 56.55
C THR B 419 -30.12 45.36 57.01
N GLU B 420 -30.00 44.93 58.27
CA GLU B 420 -28.75 44.48 58.90
C GLU B 420 -29.01 43.25 59.76
N VAL B 421 -28.16 42.23 59.67
CA VAL B 421 -28.25 40.99 60.42
C VAL B 421 -28.02 41.27 61.90
N GLN B 422 -28.97 40.87 62.75
CA GLN B 422 -28.84 40.99 64.20
C GLN B 422 -28.50 39.67 64.86
N VAL B 423 -28.08 39.72 66.12
CA VAL B 423 -27.66 38.54 66.86
C VAL B 423 -28.75 37.47 66.94
N ASP B 424 -30.02 37.87 67.01
CA ASP B 424 -31.14 36.93 67.06
C ASP B 424 -31.44 36.26 65.72
N ASP B 425 -31.01 36.82 64.58
CA ASP B 425 -31.01 36.10 63.30
C ASP B 425 -29.96 34.97 63.29
N ILE B 426 -28.81 35.20 63.91
CA ILE B 426 -27.77 34.17 64.01
C ILE B 426 -28.15 33.11 65.04
N LYS B 427 -28.69 33.48 66.20
CA LYS B 427 -29.23 32.49 67.16
C LYS B 427 -30.33 31.65 66.52
N ARG B 428 -31.20 32.25 65.72
CA ARG B 428 -32.21 31.55 64.90
C ARG B 428 -31.55 30.55 63.96
N VAL B 429 -30.69 31.00 63.05
CA VAL B 429 -30.01 30.13 62.08
C VAL B 429 -29.16 29.04 62.74
N TYR B 430 -28.49 29.32 63.85
CA TYR B 430 -27.75 28.31 64.60
C TYR B 430 -28.65 27.19 65.13
N SER B 431 -29.89 27.51 65.51
CA SER B 431 -30.87 26.48 65.89
C SER B 431 -31.46 25.73 64.69
N LEU B 432 -31.32 26.29 63.49
CA LEU B 432 -31.96 25.81 62.27
C LEU B 432 -31.08 24.83 61.49
N PHE B 433 -29.82 25.19 61.25
CA PHE B 433 -28.82 24.36 60.57
C PHE B 433 -27.76 23.90 61.57
N LEU B 434 -27.54 22.60 61.67
CA LEU B 434 -26.63 22.05 62.67
C LEU B 434 -25.17 22.08 62.23
N ASP B 435 -24.32 22.40 63.19
CA ASP B 435 -22.94 21.98 63.27
C ASP B 435 -22.85 20.45 63.23
N GLU B 436 -21.84 19.88 62.57
CA GLU B 436 -21.49 18.47 62.72
C GLU B 436 -21.47 18.01 64.19
N SER B 437 -20.80 18.74 65.08
CA SER B 437 -20.63 18.27 66.47
C SER B 437 -21.96 18.13 67.20
N ARG B 438 -22.99 18.88 66.78
CA ARG B 438 -24.36 18.81 67.32
C ARG B 438 -25.17 17.75 66.62
N SER B 439 -25.05 17.60 65.29
CA SER B 439 -25.73 16.50 64.60
C SER B 439 -25.24 15.14 65.11
N THR B 440 -23.94 14.97 65.23
CA THR B 440 -23.31 13.75 65.77
C THR B 440 -23.72 13.47 67.22
N GLN B 441 -24.14 14.49 67.98
CA GLN B 441 -24.71 14.32 69.33
C GLN B 441 -26.17 13.87 69.27
N TYR B 442 -27.01 14.48 68.44
CA TYR B 442 -28.40 14.02 68.30
C TYR B 442 -28.50 12.62 67.69
N MET B 443 -27.54 12.22 66.86
CA MET B 443 -27.44 10.86 66.35
C MET B 443 -27.23 9.80 67.46
N LYS B 444 -26.87 10.20 68.70
CA LYS B 444 -26.81 9.29 69.86
C LYS B 444 -28.18 9.01 70.48
N GLU B 445 -29.12 9.95 70.44
CA GLU B 445 -30.44 9.74 71.07
C GLU B 445 -31.43 9.02 70.14
N TYR B 446 -31.26 9.09 68.81
CA TYR B 446 -31.99 8.27 67.84
C TYR B 446 -31.14 7.10 67.27
N GLN B 447 -30.17 6.61 68.05
CA GLN B 447 -29.13 5.69 67.55
C GLN B 447 -29.67 4.41 66.92
N ASP B 448 -30.76 3.84 67.42
CA ASP B 448 -31.33 2.61 66.84
C ASP B 448 -32.06 2.85 65.51
N ALA B 449 -32.48 4.09 65.21
CA ALA B 449 -33.28 4.41 64.03
C ALA B 449 -32.43 4.66 62.78
N PHE B 450 -31.25 5.27 62.92
CA PHE B 450 -30.27 5.38 61.84
C PHE B 450 -29.68 4.01 61.48
N LEU B 451 -29.27 3.80 60.23
CA LEU B 451 -28.76 2.50 59.80
C LEU B 451 -27.26 2.30 59.98
N PHE B 452 -26.86 1.06 60.24
CA PHE B 452 -25.48 0.59 60.20
C PHE B 452 -24.50 1.38 61.07
N ASN B 453 -24.91 1.72 62.30
CA ASN B 453 -24.04 2.20 63.37
C ASN B 453 -22.97 1.18 63.78
N LYS C 84 -9.21 -58.16 -78.30
CA LYS C 84 -8.29 -57.54 -77.31
C LYS C 84 -9.05 -56.76 -76.24
N ASP C 85 -9.38 -55.49 -76.48
CA ASP C 85 -9.64 -54.48 -75.44
C ASP C 85 -11.01 -53.79 -75.58
N PRO C 86 -11.55 -53.19 -74.49
CA PRO C 86 -12.82 -52.46 -74.53
C PRO C 86 -12.91 -51.30 -75.53
N ASN C 87 -11.82 -50.71 -76.01
CA ASN C 87 -11.86 -49.71 -77.08
C ASN C 87 -10.54 -49.60 -77.89
N PHE C 88 -10.63 -48.99 -79.07
CA PHE C 88 -9.54 -48.75 -80.03
C PHE C 88 -9.51 -47.32 -80.58
N VAL C 89 -10.53 -46.49 -80.28
CA VAL C 89 -10.73 -45.15 -80.85
C VAL C 89 -11.14 -44.13 -79.78
N HIS C 90 -10.39 -44.13 -78.68
CA HIS C 90 -10.58 -43.27 -77.50
C HIS C 90 -10.69 -41.80 -77.89
N SER C 91 -11.80 -41.14 -77.55
CA SER C 91 -12.06 -39.75 -77.97
C SER C 91 -11.22 -38.73 -77.20
N GLY C 92 -11.09 -37.52 -77.77
CA GLY C 92 -10.36 -36.40 -77.16
C GLY C 92 -11.20 -35.71 -76.09
N HIS C 93 -11.13 -36.20 -74.84
CA HIS C 93 -12.04 -35.78 -73.76
C HIS C 93 -11.89 -34.30 -73.37
N GLY C 94 -10.69 -33.73 -73.50
CA GLY C 94 -10.40 -32.33 -73.17
C GLY C 94 -9.17 -32.10 -72.30
N GLY C 95 -8.21 -33.03 -72.28
CA GLY C 95 -6.83 -32.71 -71.91
C GLY C 95 -6.18 -31.76 -72.93
N ALA C 96 -4.95 -31.29 -72.68
CA ALA C 96 -4.22 -30.48 -73.65
C ALA C 96 -3.65 -31.37 -74.78
N VAL C 97 -4.45 -31.59 -75.82
CA VAL C 97 -4.12 -32.48 -76.95
C VAL C 97 -2.90 -31.98 -77.75
N ALA C 98 -2.81 -30.67 -77.97
CA ALA C 98 -1.73 -30.02 -78.71
C ALA C 98 -1.40 -28.58 -78.24
N GLY C 99 -1.97 -28.13 -77.11
CA GLY C 99 -1.70 -26.81 -76.53
C GLY C 99 -0.34 -26.70 -75.83
N LYS C 100 0.06 -25.48 -75.44
CA LYS C 100 1.32 -25.26 -74.70
C LYS C 100 1.26 -25.75 -73.23
N LYS C 101 0.04 -25.80 -72.64
CA LYS C 101 -0.25 -26.28 -71.27
C LYS C 101 0.01 -27.79 -71.08
N ASN C 102 0.00 -28.25 -69.83
CA ASN C 102 0.23 -29.66 -69.46
C ASN C 102 -0.88 -30.60 -69.96
N ARG C 103 -0.55 -31.86 -70.29
CA ARG C 103 -1.46 -32.80 -70.99
C ARG C 103 -2.76 -33.10 -70.24
N THR C 104 -2.70 -33.26 -68.92
CA THR C 104 -3.85 -33.66 -68.08
C THR C 104 -4.95 -32.59 -68.09
N TRP C 105 -6.15 -32.93 -67.60
CA TRP C 105 -7.16 -31.93 -67.25
C TRP C 105 -6.62 -30.81 -66.34
N LYS C 106 -7.43 -29.75 -66.18
CA LYS C 106 -7.31 -28.76 -65.10
C LYS C 106 -7.08 -29.44 -63.75
N ASN C 107 -6.10 -28.99 -62.96
CA ASN C 107 -5.87 -29.50 -61.61
C ASN C 107 -6.99 -29.07 -60.65
N LEU C 108 -7.07 -29.67 -59.46
CA LEU C 108 -8.20 -29.49 -58.55
C LEU C 108 -8.47 -28.02 -58.22
N LYS C 109 -7.43 -27.21 -57.96
CA LYS C 109 -7.58 -25.76 -57.73
C LYS C 109 -8.29 -25.03 -58.87
N GLN C 110 -8.02 -25.42 -60.11
CA GLN C 110 -8.62 -24.85 -61.32
C GLN C 110 -10.04 -25.40 -61.55
N ILE C 111 -10.31 -26.66 -61.21
CA ILE C 111 -11.68 -27.19 -61.15
C ILE C 111 -12.51 -26.39 -60.14
N LEU C 112 -11.99 -26.14 -58.94
CA LEU C 112 -12.71 -25.34 -57.95
C LEU C 112 -12.89 -23.88 -58.39
N ALA C 113 -11.86 -23.26 -58.98
CA ALA C 113 -11.97 -21.90 -59.48
C ALA C 113 -13.02 -21.74 -60.58
N SER C 114 -13.20 -22.76 -61.42
CA SER C 114 -14.25 -22.77 -62.45
C SER C 114 -15.62 -23.20 -61.90
N GLU C 115 -15.67 -24.19 -61.00
CA GLU C 115 -16.91 -24.60 -60.33
C GLU C 115 -17.55 -23.46 -59.53
N ARG C 116 -16.75 -22.56 -58.95
CA ARG C 116 -17.24 -21.35 -58.28
C ARG C 116 -17.94 -20.34 -59.20
N ALA C 117 -17.87 -20.49 -60.52
CA ALA C 117 -18.60 -19.65 -61.46
C ALA C 117 -20.06 -20.09 -61.70
N LEU C 118 -20.45 -21.30 -61.30
CA LEU C 118 -21.80 -21.84 -61.52
C LEU C 118 -22.88 -21.08 -60.70
N PRO C 119 -24.17 -21.18 -61.09
CA PRO C 119 -25.28 -20.49 -60.43
C PRO C 119 -25.72 -21.18 -59.12
N TRP C 120 -24.81 -21.26 -58.15
CA TRP C 120 -25.06 -21.85 -56.84
C TRP C 120 -26.07 -21.05 -55.99
N GLN C 121 -26.99 -21.74 -55.33
CA GLN C 121 -27.77 -21.20 -54.22
C GLN C 121 -27.00 -21.35 -52.89
N LEU C 122 -27.37 -20.54 -51.89
CA LEU C 122 -26.70 -20.47 -50.58
C LEU C 122 -26.62 -21.81 -49.84
N ASN C 123 -27.63 -22.68 -50.04
CA ASN C 123 -27.75 -23.98 -49.38
C ASN C 123 -27.03 -25.14 -50.11
N ASP C 124 -26.49 -24.92 -51.29
CA ASP C 124 -26.03 -26.03 -52.14
C ASP C 124 -24.74 -26.71 -51.62
N PRO C 125 -24.64 -28.06 -51.65
CA PRO C 125 -23.46 -28.88 -51.30
C PRO C 125 -22.14 -28.67 -52.09
N ASN C 126 -21.65 -27.44 -52.20
CA ASN C 126 -20.38 -27.08 -52.82
C ASN C 126 -19.21 -27.88 -52.24
N TYR C 127 -18.36 -28.47 -53.07
CA TYR C 127 -17.22 -29.29 -52.62
C TYR C 127 -16.25 -28.55 -51.68
N PHE C 128 -16.13 -27.23 -51.80
CA PHE C 128 -15.32 -26.43 -50.88
C PHE C 128 -16.03 -26.11 -49.55
N SER C 129 -17.36 -26.01 -49.54
CA SER C 129 -18.11 -25.71 -48.30
C SER C 129 -17.99 -26.82 -47.25
N ILE C 130 -17.63 -28.04 -47.66
CA ILE C 130 -17.35 -29.16 -46.79
C ILE C 130 -16.05 -28.98 -45.98
N ASP C 131 -15.18 -28.02 -46.28
CA ASP C 131 -13.98 -27.80 -45.46
C ASP C 131 -14.32 -27.52 -43.99
N ALA C 132 -13.66 -28.24 -43.09
CA ALA C 132 -13.75 -28.06 -41.65
C ALA C 132 -13.43 -26.62 -41.21
N PRO C 133 -13.96 -26.17 -40.05
CA PRO C 133 -13.61 -24.88 -39.48
C PRO C 133 -12.10 -24.73 -39.24
N PRO C 134 -11.58 -23.50 -39.12
CA PRO C 134 -10.32 -23.30 -38.41
C PRO C 134 -10.49 -23.69 -36.94
N SER C 135 -9.47 -24.26 -36.30
CA SER C 135 -9.57 -24.75 -34.92
C SER C 135 -9.94 -23.63 -33.94
N PHE C 136 -10.89 -23.89 -33.03
CA PHE C 136 -11.32 -22.90 -32.05
C PHE C 136 -10.41 -22.85 -30.81
N LYS C 137 -9.77 -23.96 -30.46
CA LYS C 137 -8.74 -24.02 -29.41
C LYS C 137 -7.43 -23.41 -29.91
N PRO C 138 -6.58 -22.87 -29.02
CA PRO C 138 -5.16 -22.75 -29.31
C PRO C 138 -4.53 -24.15 -29.33
N ALA C 139 -3.63 -24.41 -30.28
CA ALA C 139 -3.07 -25.76 -30.47
C ALA C 139 -1.89 -26.03 -29.53
N LYS C 140 -1.98 -27.09 -28.71
CA LYS C 140 -0.96 -27.51 -27.73
C LYS C 140 0.45 -27.54 -28.33
N LYS C 141 1.45 -27.06 -27.60
CA LYS C 141 2.85 -27.08 -28.02
C LYS C 141 3.47 -28.45 -27.80
N TYR C 142 3.71 -29.21 -28.86
CA TYR C 142 4.46 -30.47 -28.79
C TYR C 142 5.89 -30.25 -29.26
N SER C 143 6.86 -30.80 -28.54
CA SER C 143 8.29 -30.64 -28.86
C SER C 143 8.67 -31.28 -30.18
N ASP C 144 9.64 -30.68 -30.87
CA ASP C 144 10.02 -31.13 -32.21
C ASP C 144 10.81 -32.44 -32.18
N VAL C 145 11.91 -32.48 -31.43
CA VAL C 145 12.88 -33.60 -31.47
C VAL C 145 12.41 -34.88 -30.78
N SER C 146 11.35 -34.83 -29.98
CA SER C 146 10.93 -35.95 -29.12
C SER C 146 9.41 -36.10 -28.91
N GLY C 147 8.58 -35.15 -29.33
CA GLY C 147 7.12 -35.23 -29.24
C GLY C 147 6.52 -35.05 -27.84
N LEU C 148 7.33 -34.94 -26.79
CA LEU C 148 6.87 -34.62 -25.43
C LEU C 148 6.27 -33.20 -25.35
N LEU C 149 5.47 -32.89 -24.33
CA LEU C 149 4.84 -31.58 -24.20
C LEU C 149 5.92 -30.51 -23.97
N ALA C 150 5.94 -29.46 -24.80
CA ALA C 150 6.97 -28.44 -24.77
C ALA C 150 6.54 -27.21 -23.97
N ASN C 151 7.22 -26.94 -22.87
CA ASN C 151 7.05 -25.67 -22.16
C ASN C 151 7.81 -24.52 -22.84
N TYR C 152 8.80 -24.82 -23.68
CA TYR C 152 9.84 -23.88 -24.10
C TYR C 152 9.96 -23.73 -25.61
N THR C 153 10.41 -22.57 -26.08
CA THR C 153 10.82 -22.37 -27.48
C THR C 153 12.17 -21.64 -27.53
N ASP C 154 13.11 -22.06 -28.35
CA ASP C 154 14.47 -21.50 -28.40
C ASP C 154 14.51 -20.13 -29.11
N PRO C 155 15.05 -19.05 -28.51
CA PRO C 155 15.23 -17.76 -29.18
C PRO C 155 16.04 -17.80 -30.47
N GLN C 156 16.97 -18.75 -30.62
CA GLN C 156 17.73 -18.91 -31.87
C GLN C 156 16.99 -19.80 -32.87
N SER C 157 16.90 -21.10 -32.60
CA SER C 157 16.44 -22.07 -33.60
C SER C 157 14.93 -22.11 -33.76
N LYS C 158 14.16 -21.55 -32.82
CA LYS C 158 12.68 -21.56 -32.79
C LYS C 158 12.05 -22.95 -32.77
N LEU C 159 12.85 -24.01 -32.60
CA LEU C 159 12.36 -25.31 -32.17
C LEU C 159 11.80 -25.21 -30.76
N ARG C 160 10.92 -26.13 -30.40
CA ARG C 160 10.28 -26.21 -29.08
C ARG C 160 10.61 -27.53 -28.41
N PHE C 161 10.80 -27.49 -27.10
CA PHE C 161 11.43 -28.58 -26.34
C PHE C 161 10.93 -28.64 -24.89
N SER C 162 11.18 -29.77 -24.23
CA SER C 162 10.56 -30.12 -22.96
C SER C 162 11.54 -30.15 -21.78
N THR C 163 12.82 -30.39 -22.02
CA THR C 163 13.80 -30.72 -20.96
C THR C 163 15.18 -30.14 -21.25
N ILE C 164 16.05 -30.11 -20.23
CA ILE C 164 17.40 -29.56 -20.35
C ILE C 164 18.26 -30.32 -21.37
N GLU C 165 18.20 -31.65 -21.39
CA GLU C 165 19.00 -32.44 -22.33
C GLU C 165 18.50 -32.31 -23.77
N GLU C 166 17.24 -31.95 -24.02
CA GLU C 166 16.78 -31.64 -25.38
C GLU C 166 17.34 -30.33 -25.90
N PHE C 167 17.52 -29.31 -25.05
CA PHE C 167 18.24 -28.11 -25.47
C PHE C 167 19.71 -28.43 -25.79
N SER C 168 20.34 -29.31 -25.01
CA SER C 168 21.70 -29.79 -25.26
C SER C 168 21.84 -30.55 -26.58
N TYR C 169 20.73 -30.98 -27.18
CA TYR C 169 20.68 -31.64 -28.48
C TYR C 169 20.34 -30.64 -29.60
N ILE C 170 19.32 -29.81 -29.41
CA ILE C 170 18.83 -28.86 -30.42
C ILE C 170 19.90 -27.87 -30.86
N ARG C 171 20.73 -27.36 -29.95
CA ARG C 171 21.83 -26.45 -30.33
C ARG C 171 22.98 -27.13 -31.08
N ARG C 172 23.06 -28.46 -31.07
CA ARG C 172 24.05 -29.26 -31.82
C ARG C 172 23.57 -29.71 -33.20
N LEU C 173 22.27 -29.59 -33.51
CA LEU C 173 21.73 -29.95 -34.82
C LEU C 173 22.29 -29.05 -35.94
N PRO C 174 22.54 -29.58 -37.14
CA PRO C 174 22.89 -28.78 -38.30
C PRO C 174 21.68 -27.99 -38.80
N SER C 175 21.92 -26.81 -39.38
CA SER C 175 20.82 -25.96 -39.85
C SER C 175 19.92 -26.64 -40.89
N ASP C 176 20.45 -27.62 -41.63
CA ASP C 176 19.74 -28.49 -42.57
C ASP C 176 18.44 -29.06 -41.97
N VAL C 177 18.48 -29.48 -40.70
CA VAL C 177 17.34 -30.11 -40.02
C VAL C 177 16.60 -29.15 -39.11
N VAL C 178 17.22 -28.05 -38.66
CA VAL C 178 16.49 -26.97 -37.98
C VAL C 178 15.47 -26.36 -38.94
N THR C 179 15.89 -25.98 -40.15
CA THR C 179 14.92 -25.50 -41.15
C THR C 179 13.95 -26.60 -41.58
N GLY C 180 14.38 -27.86 -41.45
CA GLY C 180 13.51 -29.03 -41.59
C GLY C 180 12.36 -29.01 -40.59
N TYR C 181 12.65 -29.04 -39.29
CA TYR C 181 11.62 -29.11 -38.25
C TYR C 181 10.67 -27.90 -38.24
N LEU C 182 11.16 -26.69 -38.53
CA LEU C 182 10.26 -25.54 -38.68
C LEU C 182 9.31 -25.72 -39.87
N ALA C 183 9.81 -26.18 -41.02
CA ALA C 183 8.97 -26.41 -42.20
C ALA C 183 8.03 -27.61 -42.03
N LEU C 184 8.41 -28.58 -41.20
CA LEU C 184 7.62 -29.77 -40.88
C LEU C 184 6.29 -29.44 -40.20
N ARG C 185 6.21 -28.31 -39.48
CA ARG C 185 4.95 -27.71 -38.99
C ARG C 185 4.59 -26.39 -39.68
N LYS C 186 5.08 -26.16 -40.90
CA LYS C 186 4.92 -24.94 -41.72
C LYS C 186 5.02 -23.62 -40.94
N ALA C 187 6.03 -23.51 -40.08
CA ALA C 187 6.38 -22.24 -39.42
C ALA C 187 7.00 -21.22 -40.39
N THR C 188 7.56 -20.13 -39.86
CA THR C 188 8.09 -18.97 -40.65
C THR C 188 9.22 -19.31 -41.65
N SER C 189 9.83 -20.49 -41.55
CA SER C 189 10.91 -20.95 -42.43
C SER C 189 10.47 -21.12 -43.90
N ILE C 190 11.15 -20.41 -44.81
CA ILE C 190 11.05 -20.50 -46.27
C ILE C 190 12.46 -20.39 -46.86
N ARG F 43 68.90 -0.22 -26.46
CA ARG F 43 67.65 0.60 -26.48
C ARG F 43 66.95 0.77 -27.83
N PRO F 44 67.60 1.04 -29.00
CA PRO F 44 66.88 1.57 -30.16
C PRO F 44 65.82 0.61 -30.72
N GLY F 45 64.71 1.20 -31.19
CA GLY F 45 63.46 0.49 -31.47
C GLY F 45 62.47 0.52 -30.30
N THR F 46 62.91 0.81 -29.07
CA THR F 46 62.03 0.85 -27.88
C THR F 46 61.27 2.17 -27.78
N VAL F 47 61.92 3.31 -28.02
CA VAL F 47 61.23 4.61 -28.06
C VAL F 47 60.45 4.75 -29.37
N ALA F 48 60.94 4.14 -30.45
CA ALA F 48 60.18 3.96 -31.69
C ALA F 48 58.87 3.17 -31.51
N LEU F 49 58.84 2.13 -30.67
CA LEU F 49 57.61 1.44 -30.31
C LEU F 49 56.73 2.27 -29.34
N ARG F 50 57.31 2.89 -28.32
CA ARG F 50 56.56 3.74 -27.37
C ARG F 50 55.91 4.95 -28.04
N GLU F 51 56.51 5.46 -29.11
CA GLU F 51 55.96 6.51 -29.98
C GLU F 51 54.63 6.10 -30.66
N ILE F 52 54.43 4.82 -31.00
CA ILE F 52 53.22 4.34 -31.68
C ILE F 52 51.96 4.64 -30.84
N ARG F 53 51.98 4.25 -29.55
CA ARG F 53 50.83 4.41 -28.65
C ARG F 53 50.44 5.87 -28.45
N ARG F 54 51.39 6.81 -28.51
CA ARG F 54 51.06 8.25 -28.39
C ARG F 54 50.29 8.76 -29.60
N TYR F 55 50.73 8.49 -30.83
CA TYR F 55 50.02 8.95 -32.03
C TYR F 55 48.76 8.13 -32.37
N GLN F 56 48.64 6.89 -31.89
CA GLN F 56 47.40 6.11 -32.02
C GLN F 56 46.32 6.51 -30.99
N LYS F 57 46.69 7.04 -29.81
CA LYS F 57 45.74 7.64 -28.85
C LYS F 57 45.37 9.09 -29.18
N SER F 58 46.34 9.90 -29.64
CA SER F 58 46.16 11.34 -29.88
C SER F 58 45.50 11.63 -31.25
N THR F 59 44.75 12.72 -31.36
CA THR F 59 43.76 12.95 -32.44
C THR F 59 44.19 13.93 -33.54
N GLU F 60 45.24 14.72 -33.32
CA GLU F 60 45.66 15.80 -34.21
C GLU F 60 46.26 15.33 -35.55
N LEU F 61 46.29 16.23 -36.53
CA LEU F 61 46.97 16.04 -37.82
C LEU F 61 48.49 16.14 -37.67
N LEU F 62 49.23 15.27 -38.37
CA LEU F 62 50.68 15.09 -38.20
C LEU F 62 51.53 15.83 -39.24
N ILE F 63 50.99 16.07 -40.45
CA ILE F 63 51.66 16.86 -41.49
C ILE F 63 51.49 18.36 -41.20
N ARG F 64 52.52 19.16 -41.48
CA ARG F 64 52.53 20.62 -41.30
C ARG F 64 51.62 21.31 -42.33
N LYS F 65 50.75 22.21 -41.85
CA LYS F 65 49.68 22.83 -42.66
C LYS F 65 50.23 23.59 -43.85
N LEU F 66 51.18 24.51 -43.68
CA LEU F 66 51.71 25.34 -44.77
C LEU F 66 52.45 24.51 -45.83
N PRO F 67 53.39 23.61 -45.49
CA PRO F 67 53.99 22.70 -46.46
C PRO F 67 52.96 21.88 -47.25
N PHE F 68 51.92 21.36 -46.60
CA PHE F 68 50.84 20.65 -47.28
C PHE F 68 50.02 21.59 -48.19
N GLN F 69 49.66 22.77 -47.69
CA GLN F 69 48.91 23.80 -48.40
C GLN F 69 49.62 24.20 -49.69
N ARG F 70 50.93 24.49 -49.61
CA ARG F 70 51.74 24.79 -50.80
C ARG F 70 51.83 23.58 -51.73
N LEU F 71 51.95 22.36 -51.20
CA LEU F 71 52.05 21.15 -52.02
C LEU F 71 50.77 20.92 -52.84
N VAL F 72 49.58 21.09 -52.25
CA VAL F 72 48.31 21.04 -53.00
C VAL F 72 48.30 22.08 -54.11
N ARG F 73 48.67 23.33 -53.83
CA ARG F 73 48.70 24.39 -54.84
C ARG F 73 49.72 24.13 -55.95
N GLU F 74 50.89 23.61 -55.60
CA GLU F 74 51.93 23.17 -56.55
C GLU F 74 51.38 22.11 -57.50
N ILE F 75 50.79 21.04 -56.95
CA ILE F 75 50.24 19.93 -57.73
C ILE F 75 49.07 20.39 -58.61
N ALA F 76 48.36 21.45 -58.21
CA ALA F 76 47.30 22.05 -59.01
C ALA F 76 47.79 22.94 -60.17
N GLN F 77 49.02 23.48 -60.13
CA GLN F 77 49.45 24.52 -61.09
C GLN F 77 49.34 24.13 -62.57
N ASP F 78 49.67 22.89 -62.92
CA ASP F 78 49.58 22.41 -64.31
C ASP F 78 48.24 21.71 -64.64
N PHE F 79 47.30 21.67 -63.69
CA PHE F 79 45.87 21.51 -64.01
C PHE F 79 45.24 22.88 -64.31
N LYS F 80 45.46 23.88 -63.45
CA LYS F 80 45.13 25.27 -63.76
C LYS F 80 46.00 26.27 -62.99
N THR F 81 46.36 27.38 -63.63
CA THR F 81 46.91 28.57 -62.97
C THR F 81 45.83 29.31 -62.16
N ASP F 82 46.24 30.26 -61.33
CA ASP F 82 45.35 31.26 -60.68
C ASP F 82 44.14 30.70 -59.90
N LEU F 83 44.21 29.44 -59.44
CA LEU F 83 43.18 28.84 -58.60
C LEU F 83 43.06 29.55 -57.25
N ARG F 84 41.86 29.57 -56.69
CA ARG F 84 41.59 29.92 -55.30
C ARG F 84 41.16 28.66 -54.55
N PHE F 85 41.69 28.41 -53.36
CA PHE F 85 41.30 27.27 -52.51
C PHE F 85 40.63 27.74 -51.24
N GLN F 86 39.41 27.26 -51.00
CA GLN F 86 38.69 27.50 -49.75
C GLN F 86 39.43 26.87 -48.56
N SER F 87 39.53 27.58 -47.44
CA SER F 87 40.28 27.14 -46.26
C SER F 87 39.86 25.75 -45.72
N SER F 88 38.56 25.43 -45.79
CA SER F 88 38.02 24.12 -45.42
C SER F 88 38.42 22.98 -46.39
N ALA F 89 38.57 23.29 -47.69
CA ALA F 89 38.87 22.29 -48.70
C ALA F 89 40.25 21.66 -48.50
N VAL F 90 41.27 22.47 -48.19
CA VAL F 90 42.62 21.96 -47.98
C VAL F 90 42.72 21.15 -46.68
N MET F 91 41.98 21.50 -45.64
CA MET F 91 41.83 20.65 -44.44
C MET F 91 41.22 19.29 -44.78
N ALA F 92 40.17 19.26 -45.60
CA ALA F 92 39.59 18.00 -46.05
C ALA F 92 40.61 17.17 -46.84
N LEU F 93 41.33 17.80 -47.77
CA LEU F 93 42.37 17.13 -48.55
C LEU F 93 43.48 16.58 -47.62
N GLN F 94 43.90 17.33 -46.60
CA GLN F 94 44.88 16.82 -45.63
C GLN F 94 44.34 15.63 -44.84
N GLU F 95 43.11 15.68 -44.35
CA GLU F 95 42.47 14.56 -43.65
C GLU F 95 42.41 13.31 -44.54
N ALA F 96 42.02 13.47 -45.81
CA ALA F 96 42.03 12.36 -46.76
C ALA F 96 43.46 11.81 -46.99
N CYS F 97 44.45 12.68 -47.16
CA CYS F 97 45.83 12.25 -47.42
C CYS F 97 46.47 11.56 -46.22
N GLU F 98 46.33 12.10 -45.00
CA GLU F 98 46.84 11.42 -43.82
C GLU F 98 46.13 10.07 -43.60
N ALA F 99 44.82 9.99 -43.82
CA ALA F 99 44.11 8.73 -43.72
C ALA F 99 44.57 7.70 -44.77
N TYR F 100 44.74 8.13 -46.02
CA TYR F 100 45.24 7.26 -47.10
C TYR F 100 46.61 6.69 -46.75
N LEU F 101 47.53 7.52 -46.24
CA LEU F 101 48.84 7.07 -45.81
C LEU F 101 48.77 6.17 -44.57
N VAL F 102 47.95 6.46 -43.55
CA VAL F 102 47.83 5.57 -42.38
C VAL F 102 47.36 4.16 -42.80
N GLY F 103 46.36 4.05 -43.66
CA GLY F 103 45.92 2.75 -44.19
C GLY F 103 47.01 2.06 -45.02
N LEU F 104 47.71 2.81 -45.87
CA LEU F 104 48.83 2.28 -46.64
C LEU F 104 49.99 1.83 -45.74
N PHE F 105 50.25 2.52 -44.63
CA PHE F 105 51.25 2.11 -43.64
C PHE F 105 50.85 0.84 -42.88
N GLU F 106 49.58 0.65 -42.53
CA GLU F 106 49.13 -0.63 -41.98
C GLU F 106 49.37 -1.77 -42.98
N ASP F 107 48.99 -1.58 -44.25
CA ASP F 107 49.22 -2.57 -45.30
C ASP F 107 50.73 -2.81 -45.55
N THR F 108 51.55 -1.76 -45.42
CA THR F 108 53.02 -1.85 -45.47
C THR F 108 53.56 -2.68 -44.31
N ASN F 109 53.04 -2.47 -43.10
CA ASN F 109 53.42 -3.22 -41.91
C ASN F 109 53.05 -4.70 -42.07
N LEU F 110 51.86 -4.99 -42.63
CA LEU F 110 51.44 -6.35 -42.99
C LEU F 110 52.42 -7.01 -43.96
N CYS F 111 52.83 -6.32 -45.03
CA CYS F 111 53.83 -6.84 -45.96
C CYS F 111 55.15 -7.18 -45.26
N ALA F 112 55.72 -6.24 -44.49
CA ALA F 112 56.99 -6.42 -43.81
C ALA F 112 56.95 -7.59 -42.80
N ILE F 113 55.95 -7.59 -41.91
CA ILE F 113 55.80 -8.59 -40.84
C ILE F 113 55.50 -9.98 -41.43
N HIS F 114 54.78 -10.07 -42.56
CA HIS F 114 54.60 -11.35 -43.26
C HIS F 114 55.92 -11.91 -43.78
N ALA F 115 56.79 -11.05 -44.31
CA ALA F 115 58.18 -11.37 -44.66
C ALA F 115 59.13 -11.45 -43.44
N LYS F 116 58.59 -11.52 -42.21
CA LYS F 116 59.32 -11.64 -40.93
C LYS F 116 60.26 -10.47 -40.62
N ARG F 117 60.00 -9.29 -41.19
CA ARG F 117 60.73 -8.03 -40.93
C ARG F 117 59.93 -7.08 -40.04
N VAL F 118 60.58 -6.54 -39.02
CA VAL F 118 60.11 -5.34 -38.30
C VAL F 118 60.55 -4.04 -39.01
N THR F 119 61.37 -4.15 -40.04
CA THR F 119 61.90 -3.04 -40.84
C THR F 119 61.20 -2.98 -42.20
N ILE F 120 60.52 -1.88 -42.48
CA ILE F 120 59.82 -1.68 -43.76
C ILE F 120 60.78 -1.28 -44.89
N MET F 121 60.43 -1.60 -46.13
CA MET F 121 61.22 -1.30 -47.33
C MET F 121 60.32 -0.83 -48.50
N PRO F 122 60.82 -0.03 -49.46
CA PRO F 122 60.01 0.45 -50.60
C PRO F 122 59.29 -0.66 -51.37
N LYS F 123 59.87 -1.86 -51.46
CA LYS F 123 59.25 -3.06 -52.06
C LYS F 123 57.91 -3.46 -51.40
N ASP F 124 57.70 -3.14 -50.13
CA ASP F 124 56.42 -3.32 -49.43
C ASP F 124 55.33 -2.39 -49.99
N ILE F 125 55.69 -1.14 -50.31
CA ILE F 125 54.80 -0.18 -51.00
C ILE F 125 54.51 -0.65 -52.43
N GLN F 126 55.52 -1.14 -53.16
CA GLN F 126 55.28 -1.67 -54.52
C GLN F 126 54.34 -2.89 -54.50
N LEU F 127 54.48 -3.81 -53.54
CA LEU F 127 53.55 -4.92 -53.35
C LEU F 127 52.14 -4.41 -53.03
N ALA F 128 52.00 -3.54 -52.02
CA ALA F 128 50.69 -3.02 -51.62
C ALA F 128 49.97 -2.28 -52.76
N ARG F 129 50.63 -1.34 -53.45
CA ARG F 129 50.02 -0.54 -54.53
C ARG F 129 49.67 -1.36 -55.79
N ARG F 130 50.29 -2.53 -55.96
CA ARG F 130 49.84 -3.55 -56.92
C ARG F 130 48.59 -4.27 -56.43
N ILE F 131 48.65 -4.98 -55.30
CA ILE F 131 47.55 -5.86 -54.85
C ILE F 131 46.32 -5.11 -54.30
N ARG F 132 46.45 -3.82 -53.97
CA ARG F 132 45.32 -2.88 -53.76
C ARG F 132 44.39 -2.77 -54.98
N GLY F 133 44.88 -3.07 -56.18
CA GLY F 133 44.18 -2.81 -57.44
C GLY F 133 44.23 -1.35 -57.91
N GLU F 134 45.03 -0.49 -57.27
CA GLU F 134 45.20 0.91 -57.64
C GLU F 134 46.11 1.09 -58.86
N ARG F 135 47.34 0.56 -58.81
CA ARG F 135 48.31 0.58 -59.92
C ARG F 135 49.39 -0.49 -59.75
N ARG G 23 57.52 25.32 -56.85
CA ARG G 23 58.94 25.09 -57.21
C ARG G 23 59.41 23.65 -56.90
N ASP G 24 59.53 23.30 -55.62
CA ASP G 24 60.28 22.11 -55.14
C ASP G 24 59.64 21.52 -53.87
N ASN G 25 58.31 21.63 -53.80
CA ASN G 25 57.55 21.57 -52.55
C ASN G 25 57.32 20.15 -52.01
N ILE G 26 57.53 19.12 -52.82
CA ILE G 26 57.37 17.70 -52.43
C ILE G 26 58.29 17.33 -51.24
N GLN G 27 59.48 17.94 -51.17
CA GLN G 27 60.42 17.78 -50.06
C GLN G 27 59.90 18.41 -48.74
N GLY G 28 58.87 19.25 -48.79
CA GLY G 28 58.23 19.87 -47.63
C GLY G 28 57.46 18.89 -46.72
N ILE G 29 57.22 17.66 -47.19
CA ILE G 29 56.78 16.54 -46.33
C ILE G 29 57.98 16.05 -45.51
N THR G 30 58.16 16.64 -44.32
CA THR G 30 59.39 16.54 -43.50
C THR G 30 59.67 15.13 -43.00
N LYS G 31 60.94 14.82 -42.72
CA LYS G 31 61.36 13.48 -42.28
C LYS G 31 60.70 13.08 -40.95
N PRO G 32 60.63 13.94 -39.91
CA PRO G 32 59.80 13.67 -38.74
C PRO G 32 58.31 13.50 -39.07
N ALA G 33 57.72 14.27 -39.99
CA ALA G 33 56.31 14.07 -40.33
C ALA G 33 56.06 12.68 -40.92
N ILE G 34 56.94 12.17 -41.79
CA ILE G 34 56.86 10.80 -42.27
C ILE G 34 57.01 9.83 -41.10
N ARG G 35 57.99 10.04 -40.20
CA ARG G 35 58.18 9.22 -38.99
C ARG G 35 56.88 9.11 -38.20
N ARG G 36 56.25 10.24 -37.88
CA ARG G 36 55.00 10.28 -37.11
C ARG G 36 53.84 9.60 -37.82
N LEU G 37 53.62 9.91 -39.10
CA LEU G 37 52.51 9.37 -39.87
C LEU G 37 52.62 7.85 -40.03
N ALA G 38 53.84 7.35 -40.26
CA ALA G 38 54.14 5.93 -40.27
C ALA G 38 53.99 5.29 -38.89
N ARG G 39 54.30 6.01 -37.80
CA ARG G 39 54.15 5.53 -36.41
C ARG G 39 52.70 5.53 -35.95
N ARG G 40 51.82 6.43 -36.41
CA ARG G 40 50.36 6.25 -36.28
C ARG G 40 49.89 4.98 -37.01
N GLY G 41 50.43 4.75 -38.21
CA GLY G 41 50.32 3.47 -38.93
C GLY G 41 51.03 2.26 -38.29
N GLY G 42 51.72 2.44 -37.15
CA GLY G 42 52.24 1.34 -36.32
C GLY G 42 53.52 0.64 -36.78
N VAL G 43 54.29 1.19 -37.73
CA VAL G 43 55.52 0.53 -38.21
C VAL G 43 56.70 0.72 -37.23
N LYS G 44 57.54 -0.32 -37.00
CA LYS G 44 58.63 -0.21 -36.01
C LYS G 44 59.93 0.41 -36.55
N ARG G 45 60.52 -0.06 -37.66
CA ARG G 45 61.77 0.54 -38.20
C ARG G 45 61.59 1.08 -39.62
N ILE G 46 61.87 2.37 -39.82
CA ILE G 46 61.86 3.05 -41.13
C ILE G 46 63.25 2.96 -41.79
N SER G 47 63.45 2.10 -42.80
CA SER G 47 64.65 2.25 -43.63
C SER G 47 64.64 3.58 -44.36
N GLY G 48 65.76 4.30 -44.41
CA GLY G 48 65.84 5.66 -45.01
C GLY G 48 65.53 5.72 -46.51
N LEU G 49 65.40 4.56 -47.17
CA LEU G 49 64.93 4.41 -48.54
C LEU G 49 63.46 4.80 -48.73
N ILE G 50 62.65 4.77 -47.66
CA ILE G 50 61.19 4.92 -47.69
C ILE G 50 60.70 6.31 -48.15
N TYR G 51 61.44 7.37 -47.84
CA TYR G 51 60.90 8.73 -47.86
C TYR G 51 60.42 9.20 -49.25
N GLU G 52 61.26 9.12 -50.27
CA GLU G 52 60.94 9.69 -51.60
C GLU G 52 59.81 8.96 -52.32
N GLU G 53 59.75 7.63 -52.21
CA GLU G 53 58.61 6.87 -52.76
C GLU G 53 57.31 7.21 -52.01
N THR G 54 57.36 7.34 -50.69
CA THR G 54 56.20 7.75 -49.89
C THR G 54 55.72 9.15 -50.28
N ARG G 55 56.64 10.10 -50.48
CA ARG G 55 56.36 11.45 -50.98
C ARG G 55 55.74 11.43 -52.38
N GLY G 56 56.30 10.64 -53.30
CA GLY G 56 55.77 10.50 -54.66
C GLY G 56 54.37 9.86 -54.69
N VAL G 57 54.15 8.81 -53.91
CA VAL G 57 52.84 8.15 -53.76
C VAL G 57 51.78 9.12 -53.25
N LEU G 58 52.10 9.84 -52.16
CA LEU G 58 51.23 10.87 -51.62
C LEU G 58 50.92 11.90 -52.71
N LYS G 59 51.94 12.45 -53.39
CA LYS G 59 51.76 13.42 -54.46
C LYS G 59 50.82 12.92 -55.56
N VAL G 60 50.89 11.65 -55.93
CA VAL G 60 50.01 11.07 -56.96
C VAL G 60 48.57 10.93 -56.46
N PHE G 61 48.36 10.58 -55.20
CA PHE G 61 47.02 10.57 -54.62
C PHE G 61 46.43 11.99 -54.55
N LEU G 62 47.22 12.97 -54.10
CA LEU G 62 46.85 14.39 -54.18
C LEU G 62 46.51 14.76 -55.62
N GLU G 63 47.38 14.44 -56.59
CA GLU G 63 47.18 14.75 -58.00
C GLU G 63 45.82 14.28 -58.52
N ASN G 64 45.46 13.02 -58.24
CA ASN G 64 44.16 12.50 -58.65
C ASN G 64 43.00 13.27 -58.00
N VAL G 65 43.03 13.44 -56.68
CA VAL G 65 41.96 14.16 -55.95
C VAL G 65 41.83 15.60 -56.43
N ILE G 66 42.95 16.29 -56.61
CA ILE G 66 43.00 17.67 -57.07
C ILE G 66 42.46 17.76 -58.48
N ARG G 67 42.92 16.91 -59.41
CA ARG G 67 42.44 16.92 -60.80
C ARG G 67 40.93 16.77 -60.86
N ASP G 68 40.39 15.80 -60.13
CA ASP G 68 38.94 15.61 -60.04
C ASP G 68 38.26 16.86 -59.48
N ALA G 69 38.73 17.40 -58.35
CA ALA G 69 38.17 18.61 -57.75
C ALA G 69 38.21 19.81 -58.72
N VAL G 70 39.31 19.95 -59.48
CA VAL G 70 39.45 20.97 -60.52
C VAL G 70 38.44 20.76 -61.64
N THR G 71 38.17 19.52 -62.09
CA THR G 71 37.13 19.29 -63.10
C THR G 71 35.73 19.63 -62.61
N TYR G 72 35.38 19.32 -61.36
CA TYR G 72 34.12 19.79 -60.78
C TYR G 72 34.06 21.33 -60.77
N THR G 73 35.15 21.98 -60.36
CA THR G 73 35.25 23.43 -60.25
C THR G 73 35.14 24.13 -61.62
N GLU G 74 35.83 23.61 -62.64
CA GLU G 74 35.75 24.09 -64.02
C GLU G 74 34.34 23.92 -64.60
N HIS G 75 33.68 22.78 -64.34
CA HIS G 75 32.30 22.60 -64.78
C HIS G 75 31.34 23.59 -64.12
N ALA G 76 31.49 23.79 -62.81
CA ALA G 76 30.69 24.73 -62.02
C ALA G 76 30.90 26.22 -62.36
N LYS G 77 31.68 26.54 -63.41
CA LYS G 77 31.94 27.90 -63.91
C LYS G 77 32.63 28.80 -62.87
N ARG G 78 33.39 28.19 -61.97
CA ARG G 78 33.81 28.74 -60.67
C ARG G 78 35.34 28.71 -60.53
N LYS G 79 35.94 29.72 -59.87
CA LYS G 79 37.40 29.79 -59.64
C LYS G 79 37.82 29.10 -58.34
N THR G 80 37.04 29.29 -57.26
CA THR G 80 37.35 28.73 -55.95
C THR G 80 37.02 27.24 -55.84
N VAL G 81 38.02 26.42 -55.52
CA VAL G 81 37.85 25.02 -55.07
C VAL G 81 37.24 25.02 -53.67
N THR G 82 36.06 24.43 -53.50
CA THR G 82 35.33 24.35 -52.24
C THR G 82 35.56 23.02 -51.52
N ALA G 83 35.15 22.93 -50.26
CA ALA G 83 35.12 21.66 -49.54
C ALA G 83 34.21 20.62 -50.22
N MET G 84 33.11 21.06 -50.85
CA MET G 84 32.25 20.15 -51.60
C MET G 84 32.99 19.51 -52.78
N ASP G 85 33.85 20.26 -53.50
CA ASP G 85 34.54 19.69 -54.66
C ASP G 85 35.53 18.59 -54.27
N VAL G 86 36.28 18.77 -53.18
CA VAL G 86 37.14 17.70 -52.64
C VAL G 86 36.31 16.54 -52.07
N VAL G 87 35.19 16.79 -51.39
CA VAL G 87 34.29 15.72 -50.94
C VAL G 87 33.71 14.93 -52.11
N TYR G 88 33.28 15.58 -53.20
CA TYR G 88 32.80 14.89 -54.40
C TYR G 88 33.93 14.14 -55.12
N ALA G 89 35.16 14.67 -55.20
CA ALA G 89 36.31 13.91 -55.69
C ALA G 89 36.55 12.65 -54.84
N LEU G 90 36.44 12.74 -53.52
CA LEU G 90 36.57 11.59 -52.63
C LEU G 90 35.41 10.59 -52.78
N LYS G 91 34.18 11.02 -53.13
CA LYS G 91 33.11 10.08 -53.55
C LYS G 91 33.36 9.46 -54.93
N ARG G 92 33.82 10.23 -55.91
CA ARG G 92 34.22 9.74 -57.25
C ARG G 92 35.32 8.68 -57.16
N GLN G 93 36.28 8.83 -56.25
CA GLN G 93 37.33 7.84 -55.98
C GLN G 93 36.93 6.75 -54.98
N GLY G 94 35.73 6.80 -54.39
CA GLY G 94 35.26 5.83 -53.41
C GLY G 94 36.08 5.80 -52.13
N ARG G 95 36.68 6.94 -51.73
CA ARG G 95 37.56 7.09 -50.56
C ARG G 95 37.04 8.23 -49.67
N THR G 96 35.75 8.14 -49.33
CA THR G 96 34.94 9.22 -48.77
C THR G 96 35.42 9.76 -47.41
N LEU G 97 34.97 10.96 -47.06
CA LEU G 97 35.37 11.68 -45.85
C LEU G 97 34.17 12.45 -45.27
N TYR G 98 33.68 11.99 -44.12
CA TYR G 98 32.58 12.61 -43.39
C TYR G 98 33.07 13.80 -42.55
N GLY G 99 32.18 14.74 -42.26
CA GLY G 99 32.42 15.86 -41.33
C GLY G 99 32.75 17.20 -41.98
N PHE G 100 33.13 17.21 -43.26
CA PHE G 100 33.37 18.44 -44.05
C PHE G 100 32.11 18.95 -44.80
N GLY G 101 30.94 18.38 -44.51
CA GLY G 101 29.67 18.69 -45.17
C GLY G 101 29.36 17.71 -46.31
N GLY G 102 28.08 17.31 -46.42
CA GLY G 102 27.65 16.20 -47.27
C GLY G 102 28.01 14.81 -46.70
N LYS H 13 11.84 17.08 -95.59
CA LYS H 13 12.04 15.68 -95.13
C LYS H 13 12.92 15.66 -93.87
N ALA H 14 12.81 14.60 -93.07
CA ALA H 14 13.61 14.42 -91.85
C ALA H 14 15.10 14.13 -92.12
N LYS H 15 15.94 14.29 -91.10
CA LYS H 15 17.36 13.84 -91.07
C LYS H 15 17.63 13.06 -89.78
N THR H 16 18.32 11.92 -89.84
CA THR H 16 18.66 11.21 -88.59
C THR H 16 19.61 12.06 -87.72
N ARG H 17 19.42 12.09 -86.41
CA ARG H 17 20.34 12.78 -85.48
C ARG H 17 21.75 12.17 -85.54
N SER H 18 21.84 10.86 -85.74
CA SER H 18 23.10 10.12 -85.88
C SER H 18 23.94 10.66 -87.04
N SER H 19 23.39 10.69 -88.26
CA SER H 19 24.10 11.23 -89.44
C SER H 19 24.30 12.74 -89.37
N ARG H 20 23.38 13.49 -88.76
CA ARG H 20 23.50 14.95 -88.53
C ARG H 20 24.70 15.31 -87.65
N ALA H 21 24.99 14.48 -86.63
CA ALA H 21 26.20 14.55 -85.82
C ALA H 21 27.41 13.80 -86.42
N GLY H 22 27.21 12.92 -87.40
CA GLY H 22 28.26 12.16 -88.09
C GLY H 22 28.59 10.79 -87.48
N LEU H 23 27.83 10.30 -86.50
CA LEU H 23 28.04 9.00 -85.86
C LEU H 23 27.37 7.83 -86.61
N GLN H 24 27.83 6.62 -86.31
CA GLN H 24 27.08 5.37 -86.49
C GLN H 24 26.12 5.11 -85.31
N PHE H 25 26.52 5.45 -84.08
CA PHE H 25 25.75 5.22 -82.84
C PHE H 25 24.44 6.03 -82.75
N PRO H 26 23.41 5.50 -82.07
CA PRO H 26 22.04 6.00 -82.14
C PRO H 26 21.76 7.17 -81.19
N VAL H 27 21.89 8.40 -81.68
CA VAL H 27 21.68 9.60 -80.85
C VAL H 27 20.28 9.65 -80.24
N GLY H 28 19.22 9.39 -81.01
CA GLY H 28 17.85 9.41 -80.48
C GLY H 28 17.60 8.34 -79.41
N ARG H 29 18.20 7.15 -79.55
CA ARG H 29 18.10 6.10 -78.53
C ARG H 29 18.81 6.51 -77.25
N VAL H 30 19.99 7.10 -77.33
CA VAL H 30 20.68 7.66 -76.17
C VAL H 30 19.81 8.77 -75.53
N HIS H 31 19.18 9.63 -76.35
CA HIS H 31 18.26 10.66 -75.86
C HIS H 31 17.08 10.03 -75.09
N ARG H 32 16.40 9.04 -75.67
CA ARG H 32 15.32 8.31 -74.99
C ARG H 32 15.81 7.61 -73.73
N LEU H 33 16.98 6.98 -73.75
CA LEU H 33 17.55 6.34 -72.57
C LEU H 33 17.87 7.34 -71.46
N LEU H 34 18.34 8.55 -71.78
CA LEU H 34 18.47 9.63 -70.79
C LEU H 34 17.08 10.08 -70.29
N ARG H 35 16.15 10.33 -71.21
CA ARG H 35 14.80 10.86 -70.95
C ARG H 35 13.95 9.93 -70.08
N LYS H 36 14.00 8.62 -70.33
CA LYS H 36 13.30 7.57 -69.56
C LYS H 36 14.11 7.04 -68.39
N GLY H 37 15.43 7.25 -68.36
CA GLY H 37 16.34 6.77 -67.31
C GLY H 37 16.30 7.57 -65.99
N ASN H 38 15.44 8.59 -65.89
CA ASN H 38 15.31 9.50 -64.75
C ASN H 38 16.60 10.27 -64.38
N TYR H 39 17.60 10.34 -65.25
CA TYR H 39 18.82 11.12 -64.97
C TYR H 39 18.53 12.63 -64.85
N SER H 40 17.45 13.12 -65.46
CA SER H 40 16.83 14.42 -65.19
C SER H 40 15.40 14.49 -65.74
N GLU H 41 14.60 15.46 -65.27
CA GLU H 41 13.38 15.92 -65.95
C GLU H 41 13.65 16.69 -67.27
N ARG H 42 14.86 17.20 -67.52
CA ARG H 42 15.23 17.95 -68.74
C ARG H 42 16.57 17.49 -69.34
N VAL H 43 16.58 17.11 -70.61
CA VAL H 43 17.77 16.61 -71.33
C VAL H 43 18.10 17.48 -72.56
N GLY H 44 19.31 18.02 -72.61
CA GLY H 44 19.82 18.82 -73.73
C GLY H 44 20.12 17.98 -74.97
N ALA H 45 19.77 18.45 -76.17
CA ALA H 45 19.93 17.65 -77.38
C ALA H 45 21.40 17.32 -77.72
N GLY H 46 22.35 18.15 -77.28
CA GLY H 46 23.78 17.87 -77.45
C GLY H 46 24.33 16.77 -76.52
N ALA H 47 23.69 16.51 -75.38
CA ALA H 47 24.12 15.48 -74.44
C ALA H 47 24.18 14.06 -75.07
N PRO H 48 23.10 13.55 -75.69
CA PRO H 48 23.15 12.24 -76.32
C PRO H 48 24.04 12.22 -77.56
N VAL H 49 24.23 13.35 -78.26
CA VAL H 49 25.20 13.44 -79.36
C VAL H 49 26.61 13.17 -78.85
N TYR H 50 27.00 13.89 -77.79
CA TYR H 50 28.31 13.74 -77.17
C TYR H 50 28.48 12.32 -76.61
N LEU H 51 27.48 11.82 -75.89
CA LEU H 51 27.52 10.51 -75.27
C LEU H 51 27.58 9.38 -76.31
N ALA H 52 26.79 9.45 -77.38
CA ALA H 52 26.86 8.50 -78.49
C ALA H 52 28.24 8.53 -79.15
N ALA H 53 28.81 9.72 -79.36
CA ALA H 53 30.15 9.86 -79.93
C ALA H 53 31.23 9.25 -79.03
N VAL H 54 31.12 9.39 -77.71
CA VAL H 54 32.08 8.79 -76.77
C VAL H 54 31.94 7.27 -76.70
N LEU H 55 30.71 6.75 -76.67
CA LEU H 55 30.46 5.31 -76.78
C LEU H 55 31.02 4.76 -78.10
N GLU H 56 30.80 5.47 -79.20
CA GLU H 56 31.35 5.09 -80.50
C GLU H 56 32.88 5.15 -80.50
N TYR H 57 33.49 6.20 -79.96
CA TYR H 57 34.95 6.30 -79.87
C TYR H 57 35.54 5.13 -79.09
N LEU H 58 34.97 4.82 -77.92
CA LEU H 58 35.40 3.69 -77.10
C LEU H 58 35.23 2.36 -77.84
N THR H 59 34.10 2.17 -78.51
CA THR H 59 33.79 0.97 -79.30
C THR H 59 34.72 0.81 -80.49
N ALA H 60 34.94 1.88 -81.27
CA ALA H 60 35.84 1.83 -82.41
C ALA H 60 37.28 1.54 -81.98
N GLU H 61 37.76 2.22 -80.94
CA GLU H 61 39.14 2.06 -80.49
C GLU H 61 39.42 0.67 -79.90
N ILE H 62 38.51 0.11 -79.08
CA ILE H 62 38.69 -1.26 -78.57
C ILE H 62 38.61 -2.30 -79.70
N LEU H 63 37.68 -2.15 -80.65
CA LEU H 63 37.56 -3.08 -81.78
C LEU H 63 38.76 -2.99 -82.73
N GLU H 64 39.34 -1.81 -82.95
CA GLU H 64 40.55 -1.66 -83.76
C GLU H 64 41.75 -2.40 -83.15
N LEU H 65 41.92 -2.35 -81.82
CA LEU H 65 42.88 -3.19 -81.12
C LEU H 65 42.51 -4.68 -81.24
N ALA H 66 41.25 -5.05 -81.00
CA ALA H 66 40.83 -6.45 -80.99
C ALA H 66 40.99 -7.14 -82.35
N GLY H 67 40.60 -6.49 -83.45
CA GLY H 67 40.79 -7.04 -84.79
C GLY H 67 42.27 -7.18 -85.17
N ASN H 68 43.12 -6.23 -84.74
CA ASN H 68 44.57 -6.38 -84.88
C ASN H 68 45.11 -7.54 -84.02
N ALA H 69 44.65 -7.70 -82.78
CA ALA H 69 45.05 -8.83 -81.94
C ALA H 69 44.65 -10.18 -82.57
N ALA H 70 43.45 -10.27 -83.13
CA ALA H 70 42.98 -11.46 -83.86
C ALA H 70 43.87 -11.78 -85.08
N ARG H 71 44.10 -10.78 -85.94
CA ARG H 71 44.92 -10.88 -87.15
C ARG H 71 46.39 -11.23 -86.82
N ASP H 72 46.96 -10.64 -85.77
CA ASP H 72 48.31 -10.97 -85.29
C ASP H 72 48.38 -12.40 -84.75
N ASN H 73 47.44 -12.79 -83.90
CA ASN H 73 47.35 -14.15 -83.35
C ASN H 73 46.71 -15.16 -84.32
N LYS H 74 47.06 -15.07 -85.62
CA LYS H 74 46.75 -16.01 -86.72
C LYS H 74 45.27 -16.42 -86.88
N LYS H 75 44.33 -15.55 -86.53
CA LYS H 75 42.86 -15.72 -86.65
C LYS H 75 42.22 -14.53 -87.39
N THR H 76 40.89 -14.48 -87.49
CA THR H 76 40.15 -13.33 -88.04
C THR H 76 38.82 -13.05 -87.34
N ARG H 77 38.12 -14.08 -86.87
CA ARG H 77 36.85 -13.94 -86.12
C ARG H 77 37.12 -13.36 -84.74
N ILE H 78 36.57 -12.18 -84.43
CA ILE H 78 36.73 -11.56 -83.09
C ILE H 78 35.95 -12.36 -82.04
N ILE H 79 36.63 -12.76 -80.98
CA ILE H 79 36.09 -13.52 -79.82
C ILE H 79 36.62 -12.91 -78.51
N PRO H 80 36.03 -13.22 -77.34
CA PRO H 80 36.32 -12.53 -76.08
C PRO H 80 37.81 -12.42 -75.69
N ARG H 81 38.64 -13.39 -76.09
CA ARG H 81 40.10 -13.32 -75.90
C ARG H 81 40.72 -12.09 -76.57
N HIS H 82 40.28 -11.75 -77.79
CA HIS H 82 40.78 -10.60 -78.52
C HIS H 82 40.36 -9.29 -77.83
N LEU H 83 39.18 -9.26 -77.23
CA LEU H 83 38.75 -8.14 -76.40
C LEU H 83 39.61 -8.02 -75.13
N GLN H 84 39.91 -9.11 -74.43
CA GLN H 84 40.84 -9.07 -73.29
C GLN H 84 42.24 -8.60 -73.72
N LEU H 85 42.74 -9.03 -74.88
CA LEU H 85 44.01 -8.54 -75.42
C LEU H 85 43.96 -7.04 -75.77
N ALA H 86 42.84 -6.54 -76.30
CA ALA H 86 42.66 -5.10 -76.51
C ALA H 86 42.65 -4.31 -75.20
N ILE H 87 41.96 -4.81 -74.17
CA ILE H 87 41.81 -4.09 -72.89
C ILE H 87 43.14 -4.02 -72.13
N ARG H 88 43.91 -5.12 -72.08
CA ARG H 88 45.05 -5.24 -71.15
C ARG H 88 46.41 -4.84 -71.74
N ASN H 89 46.54 -4.70 -73.06
CA ASN H 89 47.74 -4.12 -73.68
C ASN H 89 47.80 -2.58 -73.58
N ASP H 90 46.68 -1.88 -73.39
CA ASP H 90 46.62 -0.41 -73.31
C ASP H 90 46.22 0.08 -71.92
N GLU H 91 47.07 0.87 -71.27
CA GLU H 91 46.91 1.24 -69.86
C GLU H 91 45.65 2.08 -69.57
N GLU H 92 45.13 2.80 -70.55
CA GLU H 92 43.94 3.64 -70.36
C GLU H 92 42.64 2.85 -70.55
N LEU H 93 42.61 1.80 -71.38
CA LEU H 93 41.55 0.78 -71.29
C LEU H 93 41.67 0.03 -69.95
N ASN H 94 42.88 -0.39 -69.59
CA ASN H 94 43.11 -1.19 -68.38
C ASN H 94 42.67 -0.47 -67.10
N LYS H 95 42.87 0.86 -67.00
CA LYS H 95 42.36 1.65 -65.87
C LYS H 95 40.85 1.93 -65.95
N LEU H 96 40.30 2.14 -67.14
CA LEU H 96 38.85 2.37 -67.33
C LEU H 96 37.99 1.15 -66.96
N LEU H 97 38.42 -0.04 -67.38
CA LEU H 97 37.73 -1.29 -67.07
C LEU H 97 38.18 -1.88 -65.71
N GLY H 98 39.48 -2.01 -65.49
CA GLY H 98 40.04 -2.43 -64.21
C GLY H 98 39.51 -3.78 -63.74
N ARG H 99 38.80 -3.76 -62.61
CA ARG H 99 38.23 -4.90 -61.89
C ARG H 99 36.99 -5.55 -62.53
N VAL H 100 36.41 -4.98 -63.60
CA VAL H 100 35.40 -5.70 -64.40
C VAL H 100 36.01 -6.87 -65.17
N THR H 101 35.18 -7.84 -65.55
CA THR H 101 35.60 -9.17 -66.06
C THR H 101 34.96 -9.48 -67.41
N ILE H 102 35.65 -10.29 -68.22
CA ILE H 102 35.26 -10.64 -69.59
C ILE H 102 34.92 -12.13 -69.68
N ALA H 103 33.70 -12.47 -70.09
CA ALA H 103 33.28 -13.87 -70.22
C ALA H 103 34.18 -14.62 -71.21
N GLN H 104 34.84 -15.69 -70.75
CA GLN H 104 35.82 -16.50 -71.48
C GLN H 104 36.93 -15.72 -72.22
N GLY H 105 37.29 -14.51 -71.74
CA GLY H 105 38.45 -13.75 -72.24
C GLY H 105 39.79 -14.21 -71.62
N GLY H 106 39.74 -14.90 -70.48
CA GLY H 106 40.91 -15.39 -69.75
C GLY H 106 41.71 -14.27 -69.07
N VAL H 107 43.03 -14.45 -68.95
CA VAL H 107 43.99 -13.43 -68.46
C VAL H 107 45.12 -13.23 -69.46
N LEU H 108 45.64 -12.00 -69.60
CA LEU H 108 46.71 -11.68 -70.55
C LEU H 108 48.00 -12.47 -70.23
N PRO H 109 48.73 -13.04 -71.21
CA PRO H 109 49.91 -13.87 -70.96
C PRO H 109 50.92 -13.24 -70.00
N ASN H 110 51.27 -13.97 -68.95
CA ASN H 110 52.17 -13.53 -67.89
C ASN H 110 52.75 -14.72 -67.10
N ILE H 111 53.74 -15.40 -67.66
CA ILE H 111 54.62 -16.28 -66.89
C ILE H 111 55.60 -15.38 -66.12
N GLN H 112 55.44 -15.29 -64.80
CA GLN H 112 56.04 -14.23 -64.00
C GLN H 112 57.58 -14.25 -63.99
N ALA H 113 58.21 -13.08 -64.03
CA ALA H 113 59.65 -12.91 -63.83
C ALA H 113 60.12 -13.49 -62.49
N VAL H 114 61.43 -13.78 -62.38
CA VAL H 114 62.08 -14.59 -61.31
C VAL H 114 61.65 -16.05 -61.32
N LEU H 115 60.34 -16.35 -61.44
CA LEU H 115 59.84 -17.72 -61.59
C LEU H 115 60.18 -18.32 -62.97
N LEU H 116 60.26 -17.47 -63.99
CA LEU H 116 60.88 -17.78 -65.28
C LEU H 116 62.37 -18.17 -65.03
N PRO H 117 62.80 -19.42 -65.31
CA PRO H 117 64.03 -19.99 -64.77
C PRO H 117 65.32 -19.42 -65.39
N LYS H 118 66.39 -19.43 -64.59
CA LYS H 118 67.75 -18.99 -64.96
C LYS H 118 68.60 -20.10 -65.59
N SER I 32 10.46 -9.58 -75.89
CA SER I 32 9.74 -8.76 -76.89
C SER I 32 10.66 -8.32 -78.03
N ARG I 33 11.53 -7.30 -77.84
CA ARG I 33 12.26 -6.62 -78.94
C ARG I 33 13.73 -6.25 -78.66
N LYS I 34 14.36 -6.87 -77.64
CA LYS I 34 15.81 -6.76 -77.27
C LYS I 34 16.43 -5.39 -77.55
N GLU I 35 15.94 -4.36 -76.87
CA GLU I 35 16.37 -2.97 -77.02
C GLU I 35 17.86 -2.83 -76.66
N SER I 36 18.72 -2.63 -77.66
CA SER I 36 20.18 -2.88 -77.58
C SER I 36 20.97 -2.07 -78.64
N TYR I 37 22.27 -2.39 -78.81
CA TYR I 37 23.22 -1.65 -79.66
C TYR I 37 23.85 -2.47 -80.81
N SER I 38 23.50 -3.75 -80.98
CA SER I 38 24.27 -4.69 -81.82
C SER I 38 24.49 -4.22 -83.27
N ILE I 39 23.48 -3.69 -83.96
CA ILE I 39 23.67 -3.27 -85.36
C ILE I 39 24.60 -2.06 -85.49
N TYR I 40 24.60 -1.13 -84.51
CA TYR I 40 25.52 0.00 -84.53
C TYR I 40 26.94 -0.44 -84.21
N VAL I 41 27.12 -1.35 -83.25
CA VAL I 41 28.42 -1.98 -82.95
C VAL I 41 28.98 -2.69 -84.18
N TYR I 42 28.15 -3.47 -84.89
CA TYR I 42 28.55 -4.15 -86.11
C TYR I 42 28.90 -3.17 -87.24
N LYS I 43 28.11 -2.09 -87.40
CA LYS I 43 28.38 -1.01 -88.36
C LYS I 43 29.68 -0.27 -88.04
N VAL I 44 30.02 -0.06 -86.77
CA VAL I 44 31.34 0.43 -86.35
C VAL I 44 32.44 -0.57 -86.70
N LEU I 45 32.28 -1.87 -86.42
CA LEU I 45 33.30 -2.85 -86.81
C LEU I 45 33.55 -2.81 -88.32
N LYS I 46 32.50 -2.75 -89.14
CA LYS I 46 32.63 -2.61 -90.59
C LYS I 46 33.20 -1.27 -91.06
N GLN I 47 33.14 -0.22 -90.24
CA GLN I 47 33.85 1.04 -90.50
C GLN I 47 35.34 0.96 -90.11
N VAL I 48 35.66 0.22 -89.04
CA VAL I 48 37.02 0.02 -88.52
C VAL I 48 37.84 -0.95 -89.37
N HIS I 49 37.34 -2.18 -89.58
CA HIS I 49 37.97 -3.28 -90.32
C HIS I 49 36.92 -3.97 -91.21
N PRO I 50 36.64 -3.46 -92.42
CA PRO I 50 35.59 -3.98 -93.31
C PRO I 50 35.64 -5.50 -93.60
N ASP I 51 36.84 -6.08 -93.60
CA ASP I 51 37.10 -7.51 -93.83
C ASP I 51 36.71 -8.42 -92.63
N THR I 52 36.59 -7.85 -91.43
CA THR I 52 36.52 -8.58 -90.16
C THR I 52 35.07 -8.87 -89.72
N GLY I 53 34.88 -9.93 -88.91
CA GLY I 53 33.60 -10.32 -88.32
C GLY I 53 33.76 -10.77 -86.85
N ILE I 54 32.65 -10.94 -86.13
CA ILE I 54 32.64 -10.94 -84.65
C ILE I 54 31.59 -11.90 -84.06
N SER I 55 32.01 -12.71 -83.09
CA SER I 55 31.14 -13.68 -82.40
C SER I 55 30.00 -13.02 -81.63
N SER I 56 28.87 -13.70 -81.53
CA SER I 56 27.73 -13.27 -80.70
C SER I 56 28.12 -13.06 -79.21
N LYS I 57 29.12 -13.79 -78.69
CA LYS I 57 29.65 -13.59 -77.33
C LYS I 57 30.41 -12.27 -77.20
N ALA I 58 31.24 -11.94 -78.18
CA ALA I 58 31.94 -10.66 -78.23
C ALA I 58 30.96 -9.48 -78.40
N MET I 59 29.91 -9.64 -79.21
CA MET I 59 28.82 -8.65 -79.29
C MET I 59 28.04 -8.50 -77.97
N GLY I 60 27.84 -9.60 -77.22
CA GLY I 60 27.27 -9.54 -75.87
C GLY I 60 28.13 -8.72 -74.91
N ILE I 61 29.46 -8.90 -74.96
CA ILE I 61 30.39 -8.04 -74.23
C ILE I 61 30.22 -6.59 -74.67
N MET I 62 30.24 -6.29 -75.97
CA MET I 62 30.09 -4.92 -76.47
C MET I 62 28.79 -4.25 -76.00
N ASN I 63 27.66 -4.93 -76.09
CA ASN I 63 26.38 -4.40 -75.58
C ASN I 63 26.46 -4.10 -74.08
N SER I 64 26.94 -5.07 -73.28
CA SER I 64 27.01 -4.91 -71.83
C SER I 64 27.99 -3.81 -71.42
N PHE I 65 29.14 -3.72 -72.08
CA PHE I 65 30.12 -2.64 -71.89
C PHE I 65 29.51 -1.27 -72.24
N VAL I 66 28.87 -1.14 -73.41
CA VAL I 66 28.21 0.10 -73.83
C VAL I 66 27.15 0.54 -72.82
N ASN I 67 26.28 -0.37 -72.38
CA ASN I 67 25.25 -0.05 -71.40
C ASN I 67 25.83 0.28 -70.02
N ASP I 68 26.92 -0.39 -69.60
CA ASP I 68 27.61 -0.09 -68.35
C ASP I 68 28.25 1.31 -68.39
N ILE I 69 28.96 1.66 -69.46
CA ILE I 69 29.55 3.00 -69.64
C ILE I 69 28.46 4.07 -69.76
N PHE I 70 27.34 3.79 -70.43
CA PHE I 70 26.18 4.68 -70.46
C PHE I 70 25.66 4.98 -69.05
N GLU I 71 25.38 3.97 -68.24
CA GLU I 71 24.91 4.18 -66.85
C GLU I 71 25.97 4.92 -66.02
N ARG I 72 27.25 4.59 -66.21
CA ARG I 72 28.36 5.23 -65.51
C ARG I 72 28.41 6.74 -65.79
N ILE I 73 28.40 7.13 -67.06
CA ILE I 73 28.43 8.54 -67.48
C ILE I 73 27.13 9.25 -67.09
N ALA I 74 25.97 8.69 -67.41
CA ALA I 74 24.69 9.33 -67.14
C ALA I 74 24.46 9.51 -65.63
N GLY I 75 24.89 8.52 -64.82
CA GLY I 75 24.88 8.61 -63.36
C GLY I 75 25.74 9.78 -62.89
N GLU I 76 27.01 9.85 -63.29
CA GLU I 76 27.88 10.95 -62.88
C GLU I 76 27.37 12.32 -63.38
N ALA I 77 26.80 12.40 -64.59
CA ALA I 77 26.18 13.61 -65.09
C ALA I 77 24.98 14.04 -64.24
N SER I 78 24.12 13.10 -63.81
CA SER I 78 22.99 13.44 -62.95
C SER I 78 23.42 13.89 -61.56
N ARG I 79 24.47 13.28 -60.99
CA ARG I 79 25.10 13.75 -59.74
C ARG I 79 25.61 15.17 -59.91
N LEU I 80 26.38 15.42 -60.95
CA LEU I 80 26.92 16.73 -61.29
C LEU I 80 25.81 17.78 -61.46
N ALA I 81 24.71 17.42 -62.11
CA ALA I 81 23.54 18.30 -62.22
C ALA I 81 22.95 18.63 -60.85
N HIS I 82 22.77 17.64 -59.96
CA HIS I 82 22.35 17.90 -58.58
C HIS I 82 23.35 18.76 -57.81
N TYR I 83 24.66 18.53 -57.95
CA TYR I 83 25.69 19.34 -57.29
C TYR I 83 25.61 20.81 -57.75
N ASN I 84 25.31 21.06 -59.02
CA ASN I 84 25.09 22.39 -59.57
C ASN I 84 23.67 22.95 -59.33
N LYS I 85 22.75 22.15 -58.77
CA LYS I 85 21.30 22.45 -58.67
C LYS I 85 20.66 22.74 -60.04
N ARG I 86 21.19 22.15 -61.12
CA ARG I 86 20.61 22.18 -62.48
C ARG I 86 19.58 21.08 -62.67
N SER I 87 18.63 21.32 -63.58
CA SER I 87 17.84 20.26 -64.23
C SER I 87 18.55 19.77 -65.49
N THR I 88 18.85 20.67 -66.41
CA THR I 88 19.29 20.38 -67.77
C THR I 88 20.57 19.53 -67.84
N ILE I 89 20.46 18.32 -68.40
CA ILE I 89 21.64 17.55 -68.82
C ILE I 89 22.17 18.15 -70.13
N THR I 90 23.00 19.18 -70.03
CA THR I 90 23.70 19.80 -71.17
C THR I 90 24.87 18.93 -71.70
N SER I 91 25.39 19.29 -72.87
CA SER I 91 26.65 18.76 -73.41
C SER I 91 27.84 18.94 -72.43
N ARG I 92 27.91 20.06 -71.71
CA ARG I 92 28.94 20.36 -70.71
C ARG I 92 28.93 19.34 -69.56
N GLU I 93 27.75 18.86 -69.16
CA GLU I 93 27.62 17.86 -68.09
C GLU I 93 28.19 16.52 -68.54
N ILE I 94 27.80 16.05 -69.73
CA ILE I 94 28.31 14.80 -70.32
C ILE I 94 29.82 14.89 -70.50
N GLN I 95 30.32 15.99 -71.07
CA GLN I 95 31.75 16.23 -71.20
C GLN I 95 32.47 16.08 -69.85
N THR I 96 31.91 16.67 -68.79
CA THR I 96 32.54 16.64 -67.47
C THR I 96 32.52 15.23 -66.89
N ALA I 97 31.39 14.54 -66.97
CA ALA I 97 31.29 13.15 -66.56
C ALA I 97 32.26 12.24 -67.34
N VAL I 98 32.43 12.49 -68.64
CA VAL I 98 33.39 11.78 -69.49
C VAL I 98 34.83 12.04 -69.04
N ARG I 99 35.24 13.30 -68.82
CA ARG I 99 36.61 13.57 -68.35
C ARG I 99 36.86 13.20 -66.88
N LEU I 100 35.80 13.05 -66.07
CA LEU I 100 35.90 12.47 -64.72
C LEU I 100 36.11 10.95 -64.76
N LEU I 101 35.45 10.24 -65.68
CA LEU I 101 35.47 8.78 -65.73
C LEU I 101 36.61 8.21 -66.58
N LEU I 102 36.83 8.76 -67.78
CA LEU I 102 37.94 8.34 -68.64
C LEU I 102 39.29 8.82 -68.09
N PRO I 103 40.35 7.99 -68.13
CA PRO I 103 41.69 8.41 -67.73
C PRO I 103 42.42 9.21 -68.84
N GLY I 104 43.29 10.13 -68.44
CA GLY I 104 44.40 10.66 -69.24
C GLY I 104 44.11 11.09 -70.69
N GLU I 105 44.87 10.57 -71.64
CA GLU I 105 44.77 10.92 -73.05
C GLU I 105 43.50 10.35 -73.70
N LEU I 106 43.01 9.19 -73.24
CA LEU I 106 41.73 8.63 -73.63
C LEU I 106 40.58 9.61 -73.35
N ALA I 107 40.61 10.31 -72.21
CA ALA I 107 39.66 11.39 -71.94
C ALA I 107 39.75 12.48 -73.01
N LYS I 108 40.96 12.99 -73.27
CA LYS I 108 41.21 14.04 -74.29
C LYS I 108 40.69 13.63 -75.67
N HIS I 109 41.01 12.44 -76.16
CA HIS I 109 40.62 12.04 -77.52
C HIS I 109 39.13 11.75 -77.62
N ALA I 110 38.51 11.14 -76.61
CA ALA I 110 37.06 10.98 -76.57
C ALA I 110 36.34 12.34 -76.49
N VAL I 111 36.87 13.29 -75.70
CA VAL I 111 36.39 14.68 -75.65
C VAL I 111 36.52 15.35 -77.02
N SER I 112 37.61 15.12 -77.74
CA SER I 112 37.79 15.60 -79.11
C SER I 112 36.71 15.04 -80.04
N GLU I 113 36.41 13.73 -79.96
CA GLU I 113 35.36 13.13 -80.80
C GLU I 113 33.96 13.67 -80.44
N GLY I 114 33.64 13.81 -79.15
CA GLY I 114 32.34 14.35 -78.70
C GLY I 114 32.15 15.82 -79.09
N THR I 115 33.16 16.65 -78.88
CA THR I 115 33.11 18.06 -79.31
C THR I 115 33.03 18.20 -80.84
N LYS I 116 33.70 17.34 -81.61
CA LYS I 116 33.56 17.29 -83.07
C LYS I 116 32.14 16.91 -83.50
N ALA I 117 31.55 15.89 -82.87
CA ALA I 117 30.18 15.47 -83.16
C ALA I 117 29.14 16.56 -82.87
N VAL I 118 29.26 17.24 -81.73
CA VAL I 118 28.42 18.41 -81.39
C VAL I 118 28.67 19.56 -82.37
N THR I 119 29.92 19.80 -82.78
CA THR I 119 30.26 20.81 -83.79
C THR I 119 29.59 20.53 -85.14
N LYS I 120 29.55 19.27 -85.58
CA LYS I 120 28.79 18.85 -86.76
C LYS I 120 27.29 19.09 -86.56
N TYR I 121 26.72 18.59 -85.46
CA TYR I 121 25.28 18.69 -85.21
C TYR I 121 24.80 20.15 -85.17
N THR I 122 25.46 21.01 -84.39
CA THR I 122 25.08 22.43 -84.26
C THR I 122 25.28 23.23 -85.56
N SER I 123 26.20 22.79 -86.44
CA SER I 123 26.37 23.36 -87.79
C SER I 123 25.32 22.85 -88.79
N SER I 124 24.86 21.61 -88.66
CA SER I 124 23.99 20.95 -89.64
C SER I 124 22.49 21.27 -89.50
N LYS I 125 22.05 21.73 -88.31
CA LYS I 125 20.67 22.15 -87.96
C LYS I 125 19.61 21.04 -88.05
N LYS J 38 59.91 -37.18 -73.14
CA LYS J 38 61.24 -37.49 -73.72
C LYS J 38 62.28 -37.78 -72.63
N PRO J 39 62.74 -36.82 -71.79
CA PRO J 39 63.44 -37.15 -70.55
C PRO J 39 62.48 -37.71 -69.49
N HIS J 40 62.99 -38.11 -68.33
CA HIS J 40 62.22 -38.67 -67.21
C HIS J 40 62.47 -37.89 -65.91
N ARG J 41 61.48 -37.83 -65.02
CA ARG J 41 61.38 -37.00 -63.78
C ARG J 41 61.46 -35.47 -63.97
N TYR J 42 62.17 -34.98 -64.98
CA TYR J 42 62.49 -33.57 -65.25
C TYR J 42 63.25 -32.85 -64.10
N ARG J 43 63.79 -31.66 -64.40
CA ARG J 43 64.02 -30.60 -63.41
C ARG J 43 62.63 -30.15 -62.88
N PRO J 44 62.34 -30.26 -61.57
CA PRO J 44 61.08 -29.81 -60.97
C PRO J 44 60.64 -28.41 -61.43
N GLY J 45 59.36 -28.27 -61.79
CA GLY J 45 58.77 -27.05 -62.33
C GLY J 45 58.85 -26.91 -63.86
N THR J 46 59.60 -27.77 -64.57
CA THR J 46 59.73 -27.67 -66.04
C THR J 46 58.39 -27.95 -66.75
N VAL J 47 57.53 -28.79 -66.17
CA VAL J 47 56.16 -29.00 -66.68
C VAL J 47 55.20 -27.99 -66.04
N ALA J 48 55.44 -27.51 -64.82
CA ALA J 48 54.65 -26.42 -64.22
C ALA J 48 54.70 -25.14 -65.08
N LEU J 49 55.84 -24.82 -65.67
CA LEU J 49 55.95 -23.71 -66.63
C LEU J 49 55.07 -23.95 -67.88
N ARG J 50 54.97 -25.19 -68.36
CA ARG J 50 54.07 -25.57 -69.47
C ARG J 50 52.59 -25.47 -69.06
N GLU J 51 52.24 -25.84 -67.82
CA GLU J 51 50.90 -25.61 -67.26
C GLU J 51 50.52 -24.13 -67.26
N ILE J 52 51.38 -23.25 -66.73
CA ILE J 52 51.11 -21.81 -66.72
C ILE J 52 50.88 -21.30 -68.15
N ARG J 53 51.81 -21.62 -69.07
CA ARG J 53 51.70 -21.26 -70.50
C ARG J 53 50.37 -21.71 -71.10
N ARG J 54 50.03 -23.00 -70.98
CA ARG J 54 48.84 -23.57 -71.64
C ARG J 54 47.53 -23.07 -71.02
N TYR J 55 47.45 -22.95 -69.68
CA TYR J 55 46.26 -22.42 -69.03
C TYR J 55 46.11 -20.89 -69.18
N GLN J 56 47.20 -20.14 -69.41
CA GLN J 56 47.12 -18.70 -69.75
C GLN J 56 46.85 -18.43 -71.23
N LYS J 57 47.34 -19.26 -72.17
CA LYS J 57 47.07 -19.09 -73.61
C LYS J 57 45.64 -19.48 -73.99
N SER J 58 45.10 -20.54 -73.41
CA SER J 58 43.69 -20.94 -73.53
C SER J 58 42.78 -20.15 -72.58
N THR J 59 41.46 -20.12 -72.84
CA THR J 59 40.48 -19.36 -72.03
C THR J 59 39.35 -20.19 -71.42
N GLU J 60 39.37 -21.52 -71.56
CA GLU J 60 38.36 -22.40 -70.94
C GLU J 60 38.40 -22.38 -69.41
N LEU J 61 37.27 -22.65 -68.75
CA LEU J 61 37.13 -22.75 -67.30
C LEU J 61 37.75 -24.06 -66.75
N LEU J 62 38.49 -23.96 -65.65
CA LEU J 62 39.33 -25.04 -65.12
C LEU J 62 38.56 -26.04 -64.22
N ILE J 63 37.46 -25.63 -63.60
CA ILE J 63 36.54 -26.54 -62.91
C ILE J 63 35.53 -27.09 -63.94
N ARG J 64 35.21 -28.39 -63.90
CA ARG J 64 34.15 -28.98 -64.72
C ARG J 64 32.76 -28.48 -64.31
N LYS J 65 31.79 -28.47 -65.23
CA LYS J 65 30.50 -27.79 -65.03
C LYS J 65 29.69 -28.44 -63.91
N LEU J 66 29.47 -29.76 -63.92
CA LEU J 66 28.54 -30.41 -62.97
C LEU J 66 28.87 -30.18 -61.49
N PRO J 67 30.13 -30.29 -61.01
CA PRO J 67 30.48 -29.96 -59.63
C PRO J 67 30.01 -28.57 -59.19
N PHE J 68 30.14 -27.58 -60.07
CA PHE J 68 29.69 -26.21 -59.80
C PHE J 68 28.18 -26.05 -59.97
N GLN J 69 27.59 -26.64 -61.01
CA GLN J 69 26.15 -26.70 -61.25
C GLN J 69 25.40 -27.26 -60.03
N ARG J 70 25.94 -28.33 -59.43
CA ARG J 70 25.47 -28.94 -58.17
C ARG J 70 25.69 -28.01 -56.96
N LEU J 71 26.86 -27.40 -56.84
CA LEU J 71 27.22 -26.47 -55.74
C LEU J 71 26.33 -25.21 -55.70
N VAL J 72 26.01 -24.62 -56.85
CA VAL J 72 25.15 -23.43 -56.93
C VAL J 72 23.76 -23.67 -56.33
N ARG J 73 23.23 -24.89 -56.49
CA ARG J 73 21.95 -25.31 -55.88
C ARG J 73 22.08 -25.71 -54.39
N GLU J 74 23.26 -25.61 -53.77
CA GLU J 74 23.40 -25.68 -52.30
C GLU J 74 23.33 -24.30 -51.61
N ILE J 75 24.20 -23.35 -51.98
CA ILE J 75 24.45 -22.13 -51.17
C ILE J 75 23.18 -21.30 -50.92
N ALA J 76 22.25 -21.28 -51.87
CA ALA J 76 21.01 -20.51 -51.76
C ALA J 76 20.02 -21.07 -50.73
N GLN J 77 20.00 -22.39 -50.52
CA GLN J 77 18.92 -23.09 -49.80
C GLN J 77 18.77 -22.61 -48.36
N ASP J 78 19.88 -22.26 -47.69
CA ASP J 78 19.89 -21.77 -46.30
C ASP J 78 19.25 -20.37 -46.14
N PHE J 79 18.96 -19.68 -47.24
CA PHE J 79 18.36 -18.34 -47.25
C PHE J 79 17.02 -18.28 -48.01
N LYS J 80 16.80 -19.18 -48.97
CA LYS J 80 15.53 -19.43 -49.64
C LYS J 80 15.53 -20.83 -50.26
N THR J 81 14.56 -21.66 -49.87
CA THR J 81 14.39 -23.02 -50.39
C THR J 81 13.95 -23.02 -51.87
N ASP J 82 14.30 -24.10 -52.60
CA ASP J 82 13.69 -24.52 -53.88
C ASP J 82 13.75 -23.52 -55.05
N LEU J 83 14.71 -22.59 -55.04
CA LEU J 83 15.02 -21.73 -56.19
C LEU J 83 15.40 -22.54 -57.43
N ARG J 84 15.08 -21.98 -58.60
CA ARG J 84 15.35 -22.54 -59.93
C ARG J 84 16.44 -21.73 -60.64
N PHE J 85 17.47 -22.31 -61.25
CA PHE J 85 18.61 -21.53 -61.74
C PHE J 85 18.71 -21.49 -63.27
N GLN J 86 18.71 -20.29 -63.87
CA GLN J 86 18.88 -20.17 -65.32
C GLN J 86 20.24 -20.68 -65.80
N SER J 87 20.25 -21.28 -66.99
CA SER J 87 21.44 -21.87 -67.62
C SER J 87 22.53 -20.84 -67.88
N SER J 88 22.14 -19.60 -68.17
CA SER J 88 23.06 -18.45 -68.29
C SER J 88 23.61 -18.02 -66.93
N ALA J 89 22.77 -17.98 -65.89
CA ALA J 89 23.13 -17.49 -64.57
C ALA J 89 24.21 -18.38 -63.90
N VAL J 90 24.03 -19.70 -63.92
CA VAL J 90 25.03 -20.63 -63.36
C VAL J 90 26.39 -20.49 -64.07
N MET J 91 26.39 -20.24 -65.38
CA MET J 91 27.63 -20.02 -66.12
C MET J 91 28.29 -18.69 -65.73
N ALA J 92 27.51 -17.62 -65.64
CA ALA J 92 27.99 -16.33 -65.16
C ALA J 92 28.55 -16.43 -63.72
N LEU J 93 27.94 -17.25 -62.86
CA LEU J 93 28.47 -17.52 -61.53
C LEU J 93 29.82 -18.24 -61.59
N GLN J 94 30.00 -19.26 -62.45
CA GLN J 94 31.30 -19.93 -62.56
C GLN J 94 32.37 -18.99 -63.13
N GLU J 95 32.04 -18.24 -64.19
CA GLU J 95 32.93 -17.24 -64.79
C GLU J 95 33.40 -16.23 -63.75
N ALA J 96 32.48 -15.72 -62.92
CA ALA J 96 32.83 -14.83 -61.82
C ALA J 96 33.72 -15.52 -60.78
N CYS J 97 33.37 -16.71 -60.31
CA CYS J 97 34.15 -17.43 -59.30
C CYS J 97 35.58 -17.72 -59.77
N GLU J 98 35.77 -18.23 -60.99
CA GLU J 98 37.11 -18.49 -61.49
C GLU J 98 37.89 -17.20 -61.76
N ALA J 99 37.25 -16.16 -62.33
CA ALA J 99 37.91 -14.85 -62.50
C ALA J 99 38.35 -14.24 -61.16
N TYR J 100 37.52 -14.38 -60.13
CA TYR J 100 37.85 -13.95 -58.78
C TYR J 100 39.06 -14.70 -58.21
N LEU J 101 39.09 -16.03 -58.37
CA LEU J 101 40.22 -16.84 -57.90
C LEU J 101 41.50 -16.59 -58.70
N VAL J 102 41.45 -16.41 -60.02
CA VAL J 102 42.65 -16.10 -60.84
C VAL J 102 43.34 -14.83 -60.34
N GLY J 103 42.58 -13.74 -60.13
CA GLY J 103 43.11 -12.50 -59.59
C GLY J 103 43.69 -12.68 -58.18
N LEU J 104 42.99 -13.42 -57.31
CA LEU J 104 43.49 -13.75 -55.98
C LEU J 104 44.79 -14.55 -56.04
N PHE J 105 44.92 -15.50 -56.97
CA PHE J 105 46.15 -16.27 -57.15
C PHE J 105 47.30 -15.40 -57.65
N GLU J 106 47.10 -14.44 -58.56
CA GLU J 106 48.17 -13.50 -58.96
C GLU J 106 48.67 -12.68 -57.76
N ASP J 107 47.76 -12.13 -56.95
CA ASP J 107 48.11 -11.40 -55.74
C ASP J 107 48.86 -12.29 -54.74
N THR J 108 48.41 -13.53 -54.57
CA THR J 108 49.04 -14.53 -53.71
C THR J 108 50.44 -14.88 -54.20
N ASN J 109 50.63 -15.02 -55.52
CA ASN J 109 51.91 -15.29 -56.15
C ASN J 109 52.92 -14.18 -55.83
N LEU J 110 52.51 -12.92 -56.02
CA LEU J 110 53.37 -11.78 -55.72
C LEU J 110 53.70 -11.68 -54.22
N CYS J 111 52.74 -12.03 -53.34
CA CYS J 111 53.01 -12.15 -51.91
C CYS J 111 54.08 -13.23 -51.61
N ALA J 112 53.98 -14.40 -52.23
CA ALA J 112 54.98 -15.46 -52.03
C ALA J 112 56.38 -15.01 -52.51
N ILE J 113 56.47 -14.43 -53.72
CA ILE J 113 57.72 -13.93 -54.31
C ILE J 113 58.35 -12.85 -53.42
N HIS J 114 57.55 -11.93 -52.89
CA HIS J 114 57.98 -10.93 -51.91
C HIS J 114 58.50 -11.58 -50.62
N ALA J 115 57.77 -12.55 -50.08
CA ALA J 115 58.13 -13.37 -48.92
C ALA J 115 59.15 -14.49 -49.26
N LYS J 116 60.12 -14.21 -50.14
CA LYS J 116 61.21 -15.08 -50.65
C LYS J 116 60.78 -16.35 -51.42
N ARG J 117 59.64 -16.96 -51.10
CA ARG J 117 59.18 -18.27 -51.62
C ARG J 117 58.77 -18.24 -53.09
N VAL J 118 58.84 -19.41 -53.73
CA VAL J 118 58.19 -19.70 -55.03
C VAL J 118 56.96 -20.60 -54.85
N THR J 119 56.74 -21.09 -53.62
CA THR J 119 55.60 -21.90 -53.18
C THR J 119 54.57 -21.04 -52.47
N ILE J 120 53.33 -21.02 -52.95
CA ILE J 120 52.23 -20.31 -52.26
C ILE J 120 51.77 -21.07 -51.00
N MET J 121 51.35 -20.34 -49.98
CA MET J 121 50.78 -20.87 -48.73
C MET J 121 49.53 -20.08 -48.29
N PRO J 122 48.58 -20.67 -47.54
CA PRO J 122 47.32 -20.00 -47.19
C PRO J 122 47.47 -18.61 -46.56
N LYS J 123 48.55 -18.36 -45.82
CA LYS J 123 48.87 -17.03 -45.27
C LYS J 123 49.12 -15.95 -46.33
N ASP J 124 49.62 -16.32 -47.52
CA ASP J 124 49.70 -15.41 -48.67
C ASP J 124 48.30 -15.04 -49.20
N ILE J 125 47.34 -15.98 -49.17
CA ILE J 125 45.95 -15.72 -49.55
C ILE J 125 45.33 -14.70 -48.57
N GLN J 126 45.61 -14.86 -47.26
CA GLN J 126 45.14 -13.92 -46.24
C GLN J 126 45.75 -12.53 -46.44
N LEU J 127 47.06 -12.41 -46.63
CA LEU J 127 47.71 -11.12 -46.88
C LEU J 127 47.11 -10.41 -48.10
N ALA J 128 46.96 -11.13 -49.22
CA ALA J 128 46.29 -10.61 -50.41
C ALA J 128 44.87 -10.12 -50.08
N ARG J 129 44.04 -10.94 -49.43
CA ARG J 129 42.67 -10.55 -49.03
C ARG J 129 42.66 -9.30 -48.15
N ARG J 130 43.49 -9.24 -47.10
CA ARG J 130 43.50 -8.10 -46.17
C ARG J 130 43.90 -6.80 -46.86
N ILE J 131 44.92 -6.83 -47.72
CA ILE J 131 45.34 -5.63 -48.45
C ILE J 131 44.38 -5.28 -49.60
N ARG J 132 43.66 -6.26 -50.18
CA ARG J 132 42.47 -6.02 -51.02
C ARG J 132 41.29 -5.43 -50.24
N GLY J 133 41.28 -5.55 -48.91
CA GLY J 133 40.15 -5.16 -48.04
C GLY J 133 38.98 -6.14 -48.05
N GLU J 134 39.18 -7.37 -48.52
CA GLU J 134 38.16 -8.41 -48.66
C GLU J 134 38.25 -9.41 -47.49
N ARG J 135 37.46 -9.18 -46.43
CA ARG J 135 37.56 -9.79 -45.09
C ARG J 135 38.80 -9.34 -44.29
N ALA J 136 38.58 -9.13 -42.98
CA ALA J 136 39.54 -8.60 -42.00
C ALA J 136 40.17 -7.26 -42.41
N ASP K 24 26.17 -31.30 -48.63
CA ASP K 24 27.63 -31.04 -48.67
C ASP K 24 28.23 -31.46 -50.03
N ASN K 25 28.41 -30.51 -50.96
CA ASN K 25 28.89 -30.79 -52.33
C ASN K 25 30.17 -30.02 -52.72
N ILE K 26 30.70 -29.12 -51.87
CA ILE K 26 31.90 -28.30 -52.15
C ILE K 26 33.17 -29.14 -52.37
N GLN K 27 33.26 -30.33 -51.78
CA GLN K 27 34.36 -31.27 -52.01
C GLN K 27 34.44 -31.77 -53.47
N GLY K 28 33.37 -31.63 -54.24
CA GLY K 28 33.38 -31.92 -55.68
C GLY K 28 34.22 -30.96 -56.52
N ILE K 29 34.57 -29.79 -55.98
CA ILE K 29 35.56 -28.89 -56.60
C ILE K 29 36.96 -29.50 -56.38
N THR K 30 37.62 -29.92 -57.45
CA THR K 30 38.72 -30.89 -57.36
C THR K 30 40.08 -30.24 -57.08
N LYS K 31 40.96 -30.95 -56.37
CA LYS K 31 42.36 -30.54 -56.17
C LYS K 31 43.07 -30.26 -57.50
N PRO K 32 43.01 -31.14 -58.52
CA PRO K 32 43.48 -30.81 -59.87
C PRO K 32 42.90 -29.52 -60.46
N ALA K 33 41.58 -29.28 -60.39
CA ALA K 33 41.01 -28.03 -60.89
C ALA K 33 41.57 -26.82 -60.15
N ILE K 34 41.80 -26.92 -58.84
CA ILE K 34 42.40 -25.83 -58.05
C ILE K 34 43.87 -25.61 -58.44
N ARG K 35 44.65 -26.66 -58.74
CA ARG K 35 45.99 -26.51 -59.35
C ARG K 35 45.91 -25.74 -60.66
N ARG K 36 45.03 -26.18 -61.59
CA ARG K 36 44.85 -25.53 -62.91
C ARG K 36 44.47 -24.05 -62.75
N LEU K 37 43.50 -23.77 -61.87
CA LEU K 37 43.00 -22.43 -61.59
C LEU K 37 44.07 -21.52 -60.98
N ALA K 38 44.91 -22.06 -60.10
CA ALA K 38 46.09 -21.35 -59.57
C ALA K 38 47.19 -21.15 -60.63
N ARG K 39 47.42 -22.14 -61.49
CA ARG K 39 48.43 -22.09 -62.57
C ARG K 39 48.10 -21.03 -63.63
N ARG K 40 46.82 -20.73 -63.92
CA ARG K 40 46.46 -19.53 -64.69
C ARG K 40 46.93 -18.24 -64.01
N GLY K 41 46.94 -18.18 -62.68
CA GLY K 41 47.54 -17.11 -61.88
C GLY K 41 49.08 -17.10 -61.80
N GLY K 42 49.78 -18.05 -62.44
CA GLY K 42 51.23 -18.02 -62.63
C GLY K 42 52.09 -18.51 -61.47
N VAL K 43 51.50 -19.16 -60.45
CA VAL K 43 52.26 -19.66 -59.29
C VAL K 43 53.19 -20.82 -59.67
N LYS K 44 54.47 -20.77 -59.25
CA LYS K 44 55.43 -21.84 -59.59
C LYS K 44 55.16 -23.12 -58.81
N ARG K 45 54.83 -23.04 -57.51
CA ARG K 45 54.59 -24.22 -56.65
C ARG K 45 53.42 -24.01 -55.68
N ILE K 46 52.65 -25.07 -55.43
CA ILE K 46 51.50 -25.08 -54.50
C ILE K 46 51.92 -25.68 -53.15
N SER K 47 51.11 -25.51 -52.10
CA SER K 47 51.20 -26.28 -50.86
C SER K 47 49.84 -26.90 -50.50
N GLY K 48 49.84 -28.09 -49.90
CA GLY K 48 48.67 -28.97 -49.79
C GLY K 48 47.49 -28.42 -48.99
N LEU K 49 47.72 -27.40 -48.16
CA LEU K 49 46.69 -26.67 -47.41
C LEU K 49 45.82 -25.77 -48.32
N ILE K 50 46.34 -25.34 -49.48
CA ILE K 50 45.67 -24.39 -50.39
C ILE K 50 44.34 -24.95 -50.91
N TYR K 51 44.26 -26.25 -51.21
CA TYR K 51 43.09 -26.85 -51.85
C TYR K 51 41.83 -26.77 -50.97
N GLU K 52 41.97 -27.11 -49.70
CA GLU K 52 40.86 -27.08 -48.74
C GLU K 52 40.48 -25.63 -48.36
N GLU K 53 41.45 -24.73 -48.25
CA GLU K 53 41.20 -23.32 -47.94
C GLU K 53 40.55 -22.58 -49.13
N THR K 54 40.97 -22.90 -50.36
CA THR K 54 40.36 -22.40 -51.59
C THR K 54 38.89 -22.78 -51.70
N ARG K 55 38.52 -24.01 -51.31
CA ARG K 55 37.12 -24.44 -51.23
C ARG K 55 36.30 -23.56 -50.27
N GLY K 56 36.87 -23.20 -49.12
CA GLY K 56 36.26 -22.23 -48.20
C GLY K 56 36.10 -20.83 -48.83
N VAL K 57 37.13 -20.33 -49.50
CA VAL K 57 37.10 -19.03 -50.21
C VAL K 57 36.04 -18.99 -51.31
N LEU K 58 35.93 -20.07 -52.10
CA LEU K 58 34.92 -20.23 -53.12
C LEU K 58 33.51 -20.28 -52.50
N LYS K 59 33.31 -21.07 -51.43
CA LYS K 59 32.03 -21.17 -50.73
C LYS K 59 31.59 -19.82 -50.16
N VAL K 60 32.47 -19.08 -49.48
CA VAL K 60 32.09 -17.77 -48.92
C VAL K 60 31.87 -16.72 -50.02
N PHE K 61 32.62 -16.75 -51.13
CA PHE K 61 32.36 -15.87 -52.27
C PHE K 61 30.97 -16.13 -52.86
N LEU K 62 30.60 -17.39 -53.06
CA LEU K 62 29.24 -17.76 -53.44
C LEU K 62 28.22 -17.30 -52.38
N GLU K 63 28.51 -17.50 -51.09
CA GLU K 63 27.62 -17.08 -50.01
C GLU K 63 27.47 -15.54 -49.89
N ASN K 64 28.34 -14.76 -50.54
CA ASN K 64 28.03 -13.37 -50.87
C ASN K 64 27.13 -13.29 -52.11
N VAL K 65 27.64 -13.64 -53.29
CA VAL K 65 27.00 -13.26 -54.56
C VAL K 65 25.63 -13.90 -54.75
N ILE K 66 25.43 -15.12 -54.25
CA ILE K 66 24.16 -15.84 -54.34
C ILE K 66 23.10 -15.13 -53.50
N ARG K 67 23.41 -14.74 -52.25
CA ARG K 67 22.42 -14.13 -51.35
C ARG K 67 21.97 -12.75 -51.86
N ASP K 68 22.87 -11.99 -52.47
CA ASP K 68 22.50 -10.77 -53.18
C ASP K 68 21.62 -11.09 -54.40
N ALA K 69 22.01 -12.05 -55.23
CA ALA K 69 21.23 -12.43 -56.41
C ALA K 69 19.82 -12.93 -56.04
N VAL K 70 19.71 -13.75 -55.00
CA VAL K 70 18.43 -14.18 -54.43
C VAL K 70 17.63 -12.98 -53.97
N THR K 71 18.27 -11.97 -53.37
CA THR K 71 17.56 -10.76 -52.95
C THR K 71 16.99 -9.99 -54.15
N TYR K 72 17.72 -9.89 -55.27
CA TYR K 72 17.15 -9.34 -56.51
C TYR K 72 16.02 -10.24 -57.05
N THR K 73 16.16 -11.55 -56.93
CA THR K 73 15.18 -12.55 -57.38
C THR K 73 13.86 -12.41 -56.60
N GLU K 74 13.95 -12.30 -55.27
CA GLU K 74 12.81 -12.06 -54.38
C GLU K 74 12.11 -10.74 -54.69
N HIS K 75 12.87 -9.65 -54.90
CA HIS K 75 12.29 -8.37 -55.28
C HIS K 75 11.47 -8.46 -56.56
N ALA K 76 11.97 -9.18 -57.56
CA ALA K 76 11.26 -9.49 -58.79
C ALA K 76 10.07 -10.47 -58.64
N LYS K 77 9.78 -10.97 -57.43
CA LYS K 77 8.77 -11.99 -57.12
C LYS K 77 9.03 -13.36 -57.80
N ARG K 78 10.25 -13.58 -58.31
CA ARG K 78 10.64 -14.79 -59.06
C ARG K 78 10.88 -16.02 -58.16
N LYS K 79 10.68 -17.22 -58.71
CA LYS K 79 11.29 -18.47 -58.23
C LYS K 79 12.62 -18.76 -58.95
N THR K 80 12.83 -18.23 -60.15
CA THR K 80 14.07 -18.51 -60.90
C THR K 80 15.12 -17.39 -60.80
N VAL K 81 16.33 -17.76 -60.42
CA VAL K 81 17.51 -16.89 -60.42
C VAL K 81 17.96 -16.69 -61.87
N THR K 82 17.76 -15.48 -62.40
CA THR K 82 18.09 -15.15 -63.79
C THR K 82 19.54 -14.72 -63.98
N ALA K 83 19.97 -14.61 -65.24
CA ALA K 83 21.24 -13.94 -65.56
C ALA K 83 21.30 -12.52 -64.97
N MET K 84 20.22 -11.75 -65.11
CA MET K 84 20.14 -10.40 -64.55
C MET K 84 20.27 -10.40 -63.03
N ASP K 85 19.63 -11.33 -62.33
CA ASP K 85 19.76 -11.44 -60.86
C ASP K 85 21.22 -11.59 -60.40
N VAL K 86 22.01 -12.46 -61.06
CA VAL K 86 23.44 -12.61 -60.71
C VAL K 86 24.30 -11.47 -61.25
N VAL K 87 23.99 -10.92 -62.43
CA VAL K 87 24.70 -9.77 -63.00
C VAL K 87 24.56 -8.55 -62.09
N TYR K 88 23.35 -8.25 -61.61
CA TYR K 88 23.11 -7.16 -60.69
C TYR K 88 23.86 -7.35 -59.37
N ALA K 89 23.87 -8.56 -58.82
CA ALA K 89 24.71 -8.87 -57.65
C ALA K 89 26.19 -8.64 -57.92
N LEU K 90 26.74 -9.16 -59.02
CA LEU K 90 28.16 -8.99 -59.36
C LEU K 90 28.53 -7.52 -59.62
N LYS K 91 27.64 -6.76 -60.27
CA LYS K 91 27.74 -5.30 -60.44
C LYS K 91 27.73 -4.58 -59.08
N ARG K 92 26.86 -4.96 -58.14
CA ARG K 92 26.80 -4.38 -56.79
C ARG K 92 28.06 -4.72 -55.98
N GLN K 93 28.57 -5.92 -56.14
CA GLN K 93 29.86 -6.37 -55.60
C GLN K 93 31.08 -5.73 -56.32
N GLY K 94 30.86 -4.89 -57.33
CA GLY K 94 31.91 -4.19 -58.06
C GLY K 94 32.79 -5.11 -58.92
N ARG K 95 32.31 -6.30 -59.27
CA ARG K 95 33.01 -7.30 -60.09
C ARG K 95 32.18 -7.69 -61.31
N THR K 96 31.70 -6.67 -62.01
CA THR K 96 30.84 -6.76 -63.20
C THR K 96 31.40 -7.75 -64.22
N LEU K 97 30.53 -8.56 -64.82
CA LEU K 97 30.91 -9.52 -65.86
C LEU K 97 30.24 -9.15 -67.18
N TYR K 98 31.03 -8.78 -68.19
CA TYR K 98 30.55 -8.51 -69.53
C TYR K 98 30.39 -9.81 -70.32
N GLY K 99 29.34 -9.90 -71.14
CA GLY K 99 28.98 -11.11 -71.92
C GLY K 99 27.75 -11.87 -71.42
N PHE K 100 27.16 -11.46 -70.28
CA PHE K 100 25.87 -11.95 -69.77
C PHE K 100 24.91 -10.78 -69.55
N GLY K 101 23.61 -10.99 -69.79
CA GLY K 101 22.61 -9.93 -69.68
C GLY K 101 22.80 -8.86 -70.75
N GLY K 102 23.06 -7.62 -70.32
CA GLY K 102 23.34 -6.45 -71.18
C GLY K 102 23.49 -5.18 -70.37
N ARG L 11 -9.09 18.95 -40.59
CA ARG L 11 -8.28 20.16 -40.95
C ARG L 11 -7.72 20.91 -39.74
N ALA L 12 -8.51 21.15 -38.68
CA ALA L 12 -8.00 21.80 -37.46
C ALA L 12 -6.84 21.00 -36.83
N LYS L 13 -5.79 21.72 -36.40
CA LYS L 13 -4.52 21.20 -35.85
C LYS L 13 -3.87 20.10 -36.72
N ALA L 14 -3.06 20.54 -37.68
CA ALA L 14 -2.18 19.69 -38.48
C ALA L 14 -1.10 18.97 -37.62
N LYS L 15 -0.54 17.86 -38.12
CA LYS L 15 0.58 17.13 -37.49
C LYS L 15 1.53 16.50 -38.50
N THR L 16 2.80 16.30 -38.12
CA THR L 16 3.80 15.72 -39.04
C THR L 16 3.50 14.26 -39.36
N ARG L 17 3.78 13.84 -40.59
CA ARG L 17 3.73 12.44 -41.00
C ARG L 17 4.76 11.58 -40.26
N SER L 18 5.85 12.19 -39.78
CA SER L 18 6.74 11.59 -38.78
C SER L 18 6.01 11.19 -37.50
N SER L 19 5.21 12.08 -36.91
CA SER L 19 4.44 11.77 -35.69
C SER L 19 3.41 10.66 -35.94
N ARG L 20 2.77 10.63 -37.12
CA ARG L 20 1.86 9.56 -37.54
C ARG L 20 2.58 8.21 -37.68
N ALA L 21 3.81 8.19 -38.21
CA ALA L 21 4.66 7.00 -38.26
C ALA L 21 5.24 6.60 -36.88
N GLY L 22 5.29 7.53 -35.91
CA GLY L 22 5.97 7.32 -34.63
C GLY L 22 7.49 7.54 -34.68
N LEU L 23 7.93 8.49 -35.53
CA LEU L 23 9.34 8.78 -35.82
C LEU L 23 9.72 10.22 -35.41
N GLN L 24 10.98 10.42 -35.05
CA GLN L 24 11.60 11.75 -35.01
C GLN L 24 11.94 12.22 -36.43
N PHE L 25 12.50 11.33 -37.26
CA PHE L 25 13.04 11.68 -38.57
C PHE L 25 11.97 12.21 -39.54
N PRO L 26 12.30 13.22 -40.37
CA PRO L 26 11.33 14.03 -41.09
C PRO L 26 10.81 13.34 -42.35
N VAL L 27 9.64 12.71 -42.28
CA VAL L 27 9.03 11.98 -43.40
C VAL L 27 8.78 12.91 -44.59
N GLY L 28 8.33 14.15 -44.33
CA GLY L 28 8.14 15.18 -45.35
C GLY L 28 9.42 15.49 -46.12
N ARG L 29 10.49 15.84 -45.41
CA ARG L 29 11.84 16.09 -45.95
C ARG L 29 12.35 14.90 -46.76
N VAL L 30 12.24 13.70 -46.22
CA VAL L 30 12.69 12.48 -46.92
C VAL L 30 11.89 12.28 -48.21
N HIS L 31 10.57 12.45 -48.17
CA HIS L 31 9.72 12.38 -49.37
C HIS L 31 10.12 13.44 -50.39
N ARG L 32 10.32 14.68 -49.95
CA ARG L 32 10.74 15.81 -50.78
C ARG L 32 12.08 15.51 -51.45
N LEU L 33 13.06 15.02 -50.70
CA LEU L 33 14.37 14.65 -51.23
C LEU L 33 14.30 13.47 -52.20
N LEU L 34 13.50 12.43 -51.91
CA LEU L 34 13.30 11.33 -52.85
C LEU L 34 12.66 11.82 -54.17
N ARG L 35 11.66 12.69 -54.09
CA ARG L 35 10.88 13.14 -55.24
C ARG L 35 11.55 14.22 -56.09
N LYS L 36 12.46 15.03 -55.52
CA LYS L 36 13.33 15.95 -56.29
C LYS L 36 14.70 15.37 -56.66
N GLY L 37 15.15 14.29 -56.03
CA GLY L 37 16.39 13.59 -56.40
C GLY L 37 16.31 12.78 -57.70
N ASN L 38 15.13 12.66 -58.31
CA ASN L 38 14.84 11.84 -59.49
C ASN L 38 15.21 10.35 -59.33
N TYR L 39 15.03 9.79 -58.13
CA TYR L 39 15.16 8.34 -57.90
C TYR L 39 13.98 7.54 -58.48
N SER L 40 12.83 8.17 -58.72
CA SER L 40 11.64 7.58 -59.36
C SER L 40 10.72 8.67 -59.92
N GLU L 41 9.88 8.31 -60.89
CA GLU L 41 8.76 9.13 -61.36
C GLU L 41 7.52 9.12 -60.43
N ARG L 42 7.44 8.18 -59.46
CA ARG L 42 6.31 8.01 -58.54
C ARG L 42 6.76 7.49 -57.16
N VAL L 43 7.13 8.38 -56.25
CA VAL L 43 7.53 8.05 -54.87
C VAL L 43 6.29 7.82 -53.99
N GLY L 44 5.90 6.55 -53.81
CA GLY L 44 4.80 6.18 -52.91
C GLY L 44 5.15 6.42 -51.45
N ALA L 45 4.21 7.00 -50.67
CA ALA L 45 4.47 7.51 -49.33
C ALA L 45 5.00 6.47 -48.31
N GLY L 46 4.80 5.17 -48.56
CA GLY L 46 5.43 4.12 -47.76
C GLY L 46 6.96 4.15 -47.83
N ALA L 47 7.56 4.52 -48.97
CA ALA L 47 9.02 4.62 -49.13
C ALA L 47 9.67 5.62 -48.14
N PRO L 48 9.28 6.91 -48.07
CA PRO L 48 9.89 7.85 -47.14
C PRO L 48 9.62 7.52 -45.67
N VAL L 49 8.45 6.95 -45.33
CA VAL L 49 8.22 6.47 -43.96
C VAL L 49 9.19 5.36 -43.60
N TYR L 50 9.30 4.35 -44.45
CA TYR L 50 10.21 3.23 -44.25
C TYR L 50 11.66 3.72 -44.18
N LEU L 51 12.06 4.59 -45.09
CA LEU L 51 13.41 5.12 -45.14
C LEU L 51 13.73 5.99 -43.93
N ALA L 52 12.81 6.86 -43.51
CA ALA L 52 12.99 7.63 -42.28
C ALA L 52 13.20 6.70 -41.09
N ALA L 53 12.41 5.63 -40.97
CA ALA L 53 12.59 4.64 -39.91
C ALA L 53 13.96 3.94 -39.98
N VAL L 54 14.42 3.57 -41.18
CA VAL L 54 15.74 2.97 -41.40
C VAL L 54 16.86 3.92 -40.97
N LEU L 55 16.79 5.18 -41.41
CA LEU L 55 17.75 6.21 -41.03
C LEU L 55 17.73 6.45 -39.52
N GLU L 56 16.55 6.51 -38.91
CA GLU L 56 16.40 6.68 -37.47
C GLU L 56 16.97 5.50 -36.68
N TYR L 57 16.77 4.25 -37.12
CA TYR L 57 17.39 3.10 -36.49
C TYR L 57 18.91 3.15 -36.60
N LEU L 58 19.46 3.39 -37.80
CA LEU L 58 20.91 3.48 -37.96
C LEU L 58 21.48 4.64 -37.15
N THR L 59 20.75 5.74 -37.06
CA THR L 59 21.08 6.88 -36.20
C THR L 59 21.09 6.47 -34.73
N ALA L 60 20.09 5.72 -34.26
CA ALA L 60 20.05 5.28 -32.88
C ALA L 60 21.21 4.33 -32.56
N GLU L 61 21.45 3.33 -33.41
CA GLU L 61 22.52 2.36 -33.21
C GLU L 61 23.90 3.03 -33.16
N ILE L 62 24.18 3.92 -34.11
CA ILE L 62 25.50 4.57 -34.19
C ILE L 62 25.68 5.59 -33.06
N LEU L 63 24.63 6.32 -32.66
CA LEU L 63 24.69 7.23 -31.52
C LEU L 63 24.87 6.47 -30.20
N GLU L 64 24.16 5.38 -29.99
CA GLU L 64 24.29 4.60 -28.76
C GLU L 64 25.71 4.02 -28.60
N LEU L 65 26.28 3.47 -29.68
CA LEU L 65 27.67 3.02 -29.67
C LEU L 65 28.64 4.17 -29.39
N ALA L 66 28.41 5.34 -29.98
CA ALA L 66 29.24 6.52 -29.74
C ALA L 66 29.09 7.04 -28.30
N GLY L 67 27.88 7.01 -27.73
CA GLY L 67 27.62 7.41 -26.35
C GLY L 67 28.30 6.47 -25.36
N ASN L 68 28.25 5.17 -25.61
CA ASN L 68 29.02 4.20 -24.85
C ASN L 68 30.52 4.49 -24.96
N ALA L 69 31.04 4.70 -26.17
CA ALA L 69 32.45 5.04 -26.37
C ALA L 69 32.87 6.32 -25.62
N ALA L 70 32.02 7.35 -25.63
CA ALA L 70 32.26 8.61 -24.91
C ALA L 70 32.28 8.43 -23.39
N ARG L 71 31.28 7.71 -22.84
CA ARG L 71 31.18 7.38 -21.42
C ARG L 71 32.34 6.50 -20.97
N ASP L 72 32.74 5.52 -21.76
CA ASP L 72 33.92 4.69 -21.51
C ASP L 72 35.20 5.53 -21.51
N ASN L 73 35.31 6.51 -22.41
CA ASN L 73 36.35 7.53 -22.37
C ASN L 73 36.06 8.69 -21.38
N LYS L 74 35.19 8.45 -20.39
CA LYS L 74 34.93 9.28 -19.20
C LYS L 74 34.39 10.70 -19.46
N LYS L 75 33.80 10.96 -20.63
CA LYS L 75 33.28 12.29 -21.04
C LYS L 75 31.81 12.22 -21.47
N THR L 76 31.05 13.29 -21.23
CA THR L 76 29.60 13.37 -21.49
C THR L 76 29.23 13.98 -22.85
N ARG L 77 30.14 13.98 -23.83
CA ARG L 77 29.89 14.51 -25.18
C ARG L 77 30.41 13.57 -26.28
N ILE L 78 29.63 13.41 -27.34
CA ILE L 78 30.08 12.76 -28.57
C ILE L 78 31.04 13.71 -29.30
N ILE L 79 32.27 13.24 -29.54
CA ILE L 79 33.26 13.89 -30.42
C ILE L 79 33.68 12.88 -31.50
N PRO L 80 34.17 13.29 -32.68
CA PRO L 80 34.49 12.37 -33.76
C PRO L 80 35.43 11.23 -33.37
N ARG L 81 36.31 11.45 -32.40
CA ARG L 81 37.14 10.39 -31.79
C ARG L 81 36.32 9.27 -31.17
N HIS L 82 35.25 9.59 -30.45
CA HIS L 82 34.33 8.62 -29.85
C HIS L 82 33.50 7.88 -30.92
N LEU L 83 33.19 8.53 -32.05
CA LEU L 83 32.58 7.86 -33.22
C LEU L 83 33.56 6.89 -33.90
N GLN L 84 34.79 7.30 -34.19
CA GLN L 84 35.79 6.38 -34.75
C GLN L 84 36.04 5.19 -33.81
N LEU L 85 36.16 5.43 -32.51
CA LEU L 85 36.27 4.39 -31.47
C LEU L 85 34.94 3.64 -31.18
N ALA L 86 33.83 3.99 -31.83
CA ALA L 86 32.65 3.14 -31.90
C ALA L 86 32.68 2.25 -33.16
N ILE L 87 32.82 2.86 -34.34
CA ILE L 87 32.71 2.13 -35.62
C ILE L 87 33.86 1.13 -35.79
N ARG L 88 35.12 1.49 -35.47
CA ARG L 88 36.25 0.55 -35.60
C ARG L 88 36.30 -0.51 -34.49
N ASN L 89 35.39 -0.43 -33.52
CA ASN L 89 35.13 -1.47 -32.52
C ASN L 89 33.86 -2.31 -32.83
N ASP L 90 33.18 -2.09 -33.96
CA ASP L 90 32.04 -2.92 -34.39
C ASP L 90 32.25 -3.54 -35.78
N GLU L 91 32.28 -4.87 -35.87
CA GLU L 91 32.40 -5.59 -37.14
C GLU L 91 31.19 -5.43 -38.09
N GLU L 92 30.01 -5.01 -37.63
CA GLU L 92 28.90 -4.68 -38.54
C GLU L 92 29.09 -3.29 -39.15
N LEU L 93 29.16 -2.23 -38.35
CA LEU L 93 29.36 -0.88 -38.87
C LEU L 93 30.71 -0.71 -39.57
N ASN L 94 31.76 -1.44 -39.20
CA ASN L 94 33.01 -1.43 -39.98
C ASN L 94 32.89 -2.12 -41.36
N LYS L 95 31.75 -2.77 -41.69
CA LYS L 95 31.41 -3.10 -43.08
C LYS L 95 30.65 -1.93 -43.72
N LEU L 96 29.60 -1.44 -43.07
CA LEU L 96 28.73 -0.37 -43.63
C LEU L 96 29.50 0.94 -43.90
N LEU L 97 30.39 1.31 -42.98
CA LEU L 97 31.30 2.46 -43.04
C LEU L 97 32.76 2.02 -43.32
N GLY L 98 32.96 0.84 -43.93
CA GLY L 98 34.27 0.19 -44.03
C GLY L 98 35.33 0.90 -44.89
N ARG L 99 34.92 1.86 -45.70
CA ARG L 99 35.79 2.72 -46.53
C ARG L 99 35.37 4.19 -46.51
N VAL L 100 34.99 4.67 -45.32
CA VAL L 100 34.74 6.10 -45.04
C VAL L 100 35.75 6.63 -44.01
N THR L 101 36.12 7.89 -44.16
CA THR L 101 37.11 8.58 -43.32
C THR L 101 36.40 9.54 -42.37
N ILE L 102 36.85 9.64 -41.12
CA ILE L 102 36.21 10.48 -40.10
C ILE L 102 37.10 11.70 -39.79
N ALA L 103 36.62 12.92 -40.06
CA ALA L 103 37.30 14.15 -39.66
C ALA L 103 37.55 14.17 -38.13
N GLN L 104 38.78 14.43 -37.69
CA GLN L 104 39.24 14.36 -36.29
C GLN L 104 39.10 12.98 -35.61
N GLY L 105 38.77 11.91 -36.33
CA GLY L 105 38.57 10.58 -35.73
C GLY L 105 39.86 9.87 -35.30
N GLY L 106 40.98 10.12 -35.99
CA GLY L 106 42.23 9.38 -35.80
C GLY L 106 42.12 7.93 -36.28
N VAL L 107 42.77 6.99 -35.57
CA VAL L 107 42.79 5.55 -35.89
C VAL L 107 42.60 4.69 -34.63
N LEU L 108 42.21 3.43 -34.80
CA LEU L 108 42.14 2.42 -33.73
C LEU L 108 43.56 2.06 -33.21
N PRO L 109 43.81 1.98 -31.89
CA PRO L 109 45.10 1.56 -31.36
C PRO L 109 45.32 0.06 -31.59
N ASN L 110 46.38 -0.30 -32.32
CA ASN L 110 46.60 -1.66 -32.82
C ASN L 110 48.08 -1.96 -33.11
N ILE L 111 48.50 -3.21 -32.87
CA ILE L 111 49.88 -3.72 -33.01
C ILE L 111 49.86 -5.17 -33.55
N GLN L 112 50.74 -5.51 -34.51
CA GLN L 112 51.10 -6.90 -34.79
C GLN L 112 52.06 -7.43 -33.70
N ALA L 113 51.79 -8.59 -33.11
CA ALA L 113 52.50 -9.09 -31.92
C ALA L 113 54.03 -9.24 -32.09
N VAL L 114 54.51 -9.42 -33.32
CA VAL L 114 55.93 -9.49 -33.70
C VAL L 114 56.73 -8.22 -33.33
N LEU L 115 56.08 -7.06 -33.18
CA LEU L 115 56.76 -5.81 -32.82
C LEU L 115 57.26 -5.77 -31.36
N LEU L 116 56.55 -6.39 -30.42
CA LEU L 116 56.70 -6.14 -28.99
C LEU L 116 58.04 -6.69 -28.44
N PRO L 117 58.81 -5.92 -27.63
CA PRO L 117 60.17 -6.27 -27.23
C PRO L 117 60.28 -7.41 -26.21
N LYS L 118 61.49 -7.98 -26.10
CA LYS L 118 61.94 -9.01 -25.15
C LYS L 118 61.02 -10.25 -25.08
N ARG M 31 17.85 33.46 -49.76
CA ARG M 31 19.17 32.92 -49.34
C ARG M 31 19.10 31.39 -49.24
N SER M 32 20.24 30.71 -49.44
CA SER M 32 20.39 29.29 -49.09
C SER M 32 20.18 29.00 -47.59
N ARG M 33 19.85 27.74 -47.30
CA ARG M 33 19.53 27.17 -45.97
C ARG M 33 20.20 25.79 -45.82
N LYS M 34 20.72 25.46 -44.63
CA LYS M 34 21.60 24.28 -44.41
C LYS M 34 20.91 22.92 -44.53
N GLU M 35 19.60 22.86 -44.27
CA GLU M 35 18.75 21.67 -44.50
C GLU M 35 19.25 20.39 -43.78
N SER M 36 19.97 20.53 -42.66
CA SER M 36 20.64 19.42 -41.97
C SER M 36 19.68 18.52 -41.16
N TYR M 37 20.11 17.30 -40.86
CA TYR M 37 19.38 16.37 -40.00
C TYR M 37 19.61 16.58 -38.49
N SER M 38 20.22 17.70 -38.10
CA SER M 38 20.78 17.95 -36.77
C SER M 38 19.76 17.81 -35.63
N ILE M 39 18.55 18.32 -35.83
CA ILE M 39 17.46 18.20 -34.86
C ILE M 39 17.17 16.72 -34.55
N TYR M 40 17.06 15.89 -35.58
CA TYR M 40 16.58 14.52 -35.45
C TYR M 40 17.63 13.59 -34.85
N VAL M 41 18.90 13.74 -35.26
CA VAL M 41 19.98 13.00 -34.59
C VAL M 41 20.09 13.41 -33.12
N TYR M 42 19.87 14.68 -32.78
CA TYR M 42 19.88 15.10 -31.37
C TYR M 42 18.68 14.56 -30.58
N LYS M 43 17.46 14.61 -31.16
CA LYS M 43 16.26 13.98 -30.58
C LYS M 43 16.47 12.49 -30.30
N VAL M 44 17.20 11.79 -31.17
CA VAL M 44 17.59 10.39 -30.93
C VAL M 44 18.69 10.25 -29.87
N LEU M 45 19.74 11.08 -29.87
CA LEU M 45 20.77 10.99 -28.82
C LEU M 45 20.14 11.16 -27.45
N LYS M 46 19.29 12.18 -27.29
CA LYS M 46 18.65 12.49 -26.01
C LYS M 46 17.71 11.36 -25.54
N GLN M 47 17.29 10.48 -26.43
CA GLN M 47 16.60 9.24 -26.08
C GLN M 47 17.58 8.13 -25.67
N VAL M 48 18.63 7.84 -26.45
CA VAL M 48 19.51 6.68 -26.17
C VAL M 48 20.51 6.91 -25.03
N HIS M 49 21.00 8.14 -24.85
CA HIS M 49 21.87 8.57 -23.75
C HIS M 49 21.42 9.95 -23.23
N PRO M 50 20.38 10.01 -22.37
CA PRO M 50 19.84 11.26 -21.84
C PRO M 50 20.86 12.21 -21.18
N ASP M 51 21.96 11.66 -20.66
CA ASP M 51 23.05 12.40 -20.01
C ASP M 51 24.09 13.01 -20.97
N THR M 52 24.03 12.71 -22.26
CA THR M 52 25.13 12.93 -23.23
C THR M 52 24.75 13.97 -24.29
N GLY M 53 25.74 14.74 -24.77
CA GLY M 53 25.60 15.79 -25.78
C GLY M 53 26.34 15.54 -27.11
N ILE M 54 26.13 16.37 -28.12
CA ILE M 54 26.79 16.31 -29.45
C ILE M 54 27.74 17.49 -29.64
N SER M 55 29.02 17.23 -29.91
CA SER M 55 29.91 18.30 -30.39
C SER M 55 29.59 18.70 -31.84
N SER M 56 29.88 19.94 -32.21
CA SER M 56 29.62 20.48 -33.55
C SER M 56 30.29 19.68 -34.68
N LYS M 57 31.49 19.13 -34.46
CA LYS M 57 32.14 18.26 -35.46
C LYS M 57 31.50 16.87 -35.51
N ALA M 58 31.09 16.30 -34.37
CA ALA M 58 30.33 15.05 -34.36
C ALA M 58 28.96 15.20 -35.01
N MET M 59 28.31 16.37 -34.87
CA MET M 59 27.10 16.69 -35.63
C MET M 59 27.36 16.61 -37.14
N GLY M 60 28.51 17.13 -37.60
CA GLY M 60 28.96 16.98 -38.98
C GLY M 60 29.06 15.50 -39.41
N ILE M 61 29.77 14.67 -38.64
CA ILE M 61 29.88 13.23 -38.91
C ILE M 61 28.49 12.57 -38.99
N MET M 62 27.59 12.88 -38.06
CA MET M 62 26.23 12.32 -38.05
C MET M 62 25.41 12.78 -39.26
N ASN M 63 25.48 14.05 -39.62
CA ASN M 63 24.82 14.58 -40.80
C ASN M 63 25.37 13.90 -42.08
N SER M 64 26.69 13.74 -42.20
CA SER M 64 27.31 13.00 -43.29
C SER M 64 26.83 11.55 -43.36
N PHE M 65 26.79 10.84 -42.22
CA PHE M 65 26.33 9.46 -42.21
C PHE M 65 24.88 9.33 -42.68
N VAL M 66 23.97 10.13 -42.14
CA VAL M 66 22.56 10.12 -42.58
C VAL M 66 22.44 10.45 -44.07
N ASN M 67 23.15 11.50 -44.52
CA ASN M 67 23.10 11.95 -45.90
C ASN M 67 23.65 10.88 -46.86
N ASP M 68 24.80 10.27 -46.54
CA ASP M 68 25.38 9.24 -47.39
C ASP M 68 24.47 8.00 -47.46
N ILE M 69 23.97 7.49 -46.32
CA ILE M 69 23.10 6.32 -46.33
C ILE M 69 21.80 6.59 -47.09
N PHE M 70 21.23 7.78 -46.99
CA PHE M 70 20.10 8.16 -47.84
C PHE M 70 20.45 8.07 -49.33
N GLU M 71 21.56 8.65 -49.78
CA GLU M 71 22.00 8.54 -51.18
C GLU M 71 22.28 7.09 -51.60
N ARG M 72 22.90 6.28 -50.73
CA ARG M 72 23.22 4.86 -51.01
C ARG M 72 21.92 4.07 -51.20
N ILE M 73 20.96 4.19 -50.28
CA ILE M 73 19.68 3.48 -50.33
C ILE M 73 18.81 3.98 -51.48
N ALA M 74 18.60 5.29 -51.62
CA ALA M 74 17.76 5.82 -52.69
C ALA M 74 18.35 5.55 -54.08
N GLY M 75 19.68 5.58 -54.21
CA GLY M 75 20.39 5.18 -55.42
C GLY M 75 20.11 3.72 -55.78
N GLU M 76 20.31 2.79 -54.84
CA GLU M 76 19.97 1.40 -55.10
C GLU M 76 18.46 1.19 -55.34
N ALA M 77 17.58 1.90 -54.64
CA ALA M 77 16.14 1.85 -54.90
C ALA M 77 15.77 2.30 -56.33
N SER M 78 16.44 3.33 -56.86
CA SER M 78 16.24 3.76 -58.25
C SER M 78 16.69 2.71 -59.26
N ARG M 79 17.79 1.99 -58.97
CA ARG M 79 18.21 0.83 -59.75
C ARG M 79 17.20 -0.30 -59.65
N LEU M 80 16.79 -0.67 -58.44
CA LEU M 80 15.82 -1.75 -58.18
C LEU M 80 14.46 -1.54 -58.85
N ALA M 81 13.98 -0.29 -58.98
CA ALA M 81 12.79 -0.02 -59.78
C ALA M 81 13.02 -0.37 -61.26
N HIS M 82 14.06 0.19 -61.90
CA HIS M 82 14.35 -0.07 -63.33
C HIS M 82 14.83 -1.50 -63.62
N TYR M 83 15.47 -2.18 -62.67
CA TYR M 83 15.81 -3.60 -62.74
C TYR M 83 14.57 -4.51 -62.79
N ASN M 84 13.39 -4.01 -62.43
CA ASN M 84 12.09 -4.66 -62.65
C ASN M 84 11.18 -3.88 -63.61
N LYS M 85 11.71 -2.82 -64.25
CA LYS M 85 11.01 -1.79 -65.03
C LYS M 85 9.68 -1.29 -64.40
N ARG M 86 9.60 -1.27 -63.07
CA ARG M 86 8.53 -0.60 -62.30
C ARG M 86 8.76 0.91 -62.30
N SER M 87 7.69 1.70 -62.32
CA SER M 87 7.80 3.17 -62.23
C SER M 87 7.88 3.71 -60.81
N THR M 88 7.16 3.12 -59.85
CA THR M 88 7.17 3.57 -58.45
C THR M 88 8.42 3.14 -57.67
N ILE M 89 8.67 3.81 -56.54
CA ILE M 89 9.38 3.22 -55.40
C ILE M 89 8.47 3.23 -54.18
N THR M 90 8.50 2.15 -53.41
CA THR M 90 7.61 1.84 -52.29
C THR M 90 8.40 1.11 -51.19
N SER M 91 7.73 0.61 -50.15
CA SER M 91 8.37 -0.15 -49.08
C SER M 91 9.16 -1.36 -49.58
N ARG M 92 8.70 -2.09 -50.62
CA ARG M 92 9.41 -3.30 -51.10
C ARG M 92 10.74 -2.99 -51.78
N GLU M 93 10.84 -1.89 -52.53
CA GLU M 93 12.10 -1.45 -53.12
C GLU M 93 13.11 -1.14 -52.02
N ILE M 94 12.70 -0.41 -50.99
CA ILE M 94 13.60 -0.01 -49.90
C ILE M 94 13.91 -1.18 -48.96
N GLN M 95 12.96 -2.08 -48.69
CA GLN M 95 13.21 -3.35 -47.99
C GLN M 95 14.31 -4.16 -48.70
N THR M 96 14.25 -4.23 -50.03
CA THR M 96 15.28 -4.88 -50.84
C THR M 96 16.62 -4.14 -50.77
N ALA M 97 16.62 -2.81 -50.90
CA ALA M 97 17.84 -1.99 -50.82
C ALA M 97 18.52 -2.12 -49.45
N VAL M 98 17.76 -2.13 -48.35
CA VAL M 98 18.27 -2.38 -47.00
C VAL M 98 18.90 -3.77 -46.90
N ARG M 99 18.22 -4.81 -47.41
CA ARG M 99 18.72 -6.20 -47.39
C ARG M 99 20.03 -6.36 -48.18
N LEU M 100 20.20 -5.61 -49.27
CA LEU M 100 21.43 -5.58 -50.05
C LEU M 100 22.55 -4.74 -49.39
N LEU M 101 22.24 -3.52 -48.95
CA LEU M 101 23.26 -2.56 -48.52
C LEU M 101 23.79 -2.83 -47.10
N LEU M 102 22.92 -3.15 -46.15
CA LEU M 102 23.32 -3.37 -44.77
C LEU M 102 23.96 -4.76 -44.58
N PRO M 103 24.81 -4.95 -43.55
CA PRO M 103 25.53 -6.20 -43.31
C PRO M 103 24.64 -7.28 -42.63
N GLY M 104 25.03 -7.82 -41.48
CA GLY M 104 24.31 -8.88 -40.76
C GLY M 104 23.11 -8.37 -39.98
N GLU M 105 23.21 -8.35 -38.65
CA GLU M 105 22.09 -8.05 -37.74
C GLU M 105 21.39 -6.71 -38.05
N LEU M 106 22.14 -5.70 -38.51
CA LEU M 106 21.58 -4.38 -38.84
C LEU M 106 20.50 -4.45 -39.93
N ALA M 107 20.60 -5.38 -40.88
CA ALA M 107 19.63 -5.50 -41.98
C ALA M 107 18.25 -5.95 -41.47
N LYS M 108 18.18 -7.04 -40.70
CA LYS M 108 16.94 -7.51 -40.05
C LYS M 108 16.37 -6.51 -39.06
N HIS M 109 17.21 -5.79 -38.32
CA HIS M 109 16.74 -4.73 -37.42
C HIS M 109 16.16 -3.52 -38.17
N ALA M 110 16.83 -3.02 -39.21
CA ALA M 110 16.31 -1.94 -40.05
C ALA M 110 15.00 -2.31 -40.78
N VAL M 111 14.90 -3.54 -41.31
CA VAL M 111 13.66 -4.06 -41.90
C VAL M 111 12.53 -4.16 -40.87
N SER M 112 12.84 -4.56 -39.64
CA SER M 112 11.86 -4.56 -38.54
C SER M 112 11.39 -3.13 -38.24
N GLU M 113 12.30 -2.16 -38.15
CA GLU M 113 11.91 -0.78 -37.87
C GLU M 113 11.07 -0.16 -39.00
N GLY M 114 11.43 -0.38 -40.27
CA GLY M 114 10.67 0.09 -41.42
C GLY M 114 9.26 -0.48 -41.46
N THR M 115 9.11 -1.80 -41.23
CA THR M 115 7.78 -2.41 -41.16
C THR M 115 6.97 -1.91 -39.97
N LYS M 116 7.58 -1.67 -38.80
CA LYS M 116 6.89 -1.11 -37.63
C LYS M 116 6.36 0.30 -37.88
N ALA M 117 7.19 1.19 -38.42
CA ALA M 117 6.79 2.56 -38.74
C ALA M 117 5.68 2.61 -39.80
N VAL M 118 5.79 1.84 -40.88
CA VAL M 118 4.73 1.76 -41.91
C VAL M 118 3.45 1.14 -41.33
N THR M 119 3.55 0.14 -40.44
CA THR M 119 2.38 -0.43 -39.76
C THR M 119 1.63 0.63 -38.97
N LYS M 120 2.32 1.47 -38.20
CA LYS M 120 1.66 2.56 -37.46
C LYS M 120 1.13 3.67 -38.39
N TYR M 121 1.89 4.02 -39.43
CA TYR M 121 1.53 5.07 -40.39
C TYR M 121 0.27 4.76 -41.21
N THR M 122 0.00 3.47 -41.48
CA THR M 122 -1.10 3.03 -42.35
C THR M 122 -2.47 2.86 -41.65
N SER M 123 -2.62 3.36 -40.41
CA SER M 123 -3.90 3.36 -39.67
C SER M 123 -4.10 4.65 -38.86
N THR N 12 -1.99 -40.91 11.26
CA THR N 12 -2.97 -41.48 12.22
C THR N 12 -3.40 -40.45 13.27
N GLN N 13 -4.44 -40.74 14.04
CA GLN N 13 -4.87 -39.93 15.18
C GLN N 13 -3.84 -39.92 16.33
N ARG N 14 -3.94 -38.95 17.23
CA ARG N 14 -3.14 -38.84 18.46
C ARG N 14 -3.90 -39.43 19.64
N ILE N 15 -3.25 -40.27 20.44
CA ILE N 15 -3.86 -40.80 21.66
C ILE N 15 -3.97 -39.67 22.68
N ALA N 16 -5.02 -39.69 23.50
CA ALA N 16 -5.34 -38.62 24.44
C ALA N 16 -5.68 -39.17 25.82
N SER N 17 -5.84 -38.31 26.82
CA SER N 17 -6.14 -38.73 28.19
C SER N 17 -7.46 -39.51 28.34
N HIS N 18 -8.35 -39.46 27.33
CA HIS N 18 -9.61 -40.22 27.26
C HIS N 18 -9.85 -40.98 25.95
N SER N 19 -8.90 -41.10 25.03
CA SER N 19 -9.22 -41.67 23.71
C SER N 19 -9.61 -43.14 23.73
N HIS N 20 -9.49 -43.84 24.88
CA HIS N 20 -9.94 -45.21 25.02
C HIS N 20 -11.39 -45.39 25.45
N VAL N 21 -12.05 -44.41 26.09
CA VAL N 21 -13.46 -44.55 26.47
C VAL N 21 -14.35 -44.34 25.26
N LYS N 22 -15.15 -45.34 24.91
CA LYS N 22 -16.01 -45.37 23.72
C LYS N 22 -17.51 -45.48 24.03
N GLY N 23 -17.89 -45.44 25.30
CA GLY N 23 -19.28 -45.52 25.76
C GLY N 23 -19.35 -45.85 27.23
N LEU N 24 -20.55 -45.90 27.83
CA LEU N 24 -20.70 -46.30 29.23
C LEU N 24 -20.48 -47.81 29.40
N GLY N 25 -20.61 -48.59 28.33
CA GLY N 25 -20.41 -50.04 28.38
C GLY N 25 -21.50 -50.79 29.15
N LEU N 26 -22.68 -50.20 29.32
CA LEU N 26 -23.82 -50.86 29.96
C LEU N 26 -24.36 -51.99 29.07
N ASP N 27 -24.92 -53.02 29.69
CA ASP N 27 -25.68 -54.03 28.95
C ASP N 27 -27.11 -53.57 28.65
N GLU N 28 -27.85 -54.34 27.87
CA GLU N 28 -29.20 -54.01 27.42
C GLU N 28 -30.22 -53.85 28.55
N SER N 29 -29.95 -54.33 29.77
CA SER N 29 -30.82 -54.13 30.93
C SER N 29 -30.61 -52.77 31.59
N GLY N 30 -29.55 -52.05 31.21
CA GLY N 30 -29.10 -50.81 31.83
C GLY N 30 -28.13 -51.00 33.00
N LEU N 31 -27.84 -52.24 33.42
CA LEU N 31 -26.79 -52.50 34.43
C LEU N 31 -25.39 -52.45 33.80
N ALA N 32 -24.38 -52.13 34.62
CA ALA N 32 -23.01 -52.04 34.14
C ALA N 32 -22.32 -53.41 34.00
N LYS N 33 -21.62 -53.62 32.88
CA LYS N 33 -20.58 -54.65 32.76
C LYS N 33 -19.35 -54.23 33.56
N GLN N 34 -18.62 -55.18 34.13
CA GLN N 34 -17.38 -54.93 34.89
C GLN N 34 -16.35 -54.15 34.08
N ALA N 35 -16.16 -54.48 32.80
CA ALA N 35 -15.25 -53.79 31.90
C ALA N 35 -15.77 -53.84 30.46
N ALA N 36 -16.10 -52.69 29.88
CA ALA N 36 -16.70 -52.61 28.56
C ALA N 36 -16.56 -51.22 27.95
N SER N 37 -16.56 -51.13 26.63
CA SER N 37 -16.43 -49.89 25.85
C SER N 37 -15.28 -48.99 26.34
N GLY N 38 -14.20 -49.62 26.80
CA GLY N 38 -13.01 -48.96 27.31
C GLY N 38 -13.06 -48.51 28.77
N LEU N 39 -14.20 -48.56 29.45
CA LEU N 39 -14.28 -48.31 30.89
C LEU N 39 -14.18 -49.60 31.71
N VAL N 40 -13.80 -49.48 32.98
CA VAL N 40 -13.84 -50.54 33.99
C VAL N 40 -14.37 -50.01 35.31
N GLY N 41 -14.79 -50.91 36.20
CA GLY N 41 -15.23 -50.54 37.55
C GLY N 41 -16.35 -49.50 37.52
N GLN N 42 -16.41 -48.65 38.55
CA GLN N 42 -17.28 -47.47 38.56
C GLN N 42 -18.77 -47.77 38.29
N GLU N 43 -19.24 -48.98 38.59
CA GLU N 43 -20.53 -49.45 38.11
C GLU N 43 -21.69 -48.56 38.56
N ASN N 44 -21.76 -48.17 39.82
CA ASN N 44 -22.87 -47.36 40.33
C ASN N 44 -22.99 -46.01 39.59
N ALA N 45 -21.87 -45.33 39.34
CA ALA N 45 -21.88 -44.08 38.60
C ALA N 45 -22.17 -44.30 37.11
N ARG N 46 -21.70 -45.40 36.52
CA ARG N 46 -21.99 -45.72 35.12
C ARG N 46 -23.45 -46.04 34.92
N GLU N 47 -24.09 -46.74 35.83
CA GLU N 47 -25.52 -47.01 35.77
C GLU N 47 -26.33 -45.73 35.90
N ALA N 48 -25.93 -44.81 36.79
CA ALA N 48 -26.55 -43.49 36.88
C ALA N 48 -26.40 -42.71 35.57
N CYS N 49 -25.22 -42.67 34.97
CA CYS N 49 -25.05 -42.06 33.66
C CYS N 49 -25.89 -42.73 32.56
N GLY N 50 -26.16 -44.04 32.66
CA GLY N 50 -27.08 -44.73 31.77
C GLY N 50 -28.47 -44.09 31.80
N VAL N 51 -28.99 -43.78 32.98
CA VAL N 51 -30.26 -43.07 33.11
C VAL N 51 -30.17 -41.68 32.50
N ILE N 52 -29.05 -40.98 32.66
CA ILE N 52 -28.87 -39.64 32.08
C ILE N 52 -28.82 -39.69 30.55
N VAL N 53 -28.18 -40.69 29.95
CA VAL N 53 -28.23 -40.88 28.50
C VAL N 53 -29.65 -41.14 28.03
N GLU N 54 -30.43 -41.95 28.73
CA GLU N 54 -31.84 -42.11 28.39
C GLU N 54 -32.62 -40.79 28.54
N LEU N 55 -32.29 -39.98 29.54
CA LEU N 55 -32.93 -38.67 29.74
C LEU N 55 -32.66 -37.74 28.56
N ILE N 56 -31.41 -37.64 28.13
CA ILE N 56 -31.04 -36.78 27.01
C ILE N 56 -31.61 -37.31 25.69
N LYS N 57 -31.62 -38.63 25.47
CA LYS N 57 -32.29 -39.23 24.31
C LYS N 57 -33.80 -39.04 24.31
N SER N 58 -34.43 -38.85 25.47
CA SER N 58 -35.87 -38.64 25.57
C SER N 58 -36.34 -37.25 25.16
N LYS N 59 -35.44 -36.26 25.02
CA LYS N 59 -35.69 -34.88 24.58
C LYS N 59 -36.68 -34.02 25.39
N LYS N 60 -37.63 -34.57 26.13
CA LYS N 60 -38.71 -33.81 26.78
C LYS N 60 -38.23 -32.77 27.79
N MET N 61 -37.13 -33.03 28.49
CA MET N 61 -36.69 -32.23 29.63
C MET N 61 -35.85 -31.02 29.26
N ALA N 62 -35.92 -29.98 30.08
CA ALA N 62 -35.11 -28.79 29.95
C ALA N 62 -34.43 -28.44 31.26
N GLY N 63 -33.20 -27.96 31.18
CA GLY N 63 -32.43 -27.47 32.32
C GLY N 63 -32.05 -28.50 33.39
N ARG N 64 -32.60 -29.72 33.35
CA ARG N 64 -32.32 -30.78 34.30
C ARG N 64 -30.82 -31.04 34.38
N ALA N 65 -30.26 -31.16 35.59
CA ALA N 65 -28.81 -31.17 35.75
C ALA N 65 -28.29 -32.21 36.74
N VAL N 66 -27.02 -32.55 36.54
CA VAL N 66 -26.33 -33.67 37.18
C VAL N 66 -24.99 -33.19 37.68
N LEU N 67 -24.58 -33.62 38.87
CA LEU N 67 -23.24 -33.33 39.38
C LEU N 67 -22.48 -34.63 39.58
N LEU N 68 -21.41 -34.83 38.83
CA LEU N 68 -20.44 -35.89 39.08
C LEU N 68 -19.51 -35.42 40.19
N ALA N 69 -19.64 -35.99 41.38
CA ALA N 69 -18.86 -35.59 42.56
C ALA N 69 -17.89 -36.70 42.95
N GLY N 70 -16.64 -36.38 43.27
CA GLY N 70 -15.71 -37.36 43.83
C GLY N 70 -14.24 -37.04 43.61
N PRO N 71 -13.33 -37.70 44.33
CA PRO N 71 -11.92 -37.34 44.41
C PRO N 71 -11.22 -37.16 43.05
N PRO N 72 -10.10 -36.44 43.00
CA PRO N 72 -9.29 -36.35 41.79
C PRO N 72 -8.87 -37.74 41.31
N GLY N 73 -8.91 -37.96 40.00
CA GLY N 73 -8.48 -39.19 39.36
C GLY N 73 -9.43 -40.34 39.60
N THR N 74 -10.75 -40.12 39.56
CA THR N 74 -11.76 -41.16 39.78
C THR N 74 -12.75 -41.34 38.64
N GLY N 75 -12.59 -40.63 37.52
CA GLY N 75 -13.30 -40.95 36.29
C GLY N 75 -14.43 -40.01 35.92
N LYS N 76 -14.68 -38.94 36.68
CA LYS N 76 -15.73 -37.95 36.40
C LYS N 76 -15.73 -37.45 34.96
N THR N 77 -14.59 -37.03 34.43
CA THR N 77 -14.52 -36.56 33.05
C THR N 77 -14.55 -37.71 32.07
N ALA N 78 -14.03 -38.88 32.42
CA ALA N 78 -14.20 -40.06 31.58
C ALA N 78 -15.66 -40.43 31.45
N LEU N 79 -16.47 -40.42 32.51
CA LEU N 79 -17.90 -40.70 32.42
C LEU N 79 -18.67 -39.60 31.69
N ALA N 80 -18.33 -38.33 31.88
CA ALA N 80 -18.97 -37.29 31.09
C ALA N 80 -18.67 -37.43 29.60
N LEU N 81 -17.45 -37.81 29.21
CA LEU N 81 -17.14 -38.14 27.83
C LEU N 81 -17.74 -39.48 27.40
N ALA N 82 -17.95 -40.43 28.29
CA ALA N 82 -18.69 -41.64 27.97
C ALA N 82 -20.13 -41.30 27.58
N ILE N 83 -20.79 -40.38 28.28
CA ILE N 83 -22.10 -39.87 27.89
C ILE N 83 -22.02 -39.24 26.50
N ALA N 84 -21.00 -38.43 26.20
CA ALA N 84 -20.84 -37.88 24.86
C ALA N 84 -20.72 -38.96 23.80
N GLN N 85 -19.99 -40.05 24.07
CA GLN N 85 -19.84 -41.16 23.14
C GLN N 85 -21.10 -42.02 23.01
N GLU N 86 -21.90 -42.21 24.06
CA GLU N 86 -23.18 -42.92 23.93
C GLU N 86 -24.16 -42.20 23.02
N LEU N 87 -24.14 -40.87 23.02
CA LEU N 87 -24.98 -40.03 22.15
C LEU N 87 -24.40 -39.82 20.75
N GLY N 88 -23.06 -39.83 20.63
CA GLY N 88 -22.34 -39.61 19.38
C GLY N 88 -22.45 -38.17 18.86
N SER N 89 -21.91 -37.90 17.67
CA SER N 89 -21.94 -36.56 17.06
C SER N 89 -23.35 -36.04 16.80
N LYS N 90 -24.35 -36.92 16.75
CA LYS N 90 -25.73 -36.60 16.41
C LYS N 90 -26.46 -35.71 17.43
N VAL N 91 -25.93 -35.50 18.63
CA VAL N 91 -26.52 -34.65 19.67
C VAL N 91 -25.43 -33.73 20.26
N PRO N 92 -25.64 -32.41 20.36
CA PRO N 92 -24.62 -31.50 20.84
C PRO N 92 -24.14 -31.85 22.23
N PHE N 93 -22.84 -32.00 22.38
CA PHE N 93 -22.19 -32.05 23.68
C PHE N 93 -21.19 -30.90 23.71
N CYS N 94 -21.42 -29.92 24.55
CA CYS N 94 -20.58 -28.75 24.64
C CYS N 94 -19.73 -28.81 25.92
N PRO N 95 -18.42 -29.04 25.86
CA PRO N 95 -17.58 -29.01 27.03
C PRO N 95 -17.10 -27.59 27.32
N MET N 96 -17.12 -27.19 28.59
CA MET N 96 -16.45 -25.98 29.06
C MET N 96 -15.90 -26.21 30.46
N VAL N 97 -14.81 -25.56 30.81
CA VAL N 97 -14.34 -25.50 32.19
C VAL N 97 -15.08 -24.38 32.89
N GLY N 98 -15.37 -24.46 34.18
CA GLY N 98 -15.90 -23.29 34.90
C GLY N 98 -14.99 -22.06 34.80
N SER N 99 -13.69 -22.25 34.64
CA SER N 99 -12.73 -21.18 34.41
C SER N 99 -12.92 -20.41 33.10
N GLU N 100 -13.67 -20.92 32.12
CA GLU N 100 -13.92 -20.19 30.87
C GLU N 100 -14.87 -19.01 31.08
N VAL N 101 -15.57 -18.93 32.20
CA VAL N 101 -16.56 -17.88 32.45
C VAL N 101 -15.97 -16.49 32.63
N TYR N 102 -14.70 -16.39 33.01
CA TYR N 102 -14.04 -15.10 33.23
C TYR N 102 -13.57 -14.46 31.93
N SER N 103 -14.50 -14.05 31.08
CA SER N 103 -14.20 -13.25 29.89
C SER N 103 -13.84 -11.81 30.25
N THR N 104 -13.14 -11.12 29.36
CA THR N 104 -12.86 -9.68 29.43
C THR N 104 -13.60 -8.87 28.38
N GLU N 105 -14.38 -9.49 27.49
CA GLU N 105 -15.22 -8.76 26.52
C GLU N 105 -16.71 -8.75 26.91
N ILE N 106 -17.16 -9.69 27.75
CA ILE N 106 -18.57 -9.82 28.20
C ILE N 106 -18.67 -10.28 29.65
N LYS N 107 -19.79 -10.02 30.31
CA LYS N 107 -20.02 -10.42 31.70
C LYS N 107 -20.00 -11.93 31.90
N LYS N 108 -19.66 -12.36 33.12
CA LYS N 108 -19.67 -13.77 33.53
C LYS N 108 -20.98 -14.48 33.19
N THR N 109 -22.11 -13.92 33.62
CA THR N 109 -23.44 -14.50 33.41
C THR N 109 -23.95 -14.41 31.97
N GLU N 110 -23.18 -13.85 31.04
CA GLU N 110 -23.41 -14.02 29.61
C GLU N 110 -22.72 -15.28 29.11
N VAL N 111 -21.47 -15.53 29.50
CA VAL N 111 -20.74 -16.70 29.04
C VAL N 111 -21.47 -17.99 29.39
N LEU N 112 -22.14 -18.04 30.54
CA LEU N 112 -23.01 -19.18 30.85
C LEU N 112 -24.13 -19.28 29.82
N MET N 113 -24.80 -18.17 29.48
CA MET N 113 -25.92 -18.22 28.55
C MET N 113 -25.48 -18.53 27.13
N GLU N 114 -24.32 -18.06 26.69
CA GLU N 114 -23.76 -18.50 25.41
C GLU N 114 -23.57 -20.01 25.43
N ASN N 115 -22.92 -20.56 26.45
CA ASN N 115 -22.64 -21.99 26.46
C ASN N 115 -23.91 -22.82 26.66
N PHE N 116 -24.90 -22.37 27.42
CA PHE N 116 -26.22 -23.01 27.45
C PHE N 116 -26.90 -23.05 26.08
N ARG N 117 -26.70 -22.04 25.24
CA ARG N 117 -27.26 -21.97 23.89
C ARG N 117 -26.43 -22.74 22.88
N ARG N 118 -25.16 -23.06 23.14
CA ARG N 118 -24.36 -23.97 22.30
C ARG N 118 -24.81 -25.42 22.44
N ALA N 119 -25.39 -25.79 23.57
CA ALA N 119 -25.81 -27.15 23.84
C ALA N 119 -27.23 -27.50 23.36
N ILE N 120 -27.88 -26.65 22.55
CA ILE N 120 -29.15 -27.00 21.89
C ILE N 120 -28.95 -26.88 20.38
N GLY N 121 -29.18 -27.97 19.65
CA GLY N 121 -28.86 -28.04 18.22
C GLY N 121 -30.10 -28.06 17.34
N LEU N 122 -29.94 -27.61 16.12
CA LEU N 122 -30.82 -27.86 15.00
C LEU N 122 -30.09 -28.77 14.02
N ARG N 123 -30.85 -29.71 13.50
CA ARG N 123 -30.46 -30.68 12.49
C ARG N 123 -31.26 -30.33 11.25
N ILE N 124 -30.59 -30.00 10.15
CA ILE N 124 -31.22 -29.40 8.96
C ILE N 124 -30.75 -30.14 7.72
N LYS N 125 -31.60 -31.00 7.14
CA LYS N 125 -31.24 -31.71 5.91
C LYS N 125 -31.30 -30.78 4.71
N GLU N 126 -30.39 -30.91 3.76
CA GLU N 126 -30.54 -30.34 2.42
C GLU N 126 -29.82 -31.20 1.37
N THR N 127 -30.33 -31.22 0.15
CA THR N 127 -29.67 -31.92 -0.96
C THR N 127 -28.57 -31.05 -1.54
N LYS N 128 -27.35 -31.19 -1.02
CA LYS N 128 -26.13 -30.57 -1.58
C LYS N 128 -26.02 -30.91 -3.04
N GLU N 129 -26.03 -29.91 -3.89
CA GLU N 129 -26.18 -30.04 -5.33
C GLU N 129 -25.08 -29.25 -6.03
N VAL N 130 -24.01 -29.92 -6.40
CA VAL N 130 -22.79 -29.28 -6.92
C VAL N 130 -22.73 -29.47 -8.41
N TYR N 131 -22.50 -28.40 -9.16
CA TYR N 131 -22.09 -28.48 -10.55
C TYR N 131 -20.64 -28.04 -10.67
N GLU N 132 -19.78 -28.74 -11.41
CA GLU N 132 -18.46 -28.19 -11.74
C GLU N 132 -17.95 -28.60 -13.11
N GLY N 133 -17.11 -27.78 -13.74
CA GLY N 133 -16.57 -28.06 -15.07
C GLY N 133 -16.01 -26.83 -15.78
N GLU N 134 -15.41 -27.01 -16.95
CA GLU N 134 -15.06 -25.88 -17.82
C GLU N 134 -16.32 -25.17 -18.27
N VAL N 135 -16.40 -23.86 -18.09
CA VAL N 135 -17.46 -23.03 -18.63
C VAL N 135 -17.35 -22.97 -20.14
N THR N 136 -18.25 -23.59 -20.88
CA THR N 136 -18.24 -23.54 -22.35
C THR N 136 -18.79 -22.21 -22.88
N GLU N 137 -19.81 -21.66 -22.24
CA GLU N 137 -20.30 -20.31 -22.53
C GLU N 137 -20.99 -19.67 -21.34
N LEU N 138 -20.97 -18.34 -21.29
CA LEU N 138 -21.85 -17.51 -20.49
C LEU N 138 -22.67 -16.61 -21.42
N THR N 139 -24.00 -16.67 -21.36
CA THR N 139 -24.88 -15.85 -22.19
C THR N 139 -26.07 -15.30 -21.38
N PRO N 140 -25.99 -14.05 -20.91
CA PRO N 140 -27.12 -13.36 -20.31
C PRO N 140 -28.28 -13.19 -21.29
N CYS N 141 -29.52 -13.24 -20.79
CA CYS N 141 -30.73 -13.12 -21.60
C CYS N 141 -31.44 -11.79 -21.37
N GLY N 151 -36.88 -9.72 -18.57
CA GLY N 151 -36.53 -8.32 -18.81
C GLY N 151 -35.47 -8.12 -19.89
N LYS N 152 -35.21 -6.86 -20.27
CA LYS N 152 -34.21 -6.48 -21.28
C LYS N 152 -32.77 -6.46 -20.76
N THR N 153 -32.58 -6.35 -19.43
CA THR N 153 -31.25 -6.34 -18.78
C THR N 153 -30.71 -7.77 -18.61
N ILE N 154 -31.10 -8.50 -17.56
CA ILE N 154 -30.80 -9.92 -17.35
C ILE N 154 -32.03 -10.61 -16.72
N SER N 155 -32.76 -11.40 -17.50
CA SER N 155 -33.81 -12.30 -17.00
C SER N 155 -33.23 -13.47 -16.21
N HIS N 156 -32.23 -14.12 -16.82
CA HIS N 156 -31.48 -15.27 -16.34
C HIS N 156 -30.18 -15.32 -17.14
N VAL N 157 -29.18 -16.08 -16.67
CA VAL N 157 -27.97 -16.35 -17.45
C VAL N 157 -27.88 -17.84 -17.75
N ILE N 158 -27.85 -18.19 -19.03
CA ILE N 158 -27.49 -19.55 -19.43
C ILE N 158 -25.98 -19.67 -19.28
N ILE N 159 -25.54 -20.74 -18.62
CA ILE N 159 -24.14 -21.13 -18.54
C ILE N 159 -24.03 -22.57 -19.05
N GLY N 160 -22.96 -22.90 -19.75
CA GLY N 160 -22.66 -24.28 -20.13
C GLY N 160 -21.44 -24.78 -19.37
N LEU N 161 -21.46 -26.02 -18.88
CA LEU N 161 -20.37 -26.64 -18.14
C LEU N 161 -19.97 -27.96 -18.79
N LYS N 162 -18.68 -28.28 -18.88
CA LYS N 162 -18.15 -29.52 -19.45
C LYS N 162 -17.18 -30.20 -18.51
N THR N 163 -17.15 -31.52 -18.49
CA THR N 163 -16.15 -32.33 -17.80
C THR N 163 -15.79 -33.54 -18.65
N ALA N 164 -14.72 -34.27 -18.32
CA ALA N 164 -14.41 -35.51 -19.01
C ALA N 164 -15.45 -36.64 -18.78
N LYS N 165 -16.59 -36.35 -18.16
CA LYS N 165 -17.77 -37.22 -18.05
C LYS N 165 -18.99 -36.67 -18.82
N GLY N 166 -18.96 -35.46 -19.36
CA GLY N 166 -20.04 -34.94 -20.20
C GLY N 166 -20.24 -33.43 -20.17
N THR N 167 -21.46 -32.96 -20.38
CA THR N 167 -21.80 -31.53 -20.47
C THR N 167 -23.21 -31.25 -19.93
N LYS N 168 -23.45 -30.06 -19.39
CA LYS N 168 -24.77 -29.56 -18.98
C LYS N 168 -24.89 -28.06 -19.25
N GLN N 169 -26.12 -27.57 -19.33
CA GLN N 169 -26.40 -26.15 -19.24
C GLN N 169 -27.25 -25.86 -18.00
N LEU N 170 -26.94 -24.76 -17.30
CA LEU N 170 -27.69 -24.29 -16.15
C LEU N 170 -28.32 -22.93 -16.48
N LYS N 171 -29.46 -22.67 -15.86
CA LYS N 171 -30.17 -21.39 -15.93
C LYS N 171 -29.96 -20.67 -14.61
N LEU N 172 -28.85 -19.95 -14.51
CA LEU N 172 -28.46 -19.19 -13.31
C LEU N 172 -29.38 -17.98 -13.09
N ASP N 173 -29.65 -17.65 -11.83
CA ASP N 173 -30.24 -16.35 -11.52
C ASP N 173 -29.20 -15.21 -11.65
N PRO N 174 -29.63 -13.94 -11.76
CA PRO N 174 -28.72 -12.81 -11.92
C PRO N 174 -27.75 -12.60 -10.74
N SER N 175 -28.09 -13.07 -9.53
CA SER N 175 -27.23 -12.94 -8.35
C SER N 175 -26.06 -13.94 -8.39
N ILE N 176 -26.31 -15.15 -8.88
CA ILE N 176 -25.21 -16.07 -9.20
C ILE N 176 -24.36 -15.50 -10.31
N PHE N 177 -24.93 -14.91 -11.36
CA PHE N 177 -24.10 -14.29 -12.40
C PHE N 177 -23.26 -13.14 -11.86
N GLU N 178 -23.78 -12.31 -10.96
CA GLU N 178 -22.95 -11.32 -10.28
C GLU N 178 -21.77 -11.98 -9.56
N SER N 179 -21.97 -13.15 -8.95
CA SER N 179 -20.90 -13.91 -8.31
C SER N 179 -19.88 -14.48 -9.31
N LEU N 180 -20.30 -15.00 -10.46
CA LEU N 180 -19.37 -15.36 -11.55
C LEU N 180 -18.55 -14.13 -11.96
N GLN N 181 -19.19 -12.98 -12.07
CA GLN N 181 -18.53 -11.75 -12.50
C GLN N 181 -17.56 -11.20 -11.43
N LYS N 182 -17.85 -11.38 -10.14
CA LYS N 182 -16.93 -11.08 -9.03
C LYS N 182 -15.76 -12.05 -8.95
N GLU N 183 -15.96 -13.31 -9.26
CA GLU N 183 -14.89 -14.31 -9.40
C GLU N 183 -14.07 -14.13 -10.70
N ARG N 184 -14.41 -13.14 -11.53
CA ARG N 184 -13.72 -12.80 -12.78
C ARG N 184 -13.66 -13.97 -13.77
N VAL N 185 -14.75 -14.73 -13.85
CA VAL N 185 -14.90 -15.89 -14.75
C VAL N 185 -15.13 -15.49 -16.20
N GLU N 186 -14.53 -16.24 -17.13
CA GLU N 186 -14.66 -16.11 -18.58
C GLU N 186 -14.85 -17.50 -19.22
N ALA N 187 -15.28 -17.57 -20.48
CA ALA N 187 -15.38 -18.85 -21.17
C ALA N 187 -14.04 -19.61 -21.16
N GLY N 188 -14.08 -20.89 -20.82
CA GLY N 188 -12.92 -21.74 -20.66
C GLY N 188 -12.37 -21.82 -19.24
N ASP N 189 -12.90 -21.09 -18.26
CA ASP N 189 -12.54 -21.28 -16.86
C ASP N 189 -13.20 -22.52 -16.25
N VAL N 190 -12.52 -23.21 -15.34
CA VAL N 190 -13.08 -24.34 -14.60
C VAL N 190 -13.68 -23.84 -13.31
N ILE N 191 -14.99 -24.01 -13.16
CA ILE N 191 -15.79 -23.43 -12.10
C ILE N 191 -16.42 -24.50 -11.24
N TYR N 192 -16.55 -24.23 -9.95
CA TYR N 192 -17.37 -24.97 -9.02
C TYR N 192 -18.56 -24.09 -8.64
N ILE N 193 -19.78 -24.53 -8.93
CA ILE N 193 -21.05 -23.89 -8.57
C ILE N 193 -21.73 -24.79 -7.55
N GLU N 194 -22.25 -24.24 -6.46
CA GLU N 194 -23.12 -25.00 -5.56
C GLU N 194 -24.55 -24.44 -5.64
N ALA N 195 -25.52 -25.26 -6.03
CA ALA N 195 -26.84 -24.78 -6.36
C ALA N 195 -27.71 -24.42 -5.15
N ASN N 196 -27.42 -24.94 -3.96
CA ASN N 196 -28.10 -24.52 -2.73
C ASN N 196 -27.55 -23.19 -2.22
N SER N 197 -26.27 -23.16 -1.92
CA SER N 197 -25.58 -22.03 -1.30
C SER N 197 -25.44 -20.84 -2.22
N GLY N 198 -25.50 -21.06 -3.54
CA GLY N 198 -25.08 -20.06 -4.50
C GLY N 198 -23.60 -19.73 -4.41
N ALA N 199 -22.80 -20.58 -3.77
CA ALA N 199 -21.36 -20.43 -3.73
C ALA N 199 -20.78 -20.67 -5.11
N VAL N 200 -19.80 -19.89 -5.49
CA VAL N 200 -19.08 -20.00 -6.75
C VAL N 200 -17.59 -19.93 -6.46
N LYS N 201 -16.78 -20.83 -6.97
CA LYS N 201 -15.33 -20.68 -6.96
C LYS N 201 -14.75 -20.93 -8.34
N ARG N 202 -13.97 -19.98 -8.87
CA ARG N 202 -13.07 -20.23 -9.99
C ARG N 202 -11.93 -21.10 -9.50
N GLN N 203 -11.61 -22.16 -10.22
CA GLN N 203 -10.51 -23.06 -9.84
C GLN N 203 -9.27 -22.93 -10.71
N GLY N 204 -9.39 -22.29 -11.87
CA GLY N 204 -8.29 -22.05 -12.82
C GLY N 204 -8.83 -22.07 -14.24
N ARG N 205 -8.01 -21.70 -15.22
CA ARG N 205 -8.41 -21.87 -16.63
C ARG N 205 -8.30 -23.33 -17.02
N CYS N 206 -9.19 -23.84 -17.85
CA CYS N 206 -9.10 -25.22 -18.31
C CYS N 206 -7.82 -25.39 -19.13
N ASP N 207 -7.03 -26.44 -18.87
CA ASP N 207 -5.69 -26.50 -19.47
C ASP N 207 -5.68 -26.73 -20.99
N THR N 208 -6.83 -26.97 -21.63
CA THR N 208 -6.92 -26.93 -23.10
C THR N 208 -6.59 -25.54 -23.64
N TYR N 209 -6.77 -24.48 -22.84
CA TYR N 209 -6.33 -23.12 -23.15
C TYR N 209 -4.95 -22.78 -22.58
N ALA N 210 -4.19 -23.71 -22.01
CA ALA N 210 -2.88 -23.42 -21.43
C ALA N 210 -1.82 -22.95 -22.43
N THR N 211 -2.08 -23.08 -23.73
CA THR N 211 -1.22 -22.57 -24.82
C THR N 211 -1.68 -21.21 -25.37
N GLU N 212 -2.72 -20.60 -24.80
CA GLU N 212 -3.29 -19.34 -25.28
C GLU N 212 -2.28 -18.18 -25.28
N PHE N 213 -1.37 -18.20 -24.31
CA PHE N 213 -0.12 -17.43 -24.26
C PHE N 213 0.97 -18.34 -23.68
N ASP N 214 2.25 -18.04 -23.91
CA ASP N 214 3.31 -18.94 -23.45
C ASP N 214 3.61 -18.75 -21.95
N LEU N 215 3.58 -17.51 -21.46
CA LEU N 215 3.34 -17.19 -20.05
C LEU N 215 2.14 -16.26 -19.94
N GLU N 216 1.15 -16.68 -19.16
CA GLU N 216 0.12 -15.81 -18.62
C GLU N 216 0.05 -16.03 -17.11
N ALA N 217 -0.28 -14.99 -16.36
CA ALA N 217 -0.36 -15.04 -14.91
C ALA N 217 -1.65 -15.71 -14.45
N GLU N 218 -1.85 -16.97 -14.81
CA GLU N 218 -2.97 -17.82 -14.40
C GLU N 218 -2.50 -19.24 -14.14
N GLU N 219 -3.27 -19.99 -13.35
CA GLU N 219 -3.06 -21.40 -13.15
C GLU N 219 -4.06 -22.19 -13.98
N TYR N 220 -3.54 -23.19 -14.68
CA TYR N 220 -4.31 -24.01 -15.59
C TYR N 220 -4.55 -25.35 -14.91
N VAL N 221 -5.81 -25.74 -14.77
CA VAL N 221 -6.21 -27.01 -14.15
C VAL N 221 -6.74 -27.93 -15.22
N PRO N 222 -6.46 -29.24 -15.15
CA PRO N 222 -6.97 -30.18 -16.13
C PRO N 222 -8.49 -30.24 -16.04
N LEU N 223 -9.17 -30.43 -17.17
CA LEU N 223 -10.62 -30.61 -17.23
C LEU N 223 -11.06 -31.72 -16.24
N PRO N 224 -12.02 -31.47 -15.33
CA PRO N 224 -12.37 -32.42 -14.27
C PRO N 224 -12.67 -33.83 -14.75
N LYS N 225 -12.04 -34.82 -14.11
CA LYS N 225 -12.25 -36.25 -14.35
C LYS N 225 -13.43 -36.78 -13.52
N GLY N 226 -14.53 -36.05 -13.53
CA GLY N 226 -15.68 -36.29 -12.66
C GLY N 226 -16.98 -35.74 -13.22
N ASP N 227 -18.07 -36.07 -12.56
CA ASP N 227 -19.41 -35.73 -13.04
C ASP N 227 -19.61 -34.21 -13.11
N VAL N 228 -20.36 -33.74 -14.10
CA VAL N 228 -20.75 -32.31 -14.20
C VAL N 228 -21.70 -31.92 -13.06
N HIS N 229 -22.35 -32.88 -12.42
CA HIS N 229 -23.48 -32.69 -11.52
C HIS N 229 -23.50 -33.77 -10.45
N LYS N 230 -23.33 -33.38 -9.19
CA LYS N 230 -23.22 -34.29 -8.03
C LYS N 230 -24.26 -33.96 -6.97
N LYS N 231 -24.79 -35.00 -6.32
CA LYS N 231 -25.81 -34.89 -5.28
C LYS N 231 -25.37 -35.63 -4.01
N LYS N 232 -25.62 -35.03 -2.86
CA LYS N 232 -25.66 -35.70 -1.56
C LYS N 232 -26.86 -35.19 -0.79
N GLU N 233 -27.58 -36.03 -0.07
CA GLU N 233 -28.42 -35.52 0.99
C GLU N 233 -27.53 -35.28 2.23
N ILE N 234 -27.00 -34.07 2.36
CA ILE N 234 -26.24 -33.69 3.55
C ILE N 234 -27.20 -33.34 4.68
N ILE N 235 -26.68 -33.43 5.89
CA ILE N 235 -27.45 -33.36 7.11
C ILE N 235 -26.68 -32.41 8.01
N GLN N 236 -27.03 -31.13 7.96
CA GLN N 236 -26.27 -30.07 8.63
C GLN N 236 -26.58 -29.99 10.12
N ASP N 237 -25.56 -29.74 10.93
CA ASP N 237 -25.66 -29.51 12.36
C ASP N 237 -25.30 -28.06 12.66
N VAL N 238 -26.16 -27.37 13.41
CA VAL N 238 -26.01 -25.97 13.81
C VAL N 238 -26.62 -25.77 15.18
N THR N 239 -26.22 -24.78 15.98
CA THR N 239 -26.71 -24.63 17.36
C THR N 239 -27.37 -23.28 17.57
N LEU N 240 -28.27 -23.15 18.54
CA LEU N 240 -28.91 -21.86 18.79
C LEU N 240 -27.91 -20.74 19.06
N HIS N 241 -26.76 -21.03 19.63
CA HIS N 241 -25.72 -20.01 19.75
C HIS N 241 -25.12 -19.58 18.41
N ASP N 242 -24.99 -20.45 17.41
CA ASP N 242 -24.60 -19.99 16.08
C ASP N 242 -25.62 -18.98 15.55
N LEU N 243 -26.92 -19.23 15.75
CA LEU N 243 -27.97 -18.31 15.31
C LEU N 243 -27.93 -16.99 16.09
N ASP N 244 -27.87 -17.04 17.42
CA ASP N 244 -27.79 -15.85 18.26
C ASP N 244 -26.63 -14.95 17.82
N VAL N 245 -25.42 -15.48 17.69
CA VAL N 245 -24.26 -14.69 17.29
C VAL N 245 -24.36 -14.18 15.87
N ALA N 246 -24.71 -15.00 14.90
CA ALA N 246 -24.74 -14.59 13.50
C ALA N 246 -25.91 -13.64 13.16
N ASN N 247 -26.85 -13.42 14.08
CA ASN N 247 -27.97 -12.50 13.90
C ASN N 247 -27.90 -11.28 14.82
N ALA N 248 -27.10 -11.29 15.89
CA ALA N 248 -27.05 -10.17 16.81
C ALA N 248 -26.35 -8.94 16.26
N ARG N 249 -25.09 -9.06 15.84
CA ARG N 249 -24.35 -7.96 15.21
C ARG N 249 -24.57 -7.98 13.69
N PRO N 250 -24.54 -6.82 13.00
CA PRO N 250 -24.51 -6.79 11.55
C PRO N 250 -23.40 -7.68 10.98
N GLN N 251 -23.72 -8.52 10.00
CA GLN N 251 -22.77 -9.49 9.46
C GLN N 251 -21.63 -8.79 8.70
N GLY N 252 -20.50 -9.49 8.50
CA GLY N 252 -19.43 -9.00 7.62
C GLY N 252 -19.90 -8.77 6.18
N GLY N 253 -20.96 -9.49 5.75
CA GLY N 253 -21.82 -9.20 4.60
C GLY N 253 -21.21 -9.43 3.21
N GLN N 254 -19.89 -9.36 3.09
CA GLN N 254 -19.13 -9.46 1.84
C GLN N 254 -18.04 -10.53 1.98
N ASP N 255 -17.72 -11.22 0.87
CA ASP N 255 -16.80 -12.36 0.84
C ASP N 255 -15.33 -11.91 0.93
N ILE N 256 -14.91 -11.33 2.06
CA ILE N 256 -13.84 -10.33 2.11
C ILE N 256 -14.24 -9.20 1.16
N LEU N 257 -13.68 -9.06 -0.05
CA LEU N 257 -14.11 -8.19 -1.17
C LEU N 257 -14.66 -6.80 -0.75
N SER N 258 -14.04 -6.20 0.28
CA SER N 258 -14.52 -5.01 0.98
C SER N 258 -13.38 -4.42 1.80
N MET N 259 -13.53 -3.18 2.26
CA MET N 259 -12.59 -2.63 3.25
C MET N 259 -13.21 -1.84 4.39
N MET N 260 -14.51 -1.59 4.38
CA MET N 260 -15.20 -1.16 5.59
C MET N 260 -14.96 -2.15 6.74
N GLY N 261 -14.99 -3.45 6.44
CA GLY N 261 -14.72 -4.51 7.39
C GLY N 261 -13.29 -4.55 7.96
N GLN N 262 -12.42 -3.61 7.59
CA GLN N 262 -11.11 -3.42 8.25
C GLN N 262 -11.20 -2.60 9.54
N LEU N 263 -12.17 -1.67 9.62
CA LEU N 263 -12.22 -0.63 10.66
C LEU N 263 -12.71 -1.18 12.01
N MET N 264 -13.90 -1.77 12.02
CA MET N 264 -14.54 -2.27 13.23
C MET N 264 -14.11 -3.72 13.48
N LYS N 265 -13.15 -3.94 14.38
CA LYS N 265 -12.85 -5.30 14.85
C LYS N 265 -14.07 -5.89 15.56
N PRO N 266 -14.29 -7.20 15.48
CA PRO N 266 -15.33 -7.84 16.25
C PRO N 266 -14.99 -7.81 17.73
N LYS N 267 -16.02 -7.88 18.57
CA LYS N 267 -15.91 -8.36 19.93
C LYS N 267 -17.13 -9.20 20.26
N LYS N 268 -16.94 -10.12 21.20
CA LYS N 268 -18.04 -10.82 21.86
C LYS N 268 -18.94 -9.78 22.54
N THR N 269 -20.25 -9.96 22.58
CA THR N 269 -21.18 -8.91 23.04
C THR N 269 -22.37 -9.48 23.81
N GLU N 270 -22.96 -8.71 24.73
CA GLU N 270 -24.02 -9.19 25.62
C GLU N 270 -25.38 -9.35 24.91
N ILE N 271 -25.52 -10.33 24.02
CA ILE N 271 -26.71 -10.58 23.18
C ILE N 271 -28.00 -10.48 24.02
N THR N 272 -28.93 -9.59 23.68
CA THR N 272 -30.05 -9.32 24.58
C THR N 272 -31.04 -10.47 24.65
N ASP N 273 -31.67 -10.70 25.80
CA ASP N 273 -32.67 -11.74 26.00
C ASP N 273 -33.89 -11.55 25.08
N LYS N 274 -34.14 -10.31 24.63
CA LYS N 274 -35.17 -9.99 23.63
C LYS N 274 -34.87 -10.48 22.21
N LEU N 275 -33.61 -10.56 21.79
CA LEU N 275 -33.27 -11.20 20.52
C LEU N 275 -33.51 -12.69 20.63
N ARG N 276 -33.03 -13.33 21.70
CA ARG N 276 -33.20 -14.77 21.86
C ARG N 276 -34.68 -15.16 21.86
N GLY N 277 -35.55 -14.32 22.39
CA GLY N 277 -37.00 -14.47 22.22
C GLY N 277 -37.39 -14.60 20.75
N GLU N 278 -36.93 -13.73 19.86
CA GLU N 278 -37.22 -13.86 18.44
C GLU N 278 -36.54 -15.06 17.79
N ILE N 279 -35.29 -15.39 18.13
CA ILE N 279 -34.67 -16.60 17.59
C ILE N 279 -35.48 -17.83 17.99
N ASN N 280 -35.97 -17.92 19.21
CA ASN N 280 -36.83 -19.02 19.62
C ASN N 280 -38.13 -19.02 18.81
N LYS N 281 -38.78 -17.87 18.65
CA LYS N 281 -40.04 -17.77 17.90
C LYS N 281 -39.85 -18.08 16.42
N VAL N 282 -38.69 -17.82 15.85
CA VAL N 282 -38.36 -18.20 14.46
C VAL N 282 -38.04 -19.67 14.34
N VAL N 283 -37.21 -20.25 15.20
CA VAL N 283 -36.94 -21.68 15.13
C VAL N 283 -38.22 -22.49 15.33
N ASN N 284 -39.13 -22.11 16.23
CA ASN N 284 -40.45 -22.76 16.28
C ASN N 284 -41.19 -22.70 14.93
N LYS N 285 -41.11 -21.58 14.22
CA LYS N 285 -41.76 -21.43 12.92
C LYS N 285 -41.14 -22.34 11.87
N TYR N 286 -39.87 -22.72 11.99
CA TYR N 286 -39.22 -23.67 11.08
C TYR N 286 -39.38 -25.13 11.50
N ILE N 287 -39.28 -25.48 12.77
CA ILE N 287 -39.48 -26.89 13.18
C ILE N 287 -40.94 -27.33 13.04
N ASP N 288 -41.91 -26.41 13.10
CA ASP N 288 -43.30 -26.71 12.71
C ASP N 288 -43.43 -27.09 11.23
N GLN N 289 -42.62 -26.50 10.35
CA GLN N 289 -42.59 -26.82 8.92
C GLN N 289 -41.79 -28.09 8.61
N GLY N 290 -41.19 -28.73 9.61
CA GLY N 290 -40.30 -29.87 9.41
C GLY N 290 -39.01 -29.54 8.65
N ILE N 291 -38.71 -28.26 8.40
CA ILE N 291 -37.48 -27.85 7.71
C ILE N 291 -36.25 -28.13 8.56
N ALA N 292 -36.41 -28.10 9.89
CA ALA N 292 -35.38 -28.42 10.86
C ALA N 292 -35.95 -29.34 11.94
N GLU N 293 -35.11 -30.07 12.66
CA GLU N 293 -35.51 -30.75 13.89
C GLU N 293 -34.58 -30.39 15.03
N LEU N 294 -35.09 -30.35 16.25
CA LEU N 294 -34.31 -30.01 17.42
C LEU N 294 -33.59 -31.23 17.99
N VAL N 295 -32.37 -31.03 18.47
CA VAL N 295 -31.60 -32.01 19.24
C VAL N 295 -31.14 -31.36 20.54
N PRO N 296 -31.98 -31.35 21.59
CA PRO N 296 -31.56 -30.98 22.93
C PRO N 296 -30.32 -31.75 23.34
N GLY N 297 -29.27 -31.05 23.75
CA GLY N 297 -27.97 -31.64 24.02
C GLY N 297 -27.55 -31.53 25.49
N VAL N 298 -26.25 -31.68 25.71
CA VAL N 298 -25.60 -31.57 27.02
C VAL N 298 -24.63 -30.42 27.04
N LEU N 299 -24.67 -29.62 28.09
CA LEU N 299 -23.57 -28.75 28.44
C LEU N 299 -22.78 -29.42 29.57
N PHE N 300 -21.50 -29.66 29.35
CA PHE N 300 -20.62 -30.22 30.36
C PHE N 300 -19.80 -29.10 30.98
N VAL N 301 -20.31 -28.54 32.09
CA VAL N 301 -19.60 -27.54 32.89
C VAL N 301 -18.65 -28.27 33.80
N ASP N 302 -17.53 -28.62 33.24
CA ASP N 302 -16.46 -29.30 33.91
C ASP N 302 -15.82 -28.42 34.99
N GLU N 303 -15.39 -29.00 36.09
CA GLU N 303 -14.81 -28.25 37.20
C GLU N 303 -15.67 -27.06 37.62
N VAL N 304 -16.95 -27.32 37.91
CA VAL N 304 -17.90 -26.26 38.21
C VAL N 304 -17.52 -25.49 39.47
N HIS N 305 -16.73 -26.05 40.37
CA HIS N 305 -16.28 -25.37 41.59
C HIS N 305 -15.47 -24.09 41.31
N MET N 306 -15.07 -23.89 40.06
CA MET N 306 -14.35 -22.71 39.62
C MET N 306 -15.27 -21.57 39.15
N LEU N 307 -16.58 -21.80 39.06
CA LEU N 307 -17.56 -20.72 38.92
C LEU N 307 -17.59 -19.86 40.18
N ASP N 308 -17.92 -18.58 40.02
CA ASP N 308 -18.10 -17.63 41.11
C ASP N 308 -19.55 -17.63 41.62
N ILE N 309 -19.82 -17.17 42.84
CA ILE N 309 -21.17 -17.11 43.40
C ILE N 309 -22.20 -16.40 42.51
N GLU N 310 -21.82 -15.41 41.72
CA GLU N 310 -22.72 -14.75 40.77
C GLU N 310 -23.06 -15.63 39.58
N CYS N 311 -22.11 -16.42 39.12
CA CYS N 311 -22.31 -17.42 38.09
C CYS N 311 -23.18 -18.55 38.63
N PHE N 312 -22.87 -19.07 39.81
CA PHE N 312 -23.71 -20.08 40.44
C PHE N 312 -25.12 -19.58 40.63
N THR N 313 -25.30 -18.35 41.09
CA THR N 313 -26.66 -17.85 41.31
C THR N 313 -27.40 -17.63 40.01
N TYR N 314 -26.75 -17.28 38.91
CA TYR N 314 -27.41 -17.25 37.61
C TYR N 314 -27.90 -18.63 37.16
N LEU N 315 -27.20 -19.71 37.50
CA LEU N 315 -27.72 -21.05 37.19
C LEU N 315 -29.07 -21.31 37.85
N HIS N 316 -29.41 -20.64 38.96
CA HIS N 316 -30.73 -20.80 39.59
C HIS N 316 -31.86 -20.20 38.75
N ARG N 317 -31.57 -19.48 37.66
CA ARG N 317 -32.53 -19.19 36.59
C ARG N 317 -32.33 -20.15 35.43
N ALA N 318 -31.09 -20.33 34.99
CA ALA N 318 -30.82 -21.04 33.75
C ALA N 318 -31.22 -22.51 33.78
N LEU N 319 -31.15 -23.19 34.93
CA LEU N 319 -31.62 -24.57 35.09
C LEU N 319 -33.15 -24.69 35.20
N GLU N 320 -33.87 -23.60 35.46
CA GLU N 320 -35.33 -23.61 35.53
C GLU N 320 -35.98 -23.40 34.16
N SER N 321 -35.34 -22.62 33.30
CA SER N 321 -35.94 -22.14 32.06
C SER N 321 -36.33 -23.27 31.12
N SER N 322 -37.52 -23.20 30.56
CA SER N 322 -38.14 -24.25 29.72
C SER N 322 -37.41 -24.55 28.42
N ILE N 323 -36.37 -23.80 28.05
CA ILE N 323 -35.57 -24.06 26.84
C ILE N 323 -34.26 -24.80 27.11
N ALA N 324 -33.70 -24.71 28.31
CA ALA N 324 -32.29 -25.02 28.60
C ALA N 324 -31.87 -26.47 28.26
N PRO N 325 -30.58 -26.74 27.97
CA PRO N 325 -30.05 -28.07 27.72
C PRO N 325 -30.03 -28.90 29.01
N ILE N 326 -29.66 -30.17 28.95
CA ILE N 326 -29.23 -30.89 30.16
C ILE N 326 -27.85 -30.38 30.54
N VAL N 327 -27.55 -30.25 31.83
CA VAL N 327 -26.24 -29.75 32.28
C VAL N 327 -25.55 -30.78 33.15
N ILE N 328 -24.32 -31.12 32.83
CA ILE N 328 -23.49 -32.01 33.62
C ILE N 328 -22.38 -31.18 34.24
N PHE N 329 -22.37 -31.11 35.56
CA PHE N 329 -21.32 -30.52 36.35
C PHE N 329 -20.32 -31.58 36.78
N ALA N 330 -19.09 -31.18 37.09
CA ALA N 330 -18.16 -32.06 37.75
C ALA N 330 -17.39 -31.30 38.82
N SER N 331 -17.13 -31.93 39.96
CA SER N 331 -16.33 -31.34 41.01
C SER N 331 -15.60 -32.36 41.86
N ASN N 332 -14.45 -31.99 42.39
CA ASN N 332 -13.60 -32.84 43.22
C ASN N 332 -13.22 -32.18 44.56
N ARG N 333 -13.77 -31.00 44.86
CA ARG N 333 -13.45 -30.22 46.06
C ARG N 333 -14.20 -30.75 47.26
N GLY N 334 -13.60 -30.59 48.43
CA GLY N 334 -14.17 -31.01 49.70
C GLY N 334 -15.16 -29.98 50.22
N ASN N 335 -15.18 -29.75 51.53
CA ASN N 335 -16.03 -28.74 52.14
C ASN N 335 -15.45 -27.32 52.00
N CYS N 336 -14.90 -26.94 50.85
CA CYS N 336 -14.12 -25.70 50.70
C CYS N 336 -14.97 -24.44 50.57
N VAL N 337 -14.35 -23.26 50.58
CA VAL N 337 -15.01 -21.96 50.37
C VAL N 337 -15.58 -21.84 48.95
N ILE N 338 -16.80 -21.32 48.83
CA ILE N 338 -17.41 -21.01 47.54
C ILE N 338 -16.70 -19.81 46.94
N ARG N 339 -16.12 -19.97 45.76
CA ARG N 339 -15.40 -18.92 45.04
C ARG N 339 -16.23 -17.64 44.96
N GLY N 340 -15.65 -16.52 45.38
CA GLY N 340 -16.30 -15.21 45.37
C GLY N 340 -17.19 -14.89 46.57
N THR N 341 -17.38 -15.81 47.53
CA THR N 341 -18.07 -15.54 48.80
C THR N 341 -17.14 -15.15 49.95
N GLU N 342 -15.83 -15.14 49.72
CA GLU N 342 -14.76 -14.75 50.67
C GLU N 342 -14.75 -15.42 52.06
N ASP N 343 -15.66 -16.37 52.33
CA ASP N 343 -15.90 -16.90 53.67
C ASP N 343 -16.66 -18.24 53.68
N ILE N 344 -17.74 -18.36 52.90
CA ILE N 344 -18.73 -19.43 53.06
C ILE N 344 -18.22 -20.76 52.53
N THR N 345 -17.95 -21.73 53.41
CA THR N 345 -17.69 -23.12 53.04
C THR N 345 -18.95 -23.83 52.58
N SER N 346 -18.89 -24.63 51.51
CA SER N 346 -20.01 -25.48 51.09
C SER N 346 -19.53 -26.74 50.34
N PRO N 347 -20.20 -27.89 50.48
CA PRO N 347 -19.78 -29.14 49.85
C PRO N 347 -19.54 -28.99 48.35
N HIS N 348 -18.54 -29.70 47.83
CA HIS N 348 -18.12 -29.66 46.43
C HIS N 348 -17.75 -28.28 45.89
N GLY N 349 -17.63 -27.26 46.74
CA GLY N 349 -17.37 -25.89 46.30
C GLY N 349 -18.56 -25.21 45.62
N ILE N 350 -19.78 -25.72 45.82
CA ILE N 350 -21.03 -25.28 45.17
C ILE N 350 -22.01 -24.76 46.24
N PRO N 351 -22.74 -23.66 46.04
CA PRO N 351 -23.73 -23.21 47.01
C PRO N 351 -24.80 -24.25 47.28
N LEU N 352 -25.22 -24.45 48.53
CA LEU N 352 -26.26 -25.42 48.87
C LEU N 352 -27.56 -25.20 48.09
N ASP N 353 -27.87 -23.95 47.75
CA ASP N 353 -29.03 -23.56 46.95
C ASP N 353 -28.99 -24.11 45.52
N LEU N 354 -27.80 -24.32 44.95
CA LEU N 354 -27.65 -24.99 43.64
C LEU N 354 -27.51 -26.48 43.82
N LEU N 355 -26.87 -26.92 44.89
CA LEU N 355 -26.67 -28.33 45.17
C LEU N 355 -27.99 -29.04 45.47
N ASP N 356 -29.02 -28.29 45.83
CA ASP N 356 -30.43 -28.69 45.95
C ASP N 356 -31.19 -28.69 44.61
N ARG N 357 -30.54 -28.41 43.48
CA ARG N 357 -31.11 -28.41 42.12
C ARG N 357 -30.54 -29.48 41.20
N VAL N 358 -29.55 -30.26 41.64
CA VAL N 358 -28.81 -31.21 40.80
C VAL N 358 -28.90 -32.62 41.34
N MET N 359 -28.97 -33.61 40.45
CA MET N 359 -28.97 -35.02 40.84
C MET N 359 -27.52 -35.45 40.98
N ILE N 360 -27.04 -35.73 42.19
CA ILE N 360 -25.60 -35.98 42.40
C ILE N 360 -25.27 -37.44 42.11
N ILE N 361 -24.19 -37.70 41.38
CA ILE N 361 -23.66 -39.04 41.12
C ILE N 361 -22.34 -39.16 41.87
N ARG N 362 -22.17 -40.13 42.78
CA ARG N 362 -20.90 -40.31 43.48
C ARG N 362 -19.85 -40.95 42.59
N THR N 363 -18.58 -40.74 42.90
CA THR N 363 -17.44 -41.34 42.19
C THR N 363 -16.44 -41.84 43.23
N MET N 364 -15.81 -43.00 43.04
CA MET N 364 -15.13 -43.72 44.12
C MET N 364 -13.66 -43.99 43.80
N LEU N 365 -12.80 -44.06 44.82
CA LEU N 365 -11.45 -44.59 44.65
C LEU N 365 -11.50 -46.09 44.32
N TYR N 366 -10.68 -46.54 43.37
CA TYR N 366 -10.66 -47.93 42.91
C TYR N 366 -9.91 -48.87 43.87
N THR N 367 -10.21 -50.17 43.81
CA THR N 367 -9.29 -51.18 44.33
C THR N 367 -8.11 -51.35 43.37
N PRO N 368 -6.96 -51.90 43.81
CA PRO N 368 -5.76 -52.02 42.97
C PRO N 368 -6.00 -52.81 41.68
N GLN N 369 -6.84 -53.85 41.70
CA GLN N 369 -7.16 -54.66 40.52
C GLN N 369 -7.88 -53.84 39.45
N GLU N 370 -8.78 -52.94 39.86
CA GLU N 370 -9.46 -52.03 38.94
C GLU N 370 -8.49 -51.01 38.34
N MET N 371 -7.52 -50.49 39.11
CA MET N 371 -6.45 -49.69 38.49
C MET N 371 -5.66 -50.52 37.49
N LYS N 372 -5.26 -51.75 37.82
CA LYS N 372 -4.42 -52.57 36.93
C LYS N 372 -5.10 -52.81 35.57
N GLN N 373 -6.42 -53.01 35.54
CA GLN N 373 -7.13 -53.09 34.27
C GLN N 373 -7.02 -51.78 33.48
N ILE N 374 -7.19 -50.62 34.12
CA ILE N 374 -7.04 -49.34 33.43
C ILE N 374 -5.63 -49.22 32.88
N ILE N 375 -4.59 -49.59 33.62
CA ILE N 375 -3.22 -49.54 33.10
C ILE N 375 -3.10 -50.36 31.82
N LYS N 376 -3.67 -51.56 31.76
CA LYS N 376 -3.60 -52.35 30.53
C LYS N 376 -4.42 -51.73 29.41
N ILE N 377 -5.61 -51.23 29.68
CA ILE N 377 -6.45 -50.57 28.66
C ILE N 377 -5.73 -49.34 28.10
N ARG N 378 -5.05 -48.59 28.94
CA ARG N 378 -4.17 -47.50 28.51
C ARG N 378 -3.06 -48.04 27.65
N ALA N 379 -2.31 -49.05 28.09
CA ALA N 379 -1.21 -49.58 27.29
C ALA N 379 -1.66 -50.06 25.90
N GLN N 380 -2.70 -50.88 25.82
CA GLN N 380 -3.17 -51.42 24.54
C GLN N 380 -3.88 -50.37 23.66
N THR N 381 -4.26 -49.21 24.22
CA THR N 381 -4.70 -48.04 23.43
C THR N 381 -3.53 -47.21 22.96
N GLU N 382 -2.61 -46.92 23.86
CA GLU N 382 -1.49 -46.01 23.68
C GLU N 382 -0.40 -46.60 22.78
N GLY N 383 -0.51 -47.90 22.44
CA GLY N 383 0.35 -48.61 21.50
C GLY N 383 1.48 -49.40 22.15
N ILE N 384 1.41 -49.67 23.45
CA ILE N 384 2.46 -50.29 24.24
C ILE N 384 2.16 -51.78 24.43
N ASN N 385 3.12 -52.65 24.09
CA ASN N 385 3.13 -54.02 24.59
C ASN N 385 3.73 -54.02 26.00
N ILE N 386 3.11 -54.71 26.95
CA ILE N 386 3.55 -54.71 28.35
C ILE N 386 3.51 -56.13 28.91
N SER N 387 4.60 -56.57 29.53
CA SER N 387 4.68 -57.87 30.20
C SER N 387 4.02 -57.82 31.58
N GLU N 388 3.44 -58.93 32.02
CA GLU N 388 2.69 -58.99 33.28
C GLU N 388 3.55 -58.61 34.49
N GLU N 389 4.83 -58.94 34.47
CA GLU N 389 5.79 -58.59 35.52
C GLU N 389 5.98 -57.07 35.67
N ALA N 390 5.80 -56.30 34.60
CA ALA N 390 5.77 -54.84 34.67
C ALA N 390 4.37 -54.28 34.96
N LEU N 391 3.31 -54.90 34.43
CA LEU N 391 1.94 -54.47 34.71
C LEU N 391 1.59 -54.62 36.19
N ASN N 392 2.06 -55.68 36.83
CA ASN N 392 1.93 -55.84 38.29
C ASN N 392 2.64 -54.71 39.03
N HIS N 393 3.78 -54.26 38.53
CA HIS N 393 4.50 -53.13 39.14
C HIS N 393 3.76 -51.81 38.97
N LEU N 394 3.20 -51.50 37.80
CA LEU N 394 2.38 -50.31 37.63
C LEU N 394 1.10 -50.37 38.47
N GLY N 395 0.54 -51.56 38.67
CA GLY N 395 -0.57 -51.76 39.60
C GLY N 395 -0.16 -51.43 41.03
N GLU N 396 0.99 -51.91 41.48
CA GLU N 396 1.53 -51.57 42.80
C GLU N 396 1.86 -50.09 42.93
N ILE N 397 2.58 -49.50 41.98
CA ILE N 397 2.97 -48.09 42.06
C ILE N 397 1.75 -47.16 42.02
N GLY N 398 0.62 -47.61 41.45
CA GLY N 398 -0.65 -46.91 41.54
C GLY N 398 -1.13 -46.80 42.98
N THR N 399 -1.05 -47.88 43.75
CA THR N 399 -1.37 -47.84 45.17
C THR N 399 -0.38 -47.02 45.99
N LYS N 400 0.90 -46.98 45.60
CA LYS N 400 1.90 -46.12 46.27
C LYS N 400 1.69 -44.63 45.98
N THR N 401 0.94 -44.30 44.92
CA THR N 401 0.80 -42.94 44.40
C THR N 401 -0.65 -42.66 43.99
N THR N 402 -0.96 -42.49 42.71
CA THR N 402 -2.29 -42.23 42.16
C THR N 402 -2.42 -42.87 40.78
N LEU N 403 -3.65 -43.13 40.31
CA LEU N 403 -3.86 -43.79 39.03
C LEU N 403 -3.20 -43.03 37.88
N ARG N 404 -3.36 -41.71 37.80
CA ARG N 404 -2.81 -40.95 36.69
C ARG N 404 -1.29 -40.99 36.63
N TYR N 405 -0.57 -41.04 37.75
CA TYR N 405 0.88 -41.20 37.69
C TYR N 405 1.26 -42.53 37.04
N SER N 406 0.68 -43.66 37.47
CA SER N 406 0.97 -44.94 36.82
C SER N 406 0.75 -44.90 35.32
N VAL N 407 -0.40 -44.42 34.88
CA VAL N 407 -0.71 -44.32 33.46
C VAL N 407 0.32 -43.46 32.74
N GLN N 408 0.76 -42.35 33.33
CA GLN N 408 1.74 -41.46 32.70
C GLN N 408 3.10 -42.13 32.52
N LEU N 409 3.42 -43.21 33.25
CA LEU N 409 4.71 -43.90 33.09
C LEU N 409 4.77 -44.76 31.83
N LEU N 410 3.64 -45.16 31.23
CA LEU N 410 3.62 -46.11 30.12
C LEU N 410 4.41 -45.64 28.91
N THR N 411 4.08 -44.49 28.31
CA THR N 411 4.85 -44.03 27.15
C THR N 411 6.33 -43.83 27.46
N PRO N 412 6.75 -43.12 28.51
CA PRO N 412 8.14 -43.05 28.91
C PRO N 412 8.81 -44.43 29.04
N ALA N 413 8.16 -45.39 29.70
CA ALA N 413 8.74 -46.71 29.87
C ALA N 413 8.88 -47.43 28.53
N ASN N 414 7.88 -47.36 27.66
CA ASN N 414 7.99 -47.90 26.31
C ASN N 414 9.07 -47.19 25.51
N LEU N 415 9.26 -45.91 25.72
CA LEU N 415 10.21 -45.14 24.95
C LEU N 415 11.65 -45.43 25.39
N LEU N 416 11.90 -45.72 26.67
CA LEU N 416 13.16 -46.32 27.09
C LEU N 416 13.31 -47.74 26.54
N ALA N 417 12.26 -48.57 26.53
CA ALA N 417 12.35 -49.90 25.96
C ALA N 417 12.71 -49.85 24.46
N LYS N 418 12.12 -48.94 23.70
CA LYS N 418 12.44 -48.73 22.29
C LYS N 418 13.89 -48.28 22.08
N ILE N 419 14.39 -47.35 22.88
CA ILE N 419 15.81 -46.94 22.84
C ILE N 419 16.74 -48.09 23.22
N ASN N 420 16.35 -48.91 24.20
CA ASN N 420 17.08 -50.12 24.60
C ASN N 420 16.85 -51.30 23.63
N GLY N 421 16.24 -51.08 22.47
CA GLY N 421 16.12 -52.07 21.40
C GLY N 421 15.15 -53.20 21.71
N LYS N 422 14.10 -52.95 22.50
CA LYS N 422 13.15 -53.96 22.99
C LYS N 422 11.71 -53.64 22.59
N ASP N 423 10.91 -54.69 22.35
CA ASP N 423 9.55 -54.59 21.79
C ASP N 423 8.43 -54.37 22.83
N SER N 424 8.77 -54.39 24.12
CA SER N 424 7.81 -54.45 25.24
C SER N 424 8.36 -53.77 26.49
N ILE N 425 7.50 -53.30 27.38
CA ILE N 425 7.90 -53.02 28.78
C ILE N 425 8.39 -54.31 29.46
N GLU N 426 9.43 -54.20 30.27
CA GLU N 426 9.80 -55.15 31.32
C GLU N 426 10.08 -54.37 32.61
N LYS N 427 10.15 -55.06 33.76
CA LYS N 427 10.27 -54.43 35.09
C LYS N 427 11.31 -53.32 35.12
N GLU N 428 12.50 -53.55 34.58
CA GLU N 428 13.58 -52.56 34.63
C GLU N 428 13.23 -51.23 33.94
N HIS N 429 12.32 -51.19 32.95
CA HIS N 429 11.96 -49.93 32.29
C HIS N 429 11.05 -49.09 33.19
N VAL N 430 9.98 -49.69 33.71
CA VAL N 430 9.09 -48.97 34.63
C VAL N 430 9.81 -48.64 35.94
N GLU N 431 10.65 -49.54 36.43
CA GLU N 431 11.46 -49.29 37.62
C GLU N 431 12.42 -48.13 37.41
N GLU N 432 13.10 -48.05 36.26
CA GLU N 432 13.94 -46.90 35.95
C GLU N 432 13.12 -45.61 35.86
N ILE N 433 12.00 -45.60 35.12
CA ILE N 433 11.13 -44.43 35.02
C ILE N 433 10.63 -43.96 36.40
N SER N 434 10.24 -44.88 37.28
CA SER N 434 9.84 -44.55 38.64
C SER N 434 10.92 -43.76 39.37
N GLU N 435 12.18 -44.14 39.22
CA GLU N 435 13.31 -43.47 39.84
C GLU N 435 13.81 -42.25 39.03
N LEU N 436 13.10 -41.85 37.97
CA LEU N 436 13.51 -40.78 37.06
C LEU N 436 12.51 -39.62 37.03
N PHE N 437 11.20 -39.91 37.09
CA PHE N 437 10.12 -38.94 37.18
C PHE N 437 9.32 -39.12 38.48
N TYR N 438 9.28 -38.12 39.35
CA TYR N 438 8.55 -38.19 40.61
C TYR N 438 7.05 -37.92 40.47
N ASP N 439 6.26 -38.49 41.36
CA ASP N 439 4.83 -38.19 41.50
C ASP N 439 4.57 -37.00 42.43
N ALA N 440 3.33 -36.52 42.48
CA ALA N 440 2.93 -35.35 43.26
C ALA N 440 3.12 -35.45 44.78
N LYS N 441 3.33 -36.63 45.35
CA LYS N 441 3.42 -36.88 46.81
C LYS N 441 4.83 -37.24 47.24
N SER N 442 5.62 -37.91 46.40
CA SER N 442 7.06 -38.06 46.64
C SER N 442 7.81 -36.75 46.46
N SER N 443 7.45 -35.95 45.46
CA SER N 443 8.00 -34.60 45.28
C SER N 443 7.62 -33.65 46.41
N ALA N 444 6.39 -33.70 46.93
CA ALA N 444 6.00 -32.89 48.09
C ALA N 444 6.87 -33.18 49.32
N LYS N 445 7.34 -34.41 49.51
CA LYS N 445 8.29 -34.76 50.56
C LYS N 445 9.64 -34.08 50.36
N ILE N 446 10.15 -33.99 49.14
CA ILE N 446 11.39 -33.25 48.84
C ILE N 446 11.24 -31.78 49.22
N LEU N 447 10.13 -31.14 48.85
CA LEU N 447 9.87 -29.74 49.19
C LEU N 447 9.67 -29.50 50.69
N ALA N 448 9.11 -30.47 51.41
CA ALA N 448 8.96 -30.37 52.87
C ALA N 448 10.31 -30.53 53.59
N ASP N 449 11.26 -31.28 53.04
CA ASP N 449 12.60 -31.44 53.61
C ASP N 449 13.50 -30.23 53.32
N GLN N 450 13.65 -29.84 52.05
CA GLN N 450 14.48 -28.70 51.63
C GLN N 450 13.75 -27.35 51.75
N GLN N 451 12.87 -27.21 52.75
CA GLN N 451 11.92 -26.10 52.90
C GLN N 451 12.56 -24.71 52.82
N ASP N 452 13.79 -24.56 53.30
CA ASP N 452 14.54 -23.31 53.34
C ASP N 452 15.29 -22.96 52.05
N LYS N 453 15.24 -23.80 51.00
CA LYS N 453 15.99 -23.59 49.73
C LYS N 453 15.12 -23.43 48.48
N TYR N 454 13.81 -23.30 48.64
CA TYR N 454 12.82 -23.09 47.56
C TYR N 454 12.02 -21.77 47.76
N LYS O 2 34.83 51.95 17.02
CA LYS O 2 34.12 53.15 17.55
C LYS O 2 33.04 52.73 18.56
N ILE O 3 31.85 52.31 18.10
CA ILE O 3 30.80 51.70 18.95
C ILE O 3 31.02 50.18 19.01
N GLU O 4 30.59 49.56 20.10
CA GLU O 4 30.45 48.10 20.20
C GLU O 4 29.00 47.74 20.57
N GLU O 5 28.49 46.64 20.05
CA GLU O 5 27.19 46.07 20.42
C GLU O 5 27.29 44.57 20.66
N VAL O 6 26.49 44.04 21.60
CA VAL O 6 26.41 42.60 21.90
C VAL O 6 24.94 42.25 22.18
N LYS O 7 24.47 41.07 21.77
CA LYS O 7 23.07 40.66 21.92
C LYS O 7 22.88 39.21 22.37
N SER O 8 21.88 39.02 23.23
CA SER O 8 21.20 37.75 23.54
C SER O 8 19.75 38.07 23.94
N THR O 9 18.83 37.12 23.75
CA THR O 9 17.38 37.42 23.72
C THR O 9 16.47 36.35 24.35
N THR O 10 16.99 35.26 24.91
CA THR O 10 16.20 34.10 25.38
C THR O 10 16.69 33.53 26.70
N LYS O 11 15.81 32.81 27.41
CA LYS O 11 16.11 32.10 28.67
C LYS O 11 17.09 30.93 28.46
N THR O 12 17.69 30.50 29.56
CA THR O 12 18.58 29.32 29.61
C THR O 12 17.78 28.01 29.55
N GLN O 13 18.48 26.87 29.51
CA GLN O 13 17.90 25.62 30.02
C GLN O 13 17.50 25.81 31.50
N ARG O 14 16.40 25.21 31.93
CA ARG O 14 15.98 25.22 33.34
C ARG O 14 16.89 24.32 34.16
N ILE O 15 17.20 24.70 35.40
CA ILE O 15 17.95 23.84 36.32
C ILE O 15 17.04 22.73 36.83
N ALA O 16 17.57 21.54 37.08
CA ALA O 16 16.80 20.38 37.55
C ALA O 16 17.57 19.55 38.60
N SER O 17 16.87 18.65 39.29
CA SER O 17 17.38 17.96 40.49
C SER O 17 18.64 17.10 40.28
N HIS O 18 18.96 16.67 39.07
CA HIS O 18 20.23 15.99 38.72
C HIS O 18 21.11 16.76 37.72
N SER O 19 20.77 17.98 37.32
CA SER O 19 21.48 18.67 36.24
C SER O 19 22.97 18.99 36.50
N HIS O 20 23.45 18.90 37.74
CA HIS O 20 24.88 19.01 38.05
C HIS O 20 25.69 17.78 37.65
N VAL O 21 25.07 16.60 37.54
CA VAL O 21 25.72 15.35 37.16
C VAL O 21 26.06 15.33 35.67
N LYS O 22 27.35 15.31 35.33
CA LYS O 22 27.87 15.28 33.95
C LYS O 22 28.63 14.01 33.59
N GLY O 23 28.84 13.09 34.53
CA GLY O 23 29.52 11.81 34.31
C GLY O 23 29.93 11.17 35.64
N LEU O 24 30.53 9.99 35.63
CA LEU O 24 30.87 9.26 36.85
C LEU O 24 32.09 9.81 37.60
N GLY O 25 32.92 10.65 36.98
CA GLY O 25 34.09 11.20 37.65
C GLY O 25 35.14 10.15 38.00
N LEU O 26 35.38 9.22 37.07
CA LEU O 26 36.43 8.22 37.18
C LEU O 26 37.73 8.71 36.53
N ASP O 27 38.85 8.13 36.94
CA ASP O 27 40.14 8.29 36.29
C ASP O 27 40.38 7.24 35.19
N GLU O 28 41.52 7.30 34.51
CA GLU O 28 41.86 6.41 33.41
C GLU O 28 41.93 4.93 33.82
N SER O 29 42.23 4.65 35.10
CA SER O 29 42.26 3.29 35.65
C SER O 29 40.87 2.78 36.05
N GLY O 30 39.85 3.63 35.99
CA GLY O 30 38.50 3.33 36.47
C GLY O 30 38.33 3.50 37.98
N LEU O 31 39.31 4.05 38.71
CA LEU O 31 39.14 4.46 40.10
C LEU O 31 38.31 5.75 40.17
N ALA O 32 37.59 5.97 41.26
CA ALA O 32 36.81 7.18 41.46
C ALA O 32 37.68 8.33 42.00
N LYS O 33 37.63 9.49 41.35
CA LYS O 33 38.17 10.75 41.91
C LYS O 33 37.31 11.19 43.08
N GLN O 34 37.85 11.92 44.06
CA GLN O 34 37.08 12.32 45.25
C GLN O 34 35.87 13.20 44.91
N ALA O 35 36.04 14.13 43.98
CA ALA O 35 34.98 15.00 43.48
C ALA O 35 35.26 15.35 42.03
N ALA O 36 34.44 14.87 41.10
CA ALA O 36 34.64 15.11 39.67
C ALA O 36 33.34 14.90 38.88
N SER O 37 33.24 15.52 37.71
CA SER O 37 32.09 15.37 36.79
C SER O 37 30.72 15.66 37.45
N GLY O 38 30.71 16.41 38.54
CA GLY O 38 29.53 16.75 39.34
C GLY O 38 29.31 15.85 40.56
N LEU O 39 29.79 14.61 40.57
CA LEU O 39 29.61 13.71 41.72
C LEU O 39 30.74 13.81 42.75
N VAL O 40 30.42 13.49 44.01
CA VAL O 40 31.40 13.34 45.10
C VAL O 40 31.06 12.13 45.97
N GLY O 41 32.01 11.59 46.71
CA GLY O 41 31.76 10.40 47.53
C GLY O 41 31.37 9.19 46.68
N GLN O 42 30.64 8.22 47.26
CA GLN O 42 30.15 7.01 46.57
C GLN O 42 31.22 6.27 45.76
N GLU O 43 32.47 6.26 46.19
CA GLU O 43 33.57 5.77 45.37
C GLU O 43 33.36 4.31 44.96
N ASN O 44 32.92 3.43 45.86
CA ASN O 44 32.62 2.04 45.52
C ASN O 44 31.53 1.96 44.44
N ALA O 45 30.42 2.67 44.60
CA ALA O 45 29.34 2.63 43.64
C ALA O 45 29.74 3.24 42.30
N ARG O 46 30.58 4.28 42.28
CA ARG O 46 31.09 4.88 41.05
C ARG O 46 32.11 3.98 40.36
N GLU O 47 33.02 3.36 41.09
CA GLU O 47 33.93 2.37 40.53
C GLU O 47 33.16 1.19 39.92
N ALA O 48 32.13 0.70 40.61
CA ALA O 48 31.23 -0.32 40.08
C ALA O 48 30.57 0.15 38.78
N CYS O 49 29.99 1.35 38.75
CA CYS O 49 29.41 1.88 37.53
C CYS O 49 30.46 2.08 36.44
N GLY O 50 31.73 2.26 36.79
CA GLY O 50 32.84 2.25 35.86
C GLY O 50 33.03 0.93 35.14
N VAL O 51 32.78 -0.20 35.83
CA VAL O 51 32.71 -1.51 35.17
C VAL O 51 31.48 -1.56 34.28
N ILE O 52 30.32 -1.08 34.75
CA ILE O 52 29.08 -1.15 33.99
C ILE O 52 29.13 -0.32 32.71
N VAL O 53 29.71 0.88 32.69
CA VAL O 53 29.80 1.63 31.42
C VAL O 53 30.69 0.91 30.41
N GLU O 54 31.71 0.17 30.84
CA GLU O 54 32.44 -0.71 29.94
C GLU O 54 31.65 -1.96 29.58
N LEU O 55 30.79 -2.46 30.47
CA LEU O 55 29.85 -3.53 30.12
C LEU O 55 28.92 -3.09 29.00
N ILE O 56 28.31 -1.91 29.06
CA ILE O 56 27.43 -1.43 27.99
C ILE O 56 28.21 -1.31 26.69
N LYS O 57 29.34 -0.61 26.72
CA LYS O 57 30.14 -0.31 25.53
C LYS O 57 30.79 -1.56 24.93
N SER O 58 30.95 -2.64 25.68
CA SER O 58 31.45 -3.92 25.14
C SER O 58 30.49 -4.59 24.17
N LYS O 59 29.20 -4.23 24.19
CA LYS O 59 28.07 -4.80 23.43
C LYS O 59 27.82 -6.31 23.58
N LYS O 60 28.80 -7.13 23.94
CA LYS O 60 28.73 -8.61 23.97
C LYS O 60 27.57 -9.16 24.79
N MET O 61 27.22 -8.48 25.90
CA MET O 61 26.26 -8.98 26.87
C MET O 61 24.82 -8.55 26.61
N ALA O 62 23.89 -9.40 27.04
CA ALA O 62 22.46 -9.14 26.95
C ALA O 62 21.78 -9.46 28.28
N GLY O 63 20.86 -8.61 28.71
CA GLY O 63 20.08 -8.86 29.91
C GLY O 63 20.87 -8.95 31.22
N ARG O 64 22.16 -8.60 31.24
CA ARG O 64 22.87 -8.35 32.51
C ARG O 64 22.16 -7.21 33.24
N ALA O 65 22.10 -7.27 34.56
CA ALA O 65 21.39 -6.27 35.33
C ALA O 65 22.16 -5.87 36.59
N VAL O 66 21.94 -4.63 37.06
CA VAL O 66 22.43 -4.16 38.35
C VAL O 66 21.30 -3.59 39.17
N LEU O 67 21.38 -3.68 40.48
CA LEU O 67 20.43 -3.05 41.38
C LEU O 67 21.18 -2.08 42.27
N LEU O 68 20.96 -0.78 42.10
CA LEU O 68 21.48 0.21 43.02
C LEU O 68 20.61 0.18 44.28
N ALA O 69 21.16 -0.12 45.43
CA ALA O 69 20.40 -0.25 46.67
C ALA O 69 21.04 0.56 47.80
N GLY O 70 20.25 1.33 48.51
CA GLY O 70 20.73 2.26 49.53
C GLY O 70 19.68 3.29 49.94
N PRO O 71 19.72 3.87 51.15
CA PRO O 71 18.69 4.74 51.67
C PRO O 71 18.25 5.88 50.74
N PRO O 72 17.09 6.51 50.98
CA PRO O 72 16.70 7.75 50.34
C PRO O 72 17.81 8.79 50.37
N GLY O 73 18.04 9.45 49.24
CA GLY O 73 19.00 10.55 49.12
C GLY O 73 20.44 10.12 48.89
N THR O 74 20.73 8.82 48.82
CA THR O 74 22.10 8.32 48.65
C THR O 74 22.63 8.39 47.21
N GLY O 75 21.86 8.82 46.22
CA GLY O 75 22.37 9.09 44.88
C GLY O 75 22.17 7.97 43.86
N LYS O 76 21.26 7.03 44.08
CA LYS O 76 21.04 5.88 43.20
C LYS O 76 20.56 6.35 41.84
N THR O 77 19.53 7.18 41.78
CA THR O 77 19.06 7.68 40.49
C THR O 77 20.04 8.70 39.91
N ALA O 78 20.79 9.43 40.75
CA ALA O 78 21.92 10.24 40.27
C ALA O 78 23.01 9.40 39.60
N LEU O 79 23.34 8.21 40.09
CA LEU O 79 24.34 7.34 39.44
C LEU O 79 23.83 6.74 38.15
N ALA O 80 22.55 6.37 38.05
CA ALA O 80 22.02 5.96 36.77
C ALA O 80 22.03 7.12 35.76
N LEU O 81 21.78 8.36 36.21
CA LEU O 81 21.98 9.55 35.38
C LEU O 81 23.46 9.79 35.05
N ALA O 82 24.39 9.49 35.95
CA ALA O 82 25.81 9.58 35.66
C ALA O 82 26.16 8.61 34.53
N ILE O 83 25.72 7.35 34.60
CA ILE O 83 25.88 6.39 33.51
C ILE O 83 25.29 6.92 32.22
N ALA O 84 24.07 7.46 32.24
CA ALA O 84 23.44 8.00 31.03
C ALA O 84 24.27 9.10 30.37
N GLN O 85 24.98 9.93 31.15
CA GLN O 85 25.89 10.93 30.61
C GLN O 85 27.22 10.32 30.16
N GLU O 86 27.74 9.33 30.87
CA GLU O 86 29.02 8.68 30.56
C GLU O 86 29.00 7.95 29.22
N LEU O 87 27.85 7.39 28.83
CA LEU O 87 27.62 6.72 27.54
C LEU O 87 27.46 7.70 26.37
N GLY O 88 27.27 8.99 26.62
CA GLY O 88 26.97 9.97 25.58
C GLY O 88 25.57 9.80 24.95
N SER O 89 25.33 10.50 23.84
CA SER O 89 24.00 10.59 23.23
C SER O 89 23.58 9.35 22.43
N LYS O 90 24.53 8.66 21.78
CA LYS O 90 24.21 7.69 20.71
C LYS O 90 23.74 6.32 21.22
N VAL O 91 24.31 5.81 22.30
CA VAL O 91 23.78 4.63 22.99
C VAL O 91 22.48 5.03 23.69
N PRO O 92 21.34 4.35 23.48
CA PRO O 92 20.09 4.78 24.07
C PRO O 92 20.07 4.46 25.56
N PHE O 93 19.65 5.43 26.35
CA PHE O 93 19.33 5.24 27.75
C PHE O 93 17.84 5.48 27.91
N CYS O 94 17.11 4.47 28.36
CA CYS O 94 15.66 4.49 28.45
C CYS O 94 15.25 4.57 29.92
N PRO O 95 14.86 5.75 30.43
CA PRO O 95 14.40 5.88 31.80
C PRO O 95 12.98 5.34 31.93
N MET O 96 12.72 4.66 33.03
CA MET O 96 11.41 4.13 33.37
C MET O 96 11.23 4.25 34.88
N VAL O 97 10.00 4.44 35.33
CA VAL O 97 9.65 4.35 36.76
C VAL O 97 8.85 3.08 36.97
N GLY O 98 9.14 2.29 37.98
CA GLY O 98 8.50 0.99 38.16
C GLY O 98 6.98 1.06 38.11
N SER O 99 6.36 2.09 38.67
CA SER O 99 4.90 2.22 38.63
C SER O 99 4.32 2.59 37.25
N GLU O 100 5.12 2.73 36.19
CA GLU O 100 4.60 2.87 34.83
C GLU O 100 4.05 1.58 34.23
N VAL O 101 4.33 0.40 34.80
CA VAL O 101 3.78 -0.86 34.26
C VAL O 101 2.26 -0.97 34.38
N TYR O 102 1.60 -0.23 35.26
CA TYR O 102 0.15 -0.35 35.47
C TYR O 102 -0.67 0.39 34.40
N SER O 103 -0.38 0.15 33.12
CA SER O 103 -1.17 0.66 32.00
C SER O 103 -2.63 0.20 32.06
N THR O 104 -3.52 0.95 31.42
CA THR O 104 -4.92 0.61 31.21
C THR O 104 -5.22 0.19 29.78
N GLU O 105 -4.20 0.09 28.91
CA GLU O 105 -4.36 -0.33 27.52
C GLU O 105 -3.71 -1.67 27.21
N ILE O 106 -2.66 -2.05 27.93
CA ILE O 106 -1.85 -3.24 27.68
C ILE O 106 -1.39 -3.88 28.99
N LYS O 107 -1.15 -5.20 29.01
CA LYS O 107 -0.79 -5.91 30.24
C LYS O 107 0.52 -5.40 30.83
N LYS O 108 0.63 -5.39 32.15
CA LYS O 108 1.87 -5.04 32.88
C LYS O 108 3.07 -5.82 32.38
N THR O 109 2.86 -7.10 32.11
CA THR O 109 3.84 -8.06 31.59
C THR O 109 4.31 -7.75 30.16
N GLU O 110 3.79 -6.71 29.52
CA GLU O 110 4.15 -6.34 28.16
C GLU O 110 4.62 -4.89 28.07
N VAL O 111 4.16 -3.97 28.93
CA VAL O 111 4.80 -2.64 29.07
C VAL O 111 6.31 -2.77 29.26
N LEU O 112 6.76 -3.74 30.07
CA LEU O 112 8.18 -4.03 30.21
C LEU O 112 8.83 -4.35 28.87
N MET O 113 8.24 -5.18 28.02
CA MET O 113 8.82 -5.49 26.71
C MET O 113 8.91 -4.27 25.81
N GLU O 114 7.93 -3.38 25.82
CA GLU O 114 8.07 -2.14 25.06
C GLU O 114 9.26 -1.35 25.58
N ASN O 115 9.44 -1.24 26.90
CA ASN O 115 10.60 -0.57 27.47
C ASN O 115 11.91 -1.27 27.14
N PHE O 116 12.00 -2.60 27.25
CA PHE O 116 13.17 -3.36 26.85
C PHE O 116 13.53 -3.10 25.39
N ARG O 117 12.56 -3.21 24.48
CA ARG O 117 12.79 -3.05 23.05
C ARG O 117 13.11 -1.62 22.67
N ARG O 118 12.68 -0.63 23.45
CA ARG O 118 13.07 0.78 23.23
C ARG O 118 14.51 1.03 23.61
N ALA O 119 15.10 0.22 24.48
CA ALA O 119 16.48 0.36 24.93
C ALA O 119 17.52 -0.34 24.04
N ILE O 120 17.12 -0.99 22.94
CA ILE O 120 18.06 -1.51 21.95
C ILE O 120 18.01 -0.62 20.73
N GLY O 121 19.01 0.23 20.57
CA GLY O 121 19.06 1.20 19.48
C GLY O 121 19.70 0.59 18.24
N LEU O 122 19.47 1.22 17.11
CA LEU O 122 19.85 0.72 15.81
C LEU O 122 20.08 1.92 14.89
N ARG O 123 21.23 1.98 14.23
CA ARG O 123 21.60 3.05 13.32
C ARG O 123 21.59 2.53 11.89
N ILE O 124 20.78 3.10 11.01
CA ILE O 124 20.49 2.60 9.66
C ILE O 124 20.92 3.60 8.59
N LYS O 125 21.75 3.20 7.63
CA LYS O 125 22.09 3.99 6.43
C LYS O 125 21.00 3.87 5.37
N GLU O 126 19.81 4.41 5.63
CA GLU O 126 18.67 4.28 4.71
C GLU O 126 18.91 5.11 3.45
N THR O 127 19.08 4.49 2.30
CA THR O 127 19.05 5.19 1.01
C THR O 127 17.61 5.56 0.68
N LYS O 128 17.30 6.86 0.57
CA LYS O 128 16.04 7.37 0.05
C LYS O 128 16.26 7.92 -1.34
N GLU O 129 15.44 7.51 -2.30
CA GLU O 129 15.45 8.03 -3.67
C GLU O 129 14.17 8.80 -3.97
N VAL O 130 14.32 10.02 -4.48
CA VAL O 130 13.26 11.03 -4.45
C VAL O 130 13.15 11.79 -5.75
N TYR O 131 11.95 12.23 -6.07
CA TYR O 131 11.66 13.16 -7.15
C TYR O 131 11.25 14.49 -6.54
N GLU O 132 11.80 15.61 -6.97
CA GLU O 132 11.26 16.92 -6.57
C GLU O 132 11.33 17.96 -7.68
N GLY O 133 10.46 18.96 -7.62
CA GLY O 133 10.41 20.04 -8.60
C GLY O 133 9.08 20.77 -8.63
N GLU O 134 9.01 21.86 -9.38
CA GLU O 134 7.73 22.43 -9.81
C GLU O 134 7.04 21.47 -10.77
N VAL O 135 5.78 21.12 -10.53
CA VAL O 135 4.96 20.34 -11.46
C VAL O 135 4.63 21.20 -12.68
N THR O 136 5.29 20.96 -13.81
CA THR O 136 5.03 21.66 -15.06
C THR O 136 4.00 20.94 -15.95
N GLU O 137 3.78 19.63 -15.76
CA GLU O 137 2.75 18.86 -16.47
C GLU O 137 2.23 17.72 -15.58
N LEU O 138 0.96 17.32 -15.73
CA LEU O 138 0.35 16.27 -14.90
C LEU O 138 -0.81 15.57 -15.62
N THR O 139 -0.65 14.30 -16.02
CA THR O 139 -1.65 13.56 -16.81
C THR O 139 -1.76 12.09 -16.44
N PRO O 140 -2.94 11.57 -16.08
CA PRO O 140 -3.17 10.14 -15.88
C PRO O 140 -3.39 9.40 -17.22
N CYS O 141 -2.97 8.13 -17.30
CA CYS O 141 -3.08 7.28 -18.49
C CYS O 141 -4.12 6.16 -18.28
N GLU O 142 -5.16 6.07 -19.09
CA GLU O 142 -6.33 5.24 -18.80
C GLU O 142 -6.28 3.79 -19.35
N THR O 143 -6.95 2.87 -18.66
CA THR O 143 -7.10 1.43 -19.01
C THR O 143 -8.47 0.86 -18.61
N GLU O 144 -8.94 -0.17 -19.29
CA GLU O 144 -10.29 -0.72 -19.14
C GLU O 144 -10.58 -1.29 -17.74
N ASN O 145 -11.86 -1.31 -17.34
CA ASN O 145 -12.30 -1.80 -16.03
C ASN O 145 -12.18 -3.34 -15.93
N LYS O 152 -12.94 4.52 -16.83
CA LYS O 152 -11.73 3.70 -16.90
C LYS O 152 -10.85 3.82 -15.64
N THR O 153 -10.00 2.82 -15.44
CA THR O 153 -8.93 2.79 -14.42
C THR O 153 -7.72 3.60 -14.88
N ILE O 154 -6.81 3.94 -13.96
CA ILE O 154 -5.54 4.61 -14.28
C ILE O 154 -4.38 3.62 -14.21
N SER O 155 -3.56 3.58 -15.25
CA SER O 155 -2.41 2.65 -15.40
C SER O 155 -1.08 3.27 -15.01
N HIS O 156 -0.90 4.55 -15.30
CA HIS O 156 0.27 5.39 -15.03
C HIS O 156 -0.24 6.81 -14.77
N VAL O 157 0.60 7.64 -14.17
CA VAL O 157 0.52 9.09 -14.32
C VAL O 157 1.84 9.60 -14.87
N ILE O 158 1.77 10.62 -15.72
CA ILE O 158 2.93 11.34 -16.23
C ILE O 158 3.03 12.63 -15.45
N ILE O 159 4.16 12.88 -14.78
CA ILE O 159 4.42 14.18 -14.15
C ILE O 159 5.64 14.80 -14.79
N GLY O 160 5.48 16.01 -15.31
CA GLY O 160 6.58 16.88 -15.70
C GLY O 160 7.06 17.65 -14.49
N LEU O 161 8.33 17.54 -14.13
CA LEU O 161 8.95 18.22 -12.99
C LEU O 161 10.07 19.13 -13.46
N LYS O 162 10.24 20.28 -12.82
CA LYS O 162 11.24 21.28 -13.17
C LYS O 162 12.02 21.75 -11.94
N THR O 163 13.33 21.91 -12.09
CA THR O 163 14.26 22.36 -11.07
C THR O 163 15.25 23.34 -11.70
N ALA O 164 16.06 24.05 -10.91
CA ALA O 164 17.07 24.93 -11.49
C ALA O 164 18.05 24.17 -12.44
N LYS O 165 18.35 22.90 -12.16
CA LYS O 165 19.28 22.07 -12.93
C LYS O 165 18.66 21.42 -14.19
N GLY O 166 17.35 21.57 -14.42
CA GLY O 166 16.71 21.03 -15.62
C GLY O 166 15.25 20.64 -15.44
N THR O 167 14.79 19.69 -16.25
CA THR O 167 13.43 19.15 -16.17
C THR O 167 13.40 17.69 -16.62
N LYS O 168 12.45 16.91 -16.12
CA LYS O 168 12.18 15.54 -16.51
C LYS O 168 10.68 15.31 -16.58
N GLN O 169 10.27 14.24 -17.25
CA GLN O 169 8.86 13.90 -17.45
C GLN O 169 8.71 12.41 -17.18
N LEU O 170 8.19 12.06 -16.00
CA LEU O 170 8.29 10.72 -15.41
C LEU O 170 6.98 9.95 -15.48
N LYS O 171 7.03 8.69 -15.92
CA LYS O 171 5.95 7.71 -15.70
C LYS O 171 5.98 7.25 -14.25
N LEU O 172 4.88 7.37 -13.53
CA LEU O 172 4.75 6.97 -12.12
C LEU O 172 3.47 6.17 -11.87
N ASP O 173 3.47 5.41 -10.79
CA ASP O 173 2.41 4.48 -10.41
C ASP O 173 1.09 5.19 -10.06
N PRO O 174 -0.10 4.61 -10.32
CA PRO O 174 -1.37 5.24 -9.97
C PRO O 174 -1.55 5.49 -8.47
N SER O 175 -0.84 4.79 -7.57
CA SER O 175 -0.76 5.12 -6.15
C SER O 175 -0.12 6.50 -5.91
N ILE O 176 0.84 6.89 -6.74
CA ILE O 176 1.38 8.25 -6.71
C ILE O 176 0.33 9.24 -7.20
N PHE O 177 -0.45 8.91 -8.23
CA PHE O 177 -1.52 9.82 -8.66
C PHE O 177 -2.59 10.00 -7.59
N GLU O 178 -2.99 8.91 -6.95
CA GLU O 178 -3.92 8.97 -5.82
C GLU O 178 -3.34 9.85 -4.70
N SER O 179 -2.04 9.79 -4.46
CA SER O 179 -1.36 10.68 -3.51
C SER O 179 -1.33 12.13 -3.96
N LEU O 180 -1.08 12.41 -5.24
CA LEU O 180 -1.10 13.76 -5.78
C LEU O 180 -2.50 14.37 -5.69
N GLN O 181 -3.55 13.60 -5.97
CA GLN O 181 -4.92 14.06 -5.81
C GLN O 181 -5.26 14.32 -4.34
N LYS O 182 -4.85 13.43 -3.43
CA LYS O 182 -5.01 13.59 -1.98
C LYS O 182 -4.36 14.89 -1.49
N GLU O 183 -3.14 15.15 -1.92
CA GLU O 183 -2.39 16.36 -1.60
C GLU O 183 -2.83 17.61 -2.41
N ARG O 184 -3.86 17.50 -3.24
CA ARG O 184 -4.38 18.59 -4.09
C ARG O 184 -3.29 19.25 -4.93
N VAL O 185 -2.36 18.46 -5.46
CA VAL O 185 -1.29 18.96 -6.33
C VAL O 185 -1.82 19.37 -7.70
N GLU O 186 -1.37 20.53 -8.17
CA GLU O 186 -1.72 21.16 -9.46
C GLU O 186 -0.47 21.73 -10.13
N ALA O 187 -0.56 22.06 -11.42
CA ALA O 187 0.55 22.68 -12.14
C ALA O 187 1.07 23.94 -11.44
N GLY O 188 2.38 24.15 -11.46
CA GLY O 188 3.07 25.23 -10.74
C GLY O 188 3.41 24.91 -9.29
N ASP O 189 2.87 23.85 -8.70
CA ASP O 189 3.19 23.45 -7.33
C ASP O 189 4.59 22.89 -7.22
N VAL O 190 5.38 23.32 -6.24
CA VAL O 190 6.60 22.63 -5.88
C VAL O 190 6.26 21.41 -5.04
N ILE O 191 6.72 20.24 -5.45
CA ILE O 191 6.47 18.99 -4.73
C ILE O 191 7.73 18.20 -4.51
N TYR O 192 7.66 17.29 -3.55
CA TYR O 192 8.68 16.32 -3.22
C TYR O 192 8.01 14.97 -3.09
N ILE O 193 8.58 13.93 -3.68
CA ILE O 193 8.05 12.56 -3.64
C ILE O 193 9.20 11.66 -3.27
N GLU O 194 9.08 10.76 -2.29
CA GLU O 194 10.10 9.73 -2.10
C GLU O 194 9.57 8.38 -2.60
N ALA O 195 10.29 7.77 -3.54
CA ALA O 195 9.80 6.60 -4.26
C ALA O 195 9.74 5.35 -3.38
N ASN O 196 10.53 5.29 -2.30
CA ASN O 196 10.51 4.19 -1.35
C ASN O 196 9.22 4.18 -0.52
N SER O 197 8.83 5.33 0.03
CA SER O 197 7.55 5.46 0.76
C SER O 197 6.33 5.65 -0.15
N GLY O 198 6.54 6.00 -1.43
CA GLY O 198 5.48 6.50 -2.30
C GLY O 198 4.84 7.79 -1.78
N ALA O 199 5.51 8.52 -0.90
CA ALA O 199 4.93 9.61 -0.11
C ALA O 199 5.16 10.96 -0.78
N VAL O 200 4.11 11.75 -0.98
CA VAL O 200 4.14 13.06 -1.62
C VAL O 200 4.02 14.17 -0.59
N LYS O 201 4.85 15.20 -0.68
CA LYS O 201 4.73 16.46 0.09
C LYS O 201 4.60 17.63 -0.88
N ARG O 202 3.53 18.40 -0.77
CA ARG O 202 3.40 19.69 -1.43
C ARG O 202 4.10 20.78 -0.62
N GLN O 203 4.72 21.76 -1.27
CA GLN O 203 5.35 22.92 -0.61
C GLN O 203 4.75 24.27 -1.04
N GLY O 204 3.64 24.28 -1.77
CA GLY O 204 3.03 25.48 -2.34
C GLY O 204 3.52 25.80 -3.76
N ARG O 205 2.94 26.78 -4.44
CA ARG O 205 3.42 27.18 -5.78
C ARG O 205 4.83 27.73 -5.76
N CYS O 206 5.57 27.49 -6.83
CA CYS O 206 6.91 28.03 -7.02
C CYS O 206 6.92 29.56 -6.95
N ASP O 207 7.99 30.18 -6.44
CA ASP O 207 8.14 31.64 -6.34
C ASP O 207 7.86 32.38 -7.64
N THR O 208 8.08 31.75 -8.80
CA THR O 208 7.74 32.32 -10.12
C THR O 208 6.30 32.80 -10.21
N TYR O 209 5.38 32.20 -9.45
CA TYR O 209 3.96 32.52 -9.43
C TYR O 209 3.55 33.46 -8.28
N ALA O 210 4.47 33.91 -7.43
CA ALA O 210 4.13 34.73 -6.25
C ALA O 210 3.50 36.08 -6.62
N THR O 211 3.70 36.56 -7.85
CA THR O 211 3.08 37.78 -8.38
C THR O 211 1.73 37.56 -9.05
N GLU O 212 1.27 36.32 -9.24
CA GLU O 212 0.16 36.05 -10.19
C GLU O 212 -1.23 36.43 -9.67
N PHE O 213 -1.37 36.68 -8.36
CA PHE O 213 -2.61 37.11 -7.71
C PHE O 213 -2.33 38.23 -6.71
N ASP O 214 -3.30 39.09 -6.45
CA ASP O 214 -3.19 40.13 -5.43
C ASP O 214 -3.45 39.58 -4.02
N LEU O 215 -4.18 38.47 -3.92
CA LEU O 215 -4.60 37.87 -2.66
C LEU O 215 -4.85 36.37 -2.85
N GLU O 216 -3.98 35.54 -2.29
CA GLU O 216 -4.07 34.07 -2.36
C GLU O 216 -3.57 33.43 -1.07
N ALA O 217 -4.08 32.25 -0.72
CA ALA O 217 -3.78 31.57 0.55
C ALA O 217 -2.36 30.98 0.65
N GLU O 218 -1.67 30.86 -0.48
CA GLU O 218 -0.45 30.07 -0.61
C GLU O 218 0.78 30.67 0.08
N GLU O 219 1.57 29.82 0.73
CA GLU O 219 3.00 30.11 0.87
C GLU O 219 3.69 29.71 -0.45
N TYR O 220 4.73 30.45 -0.85
CA TYR O 220 5.49 30.20 -2.07
C TYR O 220 6.93 29.85 -1.72
N VAL O 221 7.56 28.97 -2.48
CA VAL O 221 8.94 28.51 -2.22
C VAL O 221 9.84 28.65 -3.44
N PRO O 222 11.16 28.84 -3.25
CA PRO O 222 12.08 28.92 -4.37
C PRO O 222 12.14 27.58 -5.08
N LEU O 223 12.33 27.62 -6.41
CA LEU O 223 12.41 26.42 -7.23
C LEU O 223 13.49 25.46 -6.70
N PRO O 224 13.23 24.15 -6.54
CA PRO O 224 14.22 23.19 -6.07
C PRO O 224 15.50 23.17 -6.90
N LYS O 225 16.60 22.71 -6.31
CA LYS O 225 17.94 22.64 -6.93
C LYS O 225 18.49 21.23 -6.97
N GLY O 226 19.43 20.99 -7.88
CA GLY O 226 19.84 19.64 -8.30
C GLY O 226 18.84 19.00 -9.27
N ASP O 227 19.18 17.82 -9.78
CA ASP O 227 18.33 17.08 -10.72
C ASP O 227 16.98 16.70 -10.08
N VAL O 228 15.95 16.49 -10.91
CA VAL O 228 14.61 16.07 -10.48
C VAL O 228 14.69 14.77 -9.68
N HIS O 229 15.37 13.76 -10.22
CA HIS O 229 15.52 12.45 -9.58
C HIS O 229 16.90 12.33 -8.96
N LYS O 230 16.97 12.09 -7.66
CA LYS O 230 18.21 11.98 -6.90
C LYS O 230 18.04 11.08 -5.69
N LYS O 231 19.14 10.52 -5.18
CA LYS O 231 19.12 9.66 -4.00
C LYS O 231 20.18 10.04 -2.99
N LYS O 232 19.82 9.87 -1.72
CA LYS O 232 20.59 10.32 -0.56
C LYS O 232 20.47 9.33 0.58
N GLU O 233 21.50 9.23 1.41
CA GLU O 233 21.39 8.51 2.66
C GLU O 233 20.77 9.41 3.72
N ILE O 234 19.81 8.88 4.46
CA ILE O 234 19.50 9.38 5.79
C ILE O 234 20.15 8.38 6.76
N ILE O 235 21.05 8.85 7.61
CA ILE O 235 21.59 8.04 8.70
C ILE O 235 20.59 8.05 9.86
N GLN O 236 19.59 7.18 9.79
CA GLN O 236 18.51 7.09 10.78
C GLN O 236 19.04 6.53 12.09
N ASP O 237 18.59 7.09 13.22
CA ASP O 237 18.64 6.45 14.53
C ASP O 237 17.23 6.00 14.92
N VAL O 238 17.09 4.74 15.27
CA VAL O 238 15.82 4.02 15.46
C VAL O 238 16.00 2.99 16.57
N THR O 239 14.94 2.45 17.15
CA THR O 239 15.04 1.44 18.20
C THR O 239 14.17 0.24 17.87
N LEU O 240 14.44 -0.95 18.40
CA LEU O 240 13.65 -2.12 18.03
C LEU O 240 12.18 -1.97 18.41
N HIS O 241 11.84 -1.27 19.49
CA HIS O 241 10.45 -0.94 19.76
C HIS O 241 9.85 -0.12 18.63
N ASP O 242 10.59 0.85 18.10
CA ASP O 242 10.08 1.72 17.06
C ASP O 242 9.88 0.95 15.74
N LEU O 243 10.57 -0.17 15.52
CA LEU O 243 10.23 -1.11 14.46
C LEU O 243 9.00 -1.93 14.83
N ASP O 244 8.94 -2.49 16.05
CA ASP O 244 7.83 -3.32 16.52
C ASP O 244 6.48 -2.61 16.41
N VAL O 245 6.36 -1.38 16.94
CA VAL O 245 5.07 -0.70 16.96
C VAL O 245 4.65 -0.22 15.58
N ALA O 246 5.59 0.24 14.77
CA ALA O 246 5.28 0.82 13.47
C ALA O 246 4.66 -0.19 12.51
N ASN O 247 4.91 -1.50 12.68
CA ASN O 247 4.23 -2.54 11.92
C ASN O 247 2.88 -2.95 12.49
N ALA O 248 2.68 -2.89 13.81
CA ALA O 248 1.43 -3.34 14.44
C ALA O 248 0.23 -2.43 14.16
N ARG O 249 0.45 -1.11 14.06
CA ARG O 249 -0.55 -0.14 13.60
C ARG O 249 0.06 0.73 12.49
N PRO O 250 0.10 0.23 11.24
CA PRO O 250 0.94 0.80 10.19
C PRO O 250 0.39 2.13 9.64
N GLN O 251 1.23 3.16 9.67
CA GLN O 251 0.95 4.49 9.12
C GLN O 251 1.69 4.76 7.81
N GLY O 252 2.59 3.88 7.38
CA GLY O 252 3.23 3.96 6.06
C GLY O 252 2.32 3.47 4.96
N GLY O 253 2.81 3.40 3.72
CA GLY O 253 1.92 3.25 2.57
C GLY O 253 0.97 4.44 2.39
N GLN O 254 0.09 4.40 1.41
CA GLN O 254 -0.73 5.55 1.00
C GLN O 254 -2.22 5.24 0.86
N ASP O 255 -2.64 4.01 1.10
CA ASP O 255 -4.01 3.58 0.88
C ASP O 255 -4.99 4.15 1.93
N ILE O 256 -6.29 4.05 1.64
CA ILE O 256 -7.37 4.51 2.49
C ILE O 256 -7.24 3.99 3.93
N LEU O 257 -6.75 2.76 4.12
CA LEU O 257 -6.60 2.17 5.44
C LEU O 257 -5.45 2.81 6.23
N SER O 258 -4.25 2.88 5.66
CA SER O 258 -3.10 3.47 6.36
C SER O 258 -3.29 4.96 6.57
N MET O 259 -3.97 5.65 5.65
CA MET O 259 -4.35 7.06 5.78
C MET O 259 -5.32 7.32 6.94
N MET O 260 -5.94 6.27 7.49
CA MET O 260 -6.97 6.35 8.52
C MET O 260 -6.56 5.72 9.85
N GLY O 261 -5.68 4.73 9.86
CA GLY O 261 -4.94 4.34 11.07
C GLY O 261 -4.11 5.50 11.66
N GLN O 262 -3.82 6.51 10.83
CA GLN O 262 -3.16 7.77 11.17
C GLN O 262 -4.12 8.81 11.81
N LEU O 263 -5.43 8.55 11.86
CA LEU O 263 -6.47 9.43 12.44
C LEU O 263 -7.09 8.88 13.73
N MET O 264 -7.35 7.57 13.80
CA MET O 264 -8.02 6.94 14.94
C MET O 264 -7.16 7.00 16.22
N LYS O 265 -7.79 6.92 17.40
CA LYS O 265 -7.10 7.02 18.71
C LYS O 265 -5.92 6.06 18.78
N PRO O 266 -4.69 6.53 19.09
CA PRO O 266 -3.48 5.73 19.03
C PRO O 266 -3.31 4.80 20.23
N LYS O 267 -4.25 3.87 20.42
CA LYS O 267 -4.20 2.86 21.48
C LYS O 267 -2.94 2.01 21.37
N LYS O 268 -2.26 1.70 22.48
CA LYS O 268 -1.22 0.66 22.52
C LYS O 268 -1.81 -0.71 22.20
N THR O 269 -0.99 -1.72 21.95
CA THR O 269 -1.47 -3.09 21.72
C THR O 269 -0.48 -4.14 22.18
N GLU O 270 -0.93 -5.32 22.60
CA GLU O 270 -0.06 -6.40 23.07
C GLU O 270 0.69 -7.03 21.88
N ILE O 271 1.79 -6.42 21.41
CA ILE O 271 2.54 -6.88 20.24
C ILE O 271 2.89 -8.36 20.37
N THR O 272 2.60 -9.15 19.34
CA THR O 272 2.79 -10.60 19.38
C THR O 272 4.28 -10.94 19.44
N ASP O 273 4.66 -12.07 20.03
CA ASP O 273 6.07 -12.49 20.05
C ASP O 273 6.59 -12.80 18.63
N LYS O 274 5.74 -13.36 17.77
CA LYS O 274 5.99 -13.55 16.33
C LYS O 274 6.45 -12.30 15.58
N LEU O 275 5.89 -11.12 15.86
CA LEU O 275 6.31 -9.89 15.16
C LEU O 275 7.69 -9.49 15.61
N ARG O 276 7.99 -9.56 16.90
CA ARG O 276 9.36 -9.29 17.37
C ARG O 276 10.34 -10.29 16.76
N GLY O 277 9.92 -11.54 16.55
CA GLY O 277 10.68 -12.52 15.78
C GLY O 277 10.96 -12.08 14.34
N GLU O 278 9.94 -11.70 13.58
CA GLU O 278 10.13 -11.30 12.18
C GLU O 278 10.89 -9.97 12.06
N ILE O 279 10.73 -9.05 13.00
CA ILE O 279 11.57 -7.86 13.09
C ILE O 279 13.03 -8.23 13.36
N ASN O 280 13.32 -9.09 14.34
CA ASN O 280 14.70 -9.52 14.61
C ASN O 280 15.36 -10.07 13.34
N LYS O 281 14.65 -10.88 12.56
CA LYS O 281 15.16 -11.39 11.28
C LYS O 281 15.46 -10.26 10.31
N VAL O 282 14.58 -9.27 10.18
CA VAL O 282 14.80 -8.14 9.27
C VAL O 282 15.97 -7.25 9.70
N VAL O 283 16.12 -6.92 10.98
CA VAL O 283 17.31 -6.16 11.40
C VAL O 283 18.60 -6.99 11.30
N ASN O 284 18.59 -8.30 11.56
CA ASN O 284 19.78 -9.12 11.29
C ASN O 284 20.18 -9.04 9.82
N LYS O 285 19.24 -9.09 8.86
CA LYS O 285 19.56 -8.90 7.44
C LYS O 285 20.15 -7.51 7.16
N TYR O 286 19.64 -6.44 7.76
CA TYR O 286 20.26 -5.12 7.59
C TYR O 286 21.68 -5.03 8.20
N ILE O 287 21.98 -5.77 9.26
CA ILE O 287 23.34 -5.86 9.80
C ILE O 287 24.24 -6.68 8.89
N ASP O 288 23.77 -7.80 8.35
CA ASP O 288 24.51 -8.60 7.36
C ASP O 288 24.85 -7.79 6.12
N GLN O 289 23.92 -6.97 5.64
CA GLN O 289 24.13 -6.10 4.49
C GLN O 289 25.07 -4.90 4.78
N GLY O 290 25.52 -4.72 6.02
CA GLY O 290 26.38 -3.60 6.43
C GLY O 290 25.66 -2.25 6.50
N ILE O 291 24.37 -2.21 6.19
CA ILE O 291 23.52 -1.02 6.23
C ILE O 291 23.30 -0.55 7.67
N ALA O 292 23.37 -1.46 8.64
CA ALA O 292 23.00 -1.21 10.03
C ALA O 292 24.16 -1.37 11.02
N GLU O 293 24.14 -0.59 12.09
CA GLU O 293 24.88 -0.87 13.32
C GLU O 293 23.91 -0.96 14.49
N LEU O 294 23.92 -2.08 15.23
CA LEU O 294 23.18 -2.18 16.49
C LEU O 294 23.93 -1.45 17.61
N VAL O 295 23.20 -0.75 18.48
CA VAL O 295 23.75 -0.10 19.67
C VAL O 295 22.90 -0.48 20.89
N PRO O 296 23.10 -1.68 21.45
CA PRO O 296 22.32 -2.14 22.58
C PRO O 296 22.65 -1.26 23.79
N GLY O 297 21.63 -0.66 24.40
CA GLY O 297 21.79 0.35 25.43
C GLY O 297 21.30 -0.11 26.79
N VAL O 298 20.73 0.81 27.54
CA VAL O 298 20.37 0.64 28.95
C VAL O 298 18.90 0.90 29.16
N LEU O 299 18.24 0.05 29.94
CA LEU O 299 16.92 0.30 30.50
C LEU O 299 17.09 0.60 31.98
N PHE O 300 16.66 1.76 32.46
CA PHE O 300 16.77 2.13 33.86
C PHE O 300 15.40 2.09 34.52
N VAL O 301 15.06 0.99 35.18
CA VAL O 301 13.81 0.89 35.95
C VAL O 301 14.05 1.47 37.33
N ASP O 302 13.90 2.78 37.45
CA ASP O 302 13.91 3.45 38.75
C ASP O 302 12.72 2.98 39.59
N GLU O 303 12.78 3.10 40.90
CA GLU O 303 11.72 2.64 41.81
C GLU O 303 11.28 1.19 41.52
N VAL O 304 12.22 0.30 41.18
CA VAL O 304 11.87 -1.08 40.78
C VAL O 304 11.10 -1.82 41.84
N HIS O 305 11.24 -1.43 43.11
CA HIS O 305 10.61 -2.07 44.27
C HIS O 305 9.10 -2.11 44.23
N MET O 306 8.47 -1.46 43.24
CA MET O 306 7.04 -1.55 43.03
C MET O 306 6.58 -1.92 41.64
N LEU O 307 7.41 -2.64 40.89
CA LEU O 307 6.87 -3.56 39.90
C LEU O 307 5.97 -4.56 40.64
N ASP O 308 4.93 -5.08 40.00
CA ASP O 308 4.10 -6.12 40.61
C ASP O 308 4.86 -7.46 40.64
N ILE O 309 4.48 -8.46 41.45
CA ILE O 309 5.20 -9.74 41.37
C ILE O 309 5.03 -10.42 40.00
N GLU O 310 3.95 -10.14 39.28
CA GLU O 310 3.77 -10.50 37.85
C GLU O 310 4.98 -10.04 37.02
N CYS O 311 5.40 -8.81 37.25
CA CYS O 311 6.46 -8.14 36.53
C CYS O 311 7.82 -8.67 36.99
N PHE O 312 8.05 -8.81 38.30
CA PHE O 312 9.29 -9.41 38.77
C PHE O 312 9.47 -10.81 38.20
N THR O 313 8.41 -11.60 38.10
CA THR O 313 8.52 -12.93 37.52
C THR O 313 8.63 -12.90 36.00
N TYR O 314 8.11 -11.89 35.32
CA TYR O 314 8.40 -11.73 33.91
C TYR O 314 9.85 -11.38 33.65
N LEU O 315 10.46 -10.56 34.52
CA LEU O 315 11.86 -10.19 34.36
C LEU O 315 12.78 -11.40 34.33
N HIS O 316 12.40 -12.52 34.93
CA HIS O 316 13.18 -13.75 34.80
C HIS O 316 13.30 -14.18 33.33
N ARG O 317 12.22 -14.15 32.54
CA ARG O 317 12.27 -14.45 31.11
C ARG O 317 12.97 -13.34 30.33
N ALA O 318 12.77 -12.08 30.70
CA ALA O 318 13.32 -10.97 29.92
C ALA O 318 14.84 -10.80 30.11
N LEU O 319 15.35 -10.86 31.34
CA LEU O 319 16.77 -10.75 31.64
C LEU O 319 17.58 -11.96 31.13
N GLU O 320 16.93 -13.08 30.85
CA GLU O 320 17.56 -14.26 30.28
C GLU O 320 17.43 -14.34 28.75
N SER O 321 16.82 -13.35 28.12
CA SER O 321 16.77 -13.26 26.66
C SER O 321 18.16 -13.04 26.08
N SER O 322 18.46 -13.64 24.93
CA SER O 322 19.68 -13.32 24.19
C SER O 322 19.64 -11.94 23.55
N ILE O 323 18.49 -11.29 23.44
CA ILE O 323 18.36 -9.98 22.79
C ILE O 323 18.52 -8.81 23.76
N ALA O 324 18.08 -8.97 25.01
CA ALA O 324 17.80 -7.85 25.91
C ALA O 324 18.92 -6.81 26.10
N PRO O 325 18.59 -5.54 26.37
CA PRO O 325 19.53 -4.49 26.76
C PRO O 325 20.12 -4.79 28.14
N ILE O 326 21.14 -4.04 28.54
CA ILE O 326 21.59 -4.07 29.94
C ILE O 326 20.55 -3.35 30.80
N VAL O 327 20.34 -3.74 32.05
CA VAL O 327 19.30 -3.14 32.90
C VAL O 327 19.86 -2.57 34.18
N ILE O 328 19.38 -1.40 34.58
CA ILE O 328 19.69 -0.78 35.85
C ILE O 328 18.39 -0.68 36.65
N PHE O 329 18.36 -1.25 37.83
CA PHE O 329 17.29 -1.05 38.79
C PHE O 329 17.75 -0.10 39.89
N ALA O 330 16.82 0.49 40.62
CA ALA O 330 17.13 1.17 41.87
C ALA O 330 16.07 0.87 42.93
N SER O 331 16.48 0.70 44.18
CA SER O 331 15.56 0.62 45.31
C SER O 331 16.07 1.33 46.56
N ASN O 332 15.19 2.09 47.18
CA ASN O 332 15.41 2.83 48.41
C ASN O 332 14.82 2.10 49.63
N ARG O 333 14.44 0.83 49.48
CA ARG O 333 13.59 0.15 50.46
C ARG O 333 14.26 -0.96 51.24
N GLY O 334 13.78 -1.19 52.44
CA GLY O 334 14.27 -2.23 53.32
C GLY O 334 13.59 -3.55 53.03
N ASN O 335 13.37 -4.32 54.07
CA ASN O 335 12.70 -5.61 54.06
C ASN O 335 11.16 -5.49 53.88
N CYS O 336 10.68 -4.87 52.80
CA CYS O 336 9.24 -4.67 52.52
C CYS O 336 8.46 -5.96 52.34
N VAL O 337 7.12 -5.85 52.35
CA VAL O 337 6.25 -6.79 51.65
C VAL O 337 6.38 -6.63 50.14
N ILE O 338 6.47 -7.72 49.38
CA ILE O 338 6.48 -7.68 47.91
C ILE O 338 5.08 -7.40 47.40
N ARG O 339 4.90 -6.39 46.56
CA ARG O 339 3.59 -6.02 46.03
C ARG O 339 2.92 -7.16 45.27
N GLY O 340 1.62 -7.28 45.44
CA GLY O 340 0.81 -8.37 44.87
C GLY O 340 0.85 -9.68 45.64
N THR O 341 1.69 -9.83 46.68
CA THR O 341 1.77 -11.08 47.46
C THR O 341 1.02 -11.06 48.80
N GLU O 342 0.83 -9.89 49.41
CA GLU O 342 0.43 -9.60 50.81
C GLU O 342 1.20 -10.31 51.95
N ASP O 343 1.64 -11.56 51.76
CA ASP O 343 2.40 -12.31 52.76
C ASP O 343 3.89 -11.95 52.77
N ILE O 344 4.53 -12.01 51.59
CA ILE O 344 5.95 -12.29 51.49
C ILE O 344 6.76 -11.03 51.69
N THR O 345 7.81 -11.08 52.52
CA THR O 345 8.74 -9.96 52.67
C THR O 345 10.13 -10.33 52.18
N SER O 346 10.84 -9.40 51.55
CA SER O 346 12.19 -9.63 51.04
C SER O 346 13.00 -8.34 50.94
N PRO O 347 14.34 -8.42 50.93
CA PRO O 347 15.20 -7.26 50.80
C PRO O 347 14.85 -6.42 49.58
N HIS O 348 14.99 -5.11 49.69
CA HIS O 348 14.71 -4.12 48.65
C HIS O 348 13.31 -4.15 48.06
N GLY O 349 12.39 -4.93 48.63
CA GLY O 349 11.06 -5.14 48.08
C GLY O 349 11.04 -6.00 46.82
N ILE O 350 12.13 -6.69 46.49
CA ILE O 350 12.32 -7.46 45.25
C ILE O 350 12.41 -8.95 45.60
N PRO O 351 11.75 -9.87 44.89
CA PRO O 351 11.80 -11.29 45.22
C PRO O 351 13.22 -11.84 45.20
N LEU O 352 13.55 -12.74 46.13
CA LEU O 352 14.87 -13.40 46.15
C LEU O 352 15.17 -14.14 44.83
N ASP O 353 14.14 -14.62 44.14
CA ASP O 353 14.26 -15.28 42.85
C ASP O 353 14.87 -14.35 41.78
N LEU O 354 14.52 -13.05 41.79
CA LEU O 354 15.10 -12.06 40.89
C LEU O 354 16.43 -11.54 41.45
N LEU O 355 16.57 -11.50 42.77
CA LEU O 355 17.73 -10.93 43.44
C LEU O 355 19.04 -11.71 43.21
N ASP O 356 19.00 -12.93 42.65
CA ASP O 356 20.19 -13.59 42.08
C ASP O 356 20.65 -12.97 40.76
N ARG O 357 19.71 -12.56 39.92
CA ARG O 357 19.96 -12.16 38.53
C ARG O 357 20.50 -10.74 38.40
N VAL O 358 20.93 -10.13 39.49
CA VAL O 358 21.40 -8.75 39.55
C VAL O 358 22.71 -8.65 40.31
N MET O 359 23.65 -7.86 39.79
CA MET O 359 24.82 -7.43 40.54
C MET O 359 24.41 -6.24 41.41
N ILE O 360 24.30 -6.40 42.72
CA ILE O 360 23.83 -5.32 43.59
C ILE O 360 24.95 -4.30 43.80
N ILE O 361 24.67 -3.02 43.63
CA ILE O 361 25.60 -1.93 43.90
C ILE O 361 25.13 -1.25 45.18
N ARG O 362 25.78 -1.50 46.31
CA ARG O 362 25.45 -0.83 47.56
C ARG O 362 25.84 0.63 47.46
N THR O 363 24.90 1.52 47.74
CA THR O 363 25.06 2.97 47.80
C THR O 363 24.78 3.41 49.23
N MET O 364 25.52 4.38 49.78
CA MET O 364 25.59 4.53 51.25
C MET O 364 25.47 5.98 51.74
N LEU O 365 25.17 6.17 53.02
CA LEU O 365 24.91 7.49 53.61
C LEU O 365 26.15 8.40 53.59
N TYR O 366 25.93 9.72 53.70
CA TYR O 366 26.98 10.73 53.60
C TYR O 366 27.57 11.19 54.94
N THR O 367 28.87 11.45 54.94
CA THR O 367 29.53 12.26 55.98
C THR O 367 29.08 13.72 55.89
N PRO O 368 29.17 14.51 56.97
CA PRO O 368 28.90 15.95 56.91
C PRO O 368 29.73 16.65 55.84
N GLN O 369 30.99 16.26 55.68
CA GLN O 369 31.91 16.81 54.68
C GLN O 369 31.38 16.60 53.26
N GLU O 370 30.88 15.41 52.94
CA GLU O 370 30.29 15.16 51.62
C GLU O 370 29.00 15.96 51.44
N MET O 371 28.16 16.11 52.47
CA MET O 371 26.98 16.97 52.35
C MET O 371 27.37 18.42 52.07
N LYS O 372 28.32 19.02 52.79
CA LYS O 372 28.81 20.38 52.49
C LYS O 372 29.27 20.46 51.04
N GLN O 373 30.01 19.47 50.56
CA GLN O 373 30.59 19.49 49.23
C GLN O 373 29.55 19.33 48.13
N ILE O 374 28.52 18.50 48.34
CA ILE O 374 27.36 18.40 47.44
C ILE O 374 26.60 19.71 47.46
N ILE O 375 26.29 20.27 48.63
CA ILE O 375 25.58 21.54 48.76
C ILE O 375 26.33 22.67 48.05
N LYS O 376 27.68 22.69 48.10
CA LYS O 376 28.47 23.65 47.33
C LYS O 376 28.30 23.44 45.84
N ILE O 377 28.53 22.22 45.34
CA ILE O 377 28.43 21.88 43.91
C ILE O 377 27.02 22.12 43.37
N ARG O 378 26.02 21.93 44.22
CA ARG O 378 24.64 22.21 43.94
C ARG O 378 24.36 23.71 43.91
N ALA O 379 24.83 24.48 44.88
CA ALA O 379 24.64 25.93 44.90
C ALA O 379 25.23 26.59 43.66
N GLN O 380 26.45 26.23 43.28
CA GLN O 380 27.06 26.76 42.05
C GLN O 380 26.43 26.21 40.76
N THR O 381 25.54 25.22 40.85
CA THR O 381 24.70 24.77 39.72
C THR O 381 23.38 25.53 39.64
N GLU O 382 22.71 25.77 40.76
CA GLU O 382 21.53 26.65 40.82
C GLU O 382 21.86 28.12 40.51
N GLY O 383 23.15 28.44 40.34
CA GLY O 383 23.62 29.75 39.88
C GLY O 383 23.73 30.78 41.00
N ILE O 384 23.98 30.35 42.24
CA ILE O 384 23.90 31.20 43.43
C ILE O 384 25.22 31.27 44.18
N ASN O 385 25.50 32.41 44.80
CA ASN O 385 26.67 32.64 45.65
C ASN O 385 26.25 32.49 47.10
N ILE O 386 27.01 31.75 47.90
CA ILE O 386 26.71 31.48 49.30
C ILE O 386 27.94 31.68 50.17
N SER O 387 27.78 32.41 51.27
CA SER O 387 28.87 32.68 52.22
C SER O 387 29.24 31.41 52.99
N GLU O 388 30.51 31.25 53.33
CA GLU O 388 31.00 30.03 53.98
C GLU O 388 30.31 29.77 55.32
N GLU O 389 30.00 30.80 56.11
CA GLU O 389 29.27 30.58 57.36
C GLU O 389 27.84 30.09 57.12
N ALA O 390 27.18 30.52 56.04
CA ALA O 390 25.86 30.03 55.67
C ALA O 390 25.93 28.61 55.12
N LEU O 391 26.93 28.30 54.29
CA LEU O 391 27.13 26.94 53.80
C LEU O 391 27.49 25.98 54.93
N ASN O 392 28.30 26.41 55.88
CA ASN O 392 28.57 25.64 57.09
C ASN O 392 27.29 25.39 57.88
N HIS O 393 26.38 26.37 57.96
CA HIS O 393 25.08 26.21 58.59
C HIS O 393 24.18 25.22 57.84
N LEU O 394 24.17 25.22 56.50
CA LEU O 394 23.48 24.19 55.74
C LEU O 394 24.11 22.81 55.95
N GLY O 395 25.43 22.71 56.10
CA GLY O 395 26.06 21.44 56.50
C GLY O 395 25.51 20.94 57.82
N GLU O 396 25.33 21.81 58.82
CA GLU O 396 24.68 21.44 60.08
C GLU O 396 23.24 20.98 59.87
N ILE O 397 22.45 21.69 59.06
CA ILE O 397 21.08 21.26 58.72
C ILE O 397 21.08 19.89 58.02
N GLY O 398 22.09 19.59 57.20
CA GLY O 398 22.30 18.25 56.64
C GLY O 398 22.46 17.19 57.72
N THR O 399 23.30 17.42 58.72
CA THR O 399 23.42 16.48 59.84
C THR O 399 22.15 16.39 60.69
N LYS O 400 21.35 17.46 60.79
CA LYS O 400 20.10 17.46 61.56
C LYS O 400 18.96 16.73 60.85
N THR O 401 18.92 16.79 59.53
CA THR O 401 17.74 16.38 58.74
C THR O 401 18.12 15.39 57.63
N THR O 402 18.36 15.86 56.42
CA THR O 402 18.61 15.05 55.23
C THR O 402 19.29 15.88 54.15
N LEU O 403 19.98 15.26 53.19
CA LEU O 403 20.66 16.00 52.13
C LEU O 403 19.67 16.74 51.24
N ARG O 404 18.52 16.14 50.89
CA ARG O 404 17.56 16.80 49.99
C ARG O 404 16.95 18.04 50.59
N TYR O 405 16.49 18.04 51.83
CA TYR O 405 15.99 19.27 52.46
C TYR O 405 17.06 20.36 52.47
N SER O 406 18.28 20.01 52.86
CA SER O 406 19.39 20.96 52.91
C SER O 406 19.70 21.57 51.55
N VAL O 407 19.70 20.78 50.49
CA VAL O 407 19.79 21.26 49.10
C VAL O 407 18.60 22.12 48.74
N GLN O 408 17.38 21.72 49.08
CA GLN O 408 16.17 22.41 48.67
C GLN O 408 16.09 23.82 49.25
N LEU O 409 16.73 24.14 50.38
CA LEU O 409 16.70 25.50 50.91
C LEU O 409 17.43 26.52 50.05
N LEU O 410 18.36 26.10 49.17
CA LEU O 410 19.26 27.01 48.47
C LEU O 410 18.52 28.05 47.64
N THR O 411 17.70 27.65 46.67
CA THR O 411 16.96 28.62 45.86
C THR O 411 16.01 29.50 46.69
N PRO O 412 15.14 28.99 47.58
CA PRO O 412 14.37 29.81 48.51
C PRO O 412 15.21 30.82 49.29
N ALA O 413 16.41 30.45 49.76
CA ALA O 413 17.32 31.38 50.41
C ALA O 413 17.85 32.43 49.44
N ASN O 414 18.16 32.08 48.20
CA ASN O 414 18.57 33.07 47.21
C ASN O 414 17.44 34.05 46.85
N LEU O 415 16.18 33.60 46.74
CA LEU O 415 15.05 34.52 46.57
C LEU O 415 14.95 35.45 47.77
N LEU O 416 15.06 34.92 48.98
CA LEU O 416 15.04 35.76 50.18
C LEU O 416 16.21 36.75 50.21
N ALA O 417 17.40 36.35 49.77
CA ALA O 417 18.56 37.23 49.71
C ALA O 417 18.35 38.40 48.75
N LYS O 418 17.90 38.15 47.51
CA LYS O 418 17.68 39.23 46.54
C LYS O 418 16.48 40.12 46.89
N ILE O 419 15.46 39.61 47.58
CA ILE O 419 14.41 40.43 48.21
C ILE O 419 15.01 41.33 49.30
N ASN O 420 15.87 40.79 50.14
CA ASN O 420 16.58 41.50 51.20
C ASN O 420 17.72 42.40 50.67
N GLY O 421 17.96 42.41 49.36
CA GLY O 421 18.91 43.29 48.68
C GLY O 421 20.38 42.83 48.69
N LYS O 422 20.71 41.69 49.29
CA LYS O 422 22.07 41.12 49.25
C LYS O 422 22.36 40.43 47.90
N ASP O 423 23.63 40.34 47.53
CA ASP O 423 24.09 39.65 46.32
C ASP O 423 24.25 38.12 46.51
N SER O 424 24.38 37.66 47.76
CA SER O 424 24.74 36.30 48.15
C SER O 424 23.96 35.83 49.36
N ILE O 425 23.83 34.52 49.56
CA ILE O 425 23.22 33.97 50.77
C ILE O 425 24.13 34.22 51.98
N GLU O 426 23.64 35.01 52.92
CA GLU O 426 24.19 35.20 54.26
C GLU O 426 23.51 34.22 55.23
N LYS O 427 24.13 33.94 56.39
CA LYS O 427 23.53 33.02 57.37
C LYS O 427 22.16 33.51 57.87
N GLU O 428 21.96 34.82 57.94
CA GLU O 428 20.67 35.44 58.31
C GLU O 428 19.52 35.05 57.36
N HIS O 429 19.80 34.64 56.12
CA HIS O 429 18.77 34.16 55.19
C HIS O 429 18.43 32.69 55.45
N VAL O 430 19.42 31.81 55.53
CA VAL O 430 19.18 30.38 55.77
C VAL O 430 18.49 30.15 57.11
N GLU O 431 18.89 30.89 58.14
CA GLU O 431 18.30 30.80 59.46
C GLU O 431 16.82 31.21 59.49
N GLU O 432 16.35 32.04 58.56
CA GLU O 432 14.92 32.33 58.35
C GLU O 432 14.23 31.24 57.54
N ILE O 433 14.78 30.81 56.41
CA ILE O 433 14.18 29.77 55.57
C ILE O 433 13.96 28.47 56.35
N SER O 434 14.89 28.11 57.23
CA SER O 434 14.74 26.98 58.16
C SER O 434 13.53 27.11 59.08
N GLU O 435 13.09 28.32 59.42
CA GLU O 435 11.89 28.55 60.24
C GLU O 435 10.60 28.52 59.41
N LEU O 436 10.64 29.00 58.16
CA LEU O 436 9.46 29.02 57.29
C LEU O 436 9.08 27.63 56.78
N PHE O 437 10.05 26.85 56.32
CA PHE O 437 9.80 25.55 55.70
C PHE O 437 10.28 24.42 56.60
N TYR O 438 9.37 23.60 57.09
CA TYR O 438 9.69 22.38 57.82
C TYR O 438 10.21 21.31 56.87
N ASP O 439 10.82 20.26 57.42
CA ASP O 439 11.19 19.04 56.73
C ASP O 439 10.34 17.86 57.21
N ALA O 440 10.48 16.68 56.60
CA ALA O 440 9.73 15.49 56.99
C ALA O 440 9.87 15.12 58.48
N LYS O 441 11.04 15.32 59.10
CA LYS O 441 11.28 14.99 60.51
C LYS O 441 10.65 16.02 61.44
N SER O 442 10.90 17.30 61.23
CA SER O 442 10.38 18.37 62.10
C SER O 442 8.87 18.52 61.99
N SER O 443 8.30 18.41 60.78
CA SER O 443 6.85 18.41 60.62
C SER O 443 6.22 17.19 61.30
N ALA O 444 6.81 16.00 61.24
CA ALA O 444 6.27 14.83 61.93
C ALA O 444 6.20 15.01 63.46
N LYS O 445 7.03 15.86 64.07
CA LYS O 445 6.92 16.16 65.51
C LYS O 445 5.63 16.92 65.81
N ILE O 446 5.40 18.06 65.17
CA ILE O 446 4.17 18.84 65.41
C ILE O 446 2.91 18.07 65.01
N LEU O 447 3.00 17.26 63.97
CA LEU O 447 1.91 16.42 63.48
C LEU O 447 1.62 15.21 64.38
N ALA O 448 2.59 14.73 65.16
CA ALA O 448 2.36 13.74 66.21
C ALA O 448 1.85 14.37 67.51
N ASP O 449 2.33 15.55 67.89
CA ASP O 449 1.83 16.27 69.07
C ASP O 449 0.37 16.70 68.92
N GLN O 450 0.01 17.24 67.76
CA GLN O 450 -1.35 17.71 67.44
C GLN O 450 -2.26 16.62 66.86
N GLN O 451 -1.92 15.33 67.00
CA GLN O 451 -2.58 14.23 66.29
C GLN O 451 -4.09 14.09 66.55
N ASP O 452 -4.61 14.75 67.58
CA ASP O 452 -6.05 14.83 67.85
C ASP O 452 -6.86 15.58 66.78
N LYS O 453 -6.23 16.40 65.93
CA LYS O 453 -6.92 17.36 65.04
C LYS O 453 -6.60 17.27 63.55
N TYR O 454 -6.13 16.13 63.04
CA TYR O 454 -5.79 15.92 61.63
C TYR O 454 -6.55 14.73 61.02
N ASP P 15 34.46 -7.56 14.59
CA ASP P 15 33.20 -8.15 14.07
C ASP P 15 32.00 -7.28 14.44
N VAL P 16 30.95 -7.32 13.63
CA VAL P 16 29.62 -6.78 13.99
C VAL P 16 28.95 -7.63 15.07
N THR P 17 27.95 -7.06 15.74
CA THR P 17 27.10 -7.80 16.70
C THR P 17 25.72 -8.07 16.12
N ARG P 18 25.27 -9.32 16.24
CA ARG P 18 23.90 -9.77 15.95
C ARG P 18 22.90 -9.02 16.82
N ILE P 19 21.61 -9.16 16.52
CA ILE P 19 20.57 -8.96 17.53
C ILE P 19 20.76 -9.91 18.72
N GLU P 20 20.92 -11.22 18.47
CA GLU P 20 21.10 -12.21 19.53
C GLU P 20 22.54 -12.27 20.04
N ARG P 21 22.77 -11.90 21.29
CA ARG P 21 24.10 -11.79 21.92
C ARG P 21 24.25 -12.80 23.07
N ILE P 22 25.32 -12.73 23.86
CA ILE P 22 25.61 -13.79 24.86
C ILE P 22 24.80 -13.56 26.14
N GLY P 23 23.52 -13.95 26.12
CA GLY P 23 22.63 -13.96 27.30
C GLY P 23 22.84 -15.16 28.23
N ALA P 24 22.04 -15.27 29.30
CA ALA P 24 22.23 -16.27 30.36
C ALA P 24 22.29 -17.72 29.86
N HIS P 25 21.35 -18.14 29.03
CA HIS P 25 21.33 -19.51 28.48
C HIS P 25 21.93 -19.64 27.08
N SER P 26 22.49 -18.56 26.51
CA SER P 26 22.99 -18.58 25.12
C SER P 26 24.19 -19.50 24.90
N HIS P 27 24.87 -19.92 25.96
CA HIS P 27 25.94 -20.92 25.89
C HIS P 27 25.44 -22.36 25.65
N ILE P 28 24.13 -22.63 25.76
CA ILE P 28 23.55 -23.96 25.54
C ILE P 28 23.10 -24.07 24.10
N ARG P 29 23.56 -25.11 23.41
CA ARG P 29 23.17 -25.43 22.02
C ARG P 29 22.52 -26.81 21.86
N GLY P 30 22.35 -27.55 22.94
CA GLY P 30 21.48 -28.71 22.98
C GLY P 30 21.46 -29.38 24.34
N LEU P 31 20.41 -30.16 24.61
CA LEU P 31 20.34 -31.06 25.74
C LEU P 31 21.32 -32.22 25.52
N GLY P 32 22.58 -32.05 25.90
CA GLY P 32 23.66 -32.97 25.53
C GLY P 32 23.43 -34.41 25.99
N LEU P 33 23.25 -35.34 25.06
CA LEU P 33 22.89 -36.75 25.31
C LEU P 33 23.51 -37.69 24.28
N ASP P 34 23.78 -38.93 24.69
CA ASP P 34 24.11 -40.05 23.80
C ASP P 34 22.88 -40.60 23.07
N ASP P 35 23.10 -41.41 22.03
CA ASP P 35 22.04 -42.09 21.29
C ASP P 35 21.16 -42.99 22.18
N ALA P 36 21.70 -43.44 23.32
CA ALA P 36 21.02 -44.26 24.33
C ALA P 36 20.30 -43.42 25.42
N LEU P 37 20.16 -42.11 25.24
CA LEU P 37 19.60 -41.16 26.22
C LEU P 37 20.36 -41.16 27.56
N GLU P 38 21.66 -41.45 27.57
CA GLU P 38 22.50 -41.20 28.74
C GLU P 38 23.34 -39.93 28.53
N PRO P 39 23.34 -38.97 29.46
CA PRO P 39 24.12 -37.76 29.36
C PRO P 39 25.59 -38.01 29.67
N ARG P 40 26.47 -37.48 28.83
CA ARG P 40 27.89 -37.33 29.16
C ARG P 40 28.10 -36.09 30.03
N GLN P 41 29.16 -36.05 30.83
CA GLN P 41 29.36 -35.06 31.89
C GLN P 41 29.23 -33.61 31.42
N ALA P 42 29.67 -33.29 30.20
CA ALA P 42 29.53 -31.98 29.60
C ALA P 42 29.50 -32.10 28.07
N SER P 43 28.44 -31.66 27.41
CA SER P 43 28.39 -31.56 25.95
C SER P 43 27.28 -30.63 25.46
N GLN P 44 27.37 -30.20 24.20
CA GLN P 44 26.43 -29.26 23.57
C GLN P 44 26.18 -27.98 24.38
N GLY P 45 27.12 -27.64 25.27
CA GLY P 45 27.09 -26.48 26.14
C GLY P 45 26.72 -26.75 27.60
N MET P 46 26.03 -27.84 27.96
CA MET P 46 25.52 -27.99 29.33
C MET P 46 26.05 -29.20 30.07
N VAL P 47 26.13 -29.10 31.41
CA VAL P 47 26.95 -30.01 32.25
C VAL P 47 26.24 -30.42 33.52
N GLY P 48 26.66 -31.52 34.15
CA GLY P 48 25.99 -32.03 35.35
C GLY P 48 24.55 -32.46 35.08
N GLN P 49 23.69 -32.46 36.10
CA GLN P 49 22.27 -32.81 35.99
C GLN P 49 22.02 -34.16 35.31
N LEU P 50 22.82 -35.19 35.58
CA LEU P 50 22.71 -36.43 34.80
C LEU P 50 21.32 -37.07 34.92
N ALA P 51 20.69 -37.03 36.09
CA ALA P 51 19.32 -37.50 36.25
C ALA P 51 18.33 -36.66 35.45
N ALA P 52 18.31 -35.33 35.64
CA ALA P 52 17.34 -34.48 34.98
C ALA P 52 17.55 -34.38 33.46
N ARG P 53 18.78 -34.47 32.94
CA ARG P 53 19.01 -34.55 31.48
C ARG P 53 18.50 -35.86 30.91
N ARG P 54 18.71 -37.01 31.56
CA ARG P 54 18.13 -38.27 31.10
C ARG P 54 16.62 -38.20 31.10
N ALA P 55 16.00 -37.65 32.14
CA ALA P 55 14.56 -37.45 32.21
C ALA P 55 14.05 -36.53 31.09
N ALA P 56 14.70 -35.38 30.88
CA ALA P 56 14.40 -34.47 29.80
C ALA P 56 14.60 -35.11 28.42
N GLY P 57 15.58 -36.00 28.24
CA GLY P 57 15.75 -36.74 27.00
C GLY P 57 14.54 -37.59 26.67
N VAL P 58 13.97 -38.28 27.64
CA VAL P 58 12.76 -39.09 27.43
C VAL P 58 11.59 -38.20 27.00
N VAL P 59 11.41 -37.03 27.63
CA VAL P 59 10.39 -36.07 27.20
C VAL P 59 10.65 -35.56 25.79
N LEU P 60 11.90 -35.27 25.46
CA LEU P 60 12.26 -34.83 24.13
C LEU P 60 11.92 -35.90 23.09
N GLU P 61 12.11 -37.18 23.40
CA GLU P 61 11.65 -38.24 22.51
C GLU P 61 10.12 -38.33 22.44
N MET P 62 9.35 -38.08 23.51
CA MET P 62 7.89 -38.03 23.41
C MET P 62 7.40 -36.91 22.49
N ILE P 63 8.02 -35.73 22.53
CA ILE P 63 7.70 -34.63 21.60
C ILE P 63 8.08 -35.02 20.18
N ARG P 64 9.33 -35.48 19.99
CA ARG P 64 9.89 -35.82 18.70
C ARG P 64 9.09 -36.94 18.00
N GLU P 65 8.47 -37.83 18.76
CA GLU P 65 7.56 -38.86 18.25
C GLU P 65 6.11 -38.38 18.04
N GLY P 66 5.54 -37.63 18.98
CA GLY P 66 4.28 -36.90 18.81
C GLY P 66 2.97 -37.68 18.98
N LYS P 67 3.01 -38.98 19.29
CA LYS P 67 1.82 -39.85 19.29
C LYS P 67 0.84 -39.63 20.44
N ILE P 68 1.28 -39.09 21.59
CA ILE P 68 0.41 -38.85 22.75
C ILE P 68 0.20 -37.35 22.99
N ALA P 69 -1.05 -36.92 23.06
CA ALA P 69 -1.47 -35.56 23.28
C ALA P 69 -1.56 -35.17 24.75
N GLY P 70 -1.22 -33.93 25.09
CA GLY P 70 -1.39 -33.38 26.43
C GLY P 70 -0.53 -34.01 27.53
N ARG P 71 0.47 -34.82 27.17
CA ARG P 71 1.46 -35.31 28.13
C ARG P 71 2.25 -34.10 28.66
N ALA P 72 2.55 -34.06 29.95
CA ALA P 72 3.09 -32.87 30.60
C ALA P 72 4.19 -33.21 31.60
N VAL P 73 5.12 -32.29 31.81
CA VAL P 73 6.23 -32.46 32.76
C VAL P 73 6.49 -31.17 33.52
N LEU P 74 6.80 -31.28 34.81
CA LEU P 74 7.19 -30.16 35.65
C LEU P 74 8.66 -30.29 36.03
N ILE P 75 9.50 -29.38 35.54
CA ILE P 75 10.91 -29.32 35.89
C ILE P 75 11.01 -28.48 37.16
N ALA P 76 11.22 -29.13 38.30
CA ALA P 76 11.19 -28.47 39.60
C ALA P 76 12.52 -28.56 40.31
N GLY P 77 12.92 -27.52 41.04
CA GLY P 77 14.19 -27.56 41.79
C GLY P 77 14.54 -26.23 42.43
N GLN P 78 15.61 -26.20 43.22
CA GLN P 78 16.05 -24.97 43.85
C GLN P 78 16.36 -23.90 42.80
N PRO P 79 16.23 -22.60 43.07
CA PRO P 79 16.58 -21.56 42.12
C PRO P 79 18.01 -21.72 41.63
N GLY P 80 18.27 -21.54 40.34
CA GLY P 80 19.62 -21.61 39.81
C GLY P 80 20.17 -23.04 39.81
N THR P 81 19.36 -24.01 39.39
CA THR P 81 19.77 -25.42 39.25
C THR P 81 19.48 -25.98 37.87
N GLY P 82 19.23 -25.10 36.90
CA GLY P 82 19.15 -25.42 35.50
C GLY P 82 17.77 -25.79 35.01
N LYS P 83 16.67 -25.56 35.73
CA LYS P 83 15.36 -25.95 35.21
C LYS P 83 14.97 -25.09 34.01
N THR P 84 15.31 -23.81 33.98
CA THR P 84 15.23 -23.07 32.73
C THR P 84 16.31 -23.51 31.74
N ALA P 85 17.51 -23.84 32.21
CA ALA P 85 18.60 -24.28 31.34
C ALA P 85 18.28 -25.54 30.54
N ILE P 86 17.81 -26.61 31.17
CA ILE P 86 17.48 -27.82 30.44
C ILE P 86 16.28 -27.58 29.54
N ALA P 87 15.31 -26.75 29.91
CA ALA P 87 14.23 -26.41 29.00
C ALA P 87 14.74 -25.64 27.77
N MET P 88 15.75 -24.79 27.91
CA MET P 88 16.42 -24.15 26.79
C MET P 88 17.24 -25.15 25.97
N GLY P 89 17.94 -26.08 26.62
CA GLY P 89 18.67 -27.12 25.93
C GLY P 89 17.75 -28.03 25.12
N MET P 90 16.58 -28.33 25.67
CA MET P 90 15.53 -29.06 24.99
C MET P 90 14.96 -28.27 23.82
N ALA P 91 14.69 -26.98 23.98
CA ALA P 91 14.25 -26.11 22.89
C ALA P 91 15.23 -26.07 21.73
N GLN P 92 16.54 -26.06 22.00
CA GLN P 92 17.57 -26.12 20.98
C GLN P 92 17.66 -27.51 20.34
N ALA P 93 17.64 -28.58 21.12
CA ALA P 93 17.76 -29.95 20.60
C ALA P 93 16.54 -30.40 19.77
N LEU P 94 15.36 -29.89 20.10
CA LEU P 94 14.15 -30.07 19.30
C LEU P 94 14.25 -29.38 17.93
N GLY P 95 15.04 -28.31 17.85
CA GLY P 95 15.34 -27.59 16.62
C GLY P 95 14.16 -26.77 16.06
N PRO P 96 14.33 -26.21 14.85
CA PRO P 96 13.23 -25.71 14.03
C PRO P 96 12.23 -26.81 13.67
N ASP P 97 11.23 -26.49 12.85
CA ASP P 97 10.32 -27.46 12.21
C ASP P 97 9.39 -28.24 13.15
N THR P 98 9.51 -28.10 14.46
CA THR P 98 8.52 -28.52 15.47
C THR P 98 8.31 -27.36 16.45
N PRO P 99 7.10 -26.86 16.70
CA PRO P 99 6.93 -25.63 17.46
C PRO P 99 7.40 -25.72 18.91
N PHE P 100 7.89 -24.61 19.46
CA PHE P 100 8.27 -24.50 20.87
C PHE P 100 7.94 -23.10 21.35
N THR P 101 6.80 -22.92 21.99
CA THR P 101 6.41 -21.60 22.51
C THR P 101 6.82 -21.47 23.96
N ALA P 102 7.90 -20.74 24.23
CA ALA P 102 8.18 -20.29 25.58
C ALA P 102 7.24 -19.13 25.95
N ILE P 103 6.65 -19.17 27.13
CA ILE P 103 6.05 -17.99 27.78
C ILE P 103 6.28 -18.07 29.28
N ALA P 104 6.35 -16.93 29.96
CA ALA P 104 6.39 -16.91 31.42
C ALA P 104 4.99 -17.07 32.02
N GLY P 105 4.88 -17.52 33.27
CA GLY P 105 3.59 -17.66 33.93
C GLY P 105 2.79 -16.37 33.96
N SER P 106 3.44 -15.23 34.20
CA SER P 106 2.76 -13.93 34.21
C SER P 106 2.37 -13.39 32.84
N GLU P 107 2.73 -14.07 31.75
CA GLU P 107 2.53 -13.56 30.39
C GLU P 107 1.10 -13.76 29.88
N ILE P 108 0.36 -14.67 30.49
CA ILE P 108 -1.05 -14.95 30.16
C ILE P 108 -2.02 -13.92 30.75
N PHE P 109 -1.58 -13.08 31.69
CA PHE P 109 -2.42 -12.12 32.39
C PHE P 109 -2.71 -10.89 31.53
N SER P 110 -3.40 -11.10 30.41
CA SER P 110 -3.78 -10.02 29.52
C SER P 110 -4.77 -9.07 30.15
N LEU P 111 -4.64 -7.79 29.79
CA LEU P 111 -5.59 -6.74 30.13
C LEU P 111 -6.67 -6.59 29.03
N GLU P 112 -6.49 -7.28 27.93
CA GLU P 112 -7.21 -7.10 26.67
C GLU P 112 -7.97 -8.37 26.24
N MET P 113 -7.65 -9.50 26.83
CA MET P 113 -8.07 -10.85 26.46
C MET P 113 -8.20 -11.71 27.72
N SER P 114 -9.07 -12.72 27.76
CA SER P 114 -9.25 -13.51 28.99
C SER P 114 -7.98 -14.26 29.36
N LYS P 115 -7.65 -14.32 30.64
CA LYS P 115 -6.56 -15.16 31.17
C LYS P 115 -6.68 -16.63 30.78
N THR P 116 -7.91 -17.13 30.68
CA THR P 116 -8.23 -18.50 30.23
C THR P 116 -8.09 -18.65 28.73
N GLU P 117 -8.46 -17.63 27.96
CA GLU P 117 -8.22 -17.65 26.52
C GLU P 117 -6.73 -17.56 26.22
N ALA P 118 -5.95 -16.73 26.90
CA ALA P 118 -4.52 -16.60 26.62
C ALA P 118 -3.76 -17.93 26.74
N LEU P 119 -4.16 -18.82 27.65
CA LEU P 119 -3.66 -20.20 27.66
C LEU P 119 -4.19 -21.00 26.48
N THR P 120 -5.48 -20.92 26.18
CA THR P 120 -6.08 -21.60 25.03
C THR P 120 -5.33 -21.25 23.76
N GLN P 121 -4.94 -19.99 23.63
CA GLN P 121 -4.22 -19.44 22.51
C GLN P 121 -2.77 -19.92 22.50
N ALA P 122 -2.08 -19.87 23.63
CA ALA P 122 -0.70 -20.32 23.73
C ALA P 122 -0.57 -21.81 23.44
N PHE P 123 -1.50 -22.66 23.87
CA PHE P 123 -1.50 -24.07 23.46
C PHE P 123 -1.48 -24.19 21.94
N ARG P 124 -2.37 -23.47 21.27
CA ARG P 124 -2.57 -23.57 19.83
C ARG P 124 -1.51 -22.89 18.99
N ARG P 125 -0.72 -21.97 19.52
CA ARG P 125 0.49 -21.50 18.84
C ARG P 125 1.50 -22.63 18.70
N SER P 126 1.45 -23.62 19.58
CA SER P 126 2.48 -24.65 19.70
C SER P 126 2.13 -26.01 19.07
N ILE P 127 0.99 -26.18 18.41
CA ILE P 127 0.74 -27.34 17.54
C ILE P 127 0.60 -26.87 16.10
N GLY P 128 1.48 -27.34 15.23
CA GLY P 128 1.49 -26.96 13.83
C GLY P 128 0.53 -27.83 13.03
N VAL P 129 0.05 -27.31 11.92
CA VAL P 129 -0.54 -28.06 10.83
C VAL P 129 0.39 -27.92 9.64
N ARG P 130 0.90 -29.02 9.12
CA ARG P 130 1.85 -29.06 8.00
C ARG P 130 1.18 -29.59 6.76
N ILE P 131 1.41 -28.91 5.65
CA ILE P 131 0.96 -29.27 4.31
C ILE P 131 2.13 -29.15 3.35
N LYS P 132 2.02 -29.76 2.17
CA LYS P 132 2.95 -29.47 1.08
C LYS P 132 2.20 -29.29 -0.23
N GLU P 133 2.62 -28.32 -1.02
CA GLU P 133 1.91 -27.92 -2.23
C GLU P 133 2.84 -27.82 -3.43
N GLU P 134 2.40 -28.33 -4.57
CA GLU P 134 3.11 -28.23 -5.83
C GLU P 134 2.96 -26.81 -6.39
N THR P 135 4.06 -26.24 -6.88
CA THR P 135 4.15 -24.84 -7.27
C THR P 135 4.86 -24.69 -8.60
N GLU P 136 4.34 -23.86 -9.51
CA GLU P 136 5.00 -23.54 -10.77
C GLU P 136 5.85 -22.26 -10.61
N ILE P 137 7.17 -22.41 -10.63
CA ILE P 137 8.10 -21.28 -10.58
C ILE P 137 8.89 -21.21 -11.89
N ILE P 138 8.90 -20.03 -12.52
CA ILE P 138 9.89 -19.70 -13.55
C ILE P 138 11.08 -19.05 -12.86
N GLU P 139 12.32 -19.35 -13.23
CA GLU P 139 13.46 -18.52 -12.82
C GLU P 139 14.55 -18.45 -13.88
N GLY P 140 15.22 -17.29 -14.01
CA GLY P 140 16.29 -17.11 -14.98
C GLY P 140 16.77 -15.66 -15.09
N GLU P 141 17.88 -15.43 -15.79
CA GLU P 141 18.21 -14.09 -16.28
C GLU P 141 17.25 -13.71 -17.40
N VAL P 142 16.57 -12.57 -17.33
CA VAL P 142 15.85 -12.04 -18.49
C VAL P 142 16.86 -11.52 -19.51
N VAL P 143 16.87 -12.09 -20.71
CA VAL P 143 17.84 -11.73 -21.76
C VAL P 143 17.37 -10.54 -22.59
N GLU P 144 16.08 -10.47 -22.87
CA GLU P 144 15.43 -9.49 -23.74
C GLU P 144 13.93 -9.46 -23.41
N ILE P 145 13.29 -8.29 -23.54
CA ILE P 145 11.90 -8.03 -23.16
C ILE P 145 11.29 -6.96 -24.06
N GLN P 146 10.17 -7.28 -24.73
CA GLN P 146 9.54 -6.44 -25.74
C GLN P 146 8.03 -6.30 -25.49
N ILE P 147 7.49 -5.10 -25.65
CA ILE P 147 6.09 -4.73 -25.35
C ILE P 147 5.56 -3.77 -26.45
N ASP P 148 4.32 -3.93 -26.91
CA ASP P 148 3.65 -2.96 -27.79
C ASP P 148 2.12 -3.00 -27.68
N ARG P 149 1.45 -1.95 -28.19
CA ARG P 149 -0.01 -1.77 -28.08
C ARG P 149 -0.75 -2.76 -28.98
N SER P 156 -5.69 -3.45 -26.44
CA SER P 156 -4.90 -4.38 -25.63
C SER P 156 -3.39 -4.25 -25.89
N LYS P 157 -2.57 -5.04 -25.18
CA LYS P 157 -1.12 -5.11 -25.34
C LYS P 157 -0.66 -6.50 -25.76
N VAL P 158 0.42 -6.56 -26.52
CA VAL P 158 1.11 -7.80 -26.92
C VAL P 158 2.57 -7.65 -26.53
N GLY P 159 3.23 -8.74 -26.17
CA GLY P 159 4.64 -8.68 -25.80
C GLY P 159 5.27 -10.04 -25.68
N LYS P 160 6.58 -10.03 -25.48
CA LYS P 160 7.43 -11.21 -25.61
C LYS P 160 8.65 -11.08 -24.72
N LEU P 161 8.95 -12.11 -23.94
CA LEU P 161 9.99 -12.15 -22.92
C LEU P 161 10.94 -13.29 -23.24
N THR P 162 12.21 -13.15 -22.90
CA THR P 162 13.16 -14.26 -22.95
C THR P 162 13.85 -14.46 -21.62
N LEU P 163 14.19 -15.70 -21.30
CA LEU P 163 14.96 -16.02 -20.11
C LEU P 163 16.10 -16.99 -20.43
N LYS P 164 17.13 -17.00 -19.59
CA LYS P 164 18.28 -17.87 -19.68
C LYS P 164 18.67 -18.41 -18.31
N THR P 165 18.90 -19.72 -18.20
CA THR P 165 19.62 -20.34 -17.08
C THR P 165 21.07 -20.54 -17.49
N THR P 166 21.92 -21.10 -16.62
CA THR P 166 23.26 -21.54 -17.05
C THR P 166 23.22 -22.61 -18.14
N GLU P 167 22.07 -23.23 -18.42
CA GLU P 167 21.96 -24.46 -19.21
C GLU P 167 20.84 -24.45 -20.28
N MET P 168 19.99 -23.43 -20.36
CA MET P 168 19.03 -23.25 -21.48
C MET P 168 18.55 -21.80 -21.66
N GLU P 169 17.93 -21.51 -22.80
CA GLU P 169 17.29 -20.24 -23.14
C GLU P 169 15.82 -20.45 -23.56
N THR P 170 14.96 -19.43 -23.49
CA THR P 170 13.60 -19.49 -24.03
C THR P 170 13.10 -18.15 -24.49
N ILE P 171 12.19 -18.14 -25.46
CA ILE P 171 11.31 -17.00 -25.77
C ILE P 171 9.85 -17.37 -25.49
N TYR P 172 9.17 -16.54 -24.72
CA TYR P 172 7.79 -16.65 -24.27
C TYR P 172 6.95 -15.47 -24.76
N ASP P 173 5.87 -15.69 -25.50
CA ASP P 173 4.81 -14.68 -25.61
C ASP P 173 4.15 -14.46 -24.25
N LEU P 174 3.82 -13.21 -23.93
CA LEU P 174 3.20 -12.83 -22.66
C LEU P 174 1.71 -12.55 -22.82
N GLY P 175 0.91 -13.09 -21.92
CA GLY P 175 -0.49 -12.70 -21.73
C GLY P 175 -0.64 -11.37 -20.99
N THR P 176 -1.82 -10.77 -21.08
CA THR P 176 -2.07 -9.41 -20.58
C THR P 176 -1.69 -9.24 -19.11
N LYS P 177 -1.94 -10.25 -18.28
CA LYS P 177 -1.68 -10.17 -16.84
C LYS P 177 -0.22 -10.42 -16.47
N MET P 178 0.61 -10.92 -17.40
CA MET P 178 2.07 -10.78 -17.30
C MET P 178 2.56 -9.43 -17.79
N ILE P 179 2.01 -8.87 -18.88
CA ILE P 179 2.42 -7.54 -19.36
C ILE P 179 2.26 -6.51 -18.23
N GLU P 180 1.10 -6.50 -17.59
CA GLU P 180 0.79 -5.67 -16.42
C GLU P 180 1.50 -6.11 -15.13
N SER P 181 2.55 -6.93 -15.23
CA SER P 181 3.43 -7.30 -14.11
C SER P 181 4.90 -7.06 -14.44
N LEU P 182 5.42 -7.54 -15.58
CA LEU P 182 6.80 -7.27 -16.00
C LEU P 182 7.04 -5.75 -16.16
N THR P 183 6.07 -5.02 -16.73
CA THR P 183 6.18 -3.55 -16.84
C THR P 183 6.01 -2.88 -15.48
N LYS P 184 5.01 -3.28 -14.69
CA LYS P 184 4.74 -2.74 -13.36
C LYS P 184 5.96 -2.84 -12.43
N ASP P 185 6.67 -3.96 -12.44
CA ASP P 185 7.84 -4.17 -11.59
C ASP P 185 9.17 -3.76 -12.27
N LYS P 186 9.10 -3.00 -13.37
CA LYS P 186 10.24 -2.41 -14.09
C LYS P 186 11.36 -3.41 -14.41
N VAL P 187 10.99 -4.62 -14.86
CA VAL P 187 11.96 -5.65 -15.24
C VAL P 187 12.74 -5.20 -16.47
N GLN P 188 14.06 -5.42 -16.48
CA GLN P 188 14.94 -5.05 -17.59
C GLN P 188 15.96 -6.14 -17.89
N ALA P 189 16.43 -6.18 -19.14
CA ALA P 189 17.42 -7.14 -19.59
C ALA P 189 18.65 -7.16 -18.67
N GLY P 190 19.09 -8.36 -18.29
CA GLY P 190 20.16 -8.60 -17.33
C GLY P 190 19.72 -8.78 -15.89
N ASP P 191 18.47 -8.47 -15.52
CA ASP P 191 17.94 -8.87 -14.22
C ASP P 191 17.88 -10.39 -14.10
N VAL P 192 18.00 -10.94 -12.89
CA VAL P 192 17.58 -12.32 -12.61
C VAL P 192 16.25 -12.25 -11.89
N ILE P 193 15.26 -12.99 -12.36
CA ILE P 193 13.91 -12.98 -11.80
C ILE P 193 13.41 -14.39 -11.50
N THR P 194 12.57 -14.50 -10.47
CA THR P 194 11.77 -15.66 -10.14
C THR P 194 10.30 -15.27 -10.25
N ILE P 195 9.50 -15.98 -11.04
CA ILE P 195 8.08 -15.69 -11.24
C ILE P 195 7.27 -16.83 -10.65
N ASP P 196 6.40 -16.54 -9.67
CA ASP P 196 5.37 -17.50 -9.26
C ASP P 196 4.30 -17.51 -10.35
N LYS P 197 4.29 -18.54 -11.20
CA LYS P 197 3.54 -18.51 -12.46
C LYS P 197 2.04 -18.35 -12.24
N ALA P 198 1.50 -18.99 -11.21
CA ALA P 198 0.09 -18.96 -10.87
C ALA P 198 -0.44 -17.57 -10.47
N THR P 199 0.44 -16.65 -10.08
CA THR P 199 0.09 -15.34 -9.53
C THR P 199 0.69 -14.19 -10.33
N GLY P 200 1.82 -14.38 -11.00
CA GLY P 200 2.50 -13.33 -11.74
C GLY P 200 3.29 -12.36 -10.86
N LYS P 201 3.63 -12.71 -9.62
CA LYS P 201 4.55 -11.92 -8.78
C LYS P 201 5.98 -12.10 -9.27
N ILE P 202 6.70 -11.00 -9.49
CA ILE P 202 8.11 -11.01 -9.90
C ILE P 202 9.03 -10.83 -8.68
N SER P 203 9.55 -11.92 -8.13
CA SER P 203 10.63 -11.86 -7.13
C SER P 203 11.98 -11.71 -7.83
N LYS P 204 12.44 -10.48 -8.05
CA LYS P 204 13.77 -10.24 -8.63
C LYS P 204 14.89 -10.53 -7.63
N LEU P 205 16.08 -10.85 -8.13
CA LEU P 205 17.24 -11.32 -7.36
C LEU P 205 18.52 -10.54 -7.72
N GLY P 206 18.39 -9.27 -8.11
CA GLY P 206 19.52 -8.46 -8.60
C GLY P 206 19.79 -8.69 -10.08
N ARG P 207 21.04 -8.50 -10.52
CA ARG P 207 21.42 -8.60 -11.94
C ARG P 207 22.49 -9.67 -12.15
N SER P 208 22.53 -10.32 -13.31
CA SER P 208 23.48 -11.42 -13.52
C SER P 208 24.93 -10.94 -13.62
N PHE P 209 25.91 -11.77 -13.24
CA PHE P 209 27.33 -11.37 -13.29
C PHE P 209 27.81 -11.00 -14.70
N THR P 210 27.25 -11.58 -15.77
CA THR P 210 27.59 -11.21 -17.15
C THR P 210 27.06 -9.82 -17.55
N ARG P 211 26.18 -9.22 -16.75
CA ARG P 211 25.70 -7.83 -16.87
C ARG P 211 25.94 -7.02 -15.57
N ALA P 212 26.96 -7.39 -14.81
CA ALA P 212 27.47 -6.59 -13.69
C ALA P 212 28.21 -5.31 -14.16
N ARG P 213 28.63 -5.27 -15.43
CA ARG P 213 29.09 -4.06 -16.11
C ARG P 213 27.92 -3.10 -16.34
N ASP P 214 28.14 -1.80 -16.18
CA ASP P 214 27.13 -0.74 -16.36
C ASP P 214 25.81 -1.03 -15.63
N THR P 222 22.33 -2.39 -6.71
CA THR P 222 21.86 -3.78 -6.90
C THR P 222 22.93 -4.81 -6.55
N LYS P 223 22.52 -5.92 -5.92
CA LYS P 223 23.34 -7.13 -5.85
C LYS P 223 23.58 -7.74 -7.24
N PHE P 224 24.67 -8.48 -7.38
CA PHE P 224 24.94 -9.31 -8.55
C PHE P 224 24.99 -10.80 -8.18
N VAL P 225 24.56 -11.66 -9.10
CA VAL P 225 24.38 -13.09 -8.84
C VAL P 225 24.65 -13.93 -10.10
N GLN P 226 25.04 -15.20 -9.95
CA GLN P 226 25.10 -16.14 -11.06
C GLN P 226 23.69 -16.49 -11.55
N CYS P 227 23.51 -16.78 -12.84
CA CYS P 227 22.23 -17.25 -13.35
C CYS P 227 21.77 -18.53 -12.62
N PRO P 228 20.46 -18.77 -12.49
CA PRO P 228 19.95 -20.05 -12.01
C PRO P 228 20.42 -21.23 -12.85
N ASP P 229 20.51 -22.40 -12.24
CA ASP P 229 20.83 -23.67 -12.92
C ASP P 229 19.57 -24.45 -13.33
N GLY P 230 19.75 -25.50 -14.13
CA GLY P 230 18.66 -26.36 -14.56
C GLY P 230 17.71 -25.69 -15.54
N GLU P 231 16.49 -26.18 -15.63
CA GLU P 231 15.47 -25.64 -16.53
C GLU P 231 14.75 -24.41 -15.95
N LEU P 232 14.18 -23.60 -16.84
CA LEU P 232 13.55 -22.34 -16.49
C LEU P 232 12.30 -22.52 -15.64
N GLN P 233 11.40 -23.43 -16.02
CA GLN P 233 10.14 -23.66 -15.33
C GLN P 233 10.24 -24.92 -14.47
N LYS P 234 10.22 -24.74 -13.15
CA LYS P 234 10.32 -25.82 -12.18
C LYS P 234 8.98 -26.05 -11.50
N ARG P 235 8.49 -27.28 -11.54
CA ARG P 235 7.47 -27.80 -10.63
C ARG P 235 8.16 -28.01 -9.28
N LYS P 236 8.24 -26.96 -8.48
CA LYS P 236 8.78 -27.01 -7.12
C LYS P 236 7.73 -27.64 -6.20
N GLU P 237 8.16 -28.33 -5.16
CA GLU P 237 7.29 -28.73 -4.06
C GLU P 237 7.66 -27.93 -2.82
N VAL P 238 6.68 -27.21 -2.25
CA VAL P 238 6.88 -26.33 -1.09
C VAL P 238 6.21 -26.99 0.11
N VAL P 239 6.99 -27.33 1.13
CA VAL P 239 6.43 -27.66 2.46
C VAL P 239 6.08 -26.37 3.18
N HIS P 240 5.00 -26.39 3.95
CA HIS P 240 4.50 -25.21 4.64
C HIS P 240 3.93 -25.61 6.00
N THR P 241 4.09 -24.74 6.99
CA THR P 241 3.59 -24.98 8.35
C THR P 241 2.88 -23.77 8.89
N VAL P 242 1.70 -24.00 9.46
CA VAL P 242 0.82 -22.96 10.00
C VAL P 242 0.42 -23.40 11.38
N SER P 243 0.50 -22.52 12.38
CA SER P 243 0.13 -22.88 13.75
C SER P 243 -1.37 -23.17 13.79
N LEU P 244 -1.86 -24.01 14.67
CA LEU P 244 -3.31 -24.21 14.77
C LEU P 244 -4.00 -22.91 15.19
N HIS P 245 -3.39 -22.13 16.08
CA HIS P 245 -3.85 -20.78 16.44
C HIS P 245 -3.88 -19.86 15.23
N GLU P 246 -2.96 -20.05 14.31
CA GLU P 246 -2.78 -19.16 13.19
C GLU P 246 -3.84 -19.41 12.13
N ILE P 247 -4.37 -20.63 12.04
CA ILE P 247 -5.61 -20.91 11.32
C ILE P 247 -6.81 -20.34 12.08
N ASP P 248 -6.87 -20.41 13.42
CA ASP P 248 -7.94 -19.79 14.19
C ASP P 248 -8.04 -18.29 13.96
N VAL P 249 -6.91 -17.59 13.84
CA VAL P 249 -6.91 -16.13 13.65
C VAL P 249 -7.22 -15.69 12.22
N ILE P 250 -6.70 -16.37 11.19
CA ILE P 250 -7.01 -16.03 9.79
C ILE P 250 -8.52 -16.04 9.54
N ASN P 251 -9.24 -16.88 10.26
CA ASN P 251 -10.69 -17.03 10.19
C ASN P 251 -11.51 -16.01 10.98
N SER P 252 -10.89 -15.07 11.70
CA SER P 252 -11.61 -14.20 12.63
C SER P 252 -12.13 -12.87 12.06
N ARG P 253 -11.51 -12.33 11.00
CA ARG P 253 -11.76 -10.96 10.48
C ARG P 253 -11.49 -10.88 8.98
N THR P 254 -11.95 -9.80 8.35
CA THR P 254 -11.76 -9.47 6.92
C THR P 254 -10.30 -9.59 6.45
N GLN P 255 -9.34 -9.19 7.27
CA GLN P 255 -7.92 -9.55 7.15
C GLN P 255 -7.40 -9.99 8.50
N GLY P 256 -7.92 -11.12 8.99
CA GLY P 256 -7.58 -11.63 10.32
C GLY P 256 -6.09 -11.83 10.54
N PHE P 257 -5.31 -12.12 9.50
CA PHE P 257 -3.89 -12.39 9.67
C PHE P 257 -3.11 -11.22 10.26
N LEU P 258 -3.57 -9.97 10.14
CA LEU P 258 -2.94 -8.84 10.83
C LEU P 258 -2.97 -9.03 12.34
N ALA P 259 -4.02 -9.62 12.88
CA ALA P 259 -4.13 -9.92 14.31
C ALA P 259 -3.17 -11.02 14.77
N LEU P 260 -2.46 -11.71 13.87
CA LEU P 260 -1.33 -12.55 14.25
C LEU P 260 -0.24 -11.67 14.83
N PHE P 261 0.07 -10.57 14.13
CA PHE P 261 1.13 -9.61 14.41
C PHE P 261 0.73 -8.52 15.39
N SER P 262 -0.35 -7.79 15.12
CA SER P 262 -0.79 -6.62 15.89
C SER P 262 -1.27 -6.91 17.30
N GLY P 263 -1.58 -8.16 17.63
CA GLY P 263 -2.13 -8.52 18.95
C GLY P 263 -3.62 -8.26 19.16
N ASP P 264 -4.37 -7.80 18.16
CA ASP P 264 -5.84 -7.56 18.19
C ASP P 264 -6.70 -8.82 18.44
N THR P 265 -6.08 -9.97 18.65
CA THR P 265 -6.70 -11.31 18.65
C THR P 265 -7.56 -11.60 19.89
N GLY P 266 -8.24 -10.61 20.45
CA GLY P 266 -8.99 -10.78 21.69
C GLY P 266 -10.16 -11.73 21.56
N GLU P 267 -10.26 -12.70 22.47
CA GLU P 267 -11.42 -13.59 22.63
C GLU P 267 -11.87 -14.28 21.33
N ILE P 268 -10.97 -14.89 20.55
CA ILE P 268 -11.36 -15.64 19.34
C ILE P 268 -12.44 -16.67 19.70
N LYS P 269 -13.56 -16.66 18.98
CA LYS P 269 -14.81 -17.31 19.43
C LYS P 269 -14.66 -18.82 19.49
N SER P 270 -15.07 -19.47 20.58
CA SER P 270 -14.86 -20.92 20.71
C SER P 270 -15.65 -21.74 19.71
N GLU P 271 -16.82 -21.30 19.23
CA GLU P 271 -17.51 -22.02 18.17
C GLU P 271 -16.82 -21.92 16.81
N VAL P 272 -15.85 -21.01 16.63
CA VAL P 272 -14.95 -21.02 15.47
C VAL P 272 -13.84 -22.05 15.65
N ARG P 273 -13.20 -22.12 16.81
CA ARG P 273 -12.21 -23.17 17.10
C ARG P 273 -12.78 -24.56 16.98
N GLU P 274 -14.00 -24.76 17.45
CA GLU P 274 -14.70 -26.04 17.37
C GLU P 274 -14.87 -26.49 15.91
N GLN P 275 -15.09 -25.56 14.98
CA GLN P 275 -15.14 -25.87 13.56
C GLN P 275 -13.75 -26.06 12.96
N ILE P 276 -12.75 -25.28 13.35
CA ILE P 276 -11.41 -25.45 12.77
C ILE P 276 -10.76 -26.74 13.26
N ASN P 277 -10.95 -27.16 14.50
CA ASN P 277 -10.54 -28.49 14.92
C ASN P 277 -11.23 -29.58 14.11
N ALA P 278 -12.53 -29.46 13.85
CA ALA P 278 -13.23 -30.45 13.05
C ALA P 278 -12.69 -30.50 11.62
N LYS P 279 -12.35 -29.35 11.04
CA LYS P 279 -11.73 -29.27 9.71
C LYS P 279 -10.32 -29.85 9.68
N VAL P 280 -9.45 -29.48 10.63
CA VAL P 280 -8.10 -30.02 10.69
C VAL P 280 -8.12 -31.52 10.95
N ALA P 281 -9.03 -32.02 11.77
CA ALA P 281 -9.17 -33.45 11.98
C ALA P 281 -9.47 -34.19 10.66
N GLU P 282 -10.42 -33.72 9.84
CA GLU P 282 -10.65 -34.39 8.57
C GLU P 282 -9.51 -34.19 7.56
N TRP P 283 -8.74 -33.09 7.60
CA TRP P 283 -7.51 -33.02 6.82
C TRP P 283 -6.46 -34.05 7.24
N ARG P 284 -6.38 -34.36 8.53
CA ARG P 284 -5.49 -35.40 9.05
C ARG P 284 -5.95 -36.77 8.56
N GLU P 285 -7.23 -37.10 8.71
CA GLU P 285 -7.76 -38.40 8.30
C GLU P 285 -7.66 -38.61 6.79
N GLU P 286 -7.95 -37.58 5.99
CA GLU P 286 -7.82 -37.67 4.54
C GLU P 286 -6.37 -37.62 4.06
N GLY P 287 -5.41 -37.34 4.93
CA GLY P 287 -3.99 -37.23 4.58
C GLY P 287 -3.65 -35.97 3.77
N LYS P 288 -4.55 -34.99 3.72
CA LYS P 288 -4.32 -33.69 3.08
C LYS P 288 -3.33 -32.81 3.86
N ALA P 289 -3.25 -32.99 5.17
CA ALA P 289 -2.33 -32.31 6.08
C ALA P 289 -1.85 -33.26 7.18
N GLU P 290 -0.81 -32.90 7.92
CA GLU P 290 -0.42 -33.62 9.13
C GLU P 290 -0.21 -32.65 10.28
N ILE P 291 -0.69 -32.99 11.47
CA ILE P 291 -0.49 -32.14 12.64
C ILE P 291 0.84 -32.46 13.28
N ILE P 292 1.59 -31.43 13.67
CA ILE P 292 2.97 -31.47 14.12
C ILE P 292 3.01 -30.94 15.55
N PRO P 293 2.88 -31.81 16.56
CA PRO P 293 2.75 -31.38 17.93
C PRO P 293 4.06 -30.83 18.44
N GLY P 294 4.04 -29.63 18.99
CA GLY P 294 5.19 -29.00 19.60
C GLY P 294 5.12 -28.99 21.12
N VAL P 295 5.82 -28.04 21.70
CA VAL P 295 5.90 -27.79 23.14
C VAL P 295 5.30 -26.44 23.51
N LEU P 296 4.45 -26.40 24.52
CA LEU P 296 4.19 -25.19 25.29
C LEU P 296 5.12 -25.21 26.50
N PHE P 297 6.16 -24.38 26.50
CA PHE P 297 7.02 -24.24 27.66
C PHE P 297 6.53 -23.06 28.48
N ILE P 298 5.77 -23.36 29.52
CA ILE P 298 5.29 -22.35 30.45
C ILE P 298 6.30 -22.29 31.58
N ASP P 299 7.11 -21.25 31.57
CA ASP P 299 8.11 -21.02 32.60
C ASP P 299 7.46 -20.39 33.83
N GLU P 300 8.05 -20.49 35.01
CA GLU P 300 7.53 -19.85 36.22
C GLU P 300 6.04 -20.10 36.48
N VAL P 301 5.64 -21.36 36.41
CA VAL P 301 4.24 -21.78 36.47
C VAL P 301 3.53 -21.43 37.76
N HIS P 302 4.24 -21.37 38.89
CA HIS P 302 3.71 -21.18 40.25
C HIS P 302 2.84 -19.94 40.46
N MET P 303 2.64 -19.11 39.44
CA MET P 303 1.84 -17.90 39.51
C MET P 303 0.76 -17.75 38.45
N LEU P 304 0.41 -18.81 37.76
CA LEU P 304 -0.94 -18.95 37.23
C LEU P 304 -1.96 -18.92 38.39
N ASP P 305 -3.10 -18.26 38.21
CA ASP P 305 -4.19 -18.33 39.20
C ASP P 305 -4.80 -19.73 39.24
N ILE P 306 -5.49 -20.10 40.32
CA ILE P 306 -6.21 -21.37 40.37
C ILE P 306 -7.23 -21.54 39.23
N GLU P 307 -7.77 -20.44 38.71
CA GLU P 307 -8.60 -20.46 37.50
C GLU P 307 -7.81 -20.97 36.30
N SER P 308 -6.57 -20.52 36.13
CA SER P 308 -5.69 -20.94 35.07
C SER P 308 -5.24 -22.38 35.25
N PHE P 309 -4.98 -22.83 36.47
CA PHE P 309 -4.71 -24.25 36.71
C PHE P 309 -5.92 -25.12 36.39
N SER P 310 -7.13 -24.67 36.72
CA SER P 310 -8.35 -25.38 36.31
C SER P 310 -8.44 -25.50 34.80
N PHE P 311 -8.13 -24.43 34.06
CA PHE P 311 -8.10 -24.55 32.61
C PHE P 311 -7.07 -25.59 32.14
N LEU P 312 -5.84 -25.59 32.66
CA LEU P 312 -4.86 -26.62 32.31
C LEU P 312 -5.34 -28.02 32.66
N ASN P 313 -6.13 -28.21 33.73
CA ASN P 313 -6.63 -29.53 34.09
C ASN P 313 -7.45 -30.15 32.96
N ARG P 314 -8.29 -29.37 32.26
CA ARG P 314 -9.12 -29.89 31.18
C ARG P 314 -8.48 -29.72 29.81
N ALA P 315 -7.73 -28.66 29.57
CA ALA P 315 -7.15 -28.40 28.25
C ALA P 315 -6.07 -29.40 27.83
N LEU P 316 -5.47 -30.13 28.77
CA LEU P 316 -4.53 -31.22 28.51
C LEU P 316 -5.20 -32.53 28.07
N GLU P 317 -6.51 -32.53 27.79
CA GLU P 317 -7.28 -33.75 27.60
C GLU P 317 -8.01 -33.77 26.25
N SER P 318 -7.28 -33.39 25.20
CA SER P 318 -7.82 -33.23 23.84
C SER P 318 -6.76 -33.62 22.81
N ASP P 319 -7.17 -34.12 21.64
CA ASP P 319 -6.26 -34.62 20.60
C ASP P 319 -5.20 -33.59 20.20
N MET P 320 -5.52 -32.30 20.26
CA MET P 320 -4.67 -31.22 19.80
C MET P 320 -4.06 -30.41 20.95
N ALA P 321 -3.95 -31.03 22.13
CA ALA P 321 -3.08 -30.54 23.20
C ALA P 321 -1.61 -30.86 22.87
N PRO P 322 -0.69 -29.89 22.94
CA PRO P 322 0.74 -30.08 22.75
C PRO P 322 1.36 -30.71 23.99
N VAL P 323 2.67 -30.96 23.99
CA VAL P 323 3.37 -31.32 25.22
C VAL P 323 3.52 -30.08 26.09
N LEU P 324 3.14 -30.15 27.36
CA LEU P 324 3.25 -29.02 28.28
C LEU P 324 4.47 -29.21 29.18
N ILE P 325 5.48 -28.36 29.04
CA ILE P 325 6.62 -28.36 29.94
C ILE P 325 6.49 -27.15 30.84
N MET P 326 6.59 -27.40 32.12
CA MET P 326 6.37 -26.44 33.18
C MET P 326 7.66 -26.31 33.96
N ALA P 327 8.01 -25.12 34.41
CA ALA P 327 9.15 -24.94 35.29
C ALA P 327 8.73 -24.23 36.57
N THR P 328 9.29 -24.60 37.72
CA THR P 328 8.99 -23.93 38.99
C THR P 328 10.04 -24.18 40.07
N ASN P 329 10.16 -23.26 41.02
CA ASN P 329 11.20 -23.28 42.05
C ASN P 329 10.64 -22.91 43.43
N ARG P 330 9.45 -23.40 43.79
CA ARG P 330 8.76 -23.07 45.05
C ARG P 330 8.48 -24.29 45.91
N GLY P 331 8.55 -24.10 47.22
CA GLY P 331 8.20 -25.11 48.22
C GLY P 331 6.70 -25.28 48.32
N ILE P 332 6.22 -25.91 49.39
CA ILE P 332 4.79 -25.91 49.68
C ILE P 332 4.38 -24.47 49.94
N THR P 333 3.49 -23.93 49.09
CA THR P 333 3.26 -22.47 48.93
C THR P 333 1.81 -22.16 48.66
N ARG P 334 1.33 -20.98 49.04
CA ARG P 334 -0.04 -20.54 48.79
C ARG P 334 -0.28 -20.30 47.29
N ILE P 335 -1.23 -21.01 46.68
CA ILE P 335 -1.49 -20.92 45.23
C ILE P 335 -2.34 -19.70 44.90
N ARG P 336 -2.00 -18.99 43.82
CA ARG P 336 -2.56 -17.66 43.56
C ARG P 336 -4.06 -17.66 43.35
N GLY P 337 -4.71 -16.63 43.89
CA GLY P 337 -6.17 -16.54 43.95
C GLY P 337 -6.80 -17.33 45.09
N THR P 338 -6.01 -17.88 46.02
CA THR P 338 -6.53 -18.69 47.14
C THR P 338 -5.76 -18.49 48.44
N SER P 339 -6.34 -18.99 49.53
CA SER P 339 -5.67 -19.20 50.82
C SER P 339 -4.98 -20.56 50.95
N TYR P 340 -5.15 -21.50 50.01
CA TYR P 340 -4.67 -22.87 50.17
C TYR P 340 -3.18 -23.01 49.88
N GLN P 341 -2.47 -23.83 50.64
CA GLN P 341 -1.06 -24.14 50.37
C GLN P 341 -0.92 -25.52 49.74
N SER P 342 -0.09 -25.64 48.70
CA SER P 342 0.17 -26.92 48.05
C SER P 342 1.58 -26.98 47.45
N PRO P 343 2.12 -28.19 47.19
CA PRO P 343 3.46 -28.34 46.66
C PRO P 343 3.65 -27.60 45.34
N HIS P 344 4.86 -27.13 45.07
CA HIS P 344 5.19 -26.33 43.90
C HIS P 344 4.38 -25.04 43.72
N GLY P 345 3.48 -24.68 44.63
CA GLY P 345 2.53 -23.61 44.35
C GLY P 345 1.60 -23.94 43.18
N ILE P 346 1.28 -25.23 42.97
CA ILE P 346 0.36 -25.75 41.94
C ILE P 346 -0.68 -26.65 42.64
N PRO P 347 -1.96 -26.64 42.28
CA PRO P 347 -2.95 -27.49 42.93
C PRO P 347 -2.74 -28.96 42.57
N ILE P 348 -3.11 -29.87 43.46
CA ILE P 348 -2.99 -31.32 43.23
C ILE P 348 -3.78 -31.78 42.00
N ASP P 349 -4.87 -31.09 41.63
CA ASP P 349 -5.60 -31.31 40.37
C ASP P 349 -4.69 -31.37 39.14
N LEU P 350 -3.65 -30.53 39.13
CA LEU P 350 -2.70 -30.42 38.03
C LEU P 350 -1.46 -31.25 38.27
N LEU P 351 -0.88 -31.26 39.47
CA LEU P 351 0.30 -32.09 39.74
C LEU P 351 0.03 -33.58 39.52
N ASP P 352 -1.20 -34.03 39.77
CA ASP P 352 -1.63 -35.40 39.50
C ASP P 352 -1.61 -35.74 38.00
N ARG P 353 -1.68 -34.74 37.11
CA ARG P 353 -1.71 -34.91 35.65
C ARG P 353 -0.34 -34.85 34.97
N LEU P 354 0.76 -34.79 35.73
CA LEU P 354 2.07 -34.57 35.17
C LEU P 354 3.17 -35.34 35.88
N LEU P 355 4.32 -35.40 35.23
CA LEU P 355 5.52 -36.04 35.73
C LEU P 355 6.48 -34.98 36.21
N ILE P 356 7.05 -35.12 37.40
CA ILE P 356 7.89 -34.08 37.98
C ILE P 356 9.33 -34.52 37.87
N VAL P 357 10.19 -33.74 37.22
CA VAL P 357 11.64 -34.02 37.14
C VAL P 357 12.36 -33.06 38.05
N SER P 358 13.23 -33.58 38.90
CA SER P 358 13.79 -32.80 40.01
C SER P 358 15.24 -32.44 39.74
N THR P 359 15.56 -31.14 39.67
CA THR P 359 16.92 -30.65 39.41
C THR P 359 17.64 -30.37 40.72
N THR P 360 18.47 -31.31 41.18
CA THR P 360 19.27 -31.19 42.42
C THR P 360 20.44 -30.22 42.26
N PRO P 361 20.89 -29.53 43.32
CA PRO P 361 21.91 -28.50 43.22
C PRO P 361 23.30 -29.08 42.96
N TYR P 362 24.21 -28.25 42.46
CA TYR P 362 25.52 -28.67 41.96
C TYR P 362 26.54 -29.01 43.04
N SER P 363 27.44 -29.94 42.71
CA SER P 363 28.72 -30.14 43.38
C SER P 363 29.72 -29.05 43.01
N GLU P 364 30.85 -28.96 43.73
CA GLU P 364 31.95 -28.07 43.42
C GLU P 364 32.45 -28.26 41.98
N LYS P 365 32.72 -29.50 41.58
CA LYS P 365 33.31 -29.80 40.27
C LYS P 365 32.37 -29.44 39.13
N ASP P 366 31.08 -29.71 39.27
CA ASP P 366 30.09 -29.24 38.30
C ASP P 366 30.05 -27.72 38.26
N THR P 367 30.05 -27.06 39.42
CA THR P 367 30.01 -25.59 39.47
C THR P 367 31.21 -24.99 38.75
N LYS P 368 32.41 -25.50 38.99
CA LYS P 368 33.60 -25.08 38.25
C LYS P 368 33.41 -25.30 36.75
N GLN P 369 32.86 -26.44 36.35
CA GLN P 369 32.71 -26.77 34.95
C GLN P 369 31.66 -25.91 34.24
N ILE P 370 30.57 -25.52 34.92
CA ILE P 370 29.61 -24.53 34.40
C ILE P 370 30.33 -23.21 34.16
N LEU P 371 31.12 -22.76 35.14
CA LEU P 371 31.90 -21.53 35.01
C LEU P 371 32.90 -21.63 33.87
N ARG P 372 33.53 -22.79 33.60
CA ARG P 372 34.38 -22.94 32.41
C ARG P 372 33.61 -22.69 31.13
N ILE P 373 32.46 -23.33 30.94
CA ILE P 373 31.73 -23.16 29.68
C ILE P 373 31.18 -21.74 29.52
N ARG P 374 30.77 -21.08 30.61
CA ARG P 374 30.48 -19.64 30.55
C ARG P 374 31.71 -18.82 30.13
N CYS P 375 32.90 -19.09 30.67
CA CYS P 375 34.10 -18.38 30.23
C CYS P 375 34.41 -18.61 28.76
N GLU P 376 34.28 -19.85 28.30
CA GLU P 376 34.54 -20.22 26.91
C GLU P 376 33.47 -19.67 25.96
N GLU P 377 32.26 -19.39 26.43
CA GLU P 377 31.24 -18.70 25.63
C GLU P 377 31.47 -17.19 25.58
N GLU P 378 31.89 -16.58 26.69
CA GLU P 378 32.19 -15.16 26.76
C GLU P 378 33.53 -14.78 26.10
N ASP P 379 34.33 -15.76 25.69
CA ASP P 379 35.71 -15.58 25.20
C ASP P 379 36.59 -14.83 26.21
N VAL P 380 36.66 -15.34 27.45
CA VAL P 380 37.58 -14.82 28.48
C VAL P 380 38.38 -15.94 29.13
N GLU P 381 39.69 -15.77 29.22
CA GLU P 381 40.58 -16.67 29.95
C GLU P 381 40.64 -16.29 31.43
N MET P 382 40.88 -17.28 32.29
CA MET P 382 41.21 -17.03 33.69
C MET P 382 42.12 -18.12 34.25
N SER P 383 42.95 -17.80 35.24
CA SER P 383 43.88 -18.78 35.81
C SER P 383 43.17 -19.89 36.58
N GLU P 384 43.80 -21.05 36.74
CA GLU P 384 43.15 -22.21 37.38
C GLU P 384 42.81 -21.97 38.87
N ASP P 385 43.57 -21.13 39.56
CA ASP P 385 43.23 -20.64 40.90
C ASP P 385 42.12 -19.60 40.86
N ALA P 386 42.05 -18.74 39.85
CA ALA P 386 40.91 -17.84 39.62
C ALA P 386 39.61 -18.64 39.48
N TYR P 387 39.57 -19.69 38.66
CA TYR P 387 38.45 -20.63 38.63
C TYR P 387 38.18 -21.27 39.99
N THR P 388 39.20 -21.53 40.80
CA THR P 388 39.02 -22.15 42.12
C THR P 388 38.35 -21.20 43.09
N VAL P 389 38.83 -19.96 43.24
CA VAL P 389 38.16 -19.00 44.14
C VAL P 389 36.79 -18.62 43.61
N LEU P 390 36.63 -18.50 42.30
CA LEU P 390 35.32 -18.22 41.71
C LEU P 390 34.35 -19.36 41.99
N THR P 391 34.81 -20.61 42.02
CA THR P 391 33.97 -21.73 42.43
C THR P 391 33.59 -21.63 43.91
N ARG P 392 34.50 -21.23 44.80
CA ARG P 392 34.15 -21.01 46.22
C ARG P 392 33.05 -19.97 46.33
N ILE P 393 33.18 -18.86 45.63
CA ILE P 393 32.16 -17.81 45.61
C ILE P 393 30.84 -18.37 45.09
N GLY P 394 30.89 -19.13 44.00
CA GLY P 394 29.71 -19.78 43.43
C GLY P 394 28.99 -20.71 44.40
N LEU P 395 29.71 -21.49 45.21
CA LEU P 395 29.10 -22.31 46.25
C LEU P 395 28.54 -21.47 47.40
N GLU P 396 29.29 -20.46 47.85
CA GLU P 396 28.87 -19.62 48.98
C GLU P 396 27.66 -18.73 48.66
N THR P 397 27.46 -18.36 47.39
CA THR P 397 26.49 -17.32 46.97
C THR P 397 25.66 -17.73 45.74
N SER P 398 25.42 -19.03 45.59
CA SER P 398 24.41 -19.61 44.69
C SER P 398 24.59 -19.30 43.19
N LEU P 399 25.80 -19.56 42.68
CA LEU P 399 26.13 -19.80 41.26
C LEU P 399 25.84 -18.67 40.27
N ARG P 400 24.60 -18.24 40.06
CA ARG P 400 24.28 -17.18 39.08
C ARG P 400 25.09 -15.92 39.32
N TYR P 401 25.41 -15.61 40.59
CA TYR P 401 26.30 -14.51 40.94
C TYR P 401 27.74 -14.75 40.44
N ALA P 402 28.31 -15.94 40.63
CA ALA P 402 29.63 -16.23 40.11
C ALA P 402 29.71 -16.13 38.59
N ILE P 403 28.66 -16.53 37.86
CA ILE P 403 28.58 -16.31 36.41
C ILE P 403 28.62 -14.81 36.07
N GLN P 404 28.02 -13.93 36.89
CA GLN P 404 28.08 -12.49 36.67
C GLN P 404 29.46 -11.92 37.02
N LEU P 405 30.16 -12.48 38.01
CA LEU P 405 31.54 -12.08 38.28
C LEU P 405 32.49 -12.35 37.12
N ILE P 406 32.32 -13.41 36.31
CA ILE P 406 33.15 -13.63 35.12
C ILE P 406 33.11 -12.40 34.22
N THR P 407 31.90 -11.98 33.89
CA THR P 407 31.65 -10.87 32.97
C THR P 407 32.29 -9.59 33.49
N ALA P 408 32.12 -9.28 34.77
CA ALA P 408 32.68 -8.07 35.34
C ALA P 408 34.19 -8.16 35.56
N ALA P 409 34.73 -9.29 36.02
CA ALA P 409 36.16 -9.43 36.28
C ALA P 409 36.98 -9.27 35.00
N SER P 410 36.51 -9.87 33.90
CA SER P 410 37.18 -9.71 32.61
C SER P 410 37.11 -8.28 32.05
N LEU P 411 36.16 -7.44 32.48
CA LEU P 411 36.18 -6.01 32.16
C LEU P 411 37.18 -5.24 33.03
N VAL P 412 37.41 -5.65 34.28
CA VAL P 412 38.48 -5.07 35.10
C VAL P 412 39.84 -5.36 34.47
N CYS P 413 40.10 -6.55 33.93
CA CYS P 413 41.34 -6.82 33.20
C CYS P 413 41.55 -5.84 32.05
N ARG P 414 40.51 -5.64 31.22
CA ARG P 414 40.57 -4.74 30.06
C ARG P 414 40.85 -3.29 30.46
N LYS P 415 40.37 -2.83 31.63
CA LYS P 415 40.73 -1.52 32.20
C LYS P 415 42.15 -1.49 32.78
N ARG P 416 42.60 -2.61 33.37
CA ARG P 416 43.95 -2.84 33.94
C ARG P 416 45.04 -3.10 32.88
N LYS P 417 44.65 -3.28 31.61
CA LYS P 417 45.48 -3.79 30.49
C LYS P 417 46.05 -5.20 30.71
N GLY P 418 45.40 -6.00 31.56
CA GLY P 418 45.70 -7.42 31.75
C GLY P 418 45.07 -8.29 30.65
N THR P 419 45.69 -9.42 30.33
CA THR P 419 45.20 -10.34 29.28
C THR P 419 44.25 -11.43 29.81
N GLU P 420 44.23 -11.67 31.12
CA GLU P 420 43.56 -12.81 31.74
C GLU P 420 43.00 -12.43 33.12
N VAL P 421 41.87 -13.01 33.53
CA VAL P 421 41.34 -12.79 34.89
C VAL P 421 42.23 -13.50 35.92
N GLN P 422 42.85 -12.71 36.78
CA GLN P 422 43.60 -13.21 37.94
C GLN P 422 42.76 -13.07 39.21
N VAL P 423 43.18 -13.71 40.29
CA VAL P 423 42.44 -13.74 41.56
C VAL P 423 42.16 -12.33 42.10
N ASP P 424 43.04 -11.37 41.93
CA ASP P 424 42.80 -10.00 42.37
C ASP P 424 41.76 -9.26 41.51
N ASP P 425 41.52 -9.65 40.26
CA ASP P 425 40.39 -9.11 39.50
C ASP P 425 39.06 -9.63 40.06
N ILE P 426 38.98 -10.91 40.42
CA ILE P 426 37.78 -11.46 41.07
C ILE P 426 37.59 -10.85 42.45
N LYS P 427 38.62 -10.82 43.30
CA LYS P 427 38.50 -10.22 44.62
C LYS P 427 38.19 -8.72 44.57
N ARG P 428 38.62 -8.00 43.52
CA ARG P 428 38.14 -6.63 43.27
C ARG P 428 36.66 -6.63 43.00
N VAL P 429 36.18 -7.30 41.97
CA VAL P 429 34.77 -7.27 41.57
C VAL P 429 33.85 -7.79 42.67
N TYR P 430 34.25 -8.83 43.38
CA TYR P 430 33.54 -9.33 44.55
C TYR P 430 33.36 -8.28 45.65
N SER P 431 34.25 -7.29 45.74
CA SER P 431 34.09 -6.17 46.67
C SER P 431 33.27 -5.01 46.11
N LEU P 432 33.13 -4.90 44.78
CA LEU P 432 32.30 -3.87 44.14
C LEU P 432 30.82 -4.23 44.14
N PHE P 433 30.49 -5.43 43.66
CA PHE P 433 29.12 -5.89 43.46
C PHE P 433 28.74 -6.95 44.48
N LEU P 434 27.67 -6.74 45.21
CA LEU P 434 27.23 -7.62 46.26
C LEU P 434 26.25 -8.68 45.74
N ASP P 435 26.30 -9.86 46.34
CA ASP P 435 25.22 -10.83 46.30
C ASP P 435 24.12 -10.45 47.30
N GLU P 436 22.93 -11.03 47.18
CA GLU P 436 21.81 -10.66 48.06
C GLU P 436 22.06 -10.93 49.54
N SER P 437 22.88 -11.92 49.90
CA SER P 437 23.11 -12.24 51.31
C SER P 437 24.02 -11.21 51.96
N ARG P 438 25.12 -10.81 51.32
CA ARG P 438 25.95 -9.71 51.83
C ARG P 438 25.23 -8.39 51.74
N SER P 439 24.44 -8.14 50.70
CA SER P 439 23.66 -6.91 50.64
C SER P 439 22.63 -6.84 51.77
N THR P 440 21.95 -7.93 52.10
CA THR P 440 21.06 -7.98 53.27
C THR P 440 21.84 -7.77 54.58
N GLN P 441 23.03 -8.36 54.73
CA GLN P 441 23.85 -8.13 55.92
C GLN P 441 24.27 -6.66 56.07
N TYR P 442 24.61 -5.98 54.97
CA TYR P 442 24.88 -4.53 54.97
C TYR P 442 23.60 -3.67 54.94
N MET P 443 22.41 -4.27 54.91
CA MET P 443 21.16 -3.54 55.10
C MET P 443 20.81 -3.39 56.58
N LYS P 444 21.27 -4.31 57.44
CA LYS P 444 21.02 -4.24 58.90
C LYS P 444 21.82 -3.19 59.65
N GLU P 445 22.95 -2.71 59.12
CA GLU P 445 23.65 -1.53 59.68
C GLU P 445 22.90 -0.20 59.45
N TYR P 446 21.94 -0.18 58.52
CA TYR P 446 21.15 0.98 58.12
C TYR P 446 19.64 0.71 58.24
N GLN P 447 19.23 -0.21 59.12
CA GLN P 447 17.87 -0.75 59.08
C GLN P 447 16.77 0.30 59.28
N ASP P 448 17.00 1.34 60.08
CA ASP P 448 16.06 2.45 60.25
C ASP P 448 16.19 3.56 59.19
N ALA P 449 17.24 3.54 58.37
CA ALA P 449 17.46 4.53 57.31
C ALA P 449 16.79 4.14 55.98
N PHE P 450 16.69 2.85 55.65
CA PHE P 450 15.85 2.35 54.56
C PHE P 450 14.37 2.48 54.91
N LEU P 451 13.49 2.61 53.91
CA LEU P 451 12.05 2.71 54.17
C LEU P 451 11.32 1.36 54.31
N PHE P 452 10.20 1.39 55.04
CA PHE P 452 9.15 0.37 55.04
C PHE P 452 9.62 -1.07 55.28
N ASN P 453 9.88 -1.43 56.53
CA ASN P 453 10.30 -2.78 56.93
C ASN P 453 9.67 -3.29 58.23
N ASP Q 15 -45.05 -36.04 18.84
CA ASP Q 15 -44.03 -36.37 17.82
C ASP Q 15 -42.93 -35.31 17.76
N VAL Q 16 -43.19 -34.14 17.15
CA VAL Q 16 -42.22 -33.05 17.01
C VAL Q 16 -41.91 -32.41 18.37
N THR Q 17 -40.64 -32.07 18.60
CA THR Q 17 -40.18 -31.41 19.83
C THR Q 17 -39.98 -29.92 19.59
N ARG Q 18 -40.74 -29.11 20.32
CA ARG Q 18 -40.70 -27.64 20.26
C ARG Q 18 -39.42 -27.11 20.91
N ILE Q 19 -39.06 -25.84 20.71
CA ILE Q 19 -37.88 -25.26 21.37
C ILE Q 19 -38.07 -25.02 22.87
N GLU Q 20 -39.32 -24.82 23.30
CA GLU Q 20 -39.72 -24.70 24.71
C GLU Q 20 -40.39 -25.99 25.15
N ARG Q 21 -39.89 -26.61 26.21
CA ARG Q 21 -40.27 -27.94 26.68
C ARG Q 21 -40.16 -28.03 28.20
N ILE Q 22 -40.19 -29.21 28.81
CA ILE Q 22 -40.59 -29.35 30.22
C ILE Q 22 -39.49 -28.91 31.20
N GLY Q 23 -39.48 -27.64 31.59
CA GLY Q 23 -38.63 -27.07 32.64
C GLY Q 23 -39.24 -27.16 34.05
N ALA Q 24 -38.54 -26.68 35.06
CA ALA Q 24 -38.91 -26.87 36.45
C ALA Q 24 -40.25 -26.23 36.84
N HIS Q 25 -40.61 -25.08 36.26
CA HIS Q 25 -41.88 -24.40 36.52
C HIS Q 25 -42.90 -24.58 35.40
N SER Q 26 -42.64 -25.41 34.39
CA SER Q 26 -43.51 -25.49 33.21
C SER Q 26 -44.97 -25.81 33.54
N HIS Q 27 -45.20 -26.65 34.56
CA HIS Q 27 -46.53 -27.07 34.99
C HIS Q 27 -47.44 -25.96 35.52
N ILE Q 28 -46.92 -24.87 36.09
CA ILE Q 28 -47.78 -23.86 36.72
C ILE Q 28 -48.25 -22.84 35.69
N ARG Q 29 -49.32 -23.21 35.00
CA ARG Q 29 -49.95 -22.43 33.92
C ARG Q 29 -50.72 -21.21 34.43
N GLY Q 30 -50.72 -20.94 35.73
CA GLY Q 30 -51.28 -19.72 36.29
C GLY Q 30 -51.09 -19.61 37.80
N LEU Q 31 -52.00 -18.91 38.46
CA LEU Q 31 -51.94 -18.56 39.87
C LEU Q 31 -53.36 -18.74 40.41
N GLY Q 32 -53.68 -19.96 40.83
CA GLY Q 32 -55.07 -20.39 40.98
C GLY Q 32 -55.85 -19.57 41.99
N LEU Q 33 -56.81 -18.77 41.53
CA LEU Q 33 -57.61 -17.87 42.37
C LEU Q 33 -59.06 -17.86 41.89
N ASP Q 34 -60.00 -17.88 42.83
CA ASP Q 34 -61.40 -17.51 42.59
C ASP Q 34 -61.54 -15.99 42.33
N ASP Q 35 -62.71 -15.54 41.87
CA ASP Q 35 -62.98 -14.13 41.59
C ASP Q 35 -62.77 -13.22 42.81
N ALA Q 36 -63.05 -13.73 44.01
CA ALA Q 36 -62.83 -13.05 45.29
C ALA Q 36 -61.36 -13.10 45.78
N LEU Q 37 -60.42 -13.50 44.92
CA LEU Q 37 -59.01 -13.76 45.25
C LEU Q 37 -58.81 -14.84 46.33
N GLU Q 38 -59.79 -15.70 46.63
CA GLU Q 38 -59.55 -16.89 47.44
C GLU Q 38 -58.80 -17.95 46.62
N PRO Q 39 -57.64 -18.44 47.06
CA PRO Q 39 -56.85 -19.41 46.33
C PRO Q 39 -57.47 -20.80 46.44
N ARG Q 40 -57.49 -21.53 45.33
CA ARG Q 40 -57.89 -22.94 45.32
C ARG Q 40 -56.75 -23.79 45.88
N GLN Q 41 -57.07 -24.86 46.62
CA GLN Q 41 -56.06 -25.73 47.24
C GLN Q 41 -55.10 -26.33 46.21
N ALA Q 42 -55.60 -26.67 45.02
CA ALA Q 42 -54.76 -27.00 43.87
C ALA Q 42 -55.47 -26.62 42.56
N SER Q 43 -54.94 -25.66 41.79
CA SER Q 43 -55.42 -25.37 40.44
C SER Q 43 -54.40 -24.57 39.62
N GLN Q 44 -54.55 -24.57 38.30
CA GLN Q 44 -53.60 -23.99 37.34
C GLN Q 44 -52.16 -24.48 37.54
N GLY Q 45 -52.00 -25.68 38.12
CA GLY Q 45 -50.73 -26.30 38.49
C GLY Q 45 -50.23 -25.94 39.89
N MET Q 46 -50.67 -24.85 40.51
CA MET Q 46 -50.17 -24.47 41.84
C MET Q 46 -50.85 -25.24 42.96
N VAL Q 47 -50.13 -25.48 44.06
CA VAL Q 47 -50.61 -26.21 45.26
C VAL Q 47 -50.34 -25.41 46.52
N GLY Q 48 -51.25 -25.44 47.50
CA GLY Q 48 -50.98 -24.92 48.85
C GLY Q 48 -50.66 -23.42 48.88
N GLN Q 49 -49.86 -22.98 49.84
CA GLN Q 49 -49.35 -21.59 49.94
C GLN Q 49 -50.44 -20.52 49.91
N LEU Q 50 -51.54 -20.78 50.59
CA LEU Q 50 -52.76 -19.99 50.47
C LEU Q 50 -52.51 -18.50 50.77
N ALA Q 51 -51.86 -18.16 51.88
CA ALA Q 51 -51.61 -16.76 52.22
C ALA Q 51 -50.70 -16.08 51.19
N ALA Q 52 -49.60 -16.71 50.79
CA ALA Q 52 -48.71 -16.14 49.79
C ALA Q 52 -49.39 -16.00 48.43
N ARG Q 53 -50.33 -16.87 48.07
CA ARG Q 53 -51.10 -16.75 46.82
C ARG Q 53 -52.21 -15.71 46.90
N ARG Q 54 -52.83 -15.44 48.05
CA ARG Q 54 -53.65 -14.22 48.21
C ARG Q 54 -52.81 -12.98 48.03
N ALA Q 55 -51.66 -12.89 48.69
CA ALA Q 55 -50.77 -11.74 48.55
C ALA Q 55 -50.30 -11.55 47.10
N ALA Q 56 -49.92 -12.63 46.44
CA ALA Q 56 -49.61 -12.64 45.02
C ALA Q 56 -50.81 -12.19 44.17
N GLY Q 57 -52.02 -12.63 44.47
CA GLY Q 57 -53.22 -12.20 43.78
C GLY Q 57 -53.51 -10.72 43.96
N VAL Q 58 -53.33 -10.19 45.18
CA VAL Q 58 -53.54 -8.77 45.47
C VAL Q 58 -52.52 -7.91 44.73
N VAL Q 59 -51.23 -8.29 44.70
CA VAL Q 59 -50.28 -7.55 43.88
C VAL Q 59 -50.56 -7.76 42.39
N LEU Q 60 -51.06 -8.92 41.97
CA LEU Q 60 -51.42 -9.12 40.57
C LEU Q 60 -52.56 -8.18 40.15
N GLU Q 61 -53.56 -7.96 40.98
CA GLU Q 61 -54.57 -6.95 40.66
C GLU Q 61 -54.02 -5.52 40.72
N MET Q 62 -53.07 -5.24 41.61
CA MET Q 62 -52.36 -3.95 41.65
C MET Q 62 -51.56 -3.70 40.37
N ILE Q 63 -50.93 -4.74 39.80
CA ILE Q 63 -50.23 -4.68 38.51
C ILE Q 63 -51.21 -4.46 37.37
N ARG Q 64 -52.32 -5.20 37.33
CA ARG Q 64 -53.36 -5.05 36.30
C ARG Q 64 -54.01 -3.68 36.32
N GLU Q 65 -54.18 -3.05 37.49
CA GLU Q 65 -54.61 -1.65 37.60
C GLU Q 65 -53.61 -0.67 36.97
N GLY Q 66 -52.32 -0.79 37.28
CA GLY Q 66 -51.27 0.12 36.79
C GLY Q 66 -51.32 1.55 37.35
N LYS Q 67 -52.27 1.83 38.24
CA LYS Q 67 -52.60 3.17 38.77
C LYS Q 67 -51.49 3.81 39.59
N ILE Q 68 -50.65 3.02 40.26
CA ILE Q 68 -49.59 3.54 41.13
C ILE Q 68 -48.23 2.86 40.88
N ALA Q 69 -47.14 3.57 41.14
CA ALA Q 69 -45.82 3.31 40.58
C ALA Q 69 -44.75 2.98 41.63
N GLY Q 70 -43.77 2.17 41.24
CA GLY Q 70 -42.62 1.87 42.10
C GLY Q 70 -42.95 1.02 43.32
N ARG Q 71 -44.10 0.35 43.33
CA ARG Q 71 -44.45 -0.63 44.35
C ARG Q 71 -43.56 -1.86 44.23
N ALA Q 72 -43.13 -2.44 45.33
CA ALA Q 72 -42.21 -3.58 45.29
C ALA Q 72 -42.60 -4.65 46.30
N VAL Q 73 -42.58 -5.91 45.89
CA VAL Q 73 -42.91 -7.06 46.74
C VAL Q 73 -41.72 -8.00 46.83
N LEU Q 74 -41.28 -8.35 48.04
CA LEU Q 74 -40.23 -9.33 48.22
C LEU Q 74 -40.85 -10.64 48.67
N ILE Q 75 -40.80 -11.65 47.83
CA ILE Q 75 -41.28 -12.98 48.15
C ILE Q 75 -40.13 -13.70 48.84
N ALA Q 76 -40.25 -13.98 50.12
CA ALA Q 76 -39.16 -14.52 50.93
C ALA Q 76 -39.56 -15.78 51.66
N GLY Q 77 -38.63 -16.71 51.84
CA GLY Q 77 -38.88 -17.98 52.47
C GLY Q 77 -37.83 -19.04 52.13
N GLN Q 78 -37.88 -20.16 52.81
CA GLN Q 78 -36.87 -21.22 52.74
C GLN Q 78 -36.70 -21.77 51.32
N PRO Q 79 -35.57 -22.42 50.99
CA PRO Q 79 -35.41 -23.13 49.72
C PRO Q 79 -36.56 -24.11 49.47
N GLY Q 80 -36.99 -24.22 48.23
CA GLY Q 80 -38.04 -25.16 47.80
C GLY Q 80 -39.46 -24.69 48.08
N THR Q 81 -39.67 -23.63 48.85
CA THR Q 81 -41.01 -23.13 49.20
C THR Q 81 -41.65 -22.23 48.15
N GLY Q 82 -41.48 -22.51 46.87
CA GLY Q 82 -42.37 -21.99 45.83
C GLY Q 82 -42.25 -20.51 45.47
N LYS Q 83 -41.16 -19.80 45.78
CA LYS Q 83 -41.08 -18.34 45.61
C LYS Q 83 -40.94 -17.97 44.15
N THR Q 84 -40.04 -18.63 43.43
CA THR Q 84 -39.99 -18.54 41.98
C THR Q 84 -41.22 -19.18 41.38
N ALA Q 85 -41.79 -20.23 41.97
CA ALA Q 85 -43.04 -20.78 41.45
C ALA Q 85 -44.15 -19.73 41.47
N ILE Q 86 -44.38 -19.03 42.58
CA ILE Q 86 -45.36 -17.95 42.65
C ILE Q 86 -45.05 -16.86 41.62
N ALA Q 87 -43.81 -16.42 41.48
CA ALA Q 87 -43.48 -15.42 40.46
C ALA Q 87 -43.70 -15.92 39.03
N MET Q 88 -43.41 -17.19 38.70
CA MET Q 88 -43.68 -17.74 37.38
C MET Q 88 -45.16 -18.02 37.14
N GLY Q 89 -45.89 -18.49 38.14
CA GLY Q 89 -47.33 -18.65 38.06
C GLY Q 89 -48.03 -17.32 37.88
N MET Q 90 -47.53 -16.28 38.55
CA MET Q 90 -48.00 -14.91 38.37
C MET Q 90 -47.66 -14.36 36.99
N ALA Q 91 -46.46 -14.58 36.46
CA ALA Q 91 -46.13 -14.18 35.09
C ALA Q 91 -47.07 -14.81 34.07
N GLN Q 92 -47.44 -16.07 34.24
CA GLN Q 92 -48.42 -16.74 33.39
C GLN Q 92 -49.84 -16.17 33.58
N ALA Q 93 -50.26 -15.89 34.80
CA ALA Q 93 -51.58 -15.33 35.09
C ALA Q 93 -51.73 -13.87 34.62
N LEU Q 94 -50.67 -13.08 34.66
CA LEU Q 94 -50.62 -11.74 34.07
C LEU Q 94 -50.70 -11.80 32.53
N GLY Q 95 -50.20 -12.89 31.96
CA GLY Q 95 -50.22 -13.17 30.53
C GLY Q 95 -49.20 -12.37 29.73
N PRO Q 96 -49.19 -12.52 28.40
CA PRO Q 96 -48.58 -11.55 27.50
C PRO Q 96 -49.38 -10.24 27.51
N ASP Q 97 -49.01 -9.27 26.67
CA ASP Q 97 -49.70 -7.98 26.52
C ASP Q 97 -49.57 -7.04 27.74
N THR Q 98 -48.68 -7.36 28.69
CA THR Q 98 -48.23 -6.53 29.81
C THR Q 98 -46.84 -7.03 30.23
N PRO Q 99 -45.76 -6.23 30.10
CA PRO Q 99 -44.40 -6.74 30.24
C PRO Q 99 -44.09 -7.45 31.55
N PHE Q 100 -43.26 -8.48 31.52
CA PHE Q 100 -42.75 -9.14 32.71
C PHE Q 100 -41.28 -9.45 32.49
N THR Q 101 -40.39 -8.50 32.78
CA THR Q 101 -38.95 -8.76 32.67
C THR Q 101 -38.53 -9.62 33.82
N ALA Q 102 -38.01 -10.82 33.57
CA ALA Q 102 -37.43 -11.65 34.61
C ALA Q 102 -35.92 -11.66 34.47
N ILE Q 103 -35.19 -11.43 35.57
CA ILE Q 103 -33.75 -11.60 35.65
C ILE Q 103 -33.36 -12.33 36.94
N ALA Q 104 -32.25 -13.06 36.92
CA ALA Q 104 -31.56 -13.35 38.16
C ALA Q 104 -30.82 -12.09 38.61
N GLY Q 105 -30.72 -11.83 39.91
CA GLY Q 105 -30.07 -10.64 40.42
C GLY Q 105 -28.61 -10.52 40.00
N SER Q 106 -27.92 -11.62 39.68
CA SER Q 106 -26.55 -11.56 39.18
C SER Q 106 -26.42 -11.20 37.70
N GLU Q 107 -27.51 -10.98 36.95
CA GLU Q 107 -27.45 -10.53 35.56
C GLU Q 107 -27.12 -9.05 35.41
N ILE Q 108 -27.26 -8.25 36.47
CA ILE Q 108 -26.99 -6.80 36.42
C ILE Q 108 -25.50 -6.45 36.43
N PHE Q 109 -24.62 -7.39 36.76
CA PHE Q 109 -23.17 -7.15 36.85
C PHE Q 109 -22.51 -7.17 35.47
N SER Q 110 -22.89 -6.24 34.60
CA SER Q 110 -22.34 -6.14 33.24
C SER Q 110 -20.87 -5.73 33.22
N LEU Q 111 -20.17 -6.11 32.16
CA LEU Q 111 -18.80 -5.69 31.90
C LEU Q 111 -18.73 -4.46 30.98
N GLU Q 112 -19.87 -3.93 30.52
CA GLU Q 112 -19.90 -2.79 29.59
C GLU Q 112 -20.85 -1.65 29.99
N MET Q 113 -21.51 -1.75 31.13
CA MET Q 113 -22.29 -0.67 31.74
C MET Q 113 -22.34 -0.85 33.25
N SER Q 114 -22.60 0.22 34.00
CA SER Q 114 -22.67 0.18 35.45
C SER Q 114 -23.80 -0.68 36.00
N LYS Q 115 -23.73 -1.01 37.29
CA LYS Q 115 -24.83 -1.65 38.03
C LYS Q 115 -26.09 -0.77 38.05
N THR Q 116 -25.95 0.55 38.09
CA THR Q 116 -27.06 1.49 37.85
C THR Q 116 -27.71 1.26 36.50
N GLU Q 117 -26.92 1.19 35.43
CA GLU Q 117 -27.47 1.04 34.09
C GLU Q 117 -28.22 -0.26 33.93
N ALA Q 118 -27.64 -1.39 34.28
CA ALA Q 118 -28.31 -2.66 34.04
C ALA Q 118 -29.65 -2.73 34.79
N LEU Q 119 -29.75 -2.13 35.98
CA LEU Q 119 -31.04 -1.98 36.66
C LEU Q 119 -31.93 -0.98 35.97
N THR Q 120 -31.42 0.16 35.52
CA THR Q 120 -32.24 1.16 34.84
C THR Q 120 -32.82 0.57 33.57
N GLN Q 121 -32.04 -0.12 32.75
CA GLN Q 121 -32.57 -0.83 31.60
C GLN Q 121 -33.59 -1.88 32.02
N ALA Q 122 -33.33 -2.69 33.04
CA ALA Q 122 -34.27 -3.69 33.50
C ALA Q 122 -35.60 -3.08 33.96
N PHE Q 123 -35.60 -1.88 34.54
CA PHE Q 123 -36.83 -1.14 34.82
C PHE Q 123 -37.51 -0.70 33.54
N ARG Q 124 -36.81 0.05 32.69
CA ARG Q 124 -37.38 0.67 31.49
C ARG Q 124 -37.91 -0.37 30.51
N ARG Q 125 -37.34 -1.56 30.50
CA ARG Q 125 -37.79 -2.67 29.65
C ARG Q 125 -39.09 -3.30 30.13
N SER Q 126 -39.53 -3.01 31.35
CA SER Q 126 -40.81 -3.42 31.91
C SER Q 126 -41.94 -2.40 31.82
N ILE Q 127 -41.76 -1.26 31.17
CA ILE Q 127 -42.87 -0.33 30.91
C ILE Q 127 -43.25 -0.43 29.44
N GLY Q 128 -44.50 -0.70 29.11
CA GLY Q 128 -44.94 -0.83 27.72
C GLY Q 128 -45.69 0.41 27.27
N VAL Q 129 -45.14 1.19 26.35
CA VAL Q 129 -45.89 2.23 25.65
C VAL Q 129 -46.75 1.55 24.60
N ARG Q 130 -48.09 1.60 24.68
CA ARG Q 130 -48.98 1.00 23.68
C ARG Q 130 -49.58 2.09 22.82
N ILE Q 131 -49.40 1.95 21.52
CA ILE Q 131 -49.56 2.98 20.49
C ILE Q 131 -50.53 2.48 19.43
N LYS Q 132 -51.33 3.35 18.84
CA LYS Q 132 -52.02 3.09 17.56
C LYS Q 132 -51.26 3.73 16.40
N GLU Q 133 -51.23 3.03 15.28
CA GLU Q 133 -50.58 3.44 14.04
C GLU Q 133 -51.55 3.15 12.89
N GLU Q 134 -51.66 4.05 11.90
CA GLU Q 134 -52.57 3.88 10.76
C GLU Q 134 -51.78 3.57 9.49
N THR Q 135 -52.16 2.52 8.78
CA THR Q 135 -51.32 1.95 7.72
C THR Q 135 -52.09 1.64 6.46
N GLU Q 136 -51.43 1.79 5.32
CA GLU Q 136 -51.78 0.98 4.17
C GLU Q 136 -50.51 0.45 3.54
N ILE Q 137 -50.51 -0.85 3.25
CA ILE Q 137 -49.39 -1.53 2.61
C ILE Q 137 -49.92 -2.31 1.42
N ILE Q 138 -49.27 -2.19 0.27
CA ILE Q 138 -49.50 -3.16 -0.80
C ILE Q 138 -48.71 -4.41 -0.44
N GLU Q 139 -49.23 -5.57 -0.79
CA GLU Q 139 -48.62 -6.87 -0.48
C GLU Q 139 -49.00 -7.92 -1.52
N GLY Q 140 -48.09 -8.27 -2.43
CA GLY Q 140 -48.40 -9.24 -3.49
C GLY Q 140 -47.19 -9.69 -4.28
N GLU Q 141 -47.39 -10.68 -5.14
CA GLU Q 141 -46.44 -11.13 -6.13
C GLU Q 141 -46.44 -10.17 -7.32
N VAL Q 142 -45.30 -9.60 -7.71
CA VAL Q 142 -45.24 -8.79 -8.93
C VAL Q 142 -45.28 -9.70 -10.15
N VAL Q 143 -46.26 -9.50 -11.04
CA VAL Q 143 -46.45 -10.32 -12.23
C VAL Q 143 -45.59 -9.84 -13.39
N GLU Q 144 -45.62 -8.55 -13.71
CA GLU Q 144 -44.71 -7.95 -14.69
C GLU Q 144 -44.59 -6.44 -14.48
N ILE Q 145 -43.57 -5.85 -15.10
CA ILE Q 145 -43.31 -4.41 -15.09
C ILE Q 145 -43.23 -3.90 -16.53
N GLN Q 146 -44.00 -2.87 -16.86
CA GLN Q 146 -43.93 -2.14 -18.12
C GLN Q 146 -43.37 -0.74 -17.90
N ILE Q 147 -42.37 -0.33 -18.67
CA ILE Q 147 -41.84 1.04 -18.69
C ILE Q 147 -41.65 1.52 -20.14
N ASP Q 148 -41.99 2.77 -20.43
CA ASP Q 148 -41.73 3.40 -21.73
C ASP Q 148 -40.34 4.08 -21.78
N ARG Q 149 -39.97 4.65 -22.95
CA ARG Q 149 -38.66 5.28 -23.19
C ARG Q 149 -38.73 6.73 -23.72
N PRO Q 150 -39.46 7.65 -23.07
CA PRO Q 150 -39.42 9.08 -23.41
C PRO Q 150 -38.05 9.70 -23.07
N SER Q 156 -40.47 12.34 -19.42
CA SER Q 156 -40.16 11.47 -18.28
C SER Q 156 -41.04 10.21 -18.24
N LYS Q 157 -40.49 9.11 -17.71
CA LYS Q 157 -41.10 7.76 -17.77
C LYS Q 157 -42.38 7.67 -16.97
N VAL Q 158 -43.36 6.90 -17.45
CA VAL Q 158 -44.58 6.54 -16.71
C VAL Q 158 -44.86 5.06 -16.91
N GLY Q 159 -44.39 4.27 -15.95
CA GLY Q 159 -44.50 2.81 -15.97
C GLY Q 159 -45.84 2.32 -15.44
N LYS Q 160 -46.15 1.06 -15.76
CA LYS Q 160 -47.31 0.35 -15.23
C LYS Q 160 -46.84 -0.99 -14.72
N LEU Q 161 -47.31 -1.41 -13.55
CA LEU Q 161 -46.78 -2.58 -12.88
C LEU Q 161 -47.90 -3.41 -12.28
N THR Q 162 -47.85 -4.72 -12.45
CA THR Q 162 -48.92 -5.60 -12.01
C THR Q 162 -48.56 -6.32 -10.73
N LEU Q 163 -49.46 -6.23 -9.75
CA LEU Q 163 -49.42 -6.98 -8.52
C LEU Q 163 -50.51 -8.04 -8.54
N LYS Q 164 -50.17 -9.23 -8.08
CA LYS Q 164 -51.08 -10.35 -7.92
C LYS Q 164 -51.09 -10.78 -6.47
N THR Q 165 -52.23 -11.28 -6.05
CA THR Q 165 -52.45 -12.00 -4.81
C THR Q 165 -53.44 -13.12 -5.12
N THR Q 166 -53.54 -14.12 -4.27
CA THR Q 166 -54.39 -15.29 -4.49
C THR Q 166 -55.86 -14.92 -4.82
N GLU Q 167 -56.35 -13.78 -4.32
CA GLU Q 167 -57.69 -13.26 -4.60
C GLU Q 167 -57.83 -12.38 -5.85
N MET Q 168 -56.79 -11.69 -6.34
CA MET Q 168 -56.91 -10.71 -7.43
C MET Q 168 -55.63 -10.44 -8.22
N GLU Q 169 -55.78 -9.99 -9.46
CA GLU Q 169 -54.69 -9.51 -10.33
C GLU Q 169 -54.93 -8.04 -10.73
N THR Q 170 -54.01 -7.15 -10.41
CA THR Q 170 -54.21 -5.70 -10.47
C THR Q 170 -53.00 -5.00 -11.08
N ILE Q 171 -53.21 -3.81 -11.62
CA ILE Q 171 -52.17 -2.97 -12.21
C ILE Q 171 -52.13 -1.60 -11.53
N TYR Q 172 -50.93 -1.08 -11.35
CA TYR Q 172 -50.63 0.23 -10.82
C TYR Q 172 -50.03 1.09 -11.92
N ASP Q 173 -50.58 2.27 -12.21
CA ASP Q 173 -49.83 3.34 -12.87
C ASP Q 173 -48.86 3.92 -11.86
N LEU Q 174 -47.56 3.95 -12.15
CA LEU Q 174 -46.56 4.36 -11.18
C LEU Q 174 -45.61 5.47 -11.66
N GLY Q 175 -45.21 6.30 -10.71
CA GLY Q 175 -44.49 7.54 -10.97
C GLY Q 175 -42.99 7.36 -11.21
N THR Q 176 -42.35 8.48 -11.52
CA THR Q 176 -40.93 8.55 -11.86
C THR Q 176 -39.99 7.94 -10.82
N LYS Q 177 -40.10 8.33 -9.54
CA LYS Q 177 -39.18 7.89 -8.48
C LYS Q 177 -39.37 6.40 -8.20
N MET Q 178 -40.57 5.89 -8.37
CA MET Q 178 -40.89 4.47 -8.23
C MET Q 178 -40.16 3.64 -9.26
N ILE Q 179 -40.11 4.08 -10.52
CA ILE Q 179 -39.39 3.35 -11.58
C ILE Q 179 -37.90 3.25 -11.23
N GLU Q 180 -37.31 4.34 -10.75
CA GLU Q 180 -35.93 4.30 -10.26
C GLU Q 180 -35.81 3.32 -9.09
N SER Q 181 -36.71 3.39 -8.11
CA SER Q 181 -36.64 2.54 -6.93
C SER Q 181 -36.79 1.06 -7.27
N LEU Q 182 -37.72 0.68 -8.14
CA LEU Q 182 -37.94 -0.71 -8.56
C LEU Q 182 -36.74 -1.29 -9.32
N THR Q 183 -36.07 -0.46 -10.13
CA THR Q 183 -34.91 -0.90 -10.91
C THR Q 183 -33.61 -0.82 -10.12
N LYS Q 184 -33.50 0.03 -9.08
CA LYS Q 184 -32.40 -0.04 -8.10
C LYS Q 184 -32.56 -1.21 -7.14
N ASP Q 185 -33.79 -1.57 -6.76
CA ASP Q 185 -34.07 -2.77 -5.96
C ASP Q 185 -34.19 -4.04 -6.80
N LYS Q 186 -34.07 -3.92 -8.13
CA LYS Q 186 -34.02 -5.04 -9.10
C LYS Q 186 -35.16 -6.03 -8.93
N VAL Q 187 -36.41 -5.56 -8.86
CA VAL Q 187 -37.56 -6.48 -8.89
C VAL Q 187 -37.71 -7.09 -10.28
N GLN Q 188 -38.17 -8.33 -10.32
CA GLN Q 188 -38.47 -9.08 -11.53
C GLN Q 188 -39.77 -9.86 -11.35
N ALA Q 189 -40.37 -10.34 -12.44
CA ALA Q 189 -41.57 -11.17 -12.36
C ALA Q 189 -41.42 -12.31 -11.35
N GLY Q 190 -42.47 -12.59 -10.58
CA GLY Q 190 -42.51 -13.66 -9.60
C GLY Q 190 -41.84 -13.36 -8.26
N ASP Q 191 -41.17 -12.22 -8.09
CA ASP Q 191 -40.85 -11.71 -6.75
C ASP Q 191 -42.14 -11.43 -5.97
N VAL Q 192 -42.08 -11.54 -4.65
CA VAL Q 192 -43.15 -11.09 -3.74
C VAL Q 192 -42.65 -9.86 -3.03
N ILE Q 193 -43.45 -8.80 -3.04
CA ILE Q 193 -43.05 -7.50 -2.53
C ILE Q 193 -44.14 -6.87 -1.68
N THR Q 194 -43.71 -5.92 -0.86
CA THR Q 194 -44.57 -5.01 -0.14
C THR Q 194 -44.05 -3.60 -0.32
N ILE Q 195 -44.96 -2.64 -0.22
CA ILE Q 195 -44.64 -1.22 -0.32
C ILE Q 195 -45.55 -0.52 0.66
N ASP Q 196 -44.99 0.15 1.65
CA ASP Q 196 -45.74 1.05 2.51
C ASP Q 196 -46.16 2.26 1.66
N LYS Q 197 -47.44 2.41 1.29
CA LYS Q 197 -47.79 3.48 0.33
C LYS Q 197 -47.55 4.87 0.91
N ALA Q 198 -47.72 5.05 2.21
CA ALA Q 198 -47.49 6.34 2.85
C ALA Q 198 -46.03 6.82 2.71
N THR Q 199 -45.08 5.91 2.50
CA THR Q 199 -43.65 6.23 2.44
C THR Q 199 -42.98 5.82 1.13
N GLY Q 200 -43.62 4.98 0.32
CA GLY Q 200 -43.12 4.51 -0.98
C GLY Q 200 -41.93 3.53 -0.92
N LYS Q 201 -41.48 3.13 0.27
CA LYS Q 201 -40.36 2.21 0.47
C LYS Q 201 -40.75 0.79 0.06
N ILE Q 202 -40.09 0.25 -0.97
CA ILE Q 202 -40.24 -1.14 -1.40
C ILE Q 202 -39.60 -2.08 -0.39
N SER Q 203 -40.05 -3.32 -0.34
CA SER Q 203 -39.40 -4.38 0.41
C SER Q 203 -39.69 -5.74 -0.22
N LYS Q 204 -38.69 -6.39 -0.83
CA LYS Q 204 -38.80 -7.78 -1.30
C LYS Q 204 -38.99 -8.71 -0.10
N LEU Q 205 -39.91 -9.66 -0.19
CA LEU Q 205 -40.05 -10.74 0.80
C LEU Q 205 -39.41 -12.05 0.33
N GLY Q 206 -39.33 -12.27 -0.99
CA GLY Q 206 -38.86 -13.52 -1.57
C GLY Q 206 -39.34 -13.69 -3.00
N ARG Q 207 -39.38 -14.93 -3.48
CA ARG Q 207 -39.98 -15.33 -4.75
C ARG Q 207 -41.11 -16.31 -4.52
N SER Q 208 -42.12 -16.29 -5.36
CA SER Q 208 -43.31 -17.12 -5.18
C SER Q 208 -42.96 -18.62 -5.26
N PHE Q 209 -43.53 -19.50 -4.43
CA PHE Q 209 -43.35 -20.95 -4.61
C PHE Q 209 -43.77 -21.42 -6.01
N THR Q 210 -44.77 -20.78 -6.61
CA THR Q 210 -45.20 -21.04 -8.00
C THR Q 210 -44.10 -20.76 -9.04
N ARG Q 211 -43.02 -20.11 -8.62
CA ARG Q 211 -41.89 -19.67 -9.44
C ARG Q 211 -40.58 -20.39 -9.06
N ALA Q 212 -40.61 -21.40 -8.19
CA ALA Q 212 -39.42 -22.09 -7.67
C ALA Q 212 -38.70 -23.03 -8.66
N ARG Q 213 -38.63 -22.65 -9.94
CA ARG Q 213 -38.07 -23.45 -11.02
C ARG Q 213 -37.58 -22.67 -12.24
N ASP Q 214 -37.85 -21.38 -12.34
CA ASP Q 214 -37.36 -20.58 -13.48
C ASP Q 214 -35.85 -20.25 -13.41
N TYR Q 215 -35.17 -20.74 -12.38
CA TYR Q 215 -33.72 -20.84 -12.25
C TYR Q 215 -33.36 -22.22 -11.68
N ASP Q 216 -32.12 -22.68 -11.86
CA ASP Q 216 -31.65 -23.93 -11.25
C ASP Q 216 -30.26 -23.82 -10.58
N ALA Q 217 -29.75 -22.61 -10.40
CA ALA Q 217 -28.83 -22.28 -9.32
C ALA Q 217 -29.12 -20.83 -8.85
N MET Q 218 -29.19 -20.60 -7.54
CA MET Q 218 -29.85 -19.41 -6.99
C MET Q 218 -29.08 -18.74 -5.86
N GLY Q 219 -29.11 -17.40 -5.81
CA GLY Q 219 -28.32 -16.59 -4.89
C GLY Q 219 -28.58 -16.87 -3.41
N SER Q 220 -27.56 -16.65 -2.59
CA SER Q 220 -27.48 -17.10 -1.19
C SER Q 220 -28.53 -16.48 -0.26
N GLN Q 221 -29.14 -15.35 -0.66
CA GLN Q 221 -30.22 -14.70 0.08
C GLN Q 221 -31.55 -14.63 -0.70
N THR Q 222 -31.75 -15.50 -1.70
CA THR Q 222 -33.11 -15.82 -2.17
C THR Q 222 -33.87 -16.61 -1.12
N LYS Q 223 -35.18 -16.38 -1.03
CA LYS Q 223 -36.09 -17.13 -0.17
C LYS Q 223 -37.41 -17.33 -0.89
N PHE Q 224 -38.01 -18.50 -0.79
CA PHE Q 224 -39.28 -18.79 -1.42
C PHE Q 224 -40.42 -18.71 -0.43
N VAL Q 225 -41.50 -18.04 -0.81
CA VAL Q 225 -42.64 -17.73 0.05
C VAL Q 225 -43.96 -17.96 -0.69
N GLN Q 226 -45.04 -18.16 0.05
CA GLN Q 226 -46.37 -18.26 -0.55
C GLN Q 226 -46.75 -16.94 -1.22
N CYS Q 227 -47.50 -16.99 -2.33
CA CYS Q 227 -48.10 -15.80 -2.90
C CYS Q 227 -49.12 -15.21 -1.91
N PRO Q 228 -49.05 -13.94 -1.54
CA PRO Q 228 -49.95 -13.35 -0.55
C PRO Q 228 -51.42 -13.52 -0.86
N ASP Q 229 -52.27 -13.35 0.14
CA ASP Q 229 -53.72 -13.58 0.06
C ASP Q 229 -54.53 -12.47 0.76
N GLY Q 230 -55.84 -12.45 0.52
CA GLY Q 230 -56.75 -11.39 0.94
C GLY Q 230 -56.69 -10.16 0.03
N GLU Q 231 -57.07 -8.99 0.54
CA GLU Q 231 -57.01 -7.75 -0.24
C GLU Q 231 -55.57 -7.29 -0.48
N LEU Q 232 -55.31 -6.66 -1.62
CA LEU Q 232 -53.97 -6.34 -2.09
C LEU Q 232 -53.35 -5.09 -1.46
N GLN Q 233 -54.14 -4.09 -1.10
CA GLN Q 233 -53.68 -2.84 -0.49
C GLN Q 233 -54.41 -2.61 0.84
N LYS Q 234 -54.15 -3.48 1.81
CA LYS Q 234 -54.84 -3.52 3.11
C LYS Q 234 -54.72 -2.17 3.81
N ARG Q 235 -55.83 -1.48 4.09
CA ARG Q 235 -55.86 -0.21 4.84
C ARG Q 235 -56.42 -0.46 6.23
N LYS Q 236 -55.60 -0.34 7.27
CA LYS Q 236 -56.00 -0.65 8.66
C LYS Q 236 -55.15 0.09 9.68
N GLU Q 237 -55.71 0.33 10.87
CA GLU Q 237 -54.90 0.64 12.05
C GLU Q 237 -54.35 -0.64 12.67
N VAL Q 238 -53.15 -0.57 13.23
CA VAL Q 238 -52.53 -1.65 14.00
C VAL Q 238 -51.98 -1.08 15.29
N VAL Q 239 -52.25 -1.74 16.42
CA VAL Q 239 -51.60 -1.37 17.67
C VAL Q 239 -50.18 -1.89 17.72
N HIS Q 240 -49.31 -1.18 18.40
CA HIS Q 240 -47.95 -1.62 18.69
C HIS Q 240 -47.68 -1.46 20.18
N THR Q 241 -46.95 -2.39 20.77
CA THR Q 241 -46.42 -2.22 22.13
C THR Q 241 -44.93 -2.08 22.03
N VAL Q 242 -44.38 -1.02 22.59
CA VAL Q 242 -42.94 -0.75 22.59
C VAL Q 242 -42.51 -0.62 24.03
N SER Q 243 -41.56 -1.43 24.49
CA SER Q 243 -41.07 -1.25 25.85
C SER Q 243 -40.26 0.04 25.92
N LEU Q 244 -40.43 0.82 26.98
CA LEU Q 244 -39.91 2.17 27.09
C LEU Q 244 -38.41 2.21 26.90
N HIS Q 245 -37.71 1.16 27.31
CA HIS Q 245 -36.30 0.94 27.00
C HIS Q 245 -35.99 1.06 25.53
N GLU Q 246 -36.79 0.51 24.63
CA GLU Q 246 -36.48 0.61 23.20
C GLU Q 246 -36.49 2.05 22.73
N ILE Q 247 -37.40 2.89 23.21
CA ILE Q 247 -37.41 4.30 22.86
C ILE Q 247 -36.14 4.99 23.37
N ASP Q 248 -35.62 4.60 24.53
CA ASP Q 248 -34.36 5.12 25.03
C ASP Q 248 -33.18 4.64 24.18
N VAL Q 249 -33.12 3.36 23.81
CA VAL Q 249 -32.01 2.81 23.02
C VAL Q 249 -31.98 3.44 21.65
N ILE Q 250 -33.12 3.55 20.97
CA ILE Q 250 -33.23 4.12 19.63
C ILE Q 250 -32.72 5.57 19.59
N ASN Q 251 -32.85 6.30 20.69
CA ASN Q 251 -32.38 7.68 20.80
C ASN Q 251 -30.97 7.82 21.37
N SER Q 252 -30.30 6.73 21.76
CA SER Q 252 -28.95 6.81 22.34
C SER Q 252 -27.86 7.14 21.32
N ARG Q 253 -27.99 6.67 20.08
CA ARG Q 253 -27.10 6.93 18.94
C ARG Q 253 -27.82 6.68 17.62
N THR Q 254 -27.30 7.17 16.50
CA THR Q 254 -28.09 7.33 15.26
C THR Q 254 -28.72 6.03 14.74
N GLN Q 255 -27.96 4.95 14.66
CA GLN Q 255 -28.46 3.61 14.35
C GLN Q 255 -28.57 2.76 15.62
N GLY Q 256 -29.13 3.35 16.67
CA GLY Q 256 -29.19 2.72 17.99
C GLY Q 256 -30.01 1.45 18.03
N PHE Q 257 -30.97 1.25 17.14
CA PHE Q 257 -31.78 0.03 17.14
C PHE Q 257 -30.97 -1.25 16.93
N LEU Q 258 -29.85 -1.19 16.22
CA LEU Q 258 -28.95 -2.35 16.09
C LEU Q 258 -28.42 -2.80 17.45
N ALA Q 259 -28.31 -1.88 18.40
CA ALA Q 259 -27.89 -2.16 19.76
C ALA Q 259 -29.01 -2.71 20.64
N LEU Q 260 -30.26 -2.77 20.18
CA LEU Q 260 -31.29 -3.56 20.85
C LEU Q 260 -30.86 -5.02 20.81
N PHE Q 261 -30.65 -5.56 19.62
CA PHE Q 261 -30.30 -6.95 19.40
C PHE Q 261 -28.87 -7.26 19.83
N SER Q 262 -27.90 -6.43 19.46
CA SER Q 262 -26.49 -6.66 19.78
C SER Q 262 -26.16 -6.63 21.27
N GLY Q 263 -27.01 -6.03 22.10
CA GLY Q 263 -26.68 -5.66 23.49
C GLY Q 263 -25.64 -4.55 23.63
N ASP Q 264 -25.12 -4.07 22.51
CA ASP Q 264 -23.99 -3.14 22.35
C ASP Q 264 -24.35 -1.69 22.70
N THR Q 265 -25.03 -1.47 23.82
CA THR Q 265 -25.34 -0.15 24.33
C THR Q 265 -25.26 -0.15 25.84
N GLY Q 266 -24.81 0.96 26.39
CA GLY Q 266 -24.63 1.12 27.81
C GLY Q 266 -24.49 2.58 28.13
N GLU Q 267 -24.75 2.95 29.38
CA GLU Q 267 -24.53 4.30 29.87
C GLU Q 267 -25.33 5.33 29.04
N ILE Q 268 -26.59 5.01 28.70
CA ILE Q 268 -27.49 5.94 28.02
C ILE Q 268 -27.69 7.19 28.88
N LYS Q 269 -27.53 8.36 28.27
CA LYS Q 269 -27.46 9.65 28.97
C LYS Q 269 -28.75 9.94 29.73
N SER Q 270 -28.68 10.45 30.94
CA SER Q 270 -29.87 10.83 31.72
C SER Q 270 -30.73 11.86 31.00
N GLU Q 271 -30.13 12.76 30.23
CA GLU Q 271 -30.86 13.73 29.42
C GLU Q 271 -31.68 13.10 28.29
N VAL Q 272 -31.32 11.90 27.80
CA VAL Q 272 -32.17 11.14 26.88
C VAL Q 272 -33.33 10.54 27.65
N ARG Q 273 -33.09 9.84 28.74
CA ARG Q 273 -34.20 9.20 29.47
C ARG Q 273 -35.22 10.21 29.96
N GLU Q 274 -34.80 11.35 30.52
CA GLU Q 274 -35.76 12.35 30.99
C GLU Q 274 -36.46 13.08 29.83
N GLN Q 275 -35.88 13.12 28.63
CA GLN Q 275 -36.60 13.54 27.42
C GLN Q 275 -37.67 12.52 27.05
N ILE Q 276 -37.37 11.22 27.04
CA ILE Q 276 -38.39 10.20 26.74
C ILE Q 276 -39.52 10.24 27.77
N ASN Q 277 -39.24 10.43 29.06
CA ASN Q 277 -40.30 10.58 30.05
C ASN Q 277 -41.23 11.75 29.71
N ALA Q 278 -40.68 12.92 29.42
CA ALA Q 278 -41.47 14.08 29.09
C ALA Q 278 -42.29 13.87 27.82
N LYS Q 279 -41.70 13.22 26.80
CA LYS Q 279 -42.39 12.93 25.54
C LYS Q 279 -43.47 11.88 25.69
N VAL Q 280 -43.22 10.78 26.40
CA VAL Q 280 -44.23 9.75 26.63
C VAL Q 280 -45.33 10.25 27.54
N ALA Q 281 -45.03 11.11 28.51
CA ALA Q 281 -46.05 11.83 29.25
C ALA Q 281 -46.89 12.72 28.33
N GLU Q 282 -46.26 13.47 27.43
CA GLU Q 282 -46.97 14.27 26.44
C GLU Q 282 -47.88 13.41 25.54
N TRP Q 283 -47.46 12.21 25.13
CA TRP Q 283 -48.33 11.33 24.36
C TRP Q 283 -49.54 10.84 25.15
N ARG Q 284 -49.42 10.46 26.42
CA ARG Q 284 -50.63 10.07 27.18
C ARG Q 284 -51.53 11.25 27.50
N GLU Q 285 -50.98 12.46 27.57
CA GLU Q 285 -51.77 13.68 27.74
C GLU Q 285 -52.56 14.00 26.46
N GLU Q 286 -51.93 13.86 25.29
CA GLU Q 286 -52.58 13.95 23.99
C GLU Q 286 -53.48 12.73 23.68
N GLY Q 287 -53.39 11.66 24.46
CA GLY Q 287 -54.14 10.42 24.23
C GLY Q 287 -53.62 9.56 23.09
N LYS Q 288 -52.45 9.89 22.52
CA LYS Q 288 -51.80 9.17 21.42
C LYS Q 288 -51.29 7.78 21.78
N ALA Q 289 -50.86 7.59 23.02
CA ALA Q 289 -50.30 6.35 23.52
C ALA Q 289 -50.65 6.18 24.99
N GLU Q 290 -50.71 4.95 25.47
CA GLU Q 290 -50.97 4.67 26.88
C GLU Q 290 -49.86 3.82 27.49
N ILE Q 291 -49.56 4.04 28.76
CA ILE Q 291 -48.42 3.43 29.42
C ILE Q 291 -48.95 2.24 30.20
N ILE Q 292 -48.58 1.04 29.79
CA ILE Q 292 -48.90 -0.25 30.41
C ILE Q 292 -47.74 -0.60 31.35
N PRO Q 293 -47.87 -0.42 32.67
CA PRO Q 293 -46.78 -0.72 33.57
C PRO Q 293 -46.74 -2.23 33.80
N GLY Q 294 -45.64 -2.86 33.45
CA GLY Q 294 -45.44 -4.28 33.69
C GLY Q 294 -44.85 -4.58 35.06
N VAL Q 295 -44.16 -5.70 35.16
CA VAL Q 295 -43.43 -6.14 36.34
C VAL Q 295 -41.96 -6.26 36.04
N LEU Q 296 -41.08 -5.99 36.99
CA LEU Q 296 -39.70 -6.47 36.95
C LEU Q 296 -39.55 -7.52 38.04
N PHE Q 297 -39.20 -8.75 37.68
CA PHE Q 297 -38.93 -9.80 38.65
C PHE Q 297 -37.44 -10.03 38.76
N ILE Q 298 -36.89 -9.82 39.95
CA ILE Q 298 -35.49 -10.11 40.26
C ILE Q 298 -35.45 -11.34 41.14
N ASP Q 299 -35.31 -12.51 40.52
CA ASP Q 299 -35.05 -13.72 41.28
C ASP Q 299 -33.68 -13.60 41.93
N GLU Q 300 -33.46 -14.22 43.07
CA GLU Q 300 -32.20 -14.15 43.79
C GLU Q 300 -31.73 -12.71 44.02
N VAL Q 301 -32.62 -11.81 44.44
CA VAL Q 301 -32.27 -10.40 44.59
C VAL Q 301 -31.18 -10.16 45.62
N HIS Q 302 -30.93 -11.07 46.55
CA HIS Q 302 -29.81 -10.96 47.49
C HIS Q 302 -28.42 -10.90 46.84
N MET Q 303 -28.29 -11.20 45.54
CA MET Q 303 -27.04 -10.97 44.81
C MET Q 303 -26.77 -9.51 44.45
N LEU Q 304 -27.75 -8.62 44.53
CA LEU Q 304 -27.57 -7.20 44.29
C LEU Q 304 -26.54 -6.64 45.28
N ASP Q 305 -25.64 -5.81 44.78
CA ASP Q 305 -24.61 -5.14 45.57
C ASP Q 305 -25.22 -4.00 46.42
N ILE Q 306 -24.61 -3.57 47.52
CA ILE Q 306 -25.10 -2.40 48.26
C ILE Q 306 -25.24 -1.15 47.40
N GLU Q 307 -24.31 -0.91 46.48
CA GLU Q 307 -24.37 0.17 45.50
C GLU Q 307 -25.53 0.05 44.53
N SER Q 308 -26.16 -1.11 44.41
CA SER Q 308 -27.31 -1.33 43.55
C SER Q 308 -28.62 -1.35 44.31
N PHE Q 309 -28.66 -1.85 45.55
CA PHE Q 309 -29.83 -1.67 46.41
C PHE Q 309 -30.08 -0.18 46.66
N SER Q 310 -29.04 0.56 46.98
CA SER Q 310 -29.14 2.02 47.12
C SER Q 310 -29.59 2.73 45.84
N PHE Q 311 -29.40 2.16 44.65
CA PHE Q 311 -30.05 2.69 43.45
C PHE Q 311 -31.54 2.35 43.43
N LEU Q 312 -31.95 1.12 43.76
CA LEU Q 312 -33.37 0.75 43.81
C LEU Q 312 -34.18 1.70 44.70
N ASN Q 313 -33.59 2.22 45.77
CA ASN Q 313 -34.25 3.20 46.62
C ASN Q 313 -34.81 4.39 45.85
N ARG Q 314 -34.02 5.07 45.00
CA ARG Q 314 -34.56 6.15 44.14
C ARG Q 314 -35.21 5.64 42.86
N ALA Q 315 -34.93 4.42 42.42
CA ALA Q 315 -35.62 3.87 41.26
C ALA Q 315 -37.11 3.64 41.55
N LEU Q 316 -37.48 3.19 42.74
CA LEU Q 316 -38.85 2.95 43.20
C LEU Q 316 -39.69 4.25 43.40
N GLU Q 317 -39.34 5.36 42.76
CA GLU Q 317 -40.01 6.65 42.97
C GLU Q 317 -40.35 7.42 41.69
N SER Q 318 -39.95 6.94 40.51
CA SER Q 318 -40.41 7.52 39.24
C SER Q 318 -41.85 7.12 38.95
N ASP Q 319 -42.68 8.00 38.41
CA ASP Q 319 -44.01 7.62 37.94
C ASP Q 319 -43.98 6.65 36.74
N MET Q 320 -42.81 6.31 36.20
CA MET Q 320 -42.64 5.16 35.32
C MET Q 320 -41.54 4.19 35.76
N ALA Q 321 -41.52 3.90 37.06
CA ALA Q 321 -41.02 2.63 37.58
C ALA Q 321 -42.06 1.51 37.39
N PRO Q 322 -41.66 0.26 37.11
CA PRO Q 322 -42.53 -0.91 37.13
C PRO Q 322 -43.04 -1.20 38.53
N VAL Q 323 -43.91 -2.19 38.67
CA VAL Q 323 -44.01 -2.91 39.95
C VAL Q 323 -42.85 -3.87 40.04
N LEU Q 324 -42.09 -3.88 41.13
CA LEU Q 324 -41.05 -4.88 41.34
C LEU Q 324 -41.59 -6.09 42.06
N ILE Q 325 -41.07 -7.25 41.70
CA ILE Q 325 -41.16 -8.45 42.49
C ILE Q 325 -39.76 -8.96 42.65
N MET Q 326 -39.45 -9.50 43.81
CA MET Q 326 -38.14 -10.05 44.09
C MET Q 326 -38.34 -11.39 44.75
N ALA Q 327 -37.40 -12.30 44.61
CA ALA Q 327 -37.39 -13.51 45.41
C ALA Q 327 -36.11 -13.57 46.22
N THR Q 328 -36.15 -14.09 47.43
CA THR Q 328 -34.95 -14.27 48.25
C THR Q 328 -35.12 -15.36 49.29
N ASN Q 329 -33.98 -15.86 49.74
CA ASN Q 329 -33.77 -17.18 50.26
C ASN Q 329 -32.60 -17.12 51.26
N ARG Q 330 -32.62 -16.11 52.13
CA ARG Q 330 -31.50 -15.73 53.01
C ARG Q 330 -32.01 -15.39 54.40
N GLY Q 331 -31.32 -15.86 55.43
CA GLY Q 331 -31.61 -15.48 56.81
C GLY Q 331 -31.14 -14.07 57.10
N ILE Q 332 -30.97 -13.70 58.37
CA ILE Q 332 -30.20 -12.50 58.69
C ILE Q 332 -28.76 -12.74 58.22
N THR Q 333 -28.32 -12.01 57.19
CA THR Q 333 -27.15 -12.34 56.36
C THR Q 333 -26.40 -11.09 55.94
N ARG Q 334 -25.11 -11.21 55.63
CA ARG Q 334 -24.26 -10.09 55.22
C ARG Q 334 -24.66 -9.51 53.87
N ILE Q 335 -24.99 -8.22 53.81
CA ILE Q 335 -25.28 -7.51 52.56
C ILE Q 335 -24.02 -7.50 51.70
N ARG Q 336 -24.13 -7.87 50.42
CA ARG Q 336 -22.97 -7.91 49.51
C ARG Q 336 -22.30 -6.55 49.38
N GLY Q 337 -20.97 -6.54 49.36
CA GLY Q 337 -20.17 -5.33 49.33
C GLY Q 337 -20.03 -4.62 50.68
N THR Q 338 -20.42 -5.26 51.79
CA THR Q 338 -20.33 -4.69 53.14
C THR Q 338 -19.96 -5.72 54.21
N SER Q 339 -19.67 -5.23 55.41
CA SER Q 339 -19.56 -6.01 56.65
C SER Q 339 -20.92 -6.26 57.34
N TYR Q 340 -22.03 -5.69 56.86
CA TYR Q 340 -23.24 -5.53 57.67
C TYR Q 340 -24.23 -6.68 57.48
N GLN Q 341 -24.64 -7.31 58.58
CA GLN Q 341 -25.74 -8.26 58.60
C GLN Q 341 -27.08 -7.52 58.48
N SER Q 342 -28.05 -8.06 57.74
CA SER Q 342 -29.42 -7.57 57.72
C SER Q 342 -30.41 -8.67 57.35
N PRO Q 343 -31.72 -8.52 57.60
CA PRO Q 343 -32.72 -9.45 57.12
C PRO Q 343 -32.61 -9.64 55.61
N HIS Q 344 -32.85 -10.84 55.11
CA HIS Q 344 -32.83 -11.16 53.68
C HIS Q 344 -31.53 -10.82 52.92
N GLY Q 345 -30.49 -10.33 53.57
CA GLY Q 345 -29.33 -9.78 52.87
C GLY Q 345 -29.64 -8.49 52.11
N ILE Q 346 -30.74 -7.81 52.43
CA ILE Q 346 -31.19 -6.57 51.79
C ILE Q 346 -31.08 -5.41 52.81
N PRO Q 347 -30.63 -4.21 52.45
CA PRO Q 347 -30.59 -3.08 53.37
C PRO Q 347 -31.94 -2.75 53.96
N ILE Q 348 -31.99 -2.32 55.23
CA ILE Q 348 -33.24 -1.87 55.85
C ILE Q 348 -33.84 -0.68 55.10
N ASP Q 349 -33.02 0.22 54.53
CA ASP Q 349 -33.49 1.38 53.76
C ASP Q 349 -34.19 1.02 52.44
N LEU Q 350 -34.13 -0.25 52.00
CA LEU Q 350 -34.96 -0.80 50.94
C LEU Q 350 -36.10 -1.64 51.52
N LEU Q 351 -35.83 -2.46 52.54
CA LEU Q 351 -36.81 -3.42 53.04
C LEU Q 351 -38.12 -2.80 53.55
N ASP Q 352 -38.16 -1.53 53.95
CA ASP Q 352 -39.42 -0.88 54.31
C ASP Q 352 -40.13 -0.23 53.11
N ARG Q 353 -39.47 -0.03 51.97
CA ARG Q 353 -40.12 0.29 50.69
C ARG Q 353 -40.80 -0.94 50.11
N LEU Q 354 -40.17 -2.09 50.29
CA LEU Q 354 -40.72 -3.41 49.98
C LEU Q 354 -41.93 -3.70 50.85
N LEU Q 355 -42.67 -4.72 50.45
CA LEU Q 355 -43.81 -5.25 51.17
C LEU Q 355 -43.71 -6.78 51.14
N ILE Q 356 -43.29 -7.40 52.23
CA ILE Q 356 -42.76 -8.77 52.22
C ILE Q 356 -43.90 -9.79 52.16
N VAL Q 357 -43.77 -10.80 51.32
CA VAL Q 357 -44.68 -11.95 51.24
C VAL Q 357 -43.94 -13.20 51.68
N SER Q 358 -44.48 -13.92 52.66
CA SER Q 358 -43.75 -15.02 53.29
C SER Q 358 -44.29 -16.38 52.84
N THR Q 359 -43.44 -17.21 52.23
CA THR Q 359 -43.80 -18.60 51.87
C THR Q 359 -43.49 -19.57 53.00
N THR Q 360 -44.23 -20.67 53.05
CA THR Q 360 -44.26 -21.62 54.19
C THR Q 360 -43.90 -23.04 53.72
N PRO Q 361 -43.15 -23.84 54.49
CA PRO Q 361 -42.87 -25.23 54.15
C PRO Q 361 -44.13 -26.07 53.90
N TYR Q 362 -44.03 -27.08 53.05
CA TYR Q 362 -45.15 -27.95 52.71
C TYR Q 362 -45.40 -29.07 53.72
N SER Q 363 -46.67 -29.37 53.96
CA SER Q 363 -47.12 -30.59 54.62
C SER Q 363 -47.03 -31.79 53.67
N GLU Q 364 -47.15 -33.00 54.21
CA GLU Q 364 -47.26 -34.22 53.40
C GLU Q 364 -48.45 -34.13 52.42
N LYS Q 365 -49.59 -33.59 52.88
CA LYS Q 365 -50.82 -33.40 52.09
C LYS Q 365 -50.55 -32.58 50.81
N ASP Q 366 -49.78 -31.51 50.93
CA ASP Q 366 -49.43 -30.65 49.80
C ASP Q 366 -48.35 -31.28 48.95
N THR Q 367 -47.33 -31.89 49.57
CA THR Q 367 -46.22 -32.54 48.85
C THR Q 367 -46.72 -33.67 47.95
N LYS Q 368 -47.80 -34.37 48.30
CA LYS Q 368 -48.48 -35.29 47.38
C LYS Q 368 -48.97 -34.57 46.14
N GLN Q 369 -49.82 -33.56 46.30
CA GLN Q 369 -50.52 -32.94 45.18
C GLN Q 369 -49.56 -32.31 44.18
N ILE Q 370 -48.49 -31.68 44.65
CA ILE Q 370 -47.46 -31.13 43.77
C ILE Q 370 -46.71 -32.22 43.00
N LEU Q 371 -46.36 -33.35 43.62
CA LEU Q 371 -45.73 -34.45 42.89
C LEU Q 371 -46.69 -35.09 41.89
N ARG Q 372 -47.99 -35.20 42.20
CA ARG Q 372 -49.00 -35.61 41.22
C ARG Q 372 -49.06 -34.65 40.04
N ILE Q 373 -49.05 -33.33 40.28
CA ILE Q 373 -49.10 -32.34 39.20
C ILE Q 373 -47.82 -32.37 38.36
N ARG Q 374 -46.64 -32.54 38.94
CA ARG Q 374 -45.44 -32.74 38.13
C ARG Q 374 -45.50 -34.02 37.30
N CYS Q 375 -46.05 -35.12 37.81
CA CYS Q 375 -46.22 -36.32 37.00
C CYS Q 375 -47.23 -36.12 35.87
N GLU Q 376 -48.31 -35.37 36.13
CA GLU Q 376 -49.29 -35.01 35.12
C GLU Q 376 -48.65 -34.15 34.01
N GLU Q 377 -47.74 -33.25 34.35
CA GLU Q 377 -46.96 -32.48 33.38
C GLU Q 377 -45.95 -33.34 32.62
N GLU Q 378 -45.18 -34.18 33.30
CA GLU Q 378 -44.15 -35.02 32.67
C GLU Q 378 -44.71 -36.22 31.89
N ASP Q 379 -46.03 -36.43 31.87
CA ASP Q 379 -46.70 -37.57 31.26
C ASP Q 379 -46.23 -38.91 31.86
N VAL Q 380 -46.41 -39.05 33.18
CA VAL Q 380 -45.97 -40.18 33.99
C VAL Q 380 -47.10 -40.71 34.87
N GLU Q 381 -47.25 -42.03 34.95
CA GLU Q 381 -48.10 -42.69 35.92
C GLU Q 381 -47.26 -43.34 37.02
N MET Q 382 -47.67 -43.17 38.28
CA MET Q 382 -47.01 -43.77 39.44
C MET Q 382 -48.00 -44.54 40.29
N SER Q 383 -47.58 -45.65 40.88
CA SER Q 383 -48.37 -46.35 41.89
C SER Q 383 -48.61 -45.45 43.12
N GLU Q 384 -49.75 -45.53 43.78
CA GLU Q 384 -50.00 -44.71 44.99
C GLU Q 384 -49.01 -45.00 46.11
N ASP Q 385 -48.53 -46.24 46.19
CA ASP Q 385 -47.44 -46.59 47.09
C ASP Q 385 -46.15 -45.88 46.68
N ALA Q 386 -45.89 -45.75 45.38
CA ALA Q 386 -44.72 -45.02 44.89
C ALA Q 386 -44.83 -43.52 45.21
N TYR Q 387 -45.99 -42.89 45.04
CA TYR Q 387 -46.18 -41.52 45.53
C TYR Q 387 -45.97 -41.45 47.04
N THR Q 388 -46.35 -42.46 47.80
CA THR Q 388 -46.18 -42.46 49.26
C THR Q 388 -44.72 -42.49 49.65
N VAL Q 389 -43.94 -43.42 49.10
CA VAL Q 389 -42.49 -43.51 49.37
C VAL Q 389 -41.75 -42.29 48.84
N LEU Q 390 -42.07 -41.82 47.65
CA LEU Q 390 -41.47 -40.60 47.10
C LEU Q 390 -41.83 -39.37 47.94
N THR Q 391 -43.07 -39.27 48.44
CA THR Q 391 -43.44 -38.14 49.29
C THR Q 391 -42.60 -38.13 50.54
N ARG Q 392 -42.33 -39.28 51.18
CA ARG Q 392 -41.37 -39.29 52.29
C ARG Q 392 -40.00 -38.84 51.86
N ILE Q 393 -39.49 -39.30 50.71
CA ILE Q 393 -38.17 -38.88 50.24
C ILE Q 393 -38.12 -37.36 50.04
N GLY Q 394 -39.15 -36.76 49.45
CA GLY Q 394 -39.25 -35.31 49.25
C GLY Q 394 -39.43 -34.53 50.55
N LEU Q 395 -40.14 -35.11 51.52
CA LEU Q 395 -40.34 -34.50 52.84
C LEU Q 395 -39.08 -34.59 53.71
N GLU Q 396 -38.34 -35.69 53.64
CA GLU Q 396 -37.12 -35.94 54.41
C GLU Q 396 -35.89 -35.22 53.84
N THR Q 397 -35.69 -35.25 52.53
CA THR Q 397 -34.53 -34.63 51.88
C THR Q 397 -34.85 -33.21 51.41
N SER Q 398 -35.56 -33.06 50.30
CA SER Q 398 -35.97 -31.79 49.73
C SER Q 398 -37.02 -32.00 48.65
N LEU Q 399 -38.03 -31.13 48.55
CA LEU Q 399 -39.04 -31.23 47.50
C LEU Q 399 -38.40 -31.26 46.11
N ARG Q 400 -37.43 -30.38 45.83
CA ARG Q 400 -36.82 -30.29 44.51
C ARG Q 400 -35.94 -31.49 44.16
N TYR Q 401 -35.63 -32.36 45.12
CA TYR Q 401 -35.05 -33.67 44.84
C TYR Q 401 -36.13 -34.68 44.44
N ALA Q 402 -37.24 -34.77 45.15
CA ALA Q 402 -38.33 -35.65 44.75
C ALA Q 402 -38.91 -35.31 43.36
N ILE Q 403 -39.00 -34.02 43.02
CA ILE Q 403 -39.41 -33.56 41.69
C ILE Q 403 -38.42 -34.00 40.60
N GLN Q 404 -37.19 -34.36 40.93
CA GLN Q 404 -36.22 -34.85 39.97
C GLN Q 404 -36.17 -36.36 39.88
N LEU Q 405 -36.43 -37.08 40.97
CA LEU Q 405 -36.52 -38.54 40.93
C LEU Q 405 -37.61 -39.04 39.99
N ILE Q 406 -38.76 -38.38 39.85
CA ILE Q 406 -39.85 -38.88 39.00
C ILE Q 406 -39.49 -39.03 37.54
N THR Q 407 -38.60 -38.18 37.00
CA THR Q 407 -38.17 -38.36 35.62
C THR Q 407 -37.23 -39.54 35.52
N ALA Q 408 -36.23 -39.60 36.39
CA ALA Q 408 -35.30 -40.71 36.42
C ALA Q 408 -36.02 -42.04 36.67
N ALA Q 409 -37.06 -42.06 37.51
CA ALA Q 409 -37.85 -43.24 37.77
C ALA Q 409 -38.65 -43.65 36.54
N SER Q 410 -39.17 -42.71 35.77
CA SER Q 410 -39.79 -43.02 34.50
C SER Q 410 -38.81 -43.67 33.54
N LEU Q 411 -37.58 -43.17 33.44
CA LEU Q 411 -36.57 -43.68 32.53
C LEU Q 411 -36.07 -45.06 32.94
N VAL Q 412 -35.86 -45.27 34.24
CA VAL Q 412 -35.57 -46.60 34.80
C VAL Q 412 -36.72 -47.57 34.50
N CYS Q 413 -37.96 -47.15 34.67
CA CYS Q 413 -39.14 -47.97 34.41
C CYS Q 413 -39.28 -48.34 32.91
N ARG Q 414 -39.05 -47.38 32.00
CA ARG Q 414 -39.02 -47.61 30.54
C ARG Q 414 -37.90 -48.55 30.13
N LYS Q 415 -36.69 -48.35 30.64
CA LYS Q 415 -35.54 -49.27 30.41
C LYS Q 415 -35.88 -50.69 30.87
N ARG Q 416 -36.57 -50.84 31.99
CA ARG Q 416 -37.05 -52.11 32.53
C ARG Q 416 -38.28 -52.70 31.81
N LYS Q 417 -38.78 -52.05 30.75
CA LYS Q 417 -39.98 -52.44 29.99
C LYS Q 417 -41.28 -52.45 30.81
N GLY Q 418 -41.34 -51.68 31.90
CA GLY Q 418 -42.55 -51.45 32.70
C GLY Q 418 -43.51 -50.46 32.03
N THR Q 419 -44.36 -49.79 32.81
CA THR Q 419 -45.24 -48.73 32.31
C THR Q 419 -45.64 -47.71 33.38
N GLU Q 420 -45.99 -48.16 34.59
CA GLU Q 420 -46.28 -47.32 35.75
C GLU Q 420 -45.16 -47.49 36.78
N VAL Q 421 -44.57 -46.40 37.28
CA VAL Q 421 -43.38 -46.51 38.15
C VAL Q 421 -43.74 -47.14 39.49
N GLN Q 422 -43.01 -48.17 39.87
CA GLN Q 422 -43.23 -48.92 41.10
C GLN Q 422 -42.37 -48.35 42.23
N VAL Q 423 -42.67 -48.70 43.48
CA VAL Q 423 -41.82 -48.34 44.64
C VAL Q 423 -40.37 -48.77 44.42
N ASP Q 424 -40.17 -49.94 43.81
CA ASP Q 424 -38.84 -50.46 43.50
C ASP Q 424 -38.07 -49.58 42.49
N ASP Q 425 -38.75 -48.92 41.57
CA ASP Q 425 -38.11 -48.00 40.65
C ASP Q 425 -37.66 -46.74 41.39
N ILE Q 426 -38.44 -46.22 42.35
CA ILE Q 426 -38.02 -45.09 43.18
C ILE Q 426 -36.77 -45.46 43.97
N LYS Q 427 -36.78 -46.61 44.66
CA LYS Q 427 -35.63 -47.08 45.45
C LYS Q 427 -34.40 -47.31 44.58
N ARG Q 428 -34.57 -47.77 43.35
CA ARG Q 428 -33.48 -47.89 42.37
C ARG Q 428 -32.87 -46.53 42.07
N VAL Q 429 -33.66 -45.53 41.67
CA VAL Q 429 -33.13 -44.19 41.39
C VAL Q 429 -32.47 -43.59 42.63
N TYR Q 430 -33.08 -43.73 43.79
CA TYR Q 430 -32.52 -43.25 45.06
C TYR Q 430 -31.19 -43.94 45.39
N SER Q 431 -30.93 -45.14 44.90
CA SER Q 431 -29.63 -45.79 45.04
C SER Q 431 -28.58 -45.27 44.06
N LEU Q 432 -28.99 -44.62 42.96
CA LEU Q 432 -28.11 -44.07 41.94
C LEU Q 432 -27.77 -42.60 42.18
N PHE Q 433 -28.79 -41.76 42.35
CA PHE Q 433 -28.62 -40.31 42.47
C PHE Q 433 -28.80 -39.87 43.90
N LEU Q 434 -27.76 -39.28 44.48
CA LEU Q 434 -27.76 -38.81 45.85
C LEU Q 434 -28.35 -37.40 45.95
N ASP Q 435 -28.91 -37.07 47.11
CA ASP Q 435 -29.20 -35.69 47.48
C ASP Q 435 -27.96 -35.04 48.13
N GLU Q 436 -28.09 -33.77 48.53
CA GLU Q 436 -27.10 -33.10 49.39
C GLU Q 436 -26.71 -33.95 50.60
N SER Q 437 -27.67 -34.37 51.43
CA SER Q 437 -27.33 -34.91 52.75
C SER Q 437 -26.58 -36.23 52.66
N ARG Q 438 -26.95 -37.15 51.77
CA ARG Q 438 -26.19 -38.39 51.57
C ARG Q 438 -24.85 -38.12 50.91
N SER Q 439 -24.79 -37.21 49.95
CA SER Q 439 -23.53 -36.94 49.26
C SER Q 439 -22.50 -36.30 50.17
N THR Q 440 -22.91 -35.34 51.01
CA THR Q 440 -22.03 -34.77 52.03
C THR Q 440 -21.57 -35.80 53.05
N GLN Q 441 -22.40 -36.77 53.45
CA GLN Q 441 -21.95 -37.85 54.31
C GLN Q 441 -20.83 -38.66 53.64
N TYR Q 442 -21.01 -39.11 52.39
CA TYR Q 442 -19.96 -39.86 51.70
C TYR Q 442 -18.70 -39.04 51.45
N MET Q 443 -18.84 -37.73 51.21
CA MET Q 443 -17.71 -36.80 51.15
C MET Q 443 -16.96 -36.73 52.48
N LYS Q 444 -17.65 -36.68 53.62
CA LYS Q 444 -17.02 -36.69 54.95
C LYS Q 444 -16.36 -38.03 55.31
N GLU Q 445 -16.77 -39.14 54.69
CA GLU Q 445 -16.10 -40.42 54.89
C GLU Q 445 -14.77 -40.49 54.12
N TYR Q 446 -14.77 -40.21 52.81
CA TYR Q 446 -13.59 -40.24 51.93
C TYR Q 446 -12.74 -38.95 52.03
N GLN Q 447 -12.92 -38.14 53.06
CA GLN Q 447 -12.67 -36.70 52.97
C GLN Q 447 -11.27 -36.30 52.50
N ASP Q 448 -10.21 -36.86 53.07
CA ASP Q 448 -8.84 -36.43 52.74
C ASP Q 448 -8.44 -36.68 51.27
N ALA Q 449 -9.23 -37.41 50.49
CA ALA Q 449 -9.02 -37.58 49.06
C ALA Q 449 -9.51 -36.38 48.23
N PHE Q 450 -10.57 -35.69 48.65
CA PHE Q 450 -11.06 -34.48 47.97
C PHE Q 450 -10.09 -33.32 48.19
N LEU Q 451 -10.00 -32.35 47.28
CA LEU Q 451 -9.12 -31.20 47.53
C LEU Q 451 -9.78 -30.13 48.40
N PHE Q 452 -9.02 -29.64 49.38
CA PHE Q 452 -9.34 -28.50 50.24
C PHE Q 452 -10.54 -28.71 51.18
N ASN Q 453 -10.28 -28.75 52.49
CA ASN Q 453 -11.19 -29.31 53.51
C ASN Q 453 -11.72 -30.71 53.10
N LEU R 518 34.74 71.38 -10.84
CA LEU R 518 35.96 70.99 -10.07
C LEU R 518 36.02 71.73 -8.72
N LYS R 519 36.96 71.36 -7.84
CA LYS R 519 37.20 71.97 -6.52
C LYS R 519 38.70 72.20 -6.23
N GLY R 520 39.01 73.07 -5.28
CA GLY R 520 40.37 73.59 -5.03
C GLY R 520 41.46 72.53 -4.86
N TYR R 521 41.23 71.51 -4.04
CA TYR R 521 42.19 70.40 -3.86
C TYR R 521 42.45 69.62 -5.16
N GLN R 522 41.42 69.50 -6.01
CA GLN R 522 41.52 68.90 -7.34
C GLN R 522 42.36 69.79 -8.27
N LEU R 523 42.13 71.11 -8.23
CA LEU R 523 42.84 72.09 -9.05
C LEU R 523 44.32 72.22 -8.66
N LYS R 524 44.64 72.16 -7.36
CA LYS R 524 46.02 71.99 -6.87
C LYS R 524 46.64 70.70 -7.37
N GLY R 525 45.91 69.58 -7.27
CA GLY R 525 46.35 68.30 -7.84
C GLY R 525 46.57 68.36 -9.35
N MET R 526 45.77 69.13 -10.09
CA MET R 526 45.93 69.33 -11.53
C MET R 526 47.16 70.15 -11.90
N ASN R 527 47.45 71.26 -11.22
CA ASN R 527 48.71 71.97 -11.46
C ASN R 527 49.93 71.15 -11.00
N TRP R 528 49.81 70.38 -9.91
CA TRP R 528 50.83 69.41 -9.50
C TRP R 528 51.07 68.35 -10.57
N LEU R 529 50.00 67.77 -11.13
CA LEU R 529 50.07 66.85 -12.27
C LEU R 529 50.75 67.48 -13.48
N ALA R 530 50.37 68.70 -13.87
CA ALA R 530 50.96 69.39 -15.01
C ALA R 530 52.47 69.64 -14.80
N ASN R 531 52.88 70.03 -13.58
CA ASN R 531 54.28 70.16 -13.23
C ASN R 531 55.02 68.82 -13.38
N LEU R 532 54.51 67.73 -12.80
CA LEU R 532 55.16 66.42 -12.95
C LEU R 532 55.14 65.91 -14.39
N TYR R 533 54.08 66.18 -15.17
CA TYR R 533 53.96 65.77 -16.58
C TYR R 533 55.05 66.40 -17.45
N GLU R 534 55.29 67.70 -17.31
CA GLU R 534 56.37 68.39 -18.02
C GLU R 534 57.76 68.05 -17.46
N GLN R 535 57.87 67.81 -16.15
CA GLN R 535 59.13 67.36 -15.53
C GLN R 535 59.47 65.89 -15.85
N GLY R 536 58.53 65.12 -16.42
CA GLY R 536 58.73 63.71 -16.77
C GLY R 536 58.73 62.78 -15.55
N ILE R 537 57.93 63.10 -14.54
CA ILE R 537 57.91 62.40 -13.25
C ILE R 537 56.60 61.61 -13.10
N ASN R 538 56.72 60.30 -12.86
CA ASN R 538 55.61 59.41 -12.54
C ASN R 538 55.17 59.60 -11.09
N GLY R 539 53.90 59.32 -10.74
CA GLY R 539 53.42 59.56 -9.37
C GLY R 539 52.04 58.99 -9.00
N ILE R 540 51.65 59.18 -7.75
CA ILE R 540 50.43 58.61 -7.14
C ILE R 540 49.47 59.71 -6.68
N LEU R 541 48.22 59.70 -7.16
CA LEU R 541 47.15 60.57 -6.66
C LEU R 541 46.47 59.94 -5.44
N ALA R 542 47.23 59.66 -4.39
CA ALA R 542 46.83 58.77 -3.29
C ALA R 542 45.79 59.34 -2.30
N ASP R 543 44.94 60.28 -2.73
CA ASP R 543 43.90 60.89 -1.90
C ASP R 543 42.87 59.85 -1.42
N GLU R 544 42.21 60.09 -0.29
CA GLU R 544 41.26 59.14 0.30
C GLU R 544 40.15 58.74 -0.66
N MET R 545 39.58 57.55 -0.47
CA MET R 545 38.44 57.10 -1.27
C MET R 545 37.24 58.04 -1.11
N GLY R 546 36.63 58.40 -2.22
CA GLY R 546 35.50 59.33 -2.31
C GLY R 546 35.86 60.78 -2.60
N LEU R 547 37.14 61.16 -2.54
CA LEU R 547 37.59 62.51 -2.87
C LEU R 547 37.71 62.74 -4.39
N GLY R 548 37.89 61.69 -5.18
CA GLY R 548 37.46 61.66 -6.58
C GLY R 548 38.56 61.50 -7.64
N LYS R 549 39.38 60.45 -7.57
CA LYS R 549 40.52 60.29 -8.48
C LYS R 549 40.17 60.28 -9.97
N THR R 550 38.97 59.87 -10.43
CA THR R 550 38.65 60.05 -11.86
C THR R 550 38.48 61.53 -12.19
N VAL R 551 37.74 62.30 -11.39
CA VAL R 551 37.56 63.74 -11.61
C VAL R 551 38.87 64.50 -11.46
N GLN R 552 39.73 64.08 -10.53
CA GLN R 552 41.10 64.60 -10.36
C GLN R 552 42.08 64.17 -11.48
N SER R 553 41.66 63.42 -12.51
CA SER R 553 42.53 62.99 -13.60
C SER R 553 41.92 63.09 -15.00
N ILE R 554 40.60 63.07 -15.18
CA ILE R 554 39.94 63.31 -16.48
C ILE R 554 40.28 64.70 -17.03
N ALA R 555 40.44 65.69 -16.15
CA ALA R 555 40.86 67.05 -16.51
C ALA R 555 42.27 67.14 -17.14
N LEU R 556 43.11 66.10 -17.09
CA LEU R 556 44.39 66.06 -17.80
C LEU R 556 44.23 66.36 -19.29
N LEU R 557 43.23 65.78 -19.94
CA LEU R 557 43.02 65.96 -21.38
C LEU R 557 42.70 67.44 -21.72
N ALA R 558 41.95 68.13 -20.86
CA ALA R 558 41.59 69.54 -21.04
C ALA R 558 42.71 70.51 -20.64
N HIS R 559 43.51 70.19 -19.62
CA HIS R 559 44.58 71.05 -19.10
C HIS R 559 45.86 70.94 -19.93
N LEU R 560 46.29 69.72 -20.29
CA LEU R 560 47.40 69.46 -21.21
C LEU R 560 46.91 69.63 -22.66
N ALA R 561 46.50 70.85 -23.00
CA ALA R 561 45.74 71.20 -24.20
C ALA R 561 46.54 71.19 -25.51
N GLU R 562 47.86 70.95 -25.48
CA GLU R 562 48.79 71.17 -26.60
C GLU R 562 48.72 70.11 -27.73
N ARG R 563 47.52 69.60 -28.03
CA ARG R 563 47.15 68.65 -29.09
C ARG R 563 47.86 67.30 -29.10
N GLU R 564 48.89 67.07 -28.28
CA GLU R 564 49.50 65.73 -28.05
C GLU R 564 48.42 64.68 -27.79
N ASN R 565 47.43 65.05 -26.98
CA ASN R 565 46.32 64.21 -26.53
C ASN R 565 45.18 64.06 -27.56
N ILE R 566 45.26 64.78 -28.69
CA ILE R 566 44.40 64.63 -29.87
C ILE R 566 45.11 63.81 -30.96
N TRP R 567 46.44 63.92 -31.09
CA TRP R 567 47.23 63.11 -32.03
C TRP R 567 47.54 61.69 -31.55
N GLY R 568 47.62 61.45 -30.23
CA GLY R 568 47.92 60.15 -29.65
C GLY R 568 47.15 59.84 -28.36
N PRO R 569 46.98 58.54 -28.01
CA PRO R 569 46.05 58.11 -26.98
C PRO R 569 46.59 58.18 -25.55
N PHE R 570 45.70 58.52 -24.61
CA PHE R 570 45.77 58.08 -23.20
C PHE R 570 45.18 56.65 -23.07
N LEU R 571 45.49 55.93 -22.00
CA LEU R 571 44.85 54.64 -21.68
C LEU R 571 44.68 54.44 -20.16
N ILE R 572 43.63 53.72 -19.77
CA ILE R 572 43.27 53.43 -18.38
C ILE R 572 43.25 51.93 -18.09
N ILE R 573 44.06 51.51 -17.11
CA ILE R 573 44.19 50.11 -16.68
C ILE R 573 43.56 49.95 -15.30
N SER R 574 42.59 49.06 -15.17
CA SER R 574 41.64 49.11 -14.06
C SER R 574 40.98 47.75 -13.79
N PRO R 575 40.37 47.55 -12.61
CA PRO R 575 39.65 46.32 -12.31
C PRO R 575 38.25 46.35 -12.93
N ALA R 576 37.74 45.19 -13.35
CA ALA R 576 36.59 45.06 -14.23
C ALA R 576 35.35 45.85 -13.79
N SER R 577 35.07 45.93 -12.49
CA SER R 577 33.91 46.64 -11.96
C SER R 577 33.92 48.15 -12.24
N THR R 578 35.10 48.78 -12.33
CA THR R 578 35.25 50.24 -12.59
C THR R 578 34.94 50.64 -14.04
N LEU R 579 34.84 49.67 -14.94
CA LEU R 579 34.44 49.90 -16.33
C LEU R 579 32.98 50.39 -16.44
N ASN R 580 32.24 50.38 -15.32
CA ASN R 580 31.09 51.23 -15.06
C ASN R 580 31.42 52.71 -15.31
N ASN R 581 31.98 53.40 -14.32
CA ASN R 581 32.00 54.85 -14.32
C ASN R 581 32.94 55.43 -15.38
N TRP R 582 34.04 54.78 -15.74
CA TRP R 582 35.00 55.38 -16.68
C TRP R 582 34.39 55.75 -18.04
N HIS R 583 33.70 54.83 -18.71
CA HIS R 583 33.05 55.09 -20.00
C HIS R 583 31.82 56.02 -19.88
N GLN R 584 31.37 56.32 -18.66
CA GLN R 584 30.31 57.29 -18.40
C GLN R 584 30.88 58.69 -18.11
N GLU R 585 31.88 58.78 -17.25
CA GLU R 585 32.37 60.05 -16.69
C GLU R 585 33.01 60.97 -17.75
N PHE R 586 33.78 60.43 -18.69
CA PHE R 586 34.26 61.23 -19.82
C PHE R 586 33.12 61.94 -20.54
N THR R 587 31.99 61.26 -20.76
CA THR R 587 30.85 61.82 -21.52
C THR R 587 30.10 62.95 -20.80
N ARG R 588 30.29 63.14 -19.48
CA ARG R 588 29.65 64.23 -18.72
C ARG R 588 30.62 65.29 -18.17
N PHE R 589 31.85 64.92 -17.83
CA PHE R 589 32.86 65.86 -17.33
C PHE R 589 33.60 66.57 -18.46
N VAL R 590 34.13 65.83 -19.44
CA VAL R 590 34.93 66.40 -20.55
C VAL R 590 34.66 65.63 -21.87
N PRO R 591 33.45 65.77 -22.47
CA PRO R 591 33.05 65.03 -23.67
C PRO R 591 33.84 65.40 -24.93
N LYS R 592 34.71 66.42 -24.87
CA LYS R 592 35.63 66.83 -25.94
C LYS R 592 36.50 65.67 -26.45
N PHE R 593 36.81 64.70 -25.60
CA PHE R 593 37.69 63.56 -25.89
C PHE R 593 36.87 62.29 -26.02
N LYS R 594 36.99 61.61 -27.16
CA LYS R 594 36.19 60.41 -27.50
C LYS R 594 36.85 59.15 -26.96
N VAL R 595 36.05 58.15 -26.61
CA VAL R 595 36.46 56.99 -25.81
C VAL R 595 35.99 55.67 -26.42
N LEU R 596 36.88 54.67 -26.43
CA LEU R 596 36.63 53.33 -26.96
C LEU R 596 37.13 52.26 -25.96
N PRO R 597 36.27 51.73 -25.07
CA PRO R 597 36.65 50.72 -24.09
C PRO R 597 37.05 49.40 -24.75
N TYR R 598 37.89 48.63 -24.07
CA TYR R 598 38.34 47.31 -24.51
C TYR R 598 37.90 46.25 -23.50
N TRP R 599 36.61 45.89 -23.54
CA TRP R 599 36.00 44.83 -22.72
C TRP R 599 34.75 44.26 -23.41
N GLY R 600 34.33 43.05 -23.02
CA GLY R 600 33.32 42.25 -23.73
C GLY R 600 33.93 41.10 -24.53
N ASN R 601 33.16 40.49 -25.43
CA ASN R 601 33.59 39.27 -26.14
C ASN R 601 34.87 39.47 -26.97
N PRO R 602 35.69 38.42 -27.19
CA PRO R 602 36.92 38.51 -27.97
C PRO R 602 36.71 39.13 -29.36
N HIS R 603 35.67 38.70 -30.06
CA HIS R 603 35.37 39.16 -31.42
C HIS R 603 34.90 40.61 -31.42
N ASP R 604 34.10 40.99 -30.43
CA ASP R 604 33.56 42.35 -30.30
C ASP R 604 34.66 43.35 -29.94
N ARG R 605 35.54 43.02 -28.99
CA ARG R 605 36.67 43.90 -28.66
C ARG R 605 37.65 44.01 -29.83
N LYS R 606 37.89 42.92 -30.58
CA LYS R 606 38.70 42.98 -31.82
C LYS R 606 38.09 43.94 -32.84
N VAL R 607 36.78 43.85 -33.09
CA VAL R 607 36.08 44.73 -34.03
C VAL R 607 36.15 46.21 -33.59
N ILE R 608 36.19 46.50 -32.28
CA ILE R 608 36.52 47.85 -31.82
C ILE R 608 37.99 48.19 -32.11
N ARG R 609 38.94 47.29 -31.77
CA ARG R 609 40.37 47.61 -31.73
C ARG R 609 41.04 47.79 -33.11
N ARG R 610 40.70 46.97 -34.12
CA ARG R 610 41.56 46.84 -35.33
C ARG R 610 41.95 48.17 -35.97
N PHE R 611 41.01 49.11 -36.01
CA PHE R 611 41.16 50.39 -36.68
C PHE R 611 42.09 51.38 -35.94
N TRP R 612 42.68 51.02 -34.80
CA TRP R 612 43.80 51.77 -34.21
C TRP R 612 45.15 51.51 -34.93
N SER R 613 45.21 50.49 -35.80
CA SER R 613 46.37 50.22 -36.66
C SER R 613 46.53 51.23 -37.81
N ALA R 622 41.62 61.78 -35.00
CA ALA R 622 41.29 60.37 -34.72
C ALA R 622 40.29 60.23 -33.56
N PRO R 623 39.52 59.12 -33.48
CA PRO R 623 38.56 58.89 -32.39
C PRO R 623 39.21 58.32 -31.11
N PHE R 624 40.40 57.73 -31.19
CA PHE R 624 41.10 57.11 -30.05
C PHE R 624 41.78 58.12 -29.12
N HIS R 625 41.04 59.03 -28.47
CA HIS R 625 41.63 59.92 -27.46
C HIS R 625 41.96 59.16 -26.18
N VAL R 626 41.06 58.26 -25.74
CA VAL R 626 41.26 57.42 -24.56
C VAL R 626 40.62 56.03 -24.71
N VAL R 627 41.25 55.04 -24.08
CA VAL R 627 40.83 53.62 -24.07
C VAL R 627 40.80 53.13 -22.62
N ILE R 628 39.79 52.33 -22.26
CA ILE R 628 39.55 51.85 -20.88
C ILE R 628 39.64 50.33 -20.82
N THR R 629 40.32 49.75 -19.83
CA THR R 629 40.68 48.32 -19.86
C THR R 629 40.58 47.59 -18.51
N SER R 630 40.22 46.31 -18.59
CA SER R 630 40.32 45.32 -17.52
C SER R 630 41.75 44.79 -17.38
N TYR R 631 42.29 44.70 -16.16
CA TYR R 631 43.59 44.06 -15.91
C TYR R 631 43.68 42.66 -16.54
N GLN R 632 42.67 41.80 -16.35
CA GLN R 632 42.67 40.44 -16.89
C GLN R 632 42.55 40.37 -18.42
N LEU R 633 42.39 41.50 -19.11
CA LEU R 633 42.56 41.60 -20.57
C LEU R 633 43.94 42.11 -20.95
N VAL R 634 44.45 43.17 -20.29
CA VAL R 634 45.80 43.69 -20.57
C VAL R 634 46.90 42.66 -20.28
N VAL R 635 46.72 41.83 -19.26
CA VAL R 635 47.65 40.74 -18.93
C VAL R 635 47.70 39.64 -20.01
N GLN R 636 46.70 39.57 -20.90
CA GLN R 636 46.65 38.60 -22.00
C GLN R 636 47.06 39.20 -23.34
N ASP R 637 46.47 40.32 -23.73
CA ASP R 637 46.55 40.87 -25.09
C ASP R 637 47.80 41.73 -25.33
N VAL R 638 48.94 41.34 -24.73
CA VAL R 638 50.15 42.16 -24.60
C VAL R 638 50.61 42.75 -25.93
N LYS R 639 50.81 41.93 -26.97
CA LYS R 639 51.25 42.39 -28.30
C LYS R 639 50.34 43.48 -28.87
N TYR R 640 49.04 43.31 -28.68
CA TYR R 640 48.00 44.12 -29.31
C TYR R 640 47.79 45.45 -28.59
N PHE R 641 48.17 45.54 -27.32
CA PHE R 641 48.45 46.81 -26.69
C PHE R 641 49.83 47.36 -27.07
N GLN R 642 50.91 46.58 -27.02
CA GLN R 642 52.28 47.07 -27.24
C GLN R 642 52.49 47.72 -28.62
N ARG R 643 51.78 47.28 -29.66
CA ARG R 643 51.92 47.85 -31.01
C ARG R 643 51.43 49.31 -31.15
N VAL R 644 50.65 49.82 -30.19
CA VAL R 644 50.17 51.22 -30.15
C VAL R 644 50.91 52.01 -29.06
N LYS R 645 51.38 53.21 -29.39
CA LYS R 645 52.14 54.07 -28.46
C LYS R 645 51.22 54.86 -27.54
N TRP R 646 50.72 54.21 -26.48
CA TRP R 646 49.99 54.85 -25.37
C TRP R 646 50.90 55.88 -24.72
N GLN R 647 50.63 57.16 -24.91
CA GLN R 647 51.59 58.21 -24.55
C GLN R 647 51.70 58.35 -23.02
N TYR R 648 50.55 58.33 -22.35
CA TYR R 648 50.41 58.60 -20.93
C TYR R 648 49.42 57.62 -20.30
N MET R 649 49.76 57.06 -19.13
CA MET R 649 49.04 55.93 -18.52
C MET R 649 48.34 56.30 -17.21
N VAL R 650 47.07 55.91 -17.11
CA VAL R 650 46.36 55.81 -15.83
C VAL R 650 46.32 54.33 -15.43
N LEU R 651 46.65 54.04 -14.18
CA LEU R 651 46.44 52.72 -13.60
C LEU R 651 45.72 52.85 -12.26
N ASP R 652 44.68 52.04 -12.07
CA ASP R 652 43.54 52.39 -11.22
C ASP R 652 43.13 51.28 -10.25
N GLU R 653 42.53 51.66 -9.12
CA GLU R 653 42.39 50.83 -7.92
C GLU R 653 43.74 50.16 -7.60
N ALA R 654 44.81 50.95 -7.76
CA ALA R 654 46.16 50.49 -8.12
C ALA R 654 46.86 49.54 -7.14
N GLN R 655 46.28 49.24 -5.98
CA GLN R 655 46.76 48.18 -5.08
C GLN R 655 46.92 46.83 -5.79
N ALA R 656 46.27 46.63 -6.94
CA ALA R 656 46.45 45.43 -7.77
C ALA R 656 47.92 45.13 -8.13
N LEU R 657 48.79 46.14 -8.20
CA LEU R 657 50.20 45.94 -8.59
C LEU R 657 51.13 45.73 -7.39
N LYS R 658 50.60 45.56 -6.18
CA LYS R 658 51.41 45.50 -4.95
C LYS R 658 52.30 44.26 -4.80
N SER R 659 52.44 43.38 -5.80
CA SER R 659 53.39 42.27 -5.74
C SER R 659 54.15 42.09 -7.05
N SER R 660 55.48 42.02 -6.96
CA SER R 660 56.37 41.81 -8.10
C SER R 660 56.32 40.39 -8.66
N SER R 661 55.84 39.42 -7.86
CA SER R 661 55.53 38.06 -8.30
C SER R 661 54.34 37.99 -9.26
N SER R 662 53.49 39.01 -9.34
CA SER R 662 52.33 39.02 -10.23
C SER R 662 52.72 39.12 -11.70
N VAL R 663 52.09 38.29 -12.54
CA VAL R 663 52.20 38.41 -14.00
C VAL R 663 51.69 39.78 -14.48
N ARG R 664 50.71 40.38 -13.80
CA ARG R 664 50.33 41.79 -14.01
C ARG R 664 51.54 42.71 -13.93
N TRP R 665 52.26 42.73 -12.80
CA TRP R 665 53.41 43.63 -12.61
C TRP R 665 54.53 43.36 -13.63
N LYS R 666 54.86 42.08 -13.85
CA LYS R 666 55.87 41.64 -14.83
C LYS R 666 55.57 42.12 -16.25
N ILE R 667 54.30 42.13 -16.66
CA ILE R 667 53.89 42.63 -17.97
C ILE R 667 53.80 44.16 -17.99
N LEU R 668 53.12 44.76 -17.02
CA LEU R 668 52.72 46.17 -17.07
C LEU R 668 53.90 47.14 -17.03
N LEU R 669 55.07 46.72 -16.51
CA LEU R 669 56.32 47.49 -16.59
C LEU R 669 56.75 47.84 -18.02
N GLN R 670 56.28 47.11 -19.05
CA GLN R 670 56.91 47.08 -20.37
C GLN R 670 56.28 48.03 -21.41
N PHE R 671 55.10 48.61 -21.15
CA PHE R 671 54.47 49.57 -22.07
C PHE R 671 55.19 50.94 -22.08
N GLN R 672 55.60 51.39 -23.27
CA GLN R 672 56.53 52.52 -23.50
C GLN R 672 55.91 53.92 -23.31
N CYS R 673 54.99 54.10 -22.38
CA CYS R 673 54.45 55.40 -21.99
C CYS R 673 55.49 56.30 -21.32
N ARG R 674 55.35 57.63 -21.47
CA ARG R 674 56.23 58.62 -20.83
C ARG R 674 55.90 58.79 -19.35
N ASN R 675 54.66 59.19 -19.05
CA ASN R 675 54.18 59.43 -17.69
C ASN R 675 53.18 58.33 -17.25
N ARG R 676 53.44 57.72 -16.09
CA ARG R 676 52.56 56.77 -15.40
C ARG R 676 51.97 57.44 -14.15
N LEU R 677 50.65 57.38 -14.04
CA LEU R 677 49.88 57.93 -12.93
C LEU R 677 49.10 56.82 -12.22
N LEU R 678 49.27 56.69 -10.91
CA LEU R 678 48.60 55.68 -10.10
C LEU R 678 47.46 56.27 -9.30
N LEU R 679 46.28 55.67 -9.44
CA LEU R 679 45.09 56.00 -8.65
C LEU R 679 44.92 54.92 -7.57
N THR R 680 45.72 55.02 -6.52
CA THR R 680 45.59 54.14 -5.35
C THR R 680 44.41 54.57 -4.47
N GLY R 681 43.32 53.82 -4.48
CA GLY R 681 42.33 53.89 -3.39
C GLY R 681 42.94 53.29 -2.13
N THR R 682 43.52 54.13 -1.27
CA THR R 682 44.54 53.76 -0.26
C THR R 682 45.86 53.28 -0.90
N PRO R 683 46.96 54.01 -0.75
CA PRO R 683 48.28 53.57 -1.23
C PRO R 683 48.87 52.49 -0.31
N ILE R 684 49.90 51.80 -0.80
CA ILE R 684 50.87 51.07 0.04
C ILE R 684 50.22 50.17 1.11
N GLN R 685 50.50 50.40 2.39
CA GLN R 685 49.82 49.75 3.53
C GLN R 685 49.96 48.22 3.56
N ASN R 686 51.15 47.69 3.25
CA ASN R 686 51.53 46.33 3.63
C ASN R 686 53.06 46.16 3.78
N THR R 687 53.58 44.92 3.76
CA THR R 687 55.01 44.59 3.96
C THR R 687 55.95 45.17 2.89
N MET R 688 57.24 45.31 3.21
CA MET R 688 58.19 46.13 2.43
C MET R 688 58.40 45.69 0.97
N ALA R 689 58.27 44.40 0.64
CA ALA R 689 58.30 43.95 -0.75
C ALA R 689 57.13 44.53 -1.59
N GLU R 690 56.00 44.83 -0.95
CA GLU R 690 54.81 45.39 -1.60
C GLU R 690 54.92 46.92 -1.74
N LEU R 691 55.60 47.59 -0.81
CA LEU R 691 56.07 48.96 -1.00
C LEU R 691 56.98 49.05 -2.24
N TRP R 692 58.02 48.20 -2.29
CA TRP R 692 58.93 48.12 -3.44
C TRP R 692 58.18 47.83 -4.74
N ALA R 693 57.21 46.91 -4.75
CA ALA R 693 56.47 46.55 -5.96
C ALA R 693 55.72 47.74 -6.56
N LEU R 694 55.02 48.54 -5.76
CA LEU R 694 54.42 49.79 -6.26
C LEU R 694 55.49 50.80 -6.68
N LEU R 695 56.48 51.07 -5.81
CA LEU R 695 57.51 52.08 -6.09
C LEU R 695 58.30 51.80 -7.36
N HIS R 696 58.75 50.56 -7.56
CA HIS R 696 59.54 50.17 -8.73
C HIS R 696 58.73 50.10 -10.03
N PHE R 697 57.39 50.14 -9.95
CA PHE R 697 56.54 50.39 -11.11
C PHE R 697 56.48 51.88 -11.47
N ILE R 698 56.44 52.75 -10.46
CA ILE R 698 56.46 54.20 -10.65
C ILE R 698 57.82 54.64 -11.21
N MET R 699 58.92 54.25 -10.57
CA MET R 699 60.28 54.53 -11.05
C MET R 699 61.02 53.22 -11.35
N PRO R 700 61.44 52.94 -12.60
CA PRO R 700 62.29 51.77 -12.88
C PRO R 700 63.73 51.97 -12.37
N THR R 701 64.15 53.23 -12.23
CA THR R 701 65.38 53.70 -11.56
C THR R 701 65.07 54.13 -10.12
N LEU R 702 65.94 54.95 -9.50
CA LEU R 702 65.87 55.46 -8.11
C LEU R 702 65.97 54.39 -6.99
N PHE R 703 65.71 53.11 -7.27
CA PHE R 703 65.65 52.05 -6.25
C PHE R 703 66.47 50.82 -6.67
N ASP R 704 67.24 50.25 -5.73
CA ASP R 704 68.25 49.20 -6.01
C ASP R 704 67.73 47.76 -5.80
N SER R 705 67.26 47.41 -4.59
CA SER R 705 66.55 46.16 -4.32
C SER R 705 65.60 46.27 -3.13
N HIS R 706 64.58 45.42 -3.08
CA HIS R 706 63.65 45.28 -1.95
C HIS R 706 64.35 44.88 -0.64
N GLU R 707 65.47 44.16 -0.71
CA GLU R 707 66.27 43.78 0.46
C GLU R 707 67.00 44.99 1.06
N GLU R 708 67.62 45.82 0.21
CA GLU R 708 68.32 47.04 0.65
C GLU R 708 67.37 48.18 1.03
N PHE R 709 66.19 48.24 0.39
CA PHE R 709 65.19 49.29 0.58
C PHE R 709 64.65 49.42 2.03
N ASN R 710 64.94 48.46 2.91
CA ASN R 710 64.80 48.61 4.37
C ASN R 710 65.40 49.92 4.90
N GLU R 711 66.54 50.36 4.35
CA GLU R 711 67.21 51.61 4.73
C GLU R 711 66.81 52.83 3.87
N TRP R 712 65.84 52.67 2.97
CA TRP R 712 65.27 53.74 2.14
C TRP R 712 63.74 53.73 2.25
N GLU R 729 62.94 54.43 13.80
CA GLU R 729 61.99 55.50 13.52
C GLU R 729 62.30 56.23 12.22
N ASN R 730 63.59 56.51 11.96
CA ASN R 730 64.05 57.43 10.93
C ASN R 730 63.79 56.93 9.50
N GLN R 731 63.69 55.62 9.29
CA GLN R 731 63.37 55.01 8.00
C GLN R 731 61.97 55.44 7.51
N LEU R 732 61.01 55.71 8.40
CA LEU R 732 59.73 56.31 8.02
C LEU R 732 59.94 57.69 7.39
N SER R 733 60.79 58.53 7.98
CA SER R 733 61.11 59.84 7.41
C SER R 733 61.79 59.72 6.04
N ARG R 734 62.63 58.70 5.81
CA ARG R 734 63.20 58.41 4.49
C ARG R 734 62.11 58.05 3.48
N LEU R 735 61.18 57.16 3.84
CA LEU R 735 60.01 56.86 3.00
C LEU R 735 59.19 58.11 2.70
N HIS R 736 58.91 58.95 3.70
CA HIS R 736 58.18 60.20 3.52
C HIS R 736 58.91 61.16 2.57
N MET R 737 60.22 61.37 2.74
CA MET R 737 61.01 62.26 1.86
C MET R 737 61.21 61.69 0.45
N ILE R 738 61.16 60.36 0.27
CA ILE R 738 61.05 59.74 -1.06
C ILE R 738 59.68 60.05 -1.66
N LEU R 739 58.60 59.82 -0.93
CA LEU R 739 57.23 59.89 -1.44
C LEU R 739 56.72 61.32 -1.68
N LYS R 740 57.04 62.29 -0.81
CA LYS R 740 56.57 63.69 -0.90
C LYS R 740 56.63 64.32 -2.31
N PRO R 741 57.71 64.20 -3.08
CA PRO R 741 57.78 64.78 -4.43
C PRO R 741 56.94 64.06 -5.51
N PHE R 742 56.38 62.88 -5.25
CA PHE R 742 55.60 62.14 -6.26
C PHE R 742 54.35 61.39 -5.73
N MET R 743 53.90 61.64 -4.50
CA MET R 743 52.61 61.20 -3.99
C MET R 743 51.85 62.34 -3.29
N LEU R 744 50.59 62.55 -3.65
CA LEU R 744 49.67 63.45 -2.93
C LEU R 744 48.99 62.74 -1.74
N ARG R 745 48.49 63.54 -0.79
CA ARG R 745 47.83 63.11 0.46
C ARG R 745 46.66 64.05 0.79
N ARG R 746 45.69 63.58 1.59
CA ARG R 746 44.52 64.40 2.01
C ARG R 746 44.12 64.24 3.48
N ILE R 747 43.55 63.08 3.86
CA ILE R 747 42.58 62.92 4.95
C ILE R 747 41.31 63.73 4.62
N LYS R 748 40.13 63.08 4.65
CA LYS R 748 38.90 63.67 4.06
C LYS R 748 38.51 65.04 4.64
N LYS R 749 38.79 65.28 5.91
CA LYS R 749 38.47 66.52 6.61
C LYS R 749 39.16 67.76 6.04
N ASP R 750 40.22 67.60 5.24
CA ASP R 750 40.84 68.69 4.47
C ASP R 750 40.01 69.14 3.25
N VAL R 751 38.89 68.47 2.97
CA VAL R 751 37.96 68.75 1.86
C VAL R 751 36.51 68.79 2.34
N GLU R 752 36.10 67.79 3.11
CA GLU R 752 34.72 67.52 3.50
C GLU R 752 34.29 68.25 4.77
N ASN R 753 34.13 69.58 4.68
CA ASN R 753 33.65 70.40 5.81
C ASN R 753 32.19 70.11 6.20
N GLU R 754 31.39 69.51 5.31
CA GLU R 754 29.93 69.38 5.45
C GLU R 754 29.37 67.98 5.14
N LEU R 755 30.21 66.94 5.11
CA LEU R 755 29.80 65.53 4.97
C LEU R 755 30.15 64.74 6.23
N SER R 756 29.30 63.77 6.59
CA SER R 756 29.40 63.06 7.88
C SER R 756 30.65 62.18 7.99
N ASP R 757 31.20 62.07 9.21
CA ASP R 757 32.01 60.91 9.58
C ASP R 757 31.13 59.67 9.74
N LYS R 758 31.68 58.49 9.46
CA LYS R 758 31.04 57.21 9.73
C LYS R 758 30.81 57.03 11.23
N ILE R 759 29.61 56.61 11.62
CA ILE R 759 29.43 55.84 12.85
C ILE R 759 29.81 54.39 12.51
N GLU R 760 30.70 53.76 13.27
CA GLU R 760 31.14 52.38 13.00
C GLU R 760 30.84 51.47 14.18
N ILE R 761 30.11 50.38 13.97
CA ILE R 761 29.64 49.48 15.01
C ILE R 761 30.34 48.13 14.86
N LEU R 762 31.13 47.72 15.85
CA LEU R 762 31.54 46.34 16.00
C LEU R 762 30.38 45.59 16.66
N MET R 763 29.58 44.88 15.86
CA MET R 763 28.45 44.11 16.37
C MET R 763 28.85 42.65 16.62
N TYR R 764 28.98 42.30 17.89
CA TYR R 764 29.15 40.90 18.26
C TYR R 764 27.83 40.11 18.16
N CYS R 765 27.95 38.82 17.89
CA CYS R 765 26.86 37.85 17.78
C CYS R 765 27.13 36.62 18.65
N GLN R 766 26.11 36.14 19.36
CA GLN R 766 26.16 34.83 20.02
C GLN R 766 25.90 33.76 18.96
N LEU R 767 26.90 32.96 18.62
CA LEU R 767 26.71 31.79 17.76
C LEU R 767 25.75 30.75 18.38
N THR R 768 25.03 30.04 17.52
CA THR R 768 23.92 29.14 17.90
C THR R 768 24.38 27.77 18.38
N SER R 769 23.44 26.92 18.81
CA SER R 769 23.68 25.51 19.12
C SER R 769 24.35 24.77 17.95
N ARG R 770 23.77 24.77 16.74
CA ARG R 770 24.35 24.04 15.60
C ARG R 770 25.76 24.56 15.26
N GLN R 771 25.98 25.86 15.40
CA GLN R 771 27.32 26.44 15.26
C GLN R 771 28.28 25.93 16.35
N LYS R 772 27.92 25.98 17.64
CA LYS R 772 28.79 25.47 18.71
C LYS R 772 29.13 24.00 18.51
N LEU R 773 28.17 23.17 18.12
CA LEU R 773 28.38 21.74 17.90
C LEU R 773 29.42 21.49 16.79
N LEU R 774 29.28 22.17 15.65
CA LEU R 774 30.23 22.03 14.54
C LEU R 774 31.59 22.66 14.85
N TYR R 775 31.61 23.84 15.48
CA TYR R 775 32.85 24.52 15.87
C TYR R 775 33.64 23.67 16.85
N GLN R 776 33.00 23.15 17.90
CA GLN R 776 33.66 22.25 18.86
C GLN R 776 34.17 20.98 18.18
N ALA R 777 33.40 20.38 17.27
CA ALA R 777 33.87 19.22 16.51
C ALA R 777 35.10 19.53 15.65
N LEU R 778 35.23 20.75 15.13
CA LEU R 778 36.43 21.22 14.41
C LEU R 778 37.61 21.53 15.33
N LYS R 779 37.39 22.02 16.55
CA LYS R 779 38.45 22.12 17.58
C LYS R 779 38.95 20.72 17.96
N ASN R 780 38.04 19.76 18.10
CA ASN R 780 38.33 18.34 18.29
C ASN R 780 38.43 17.61 16.94
N LEU R 808 41.31 22.72 8.76
CA LEU R 808 41.99 23.98 8.48
C LEU R 808 41.17 25.19 8.94
N VAL R 809 41.65 26.40 8.67
CA VAL R 809 41.07 27.65 9.16
C VAL R 809 39.74 27.98 8.48
N MET R 810 39.60 27.69 7.19
CA MET R 810 38.38 28.00 6.44
C MET R 810 37.14 27.30 6.99
N GLN R 811 37.26 26.07 7.51
CA GLN R 811 36.16 25.36 8.12
C GLN R 811 35.61 26.10 9.34
N PHE R 812 36.46 26.71 10.18
CA PHE R 812 35.97 27.59 11.24
C PHE R 812 35.24 28.82 10.67
N ARG R 813 35.80 29.49 9.65
CA ARG R 813 35.16 30.68 9.07
C ARG R 813 33.79 30.34 8.47
N LYS R 814 33.67 29.22 7.77
CA LYS R 814 32.40 28.73 7.22
C LYS R 814 31.37 28.51 8.33
N VAL R 815 31.73 27.79 9.41
CA VAL R 815 30.84 27.58 10.55
C VAL R 815 30.46 28.88 11.26
N CYS R 816 31.35 29.87 11.35
CA CYS R 816 31.00 31.20 11.88
C CYS R 816 29.94 31.90 11.00
N ASN R 817 30.09 31.81 9.68
CA ASN R 817 29.18 32.48 8.75
C ASN R 817 27.79 31.83 8.72
N HIS R 818 27.72 30.53 8.45
CA HIS R 818 26.48 29.75 8.52
C HIS R 818 26.76 28.25 8.40
N PRO R 819 26.20 27.39 9.27
CA PRO R 819 26.49 25.97 9.21
C PRO R 819 26.03 25.30 7.90
N GLU R 820 25.10 25.89 7.15
CA GLU R 820 24.71 25.41 5.83
C GLU R 820 25.87 25.40 4.83
N LEU R 821 26.95 26.16 5.08
CA LEU R 821 28.17 26.10 4.28
C LEU R 821 28.98 24.83 4.51
N PHE R 822 28.76 24.14 5.62
CA PHE R 822 29.58 23.02 6.09
C PHE R 822 28.83 21.69 6.07
N GLU R 823 27.59 21.67 6.54
CA GLU R 823 26.68 20.52 6.48
C GLU R 823 25.26 21.01 6.19
N ARG R 824 24.79 20.82 4.95
CA ARG R 824 23.42 21.18 4.57
C ARG R 824 22.40 20.35 5.34
N GLN R 825 21.43 21.00 5.96
CA GLN R 825 20.34 20.34 6.66
C GLN R 825 19.53 19.46 5.68
N GLU R 826 19.47 18.16 5.92
CA GLU R 826 18.77 17.22 5.05
C GLU R 826 17.24 17.33 5.20
N THR R 827 16.50 16.99 4.13
CA THR R 827 15.06 16.79 4.19
C THR R 827 14.76 15.49 4.92
N TRP R 828 14.65 15.52 6.24
CA TRP R 828 14.43 14.30 7.02
C TRP R 828 13.06 13.68 6.74
N SER R 829 12.99 12.35 6.78
CA SER R 829 11.79 11.56 6.54
C SER R 829 11.87 10.24 7.32
N PRO R 830 10.77 9.66 7.82
CA PRO R 830 10.80 8.43 8.63
C PRO R 830 11.45 7.25 7.93
N PHE R 831 12.02 6.33 8.69
CA PHE R 831 12.57 5.09 8.15
C PHE R 831 11.46 4.23 7.56
N HIS R 832 11.52 3.90 6.27
CA HIS R 832 10.45 3.18 5.60
C HIS R 832 10.72 1.68 5.50
N ILE R 833 10.55 0.98 6.61
CA ILE R 833 10.64 -0.48 6.66
C ILE R 833 9.48 -1.14 5.89
N SER R 834 9.75 -2.24 5.22
CA SER R 834 8.71 -3.12 4.68
C SER R 834 9.09 -4.57 4.97
N LEU R 835 8.16 -5.36 5.48
CA LEU R 835 8.39 -6.78 5.76
C LEU R 835 7.99 -7.64 4.56
N LYS R 836 8.53 -8.85 4.47
CA LYS R 836 7.97 -9.87 3.57
C LYS R 836 6.47 -10.02 3.83
N PRO R 837 5.63 -10.23 2.82
CA PRO R 837 4.20 -10.39 3.03
C PRO R 837 3.93 -11.70 3.75
N TYR R 838 2.85 -11.75 4.52
CA TYR R 838 2.48 -12.95 5.26
C TYR R 838 1.99 -14.04 4.31
N HIS R 839 2.74 -15.14 4.22
CA HIS R 839 2.51 -16.19 3.24
C HIS R 839 1.43 -17.18 3.68
N ILE R 840 0.28 -17.16 3.00
CA ILE R 840 -0.81 -18.11 3.20
C ILE R 840 -0.79 -19.09 2.02
N SER R 841 -0.70 -20.38 2.30
CA SER R 841 -0.62 -21.41 1.26
C SER R 841 -1.91 -21.50 0.42
N LYS R 842 -1.83 -22.01 -0.81
CA LYS R 842 -3.05 -22.26 -1.60
C LYS R 842 -3.95 -23.22 -0.86
N PHE R 843 -3.39 -24.17 -0.12
CA PHE R 843 -4.18 -25.10 0.66
C PHE R 843 -5.07 -24.42 1.70
N ILE R 844 -4.49 -23.60 2.60
CA ILE R 844 -5.27 -22.88 3.61
C ILE R 844 -6.22 -21.88 2.95
N TYR R 845 -5.82 -21.21 1.87
CA TYR R 845 -6.71 -20.30 1.16
C TYR R 845 -7.94 -21.01 0.57
N ARG R 846 -7.78 -22.20 -0.01
CA ARG R 846 -8.87 -22.96 -0.64
C ARG R 846 -9.78 -23.63 0.37
N HIS R 847 -9.21 -24.41 1.29
CA HIS R 847 -9.97 -25.29 2.18
C HIS R 847 -10.11 -24.75 3.60
N GLY R 848 -9.21 -23.87 4.05
CA GLY R 848 -9.08 -23.48 5.45
C GLY R 848 -9.86 -22.23 5.88
N GLN R 849 -10.54 -21.54 4.97
CA GLN R 849 -11.35 -20.38 5.29
C GLN R 849 -12.77 -20.80 5.69
N ILE R 850 -13.16 -20.57 6.94
CA ILE R 850 -14.47 -20.94 7.48
C ILE R 850 -15.60 -20.23 6.74
N ARG R 851 -15.37 -19.01 6.27
CA ARG R 851 -16.31 -18.27 5.41
C ARG R 851 -16.64 -19.03 4.12
N VAL R 852 -15.74 -19.89 3.65
CA VAL R 852 -15.88 -20.69 2.44
C VAL R 852 -16.35 -22.10 2.76
N PHE R 853 -15.62 -22.87 3.57
CA PHE R 853 -15.95 -24.28 3.76
C PHE R 853 -17.25 -24.51 4.53
N ASN R 854 -17.73 -23.53 5.30
CA ASN R 854 -19.05 -23.54 5.94
C ASN R 854 -20.09 -22.67 5.23
N HIS R 855 -19.88 -22.21 4.00
CA HIS R 855 -20.82 -21.29 3.35
C HIS R 855 -22.25 -21.87 3.24
N SER R 856 -22.36 -23.17 2.98
CA SER R 856 -23.64 -23.88 2.96
C SER R 856 -24.34 -23.97 4.31
N ARG R 857 -23.59 -23.84 5.42
CA ARG R 857 -24.10 -23.80 6.79
C ARG R 857 -24.38 -22.39 7.25
N ASP R 858 -23.53 -21.45 6.89
CA ASP R 858 -23.73 -20.02 7.11
C ASP R 858 -25.02 -19.52 6.43
N ARG R 859 -25.45 -20.11 5.31
CA ARG R 859 -26.76 -19.81 4.73
C ARG R 859 -27.90 -20.07 5.70
N TRP R 860 -27.89 -21.14 6.48
CA TRP R 860 -28.98 -21.43 7.40
C TRP R 860 -29.04 -20.48 8.59
N LEU R 861 -27.91 -19.95 9.04
CA LEU R 861 -27.87 -18.82 9.99
C LEU R 861 -28.59 -17.59 9.44
N ARG R 862 -28.69 -17.44 8.12
CA ARG R 862 -29.36 -16.33 7.44
C ARG R 862 -30.82 -16.65 7.09
N VAL R 863 -31.14 -17.89 6.73
CA VAL R 863 -32.51 -18.35 6.48
C VAL R 863 -33.36 -18.40 7.75
N LEU R 864 -32.76 -18.75 8.88
CA LEU R 864 -33.41 -18.74 10.20
C LEU R 864 -33.31 -17.37 10.89
N SER R 865 -32.86 -16.33 10.20
CA SER R 865 -32.70 -15.01 10.80
C SER R 865 -34.05 -14.30 10.97
N PRO R 866 -34.36 -13.71 12.13
CA PRO R 866 -35.58 -12.92 12.28
C PRO R 866 -35.52 -11.63 11.46
N PHE R 867 -34.37 -11.22 11.00
CA PHE R 867 -34.23 -10.04 10.14
C PHE R 867 -34.63 -10.31 8.69
N ALA R 868 -35.03 -11.54 8.32
CA ALA R 868 -35.56 -11.80 6.98
C ALA R 868 -36.84 -10.98 6.76
N PRO R 869 -36.97 -10.18 5.68
CA PRO R 869 -38.12 -9.29 5.50
C PRO R 869 -39.47 -9.98 5.57
N ASP R 870 -39.55 -11.25 5.19
CA ASP R 870 -40.74 -12.07 5.37
C ASP R 870 -41.14 -12.15 6.84
N TYR R 871 -40.22 -12.52 7.72
CA TYR R 871 -40.52 -12.61 9.14
C TYR R 871 -40.73 -11.25 9.76
N ILE R 872 -40.06 -10.19 9.33
CA ILE R 872 -40.38 -8.84 9.81
C ILE R 872 -41.84 -8.52 9.47
N GLN R 873 -42.25 -8.60 8.22
CA GLN R 873 -43.64 -8.36 7.82
C GLN R 873 -44.63 -9.22 8.61
N ARG R 874 -44.36 -10.51 8.72
CA ARG R 874 -45.23 -11.45 9.44
C ARG R 874 -45.29 -11.18 10.94
N SER R 875 -44.20 -10.73 11.53
CA SER R 875 -44.14 -10.33 12.94
C SER R 875 -44.81 -8.99 13.20
N LEU R 876 -44.86 -8.13 12.18
CA LEU R 876 -45.27 -6.74 12.31
C LEU R 876 -46.77 -6.55 12.03
N PHE R 877 -47.28 -7.01 10.90
CA PHE R 877 -48.65 -6.75 10.44
C PHE R 877 -49.63 -7.92 10.54
N HIS R 878 -49.14 -9.17 10.61
CA HIS R 878 -49.98 -10.39 10.64
C HIS R 878 -50.07 -11.03 12.03
N ARG R 879 -49.98 -10.23 13.08
CA ARG R 879 -50.21 -10.66 14.46
C ARG R 879 -51.63 -11.15 14.69
N LYS R 880 -51.82 -12.00 15.70
CA LYS R 880 -53.09 -12.68 16.02
C LYS R 880 -53.88 -11.95 17.10
N GLY R 881 -53.19 -11.45 18.13
CA GLY R 881 -53.82 -10.81 19.27
C GLY R 881 -54.35 -9.41 18.94
N ILE R 882 -55.46 -9.03 19.56
CA ILE R 882 -56.04 -7.68 19.41
C ILE R 882 -55.06 -6.62 19.94
N ASN R 883 -54.42 -6.92 21.07
CA ASN R 883 -53.11 -6.42 21.48
C ASN R 883 -52.12 -7.58 21.37
N GLU R 884 -50.89 -7.34 20.91
CA GLU R 884 -49.85 -8.37 20.90
C GLU R 884 -48.47 -7.73 20.79
N GLU R 885 -47.59 -8.06 21.73
CA GLU R 885 -46.17 -7.69 21.70
C GLU R 885 -45.46 -8.36 20.52
N SER R 886 -44.73 -7.61 19.71
CA SER R 886 -43.68 -8.19 18.86
C SER R 886 -42.52 -7.23 18.64
N CYS R 887 -41.34 -7.80 18.41
CA CYS R 887 -40.18 -7.04 17.96
C CYS R 887 -40.46 -6.38 16.61
N PHE R 888 -39.58 -5.48 16.19
CA PHE R 888 -39.77 -4.69 14.98
C PHE R 888 -40.96 -3.74 15.00
N SER R 889 -41.75 -3.71 16.09
CA SER R 889 -42.77 -2.68 16.30
C SER R 889 -42.19 -1.27 16.18
N PHE R 890 -40.96 -1.05 16.65
CA PHE R 890 -40.31 0.24 16.50
C PHE R 890 -40.02 0.61 15.03
N LEU R 891 -39.96 -0.31 14.08
CA LEU R 891 -39.74 0.04 12.67
C LEU R 891 -40.91 0.83 12.05
N ARG R 892 -42.08 0.87 12.69
CA ARG R 892 -43.16 1.76 12.27
C ARG R 892 -42.98 3.20 12.78
N PHE R 893 -42.01 3.46 13.64
CA PHE R 893 -41.80 4.76 14.28
C PHE R 893 -40.40 5.32 14.11
N ILE R 894 -39.41 4.49 13.85
CA ILE R 894 -38.23 4.89 13.10
C ILE R 894 -38.66 4.91 11.63
N ASP R 895 -37.96 5.60 10.72
CA ASP R 895 -38.32 5.58 9.29
C ASP R 895 -38.15 4.20 8.60
N ILE R 896 -37.45 3.25 9.21
CA ILE R 896 -36.87 2.07 8.54
C ILE R 896 -37.92 1.09 7.97
N SER R 897 -37.77 0.73 6.70
CA SER R 897 -38.48 -0.36 6.02
C SER R 897 -38.00 -1.75 6.47
N PRO R 898 -38.82 -2.81 6.43
CA PRO R 898 -38.38 -4.16 6.69
C PRO R 898 -37.17 -4.57 5.84
N ALA R 899 -37.17 -4.32 4.53
CA ALA R 899 -35.99 -4.59 3.72
C ALA R 899 -34.84 -3.61 3.96
N GLU R 900 -35.08 -2.37 4.41
CA GLU R 900 -33.98 -1.51 4.87
C GLU R 900 -33.33 -2.12 6.10
N MET R 901 -34.09 -2.66 7.05
CA MET R 901 -33.52 -3.29 8.25
C MET R 901 -32.78 -4.58 7.91
N ALA R 902 -33.32 -5.40 7.02
CA ALA R 902 -32.61 -6.59 6.57
C ALA R 902 -31.30 -6.22 5.88
N ASN R 903 -31.32 -5.31 4.90
CA ASN R 903 -30.11 -4.90 4.19
C ASN R 903 -29.07 -4.29 5.14
N LEU R 904 -29.52 -3.46 6.08
CA LEU R 904 -28.67 -2.86 7.09
C LEU R 904 -28.05 -3.89 8.05
N MET R 905 -28.68 -5.06 8.25
CA MET R 905 -28.17 -6.12 9.10
C MET R 905 -27.31 -7.15 8.36
N LEU R 906 -27.65 -7.45 7.10
CA LEU R 906 -27.07 -8.54 6.32
C LEU R 906 -26.01 -8.07 5.30
N GLN R 907 -25.81 -6.77 5.15
CA GLN R 907 -24.90 -6.20 4.15
C GLN R 907 -23.82 -5.29 4.76
N GLY R 908 -23.64 -5.35 6.07
CA GLY R 908 -22.44 -4.87 6.76
C GLY R 908 -22.21 -3.36 6.79
N LEU R 909 -21.00 -2.94 7.15
CA LEU R 909 -20.68 -1.55 7.48
C LEU R 909 -20.77 -0.57 6.30
N LEU R 910 -20.75 -1.03 5.06
CA LEU R 910 -21.09 -0.15 3.94
C LEU R 910 -22.57 0.25 4.01
N ALA R 911 -23.49 -0.70 4.16
CA ALA R 911 -24.92 -0.38 4.26
C ALA R 911 -25.24 0.47 5.48
N ARG R 912 -24.52 0.26 6.60
CA ARG R 912 -24.57 1.15 7.76
C ARG R 912 -24.20 2.58 7.39
N TRP R 913 -23.10 2.78 6.68
CA TRP R 913 -22.62 4.11 6.34
C TRP R 913 -23.57 4.85 5.41
N LEU R 914 -24.04 4.21 4.34
CA LEU R 914 -24.98 4.82 3.41
C LEU R 914 -26.29 5.16 4.13
N ALA R 915 -26.80 4.27 4.97
CA ALA R 915 -28.00 4.55 5.74
C ALA R 915 -27.81 5.66 6.78
N LEU R 916 -26.58 5.90 7.25
CA LEU R 916 -26.27 7.04 8.12
C LEU R 916 -26.27 8.34 7.32
N PHE R 917 -25.56 8.41 6.21
CA PHE R 917 -25.48 9.62 5.39
C PHE R 917 -26.87 10.10 4.97
N LEU R 918 -27.78 9.20 4.61
CA LEU R 918 -29.16 9.56 4.30
C LEU R 918 -29.98 9.96 5.54
N SER R 919 -29.65 9.48 6.73
CA SER R 919 -30.32 9.92 7.97
C SER R 919 -29.87 11.32 8.40
N LEU R 920 -28.62 11.69 8.17
CA LEU R 920 -28.15 13.08 8.32
C LEU R 920 -28.96 14.00 7.42
N LYS R 921 -29.09 13.69 6.12
CA LYS R 921 -29.97 14.43 5.21
C LYS R 921 -31.39 14.53 5.73
N ALA R 922 -32.00 13.39 6.11
CA ALA R 922 -33.38 13.34 6.57
C ALA R 922 -33.64 14.14 7.85
N SER R 923 -32.64 14.30 8.72
CA SER R 923 -32.82 15.05 9.96
C SER R 923 -33.13 16.53 9.73
N TYR R 924 -32.56 17.17 8.71
CA TYR R 924 -32.93 18.55 8.37
C TYR R 924 -34.38 18.65 7.87
N ARG R 925 -34.88 17.65 7.14
CA ARG R 925 -36.29 17.60 6.70
C ARG R 925 -37.23 17.39 7.86
N LEU R 926 -36.85 16.54 8.81
CA LEU R 926 -37.64 16.25 10.00
C LEU R 926 -37.69 17.45 10.93
N HIS R 927 -36.58 18.16 11.14
CA HIS R 927 -36.53 19.26 12.09
C HIS R 927 -37.46 20.43 11.76
N GLN R 928 -37.45 20.92 10.53
CA GLN R 928 -38.32 22.03 10.16
C GLN R 928 -39.79 21.61 10.13
N LEU R 929 -40.11 20.33 9.97
CA LEU R 929 -41.47 19.84 10.23
C LEU R 929 -41.77 19.92 11.72
N ARG R 930 -40.92 19.27 12.53
CA ARG R 930 -41.08 19.08 13.98
C ARG R 930 -41.18 20.38 14.77
N SER R 931 -40.55 21.45 14.29
CA SER R 931 -40.46 22.74 15.00
C SER R 931 -41.45 23.82 14.55
N TRP R 932 -42.23 23.58 13.49
CA TRP R 932 -43.24 24.53 12.99
C TRP R 932 -44.65 23.94 12.81
N GLY R 933 -44.81 22.63 12.58
CA GLY R 933 -46.10 21.96 12.39
C GLY R 933 -46.91 21.74 13.68
N ALA R 934 -46.84 22.66 14.64
CA ALA R 934 -47.45 22.54 15.96
C ALA R 934 -49.01 22.50 16.06
N PRO R 935 -49.81 23.17 15.20
CA PRO R 935 -51.25 23.26 15.42
C PRO R 935 -52.00 21.98 15.04
N GLU R 936 -53.26 21.90 15.51
CA GLU R 936 -54.20 20.79 15.28
C GLU R 936 -53.70 19.41 15.74
N GLY R 937 -53.10 18.62 14.85
CA GLY R 937 -52.62 17.27 15.12
C GLY R 937 -52.37 16.47 13.84
N GLU R 938 -51.68 15.34 13.95
CA GLU R 938 -51.24 14.53 12.80
C GLU R 938 -52.38 13.74 12.12
N SER R 939 -53.44 13.41 12.87
CA SER R 939 -54.72 12.83 12.38
C SER R 939 -55.66 12.61 13.57
N HIS R 940 -56.85 13.22 13.59
CA HIS R 940 -57.86 13.03 14.66
C HIS R 940 -57.34 13.34 16.09
N GLN R 941 -56.20 14.04 16.19
CA GLN R 941 -55.41 14.21 17.41
C GLN R 941 -54.97 12.89 18.09
N ARG R 942 -54.80 11.81 17.30
CA ARG R 942 -54.33 10.47 17.69
C ARG R 942 -53.40 9.89 16.60
N TYR R 943 -53.00 8.62 16.76
CA TYR R 943 -52.05 7.88 15.92
C TYR R 943 -50.63 8.47 15.92
N LEU R 944 -49.63 7.72 16.37
CA LEU R 944 -48.25 8.15 16.16
C LEU R 944 -47.91 8.03 14.67
N ARG R 945 -47.29 9.07 14.12
CA ARG R 945 -46.87 9.13 12.73
C ARG R 945 -45.52 8.42 12.57
N ASN R 946 -45.16 8.03 11.35
CA ASN R 946 -43.82 7.57 11.05
C ASN R 946 -42.78 8.61 11.52
N LYS R 947 -41.58 8.19 11.93
CA LYS R 947 -40.52 9.02 12.56
C LYS R 947 -40.82 9.58 13.96
N ASP R 948 -41.95 9.29 14.60
CA ASP R 948 -42.21 9.80 15.96
C ASP R 948 -41.28 9.29 17.06
N PHE R 949 -40.52 8.20 16.87
CA PHE R 949 -39.49 7.80 17.83
C PHE R 949 -38.16 8.48 17.62
N LEU R 950 -37.93 9.17 16.50
CA LEU R 950 -36.71 9.93 16.29
C LEU R 950 -36.82 11.25 17.03
N LEU R 951 -36.49 11.22 18.32
CA LEU R 951 -36.67 12.33 19.24
C LEU R 951 -35.41 13.18 19.40
N GLY R 952 -34.23 12.66 19.06
CA GLY R 952 -32.94 13.33 19.24
C GLY R 952 -32.75 14.64 18.49
N VAL R 953 -33.66 15.00 17.58
CA VAL R 953 -33.75 16.31 16.94
C VAL R 953 -34.33 17.39 17.87
N ASN R 954 -35.15 17.04 18.86
CA ASN R 954 -35.80 18.00 19.75
C ASN R 954 -34.87 18.67 20.77
N PHE R 955 -33.68 18.12 21.06
CA PHE R 955 -32.72 18.80 21.92
C PHE R 955 -32.38 20.17 21.31
N PRO R 956 -32.32 21.26 22.09
CA PRO R 956 -31.98 22.57 21.54
C PRO R 956 -30.65 22.58 20.80
N LEU R 957 -29.73 21.71 21.19
CA LEU R 957 -28.36 21.63 20.68
C LEU R 957 -28.18 20.57 19.59
N SER R 958 -29.26 19.97 19.08
CA SER R 958 -29.20 18.98 17.99
C SER R 958 -28.73 19.64 16.70
N PHE R 959 -27.99 18.94 15.82
CA PHE R 959 -27.38 19.65 14.69
C PHE R 959 -28.38 20.37 13.76
N PRO R 960 -29.54 19.82 13.42
CA PRO R 960 -30.52 20.56 12.65
C PRO R 960 -30.97 21.84 13.35
N ASN R 961 -31.25 21.81 14.65
CA ASN R 961 -31.71 23.00 15.36
C ASN R 961 -30.58 24.02 15.53
N LEU R 962 -29.38 23.54 15.78
CA LEU R 962 -28.15 24.31 15.89
C LEU R 962 -27.77 24.96 14.55
N CYS R 963 -28.13 24.36 13.43
CA CYS R 963 -27.95 24.96 12.11
C CYS R 963 -29.07 25.94 11.79
N SER R 964 -30.29 25.64 12.23
CA SER R 964 -31.48 26.48 12.05
C SER R 964 -31.43 27.77 12.86
N CYS R 965 -30.92 27.74 14.10
CA CYS R 965 -30.80 28.91 14.97
C CYS R 965 -29.34 29.37 15.04
N PRO R 966 -28.99 30.59 14.60
CA PRO R 966 -27.60 30.95 14.30
C PRO R 966 -26.78 31.25 15.55
N LEU R 967 -27.43 31.57 16.66
CA LEU R 967 -26.80 31.93 17.92
C LEU R 967 -26.10 30.75 18.58
N LEU R 968 -26.82 29.64 18.80
CA LEU R 968 -26.26 28.44 19.44
C LEU R 968 -25.07 27.87 18.67
N LYS R 969 -25.00 28.01 17.34
CA LYS R 969 -23.88 27.52 16.53
C LYS R 969 -22.54 28.05 17.01
N SER R 970 -22.52 29.22 17.66
CA SER R 970 -21.31 29.79 18.25
C SER R 970 -20.95 29.22 19.64
N LEU R 971 -21.91 28.70 20.41
CA LEU R 971 -21.63 27.96 21.64
C LEU R 971 -21.14 26.54 21.37
N VAL R 972 -21.52 25.94 20.24
CA VAL R 972 -21.01 24.64 19.79
C VAL R 972 -19.85 24.86 18.82
N PHE R 973 -18.79 25.50 19.32
CA PHE R 973 -17.72 26.05 18.49
C PHE R 973 -16.73 25.03 17.96
N SER R 974 -16.43 23.96 18.69
CA SER R 974 -15.34 23.04 18.35
C SER R 974 -15.73 22.01 17.29
N SER R 975 -15.94 22.44 16.05
CA SER R 975 -16.17 21.52 14.93
C SER R 975 -14.93 20.67 14.62
N HIS R 976 -15.14 19.54 13.93
CA HIS R 976 -14.21 18.42 13.96
C HIS R 976 -12.93 18.61 13.12
N CYS R 977 -12.91 19.60 12.23
CA CYS R 977 -11.83 19.86 11.26
C CYS R 977 -11.20 21.26 11.36
N LYS R 978 -11.56 22.05 12.38
CA LYS R 978 -10.91 23.33 12.71
C LYS R 978 -10.05 23.16 13.95
N ALA R 979 -8.81 23.61 13.90
CA ALA R 979 -7.85 23.47 14.99
C ALA R 979 -8.08 24.48 16.13
N VAL R 980 -9.30 24.65 16.63
CA VAL R 980 -9.59 25.72 17.60
C VAL R 980 -8.86 25.49 18.92
N SER R 981 -8.12 26.48 19.41
CA SER R 981 -7.46 26.43 20.72
C SER R 981 -8.43 26.67 21.87
N GLY R 982 -9.50 27.40 21.58
CA GLY R 982 -10.31 28.10 22.57
C GLY R 982 -10.41 29.59 22.24
N TYR R 983 -11.03 30.33 23.15
CA TYR R 983 -11.20 31.77 23.06
C TYR R 983 -9.98 32.52 23.57
N SER R 984 -9.65 33.65 22.96
CA SER R 984 -8.69 34.62 23.51
C SER R 984 -9.06 36.05 23.14
N ASP R 985 -8.45 37.03 23.78
CA ASP R 985 -8.40 38.37 23.23
C ASP R 985 -7.41 38.42 22.05
N GLN R 986 -7.64 39.34 21.10
CA GLN R 986 -6.78 39.57 19.94
C GLN R 986 -6.60 41.08 19.76
N VAL R 987 -5.40 41.55 19.47
CA VAL R 987 -5.11 42.99 19.33
C VAL R 987 -4.82 43.30 17.87
N VAL R 988 -5.41 44.36 17.30
CA VAL R 988 -5.13 44.80 15.93
C VAL R 988 -4.38 46.13 15.92
N HIS R 989 -3.34 46.25 15.09
CA HIS R 989 -2.50 47.43 14.94
C HIS R 989 -2.64 48.02 13.54
N GLN R 990 -2.93 49.32 13.46
CA GLN R 990 -2.97 50.03 12.17
C GLN R 990 -1.60 50.58 11.77
N ARG R 991 -1.34 50.71 10.47
CA ARG R 991 -0.11 51.34 9.96
C ARG R 991 -0.12 52.86 10.19
N ARG R 992 -1.21 53.52 9.78
CA ARG R 992 -1.45 54.96 10.01
C ARG R 992 -1.59 55.23 11.50
N SER R 993 -0.99 56.30 12.00
CA SER R 993 -0.95 56.69 13.43
C SER R 993 -0.29 55.69 14.41
N ALA R 994 0.02 54.47 13.99
CA ALA R 994 0.45 53.34 14.84
C ALA R 994 -0.53 52.96 15.97
N THR R 995 -1.78 53.45 15.95
CA THR R 995 -2.80 53.15 16.95
C THR R 995 -3.24 51.68 16.87
N SER R 996 -3.70 51.11 17.99
CA SER R 996 -4.15 49.72 18.09
C SER R 996 -5.40 49.58 18.96
N SER R 997 -6.13 48.48 18.80
CA SER R 997 -7.35 48.20 19.57
C SER R 997 -7.53 46.70 19.85
N LEU R 998 -8.31 46.36 20.88
CA LEU R 998 -8.48 45.01 21.38
C LEU R 998 -9.86 44.44 21.03
N ARG R 999 -9.88 43.26 20.45
CA ARG R 999 -11.05 42.41 20.22
C ARG R 999 -11.16 41.43 21.39
N ARG R 1000 -12.30 41.41 22.08
CA ARG R 1000 -12.43 40.70 23.37
C ARG R 1000 -13.09 39.34 23.19
N CYS R 1001 -12.43 38.28 23.65
CA CYS R 1001 -12.87 36.87 23.57
C CYS R 1001 -13.45 36.48 22.19
N LEU R 1002 -12.58 36.06 21.27
CA LEU R 1002 -12.92 35.47 19.98
C LEU R 1002 -12.23 34.11 19.82
N LEU R 1003 -12.80 33.20 19.02
CA LEU R 1003 -12.18 31.92 18.72
C LEU R 1003 -10.80 32.10 18.10
N THR R 1004 -9.89 31.19 18.41
CA THR R 1004 -8.57 31.15 17.80
C THR R 1004 -8.27 29.77 17.25
N GLU R 1005 -7.71 29.71 16.05
CA GLU R 1005 -6.94 28.54 15.65
C GLU R 1005 -5.69 28.44 16.53
N LEU R 1006 -5.22 27.24 16.82
CA LEU R 1006 -3.86 27.04 17.31
C LEU R 1006 -2.84 27.53 16.28
N PRO R 1007 -1.61 27.87 16.69
CA PRO R 1007 -0.53 28.21 15.77
C PRO R 1007 -0.36 27.18 14.65
N SER R 1008 -0.15 27.66 13.43
CA SER R 1008 -0.07 26.83 12.23
C SER R 1008 1.15 25.90 12.18
N PHE R 1009 2.14 26.10 13.05
CA PHE R 1009 3.40 25.35 13.07
C PHE R 1009 3.48 24.28 14.16
N LEU R 1010 2.43 24.08 14.96
CA LEU R 1010 2.53 23.30 16.20
C LEU R 1010 2.50 21.76 16.01
N CYS R 1011 2.07 21.26 14.86
CA CYS R 1011 2.24 19.85 14.51
C CYS R 1011 3.67 19.59 14.01
N VAL R 1012 4.53 18.98 14.83
CA VAL R 1012 5.95 18.74 14.50
C VAL R 1012 6.48 17.36 14.82
N ALA R 1013 5.77 16.54 15.59
CA ALA R 1013 6.15 15.15 15.81
C ALA R 1013 5.96 14.32 14.54
N SER R 1014 6.64 13.19 14.47
CA SER R 1014 6.49 12.19 13.41
C SER R 1014 6.95 10.83 13.91
N PRO R 1015 6.39 9.71 13.45
CA PRO R 1015 6.93 8.41 13.76
C PRO R 1015 8.37 8.32 13.28
N ARG R 1016 9.29 7.76 14.07
CA ARG R 1016 10.66 7.49 13.58
C ARG R 1016 10.65 6.51 12.41
N VAL R 1017 9.66 5.63 12.37
CA VAL R 1017 9.52 4.53 11.41
C VAL R 1017 8.09 4.50 10.90
N THR R 1018 7.87 4.33 9.61
CA THR R 1018 6.52 4.22 9.03
C THR R 1018 6.46 3.03 8.11
N ALA R 1019 5.99 1.91 8.62
CA ALA R 1019 6.00 0.65 7.89
C ALA R 1019 4.87 0.56 6.86
N VAL R 1020 5.10 -0.14 5.75
CA VAL R 1020 4.03 -0.53 4.82
C VAL R 1020 3.03 -1.45 5.55
N PRO R 1021 1.71 -1.32 5.37
CA PRO R 1021 0.76 -2.26 5.94
C PRO R 1021 1.08 -3.68 5.52
N LEU R 1022 1.25 -4.58 6.49
CA LEU R 1022 1.71 -5.94 6.24
C LEU R 1022 0.67 -6.69 5.39
N ASP R 1023 0.98 -6.92 4.12
CA ASP R 1023 0.07 -7.59 3.22
C ASP R 1023 0.15 -9.12 3.35
N SER R 1024 -0.88 -9.85 2.91
CA SER R 1024 -0.80 -11.30 2.79
C SER R 1024 -0.60 -11.69 1.34
N TYR R 1025 0.35 -12.56 1.10
CA TYR R 1025 0.64 -13.12 -0.23
C TYR R 1025 0.18 -14.56 -0.29
N CYS R 1026 -0.36 -14.98 -1.44
CA CYS R 1026 -0.86 -16.32 -1.63
C CYS R 1026 -0.60 -16.85 -3.05
N ASN R 1027 -0.38 -18.15 -3.14
CA ASN R 1027 0.07 -18.86 -4.33
C ASN R 1027 -1.08 -19.23 -5.28
N ASP R 1028 -2.17 -18.46 -5.30
CA ASP R 1028 -3.43 -18.81 -5.97
C ASP R 1028 -3.99 -17.64 -6.77
N ARG R 1029 -4.43 -17.89 -8.01
CA ARG R 1029 -4.85 -16.84 -8.93
C ARG R 1029 -6.02 -16.03 -8.39
N SER R 1030 -6.97 -16.67 -7.73
CA SER R 1030 -8.14 -15.99 -7.20
C SER R 1030 -7.80 -15.27 -5.90
N ALA R 1031 -6.89 -15.81 -5.09
CA ALA R 1031 -6.39 -15.09 -3.94
C ALA R 1031 -5.63 -13.82 -4.35
N GLU R 1032 -4.88 -13.86 -5.45
CA GLU R 1032 -4.24 -12.66 -6.00
C GLU R 1032 -5.28 -11.62 -6.44
N TYR R 1033 -6.35 -12.01 -7.11
CA TYR R 1033 -7.41 -11.06 -7.43
C TYR R 1033 -8.02 -10.45 -6.17
N GLU R 1034 -8.28 -11.22 -5.13
CA GLU R 1034 -8.84 -10.66 -3.90
C GLU R 1034 -7.90 -9.68 -3.21
N ARG R 1035 -6.60 -9.94 -3.12
CA ARG R 1035 -5.69 -8.92 -2.56
C ARG R 1035 -5.55 -7.72 -3.49
N ARG R 1036 -5.62 -7.89 -4.81
CA ARG R 1036 -5.63 -6.74 -5.73
C ARG R 1036 -6.87 -5.89 -5.54
N VAL R 1037 -8.04 -6.49 -5.32
CA VAL R 1037 -9.26 -5.75 -4.97
C VAL R 1037 -9.08 -4.99 -3.65
N LEU R 1038 -8.44 -5.59 -2.65
CA LEU R 1038 -8.16 -4.88 -1.39
C LEU R 1038 -7.21 -3.70 -1.58
N LYS R 1039 -6.06 -3.86 -2.25
CA LYS R 1039 -5.13 -2.73 -2.47
C LYS R 1039 -5.67 -1.66 -3.43
N GLU R 1040 -6.60 -1.98 -4.31
CA GLU R 1040 -7.37 -0.97 -5.05
C GLU R 1040 -8.30 -0.14 -4.14
N GLY R 1041 -8.67 -0.68 -2.97
CA GLY R 1041 -9.84 -0.28 -2.18
C GLY R 1041 -11.06 -1.15 -2.57
N GLY R 1042 -11.70 -1.77 -1.58
CA GLY R 1042 -12.48 -3.00 -1.78
C GLY R 1042 -13.64 -2.96 -2.79
N SER R 1043 -14.25 -1.81 -3.04
CA SER R 1043 -15.20 -1.61 -4.14
C SER R 1043 -15.32 -0.13 -4.47
N LEU R 1044 -15.88 0.20 -5.64
CA LEU R 1044 -16.06 1.60 -6.04
C LEU R 1044 -16.89 2.36 -5.00
N ALA R 1045 -17.96 1.75 -4.49
CA ALA R 1045 -18.78 2.34 -3.44
C ALA R 1045 -18.01 2.49 -2.13
N ALA R 1046 -17.41 1.43 -1.59
CA ALA R 1046 -16.73 1.49 -0.29
C ALA R 1046 -15.56 2.47 -0.30
N LYS R 1047 -14.79 2.53 -1.39
CA LYS R 1047 -13.71 3.50 -1.56
C LYS R 1047 -14.24 4.93 -1.61
N GLN R 1048 -15.22 5.22 -2.46
CA GLN R 1048 -15.84 6.56 -2.51
C GLN R 1048 -16.42 6.97 -1.16
N CYS R 1049 -17.00 6.00 -0.44
CA CYS R 1049 -17.62 6.23 0.85
C CYS R 1049 -16.63 6.72 1.90
N LEU R 1050 -15.44 6.11 1.99
CA LEU R 1050 -14.37 6.58 2.88
C LEU R 1050 -13.62 7.81 2.33
N LEU R 1051 -13.35 7.85 1.02
CA LEU R 1051 -12.52 8.88 0.41
C LEU R 1051 -13.24 10.22 0.25
N ASN R 1052 -14.48 10.20 -0.24
CA ASN R 1052 -15.26 11.40 -0.53
C ASN R 1052 -16.47 11.58 0.40
N GLY R 1053 -16.88 10.54 1.13
CA GLY R 1053 -17.78 10.63 2.30
C GLY R 1053 -19.10 9.87 2.12
N ALA R 1054 -19.56 9.78 0.87
CA ALA R 1054 -20.60 8.90 0.38
C ALA R 1054 -20.47 8.87 -1.15
N PRO R 1055 -21.01 7.88 -1.86
CA PRO R 1055 -20.92 7.84 -3.32
C PRO R 1055 -21.69 8.99 -3.99
N GLU R 1056 -22.69 9.57 -3.33
CA GLU R 1056 -23.29 10.84 -3.78
C GLU R 1056 -22.28 11.99 -3.72
N LEU R 1057 -21.52 12.11 -2.63
CA LEU R 1057 -20.52 13.17 -2.51
C LEU R 1057 -19.36 12.97 -3.49
N ALA R 1058 -19.05 11.74 -3.89
CA ALA R 1058 -18.10 11.50 -4.97
C ALA R 1058 -18.65 11.99 -6.33
N ALA R 1059 -19.89 11.61 -6.68
CA ALA R 1059 -20.52 12.08 -7.91
C ALA R 1059 -20.68 13.61 -7.95
N ASP R 1060 -20.94 14.25 -6.81
CA ASP R 1060 -20.94 15.70 -6.68
C ASP R 1060 -19.53 16.28 -6.78
N TRP R 1061 -18.56 15.78 -6.02
CA TRP R 1061 -17.17 16.25 -6.04
C TRP R 1061 -16.54 16.23 -7.43
N LEU R 1062 -16.85 15.23 -8.26
CA LEU R 1062 -16.41 15.20 -9.67
C LEU R 1062 -16.90 16.40 -10.49
N ASN R 1063 -17.95 17.10 -10.06
CA ASN R 1063 -18.48 18.28 -10.73
C ASN R 1063 -18.60 19.53 -9.84
N ARG R 1064 -18.07 19.53 -8.61
CA ARG R 1064 -17.90 20.77 -7.79
C ARG R 1064 -17.00 21.80 -8.45
N ARG R 1065 -16.12 21.34 -9.34
CA ARG R 1065 -15.47 22.10 -10.42
C ARG R 1065 -16.40 23.08 -11.15
N SER R 1066 -17.64 22.68 -11.41
CA SER R 1066 -18.64 23.40 -12.21
C SER R 1066 -19.65 24.24 -11.39
N GLN R 1067 -19.42 24.42 -10.10
CA GLN R 1067 -20.35 25.08 -9.19
C GLN R 1067 -19.70 26.32 -8.53
N PHE R 1068 -20.47 27.37 -8.27
CA PHE R 1068 -19.96 28.55 -7.56
C PHE R 1068 -19.86 28.29 -6.06
N PHE R 1069 -20.95 27.81 -5.45
CA PHE R 1069 -21.07 27.62 -4.00
C PHE R 1069 -21.15 26.13 -3.65
N PRO R 1070 -20.09 25.32 -3.85
CA PRO R 1070 -20.10 23.90 -3.52
C PRO R 1070 -20.12 23.70 -2.00
N GLU R 1071 -20.66 22.57 -1.54
CA GLU R 1071 -20.60 22.16 -0.13
C GLU R 1071 -19.25 21.50 0.22
N PRO R 1072 -18.93 21.29 1.52
CA PRO R 1072 -17.71 20.57 1.94
C PRO R 1072 -17.67 19.12 1.45
N ALA R 1073 -16.49 18.61 1.09
CA ALA R 1073 -16.27 17.17 0.91
C ALA R 1073 -16.46 16.43 2.25
N GLY R 1074 -16.88 15.17 2.24
CA GLY R 1074 -17.25 14.46 3.47
C GLY R 1074 -16.25 13.42 3.96
N GLY R 1075 -15.55 12.77 3.04
CA GLY R 1075 -14.63 11.66 3.35
C GLY R 1075 -13.26 12.17 3.77
N LEU R 1076 -12.21 11.37 3.58
CA LEU R 1076 -10.86 11.79 3.92
C LEU R 1076 -10.48 13.13 3.30
N TRP R 1077 -10.95 13.47 2.09
CA TRP R 1077 -10.68 14.78 1.50
C TRP R 1077 -11.41 15.95 2.17
N SER R 1078 -12.27 15.71 3.17
CA SER R 1078 -12.75 16.77 4.08
C SER R 1078 -11.64 17.36 4.94
N ILE R 1079 -10.57 16.58 5.18
CA ILE R 1079 -9.44 16.97 6.03
C ILE R 1079 -8.35 17.62 5.19
N ARG R 1080 -7.68 18.63 5.75
CA ARG R 1080 -6.36 19.12 5.31
C ARG R 1080 -5.49 19.30 6.56
N PRO R 1081 -4.69 18.30 6.96
CA PRO R 1081 -3.90 18.38 8.18
C PRO R 1081 -2.76 19.39 8.02
N GLN R 1082 -2.24 19.99 9.09
CA GLN R 1082 -1.34 21.16 9.02
C GLN R 1082 -0.14 20.98 8.07
N ASN R 1083 0.39 19.77 7.90
CA ASN R 1083 1.55 19.49 7.04
C ASN R 1083 1.23 18.74 5.74
N GLY R 1084 -0.03 18.33 5.51
CA GLY R 1084 -0.35 17.24 4.57
C GLY R 1084 -0.15 15.87 5.21
N TRP R 1085 -0.58 14.78 4.56
CA TRP R 1085 -0.59 13.46 5.19
C TRP R 1085 0.78 12.82 5.34
N SER R 1086 1.77 13.18 4.53
CA SER R 1086 3.10 12.59 4.57
C SER R 1086 3.97 13.19 5.67
N PHE R 1087 4.90 12.39 6.19
CA PHE R 1087 5.67 12.72 7.39
C PHE R 1087 7.04 13.33 7.13
N ILE R 1088 7.39 13.67 5.89
CA ILE R 1088 8.69 14.29 5.61
C ILE R 1088 8.73 15.72 6.15
N ARG R 1089 9.87 16.13 6.71
CA ARG R 1089 10.07 17.41 7.41
C ARG R 1089 11.08 18.25 6.65
N ILE R 1090 10.64 18.86 5.55
CA ILE R 1090 11.44 19.80 4.76
C ILE R 1090 11.94 20.94 5.68
N PRO R 1091 13.22 21.33 5.66
CA PRO R 1091 13.71 22.40 6.52
C PRO R 1091 13.15 23.75 6.05
N GLY R 1092 12.28 24.34 6.87
CA GLY R 1092 11.64 25.62 6.56
C GLY R 1092 12.66 26.75 6.45
N LYS R 1093 12.40 27.74 5.61
CA LYS R 1093 13.39 28.76 5.26
C LYS R 1093 13.76 29.71 6.42
N GLU R 1094 12.93 29.81 7.45
CA GLU R 1094 13.30 30.45 8.73
C GLU R 1094 14.53 29.81 9.38
N SER R 1095 14.83 28.54 9.10
CA SER R 1095 16.04 27.88 9.62
C SER R 1095 17.34 28.51 9.13
N LEU R 1096 17.32 29.27 8.02
CA LEU R 1096 18.46 30.11 7.66
C LEU R 1096 18.71 31.14 8.76
N ILE R 1097 17.68 31.82 9.24
CA ILE R 1097 17.82 32.88 10.24
C ILE R 1097 18.27 32.28 11.57
N THR R 1098 17.64 31.20 11.99
CA THR R 1098 17.80 30.69 13.35
C THR R 1098 19.03 29.82 13.56
N ASP R 1099 19.69 29.32 12.51
CA ASP R 1099 20.93 28.54 12.64
C ASP R 1099 22.20 29.39 12.72
N SER R 1100 22.20 30.64 12.25
CA SER R 1100 23.41 31.49 12.31
C SER R 1100 23.21 32.69 13.23
N GLY R 1101 24.09 32.84 14.21
CA GLY R 1101 24.07 34.00 15.10
C GLY R 1101 24.23 35.30 14.32
N LYS R 1102 25.13 35.30 13.32
CA LYS R 1102 25.31 36.45 12.45
C LYS R 1102 24.06 36.71 11.61
N LEU R 1103 23.44 35.70 11.02
CA LEU R 1103 22.26 35.95 10.19
C LEU R 1103 21.05 36.40 11.04
N TYR R 1104 20.90 35.90 12.25
CA TYR R 1104 19.90 36.41 13.20
C TYR R 1104 20.15 37.87 13.56
N ALA R 1105 21.40 38.24 13.83
CA ALA R 1105 21.79 39.62 14.08
C ALA R 1105 21.52 40.52 12.85
N LEU R 1106 21.84 40.03 11.66
CA LEU R 1106 21.55 40.74 10.43
C LEU R 1106 20.05 40.98 10.27
N ASP R 1107 19.21 39.98 10.53
CA ASP R 1107 17.77 40.13 10.34
C ASP R 1107 17.14 41.21 11.23
N VAL R 1108 17.59 41.34 12.48
CA VAL R 1108 17.11 42.44 13.33
C VAL R 1108 17.67 43.79 12.88
N LEU R 1109 18.89 43.85 12.32
CA LEU R 1109 19.39 45.07 11.68
C LEU R 1109 18.57 45.43 10.45
N LEU R 1110 18.32 44.50 9.54
CA LEU R 1110 17.61 44.81 8.30
C LEU R 1110 16.16 45.16 8.55
N THR R 1111 15.45 44.47 9.45
CA THR R 1111 14.08 44.88 9.81
C THR R 1111 14.03 46.26 10.44
N ARG R 1112 15.04 46.65 11.24
CA ARG R 1112 15.20 48.05 11.68
C ARG R 1112 15.44 48.97 10.48
N LEU R 1113 16.47 48.74 9.69
CA LEU R 1113 16.90 49.64 8.62
C LEU R 1113 15.82 49.85 7.55
N LYS R 1114 15.05 48.80 7.22
CA LYS R 1114 13.88 48.90 6.35
C LYS R 1114 12.85 49.88 6.94
N SER R 1115 12.54 49.74 8.23
CA SER R 1115 11.57 50.62 8.91
C SER R 1115 12.06 52.06 9.07
N GLN R 1116 13.38 52.28 9.17
CA GLN R 1116 13.97 53.62 9.13
C GLN R 1116 14.04 54.22 7.71
N GLY R 1117 13.84 53.42 6.66
CA GLY R 1117 13.88 53.85 5.26
C GLY R 1117 15.29 53.93 4.65
N HIS R 1118 16.31 53.41 5.34
CA HIS R 1118 17.69 53.41 4.88
C HIS R 1118 17.97 52.36 3.79
N ARG R 1119 18.73 52.72 2.77
CA ARG R 1119 19.31 51.79 1.78
C ARG R 1119 20.62 51.19 2.30
N VAL R 1120 20.91 49.93 1.99
CA VAL R 1120 22.02 49.19 2.62
C VAL R 1120 22.86 48.33 1.68
N LEU R 1121 24.17 48.31 1.89
CA LEU R 1121 25.11 47.37 1.25
C LEU R 1121 25.50 46.25 2.22
N ILE R 1122 25.56 45.01 1.76
CA ILE R 1122 26.07 43.88 2.53
C ILE R 1122 27.26 43.26 1.79
N TYR R 1123 28.41 43.20 2.45
CA TYR R 1123 29.62 42.56 1.92
C TYR R 1123 29.83 41.18 2.52
N SER R 1124 30.21 40.20 1.69
CA SER R 1124 30.59 38.86 2.09
C SER R 1124 31.69 38.28 1.19
N GLN R 1125 32.52 37.40 1.73
CA GLN R 1125 33.71 36.86 1.07
C GLN R 1125 33.57 35.44 0.51
N MET R 1126 32.39 34.84 0.63
CA MET R 1126 32.11 33.53 0.03
C MET R 1126 30.94 33.66 -0.93
N THR R 1127 31.08 33.29 -2.20
CA THR R 1127 29.94 33.24 -3.13
C THR R 1127 28.84 32.31 -2.59
N ARG R 1128 29.23 31.23 -1.90
CA ARG R 1128 28.30 30.37 -1.17
C ARG R 1128 27.52 31.12 -0.10
N MET R 1129 28.14 32.05 0.62
CA MET R 1129 27.41 32.86 1.61
C MET R 1129 26.55 33.92 0.93
N ILE R 1130 26.96 34.46 -0.20
CA ILE R 1130 26.08 35.34 -0.97
C ILE R 1130 24.87 34.55 -1.49
N ASP R 1131 25.01 33.28 -1.84
CA ASP R 1131 23.84 32.43 -2.13
C ASP R 1131 22.91 32.30 -0.91
N LEU R 1132 23.43 32.02 0.29
CA LEU R 1132 22.63 31.98 1.51
C LEU R 1132 21.92 33.32 1.75
N LEU R 1133 22.61 34.43 1.61
CA LEU R 1133 22.02 35.76 1.80
C LEU R 1133 20.97 36.06 0.74
N GLU R 1134 21.18 35.67 -0.51
CA GLU R 1134 20.15 35.79 -1.54
C GLU R 1134 18.91 34.97 -1.16
N GLU R 1135 19.06 33.70 -0.78
CA GLU R 1135 17.91 32.86 -0.42
C GLU R 1135 17.12 33.46 0.75
N TYR R 1136 17.81 34.05 1.72
CA TYR R 1136 17.18 34.79 2.80
C TYR R 1136 16.43 36.04 2.31
N MET R 1137 17.04 36.90 1.49
CA MET R 1137 16.41 38.15 1.07
C MET R 1137 15.27 37.93 0.07
N VAL R 1138 15.35 36.87 -0.74
CA VAL R 1138 14.21 36.36 -1.51
C VAL R 1138 13.10 35.97 -0.54
N TYR R 1139 13.41 35.15 0.46
CA TYR R 1139 12.42 34.59 1.37
C TYR R 1139 11.68 35.65 2.20
N ARG R 1140 12.38 36.60 2.82
CA ARG R 1140 11.73 37.71 3.55
C ARG R 1140 11.24 38.85 2.65
N LYS R 1141 11.21 38.64 1.32
CA LYS R 1141 10.61 39.56 0.33
C LYS R 1141 11.15 40.98 0.41
N HIS R 1142 12.47 41.13 0.56
CA HIS R 1142 13.11 42.44 0.75
C HIS R 1142 13.19 43.32 -0.51
N THR R 1143 13.27 42.73 -1.69
CA THR R 1143 13.93 43.30 -2.89
C THR R 1143 15.43 43.49 -2.66
N TYR R 1144 16.25 42.96 -3.55
CA TYR R 1144 17.70 42.84 -3.36
C TYR R 1144 18.40 42.73 -4.72
N MET R 1145 19.72 42.91 -4.77
CA MET R 1145 20.49 42.72 -5.99
C MET R 1145 21.95 42.36 -5.69
N ARG R 1146 22.59 41.45 -6.44
CA ARG R 1146 23.91 40.87 -6.10
C ARG R 1146 24.95 40.97 -7.21
N LEU R 1147 26.24 41.13 -6.84
CA LEU R 1147 27.37 41.20 -7.78
C LEU R 1147 28.60 40.39 -7.32
N ASP R 1148 28.52 39.07 -7.43
CA ASP R 1148 29.69 38.19 -7.31
C ASP R 1148 30.70 38.39 -8.44
N GLY R 1149 31.93 37.91 -8.26
CA GLY R 1149 32.95 37.90 -9.30
C GLY R 1149 32.60 37.04 -10.53
N SER R 1150 31.52 36.26 -10.49
CA SER R 1150 30.98 35.53 -11.64
C SER R 1150 30.07 36.39 -12.53
N SER R 1151 29.63 37.57 -12.10
CA SER R 1151 28.80 38.47 -12.92
C SER R 1151 29.60 39.14 -14.04
N LYS R 1152 29.00 39.30 -15.23
CA LYS R 1152 29.63 39.93 -16.40
C LYS R 1152 29.74 41.45 -16.24
N ILE R 1153 30.64 42.09 -16.97
CA ILE R 1153 30.83 43.55 -16.87
C ILE R 1153 29.55 44.30 -17.21
N SER R 1154 28.84 43.93 -18.27
CA SER R 1154 27.55 44.55 -18.61
C SER R 1154 26.51 44.39 -17.48
N GLU R 1155 26.50 43.24 -16.80
CA GLU R 1155 25.60 43.00 -15.66
C GLU R 1155 25.95 43.90 -14.48
N ARG R 1156 27.24 44.07 -14.15
CA ARG R 1156 27.67 45.00 -13.08
C ARG R 1156 27.14 46.40 -13.35
N ARG R 1157 27.29 46.86 -14.58
CA ARG R 1157 26.86 48.19 -15.01
C ARG R 1157 25.34 48.32 -14.94
N ASP R 1158 24.59 47.28 -15.31
CA ASP R 1158 23.14 47.24 -15.15
C ASP R 1158 22.72 47.31 -13.67
N MET R 1159 23.26 46.44 -12.82
CA MET R 1159 22.87 46.38 -11.41
C MET R 1159 23.16 47.71 -10.70
N VAL R 1160 24.35 48.28 -10.92
CA VAL R 1160 24.76 49.56 -10.33
C VAL R 1160 23.81 50.68 -10.75
N ALA R 1161 23.59 50.86 -12.06
CA ALA R 1161 22.72 51.90 -12.56
C ALA R 1161 21.25 51.72 -12.15
N ASP R 1162 20.84 50.51 -11.77
CA ASP R 1162 19.52 50.22 -11.22
C ASP R 1162 19.44 50.32 -9.69
N PHE R 1163 20.58 50.32 -8.97
CA PHE R 1163 20.60 50.55 -7.52
C PHE R 1163 20.67 52.04 -7.18
N GLN R 1164 21.50 52.78 -7.93
CA GLN R 1164 21.29 54.22 -8.09
C GLN R 1164 19.98 54.48 -8.86
N ASN R 1165 19.56 55.74 -8.95
CA ASN R 1165 18.43 56.20 -9.78
C ASN R 1165 17.02 55.67 -9.42
N ARG R 1166 16.88 54.68 -8.53
CA ARG R 1166 15.61 53.99 -8.24
C ARG R 1166 15.31 53.92 -6.74
N ASN R 1167 14.03 54.05 -6.40
CA ASN R 1167 13.57 54.29 -5.02
C ASN R 1167 13.29 53.00 -4.21
N ASP R 1168 13.22 51.85 -4.87
CA ASP R 1168 12.69 50.60 -4.33
C ASP R 1168 13.75 49.66 -3.75
N ILE R 1169 14.80 49.30 -4.51
CA ILE R 1169 15.73 48.21 -4.15
C ILE R 1169 16.37 48.45 -2.78
N PHE R 1170 16.00 47.65 -1.78
CA PHE R 1170 16.40 47.88 -0.39
C PHE R 1170 17.89 47.59 -0.12
N VAL R 1171 18.40 46.48 -0.65
CA VAL R 1171 19.71 45.92 -0.25
C VAL R 1171 20.55 45.41 -1.42
N PHE R 1172 21.86 45.66 -1.37
CA PHE R 1172 22.81 45.24 -2.40
C PHE R 1172 23.84 44.26 -1.80
N LEU R 1173 24.11 43.15 -2.48
CA LEU R 1173 25.01 42.09 -2.04
C LEU R 1173 26.33 42.08 -2.83
N LEU R 1174 27.46 42.09 -2.14
CA LEU R 1174 28.77 42.36 -2.72
C LEU R 1174 29.86 41.43 -2.18
N SER R 1175 30.96 41.29 -2.91
CA SER R 1175 32.24 40.83 -2.36
C SER R 1175 33.25 41.97 -2.33
N THR R 1176 34.11 41.99 -1.32
CA THR R 1176 35.02 43.13 -1.12
C THR R 1176 36.08 43.22 -2.23
N ARG R 1177 36.56 42.07 -2.74
CA ARG R 1177 37.60 41.99 -3.78
C ARG R 1177 37.10 41.87 -5.23
N ALA R 1178 35.79 41.99 -5.46
CA ALA R 1178 35.26 42.09 -6.83
C ALA R 1178 34.03 43.01 -6.93
N GLY R 1179 33.00 42.75 -6.13
CA GLY R 1179 31.77 43.51 -6.18
C GLY R 1179 31.97 44.99 -5.89
N GLY R 1180 32.86 45.34 -4.96
CA GLY R 1180 33.04 46.73 -4.57
C GLY R 1180 33.88 47.62 -5.51
N LEU R 1181 34.87 47.09 -6.25
CA LEU R 1181 36.01 47.88 -6.74
C LEU R 1181 35.60 49.15 -7.51
N GLY R 1182 35.94 50.30 -6.93
CA GLY R 1182 35.60 51.66 -7.40
C GLY R 1182 34.16 51.88 -7.89
N ILE R 1183 33.17 51.15 -7.35
CA ILE R 1183 31.85 51.04 -7.99
C ILE R 1183 30.84 52.15 -7.60
N ASN R 1184 31.14 52.94 -6.56
CA ASN R 1184 30.53 54.26 -6.26
C ASN R 1184 29.00 54.27 -6.02
N LEU R 1185 28.50 53.46 -5.09
CA LEU R 1185 27.09 53.32 -4.74
C LEU R 1185 26.58 54.44 -3.82
N THR R 1186 26.59 55.68 -4.32
CA THR R 1186 26.15 56.89 -3.56
C THR R 1186 24.71 56.81 -3.05
N ALA R 1187 23.87 55.95 -3.64
CA ALA R 1187 22.50 55.72 -3.20
C ALA R 1187 22.38 54.89 -1.91
N ALA R 1188 23.44 54.21 -1.46
CA ALA R 1188 23.44 53.54 -0.16
C ALA R 1188 23.52 54.54 0.99
N ASP R 1189 22.77 54.29 2.07
CA ASP R 1189 22.85 55.07 3.30
C ASP R 1189 23.74 54.40 4.35
N THR R 1190 23.90 53.08 4.25
CA THR R 1190 24.50 52.22 5.30
C THR R 1190 25.27 51.04 4.71
N VAL R 1191 26.22 50.50 5.47
CA VAL R 1191 27.07 49.38 5.03
C VAL R 1191 27.17 48.32 6.12
N ILE R 1192 27.10 47.05 5.76
CA ILE R 1192 27.23 45.91 6.65
C ILE R 1192 28.31 44.96 6.12
N PHE R 1193 29.23 44.57 6.98
CA PHE R 1193 30.18 43.51 6.72
C PHE R 1193 29.71 42.22 7.38
N TYR R 1194 29.20 41.31 6.56
CA TYR R 1194 28.98 39.93 6.96
C TYR R 1194 30.29 39.14 7.00
N ASP R 1195 31.38 39.68 6.48
CA ASP R 1195 32.72 39.09 6.50
C ASP R 1195 33.80 40.17 6.62
N SER R 1196 34.94 39.77 7.17
CA SER R 1196 36.15 40.59 7.25
C SER R 1196 37.34 39.85 6.65
N ASP R 1197 38.19 40.57 5.93
CA ASP R 1197 39.40 40.02 5.31
C ASP R 1197 40.61 40.05 6.24
N TRP R 1198 41.53 39.11 6.03
CA TRP R 1198 42.80 39.05 6.75
C TRP R 1198 43.66 40.30 6.59
N ASN R 1199 43.46 41.07 5.52
CA ASN R 1199 43.98 42.43 5.37
C ASN R 1199 42.85 43.45 5.51
N PRO R 1200 43.04 44.52 6.30
CA PRO R 1200 42.31 45.77 6.14
C PRO R 1200 42.50 46.36 4.73
N THR R 1201 42.16 47.63 4.57
CA THR R 1201 42.12 48.37 3.28
C THR R 1201 41.01 47.89 2.37
N VAL R 1202 40.77 46.60 2.22
CA VAL R 1202 39.65 46.10 1.41
C VAL R 1202 38.31 46.50 2.04
N ASP R 1203 38.19 46.36 3.36
CA ASP R 1203 37.04 46.87 4.10
C ASP R 1203 36.96 48.40 4.05
N GLN R 1204 38.09 49.09 4.15
CA GLN R 1204 38.14 50.55 4.12
C GLN R 1204 37.64 51.07 2.77
N GLN R 1205 38.07 50.44 1.67
CA GLN R 1205 37.56 50.73 0.34
C GLN R 1205 36.08 50.38 0.25
N ALA R 1206 35.67 49.21 0.73
CA ALA R 1206 34.28 48.75 0.73
C ALA R 1206 33.32 49.74 1.42
N MET R 1207 33.69 50.32 2.56
CA MET R 1207 32.93 51.40 3.18
C MET R 1207 32.82 52.60 2.24
N ASP R 1208 33.94 53.02 1.66
CA ASP R 1208 34.02 54.30 0.97
C ASP R 1208 33.50 54.25 -0.47
N ARG R 1209 33.29 53.04 -1.00
CA ARG R 1209 32.45 52.80 -2.17
C ARG R 1209 30.98 53.17 -1.90
N ALA R 1210 30.58 53.42 -0.65
CA ALA R 1210 29.40 54.19 -0.28
C ALA R 1210 29.74 55.59 0.29
N HIS R 1211 30.68 55.68 1.24
CA HIS R 1211 31.05 56.93 1.93
C HIS R 1211 31.95 57.84 1.08
N ARG R 1212 31.33 58.73 0.28
CA ARG R 1212 32.02 59.58 -0.70
C ARG R 1212 31.28 60.87 -1.03
N LEU R 1213 31.98 61.81 -1.68
CA LEU R 1213 31.53 63.18 -1.96
C LEU R 1213 30.15 63.29 -2.65
N GLY R 1214 29.71 62.27 -3.38
CA GLY R 1214 28.39 62.22 -4.00
C GLY R 1214 27.20 62.00 -3.02
N GLN R 1215 27.44 61.59 -1.78
CA GLN R 1215 26.41 61.53 -0.73
C GLN R 1215 26.05 62.91 -0.18
N THR R 1216 24.91 63.02 0.49
CA THR R 1216 24.43 64.22 1.18
C THR R 1216 23.86 63.88 2.58
N LYS R 1217 24.44 62.89 3.25
CA LYS R 1217 23.80 62.11 4.31
C LYS R 1217 24.69 61.71 5.48
N GLN R 1218 24.06 61.31 6.58
CA GLN R 1218 24.67 60.51 7.66
C GLN R 1218 25.17 59.17 7.11
N VAL R 1219 26.23 58.61 7.71
CA VAL R 1219 26.73 57.26 7.36
C VAL R 1219 26.88 56.40 8.61
N THR R 1220 26.40 55.15 8.52
CA THR R 1220 26.60 54.12 9.54
C THR R 1220 27.14 52.84 8.92
N VAL R 1221 28.10 52.22 9.59
CA VAL R 1221 28.76 51.00 9.15
C VAL R 1221 28.69 49.94 10.26
N TYR R 1222 28.40 48.69 9.93
CA TYR R 1222 28.31 47.61 10.90
C TYR R 1222 29.24 46.46 10.50
N ARG R 1223 29.91 45.84 11.46
CA ARG R 1223 30.63 44.57 11.30
C ARG R 1223 29.97 43.50 12.16
N LEU R 1224 29.71 42.31 11.63
CA LEU R 1224 29.11 41.22 12.39
C LEU R 1224 30.18 40.18 12.73
N ILE R 1225 30.43 39.91 14.02
CA ILE R 1225 31.52 39.04 14.48
C ILE R 1225 31.07 38.08 15.60
N CYS R 1226 31.55 36.83 15.61
CA CYS R 1226 31.22 35.84 16.65
C CYS R 1226 32.31 35.77 17.74
N LYS R 1227 31.98 36.03 19.01
CA LYS R 1227 32.97 36.00 20.11
C LYS R 1227 33.60 34.63 20.31
N GLY R 1228 34.91 34.59 20.59
CA GLY R 1228 35.64 33.38 20.95
C GLY R 1228 35.83 32.34 19.83
N THR R 1229 35.53 32.69 18.58
CA THR R 1229 35.53 31.76 17.44
C THR R 1229 36.88 31.68 16.71
N ILE R 1230 37.02 32.48 15.66
CA ILE R 1230 38.18 32.66 14.80
C ILE R 1230 38.17 34.09 14.25
N GLU R 1231 37.00 34.69 14.06
CA GLU R 1231 36.84 36.07 13.56
C GLU R 1231 37.52 37.12 14.44
N GLU R 1232 37.67 36.86 15.74
CA GLU R 1232 38.46 37.74 16.60
C GLU R 1232 39.97 37.67 16.30
N ARG R 1233 40.53 36.54 15.80
CA ARG R 1233 41.89 36.54 15.25
C ARG R 1233 41.96 37.44 14.03
N ILE R 1234 40.98 37.35 13.13
CA ILE R 1234 40.91 38.20 11.93
C ILE R 1234 40.83 39.67 12.34
N LEU R 1235 39.99 40.02 13.30
CA LEU R 1235 39.92 41.38 13.84
C LEU R 1235 41.23 41.80 14.53
N GLN R 1236 41.90 40.91 15.27
CA GLN R 1236 43.18 41.23 15.92
C GLN R 1236 44.28 41.47 14.89
N ARG R 1237 44.45 40.60 13.89
CA ARG R 1237 45.35 40.86 12.76
C ARG R 1237 44.94 42.11 12.00
N ALA R 1238 43.65 42.38 11.82
CA ALA R 1238 43.19 43.62 11.20
C ALA R 1238 43.54 44.86 12.02
N LYS R 1239 43.40 44.82 13.36
CA LYS R 1239 43.83 45.92 14.22
C LYS R 1239 45.34 46.09 14.20
N GLU R 1240 46.12 45.04 14.41
CA GLU R 1240 47.59 45.09 14.34
C GLU R 1240 48.08 45.65 13.01
N LYS R 1241 47.52 45.18 11.89
CA LYS R 1241 47.81 45.72 10.58
C LYS R 1241 47.37 47.17 10.47
N SER R 1242 46.15 47.54 10.90
CA SER R 1242 45.68 48.93 10.81
C SER R 1242 46.58 49.91 11.56
N GLU R 1243 47.14 49.51 12.69
CA GLU R 1243 48.09 50.33 13.45
C GLU R 1243 49.43 50.48 12.72
N ILE R 1244 49.98 49.41 12.14
CA ILE R 1244 51.15 49.48 11.26
C ILE R 1244 50.88 50.36 10.03
N GLN R 1245 49.69 50.23 9.46
CA GLN R 1245 49.25 50.88 8.23
C GLN R 1245 49.00 52.38 8.40
N ARG R 1246 48.65 52.86 9.60
CA ARG R 1246 48.55 54.29 9.89
C ARG R 1246 49.90 54.99 9.81
N MET R 1247 50.91 54.52 10.55
CA MET R 1247 52.19 55.23 10.68
C MET R 1247 52.95 55.43 9.36
N VAL R 1248 52.76 54.54 8.38
CA VAL R 1248 53.39 54.67 7.06
C VAL R 1248 52.71 55.71 6.17
N ILE R 1249 51.54 56.24 6.56
CA ILE R 1249 50.87 57.36 5.90
C ILE R 1249 50.99 58.64 6.73
N SER R 1250 50.63 58.61 8.02
CA SER R 1250 50.54 59.81 8.88
C SER R 1250 50.66 59.52 10.38
N GLY S 140 48.44 -33.07 -88.32
CA GLY S 140 47.78 -31.87 -88.86
C GLY S 140 48.59 -30.61 -88.59
N LEU S 141 48.09 -29.45 -89.01
CA LEU S 141 48.79 -28.15 -88.90
C LEU S 141 49.02 -27.66 -87.45
N GLY S 142 48.50 -28.36 -86.44
CA GLY S 142 48.94 -28.22 -85.04
C GLY S 142 50.46 -28.44 -84.83
N GLY S 143 51.15 -29.06 -85.79
CA GLY S 143 52.62 -29.09 -85.84
C GLY S 143 53.28 -27.70 -85.90
N GLN S 144 52.61 -26.67 -86.41
CA GLN S 144 53.10 -25.28 -86.29
C GLN S 144 53.06 -24.77 -84.85
N GLU S 145 52.03 -25.11 -84.09
CA GLU S 145 51.90 -24.75 -82.67
C GLU S 145 52.86 -25.54 -81.78
N GLU S 146 53.16 -26.79 -82.16
CA GLU S 146 54.26 -27.58 -81.58
C GLU S 146 55.63 -26.94 -81.84
N GLU S 147 55.90 -26.45 -83.07
CA GLU S 147 57.15 -25.71 -83.34
C GLU S 147 57.19 -24.34 -82.62
N GLU S 148 56.06 -23.63 -82.52
CA GLU S 148 55.97 -22.41 -81.71
C GLU S 148 56.31 -22.72 -80.24
N GLU S 149 55.83 -23.83 -79.69
CA GLU S 149 56.22 -24.28 -78.35
C GLU S 149 57.70 -24.67 -78.28
N GLN S 150 58.28 -25.32 -79.30
CA GLN S 150 59.72 -25.58 -79.39
C GLN S 150 60.57 -24.29 -79.43
N ARG S 151 60.12 -23.26 -80.15
CA ARG S 151 60.78 -21.93 -80.18
C ARG S 151 60.68 -21.24 -78.82
N TRP S 152 59.52 -21.35 -78.16
CA TRP S 152 59.28 -20.85 -76.81
C TRP S 152 60.08 -21.62 -75.74
N LEU S 153 60.38 -22.91 -75.98
CA LEU S 153 61.28 -23.74 -75.16
C LEU S 153 62.76 -23.44 -75.41
N ASP S 154 63.19 -23.17 -76.64
CA ASP S 154 64.57 -22.77 -76.95
C ASP S 154 64.96 -21.49 -76.18
N ALA S 155 64.07 -20.49 -76.21
CA ALA S 155 64.22 -19.28 -75.41
C ALA S 155 64.13 -19.54 -73.88
N LEU S 156 63.35 -20.54 -73.43
CA LEU S 156 63.29 -20.95 -72.02
C LEU S 156 64.60 -21.60 -71.55
N GLU S 157 65.20 -22.47 -72.37
CA GLU S 157 66.48 -23.12 -72.07
C GLU S 157 67.64 -22.10 -72.07
N LYS S 158 67.61 -21.11 -72.98
CA LYS S 158 68.56 -19.99 -73.01
C LYS S 158 68.34 -18.96 -71.89
N GLY S 159 67.11 -18.84 -71.38
CA GLY S 159 66.71 -17.82 -70.40
C GLY S 159 66.49 -16.43 -71.02
N GLU S 160 66.04 -16.38 -72.28
CA GLU S 160 65.95 -15.16 -73.11
C GLU S 160 64.49 -14.82 -73.47
N LEU S 161 63.67 -14.55 -72.44
CA LEU S 161 62.25 -14.22 -72.53
C LEU S 161 61.93 -12.93 -71.76
N ASP S 162 60.83 -12.28 -72.13
CA ASP S 162 60.34 -11.06 -71.48
C ASP S 162 59.88 -11.32 -70.01
N ASP S 163 59.62 -10.27 -69.23
CA ASP S 163 59.14 -10.40 -67.84
C ASP S 163 57.74 -11.05 -67.72
N ASN S 164 56.98 -11.05 -68.81
CA ASN S 164 55.73 -11.82 -68.98
C ASN S 164 55.96 -13.26 -69.51
N GLY S 165 57.20 -13.66 -69.77
CA GLY S 165 57.54 -14.93 -70.42
C GLY S 165 57.27 -14.99 -71.93
N ASP S 166 56.91 -13.87 -72.55
CA ASP S 166 56.67 -13.75 -74.00
C ASP S 166 58.00 -13.73 -74.80
N LEU S 167 57.93 -14.05 -76.09
CA LEU S 167 59.07 -14.10 -77.00
C LEU S 167 59.78 -12.73 -77.11
N ASN S 172 56.16 -2.60 -84.04
CA ASN S 172 55.73 -1.97 -85.28
C ASN S 172 54.73 -0.83 -85.02
N GLU S 173 55.13 0.41 -85.24
CA GLU S 173 54.32 1.61 -84.93
C GLU S 173 53.05 1.72 -85.79
N ARG S 174 52.99 1.02 -86.93
CA ARG S 174 51.82 0.97 -87.82
C ARG S 174 50.60 0.32 -87.17
N LEU S 175 50.80 -0.42 -86.08
CA LEU S 175 49.74 -1.06 -85.28
C LEU S 175 49.08 -0.10 -84.26
N LEU S 176 49.64 1.08 -84.04
CA LEU S 176 49.15 2.05 -83.06
C LEU S 176 47.95 2.86 -83.58
N THR S 177 46.92 3.03 -82.76
CA THR S 177 45.82 4.01 -82.97
C THR S 177 46.33 5.44 -82.86
N ALA S 178 45.56 6.43 -83.33
CA ALA S 178 45.94 7.85 -83.22
C ALA S 178 46.21 8.31 -81.77
N ARG S 179 45.45 7.83 -80.79
CA ARG S 179 45.75 8.05 -79.36
C ARG S 179 47.08 7.44 -78.96
N GLN S 180 47.37 6.21 -79.37
CA GLN S 180 48.64 5.55 -79.06
C GLN S 180 49.84 6.21 -79.76
N ARG S 181 49.64 6.80 -80.94
CA ARG S 181 50.65 7.66 -81.61
C ARG S 181 50.88 8.94 -80.81
N ALA S 182 49.84 9.57 -80.27
CA ALA S 182 49.98 10.70 -79.36
C ALA S 182 50.68 10.33 -78.04
N LEU S 183 50.41 9.14 -77.48
CA LEU S 183 51.12 8.62 -76.31
C LEU S 183 52.60 8.27 -76.63
N LEU S 184 52.90 7.73 -77.81
CA LEU S 184 54.29 7.52 -78.23
C LEU S 184 55.02 8.86 -78.48
N GLN S 185 54.34 9.87 -79.03
CA GLN S 185 54.86 11.24 -79.10
C GLN S 185 55.16 11.78 -77.69
N LYS S 186 54.26 11.58 -76.73
CA LYS S 186 54.46 11.93 -75.31
C LYS S 186 55.60 11.15 -74.64
N ALA S 187 55.88 9.91 -75.09
CA ALA S 187 57.03 9.12 -74.65
C ALA S 187 58.35 9.56 -75.30
N ARG S 188 58.30 10.11 -76.52
CA ARG S 188 59.46 10.64 -77.26
C ARG S 188 59.84 12.08 -76.86
N SER S 189 58.90 12.88 -76.35
CA SER S 189 59.13 14.23 -75.80
C SER S 189 59.76 14.20 -74.41
N LEU S 208 37.96 52.80 -65.41
CA LEU S 208 38.89 51.79 -65.90
C LEU S 208 40.04 51.49 -64.92
N THR S 209 40.20 52.33 -63.89
CA THR S 209 41.31 52.21 -62.91
C THR S 209 40.95 52.73 -61.50
N GLU S 210 40.01 53.66 -61.36
CA GLU S 210 39.51 54.17 -60.07
C GLU S 210 38.47 53.24 -59.41
N GLU S 211 38.21 52.06 -60.01
CA GLU S 211 37.07 51.19 -59.73
C GLU S 211 37.00 50.64 -58.28
N MET S 212 38.11 50.63 -57.55
CA MET S 212 38.12 50.25 -56.12
C MET S 212 37.38 51.25 -55.22
N LEU S 213 37.28 52.53 -55.58
CA LEU S 213 36.75 53.57 -54.68
C LEU S 213 35.31 53.28 -54.22
N LEU S 214 34.45 52.86 -55.16
CA LEU S 214 33.06 52.49 -54.90
C LEU S 214 32.89 51.18 -54.10
N LYS S 215 33.99 50.44 -53.87
CA LYS S 215 34.09 49.30 -52.94
C LYS S 215 34.69 49.73 -51.60
N ARG S 216 35.73 50.57 -51.63
CA ARG S 216 36.44 51.13 -50.47
C ARG S 216 35.52 51.90 -49.54
N GLU S 217 34.67 52.77 -50.09
CA GLU S 217 33.74 53.59 -49.30
C GLU S 217 32.72 52.73 -48.54
N GLU S 218 32.26 51.63 -49.14
CA GLU S 218 31.24 50.76 -48.57
C GLU S 218 31.76 49.99 -47.35
N ARG S 219 33.05 49.61 -47.37
CA ARG S 219 33.73 49.05 -46.18
C ARG S 219 34.08 50.12 -45.16
N ALA S 220 34.62 51.26 -45.60
CA ALA S 220 35.06 52.34 -44.71
C ALA S 220 33.92 52.83 -43.79
N ARG S 221 32.71 53.05 -44.33
CA ARG S 221 31.53 53.44 -43.54
C ARG S 221 31.06 52.37 -42.55
N LYS S 222 31.36 51.09 -42.80
CA LYS S 222 31.06 49.95 -41.93
C LYS S 222 31.95 49.90 -40.68
N ARG S 223 33.25 50.22 -40.83
CA ARG S 223 34.29 50.15 -39.77
C ARG S 223 33.84 50.90 -38.51
N ARG S 224 33.66 52.22 -38.65
CA ARG S 224 33.29 53.10 -37.54
C ARG S 224 31.89 52.80 -37.02
N LEU S 225 30.93 52.49 -37.90
CA LEU S 225 29.56 52.15 -37.52
C LEU S 225 29.49 50.92 -36.60
N GLN S 226 30.12 49.81 -36.96
CA GLN S 226 30.10 48.60 -36.13
C GLN S 226 30.93 48.75 -34.85
N ALA S 227 32.09 49.41 -34.91
CA ALA S 227 32.86 49.73 -33.71
C ALA S 227 32.06 50.62 -32.75
N ALA S 228 31.39 51.66 -33.26
CA ALA S 228 30.52 52.52 -32.47
C ALA S 228 29.29 51.77 -31.94
N ARG S 229 28.67 50.89 -32.74
CA ARG S 229 27.56 50.02 -32.28
C ARG S 229 27.98 49.18 -31.07
N ARG S 230 29.12 48.50 -31.16
CA ARG S 230 29.66 47.70 -30.05
C ARG S 230 30.05 48.58 -28.85
N ALA S 231 30.67 49.73 -29.09
CA ALA S 231 30.96 50.73 -28.06
C ALA S 231 29.70 51.39 -27.44
N GLU S 232 28.49 51.11 -27.95
CA GLU S 232 27.22 51.46 -27.28
C GLU S 232 26.42 50.26 -26.77
N GLU S 233 26.84 49.01 -27.00
CA GLU S 233 26.46 47.91 -26.09
C GLU S 233 27.05 48.18 -24.68
N HIS S 234 28.18 48.88 -24.63
CA HIS S 234 28.78 49.42 -23.41
C HIS S 234 27.99 50.58 -22.76
N LYS S 235 26.78 50.94 -23.21
CA LYS S 235 25.95 51.96 -22.53
C LYS S 235 25.43 51.48 -21.17
N ASN S 236 24.72 50.36 -21.13
CA ASN S 236 24.15 49.79 -19.90
C ASN S 236 24.87 48.50 -19.48
N PRO S 271 -15.32 31.84 -22.53
CA PRO S 271 -16.19 30.77 -22.01
C PRO S 271 -16.58 30.98 -20.55
N MET S 272 -16.25 32.13 -19.96
CA MET S 272 -16.41 32.38 -18.52
C MET S 272 -17.82 32.82 -18.15
N VAL S 273 -18.61 31.91 -17.55
CA VAL S 273 -19.78 32.27 -16.74
C VAL S 273 -19.31 33.11 -15.55
N ARG S 274 -20.05 34.12 -15.14
CA ARG S 274 -19.60 35.04 -14.08
C ARG S 274 -20.71 35.35 -13.11
N TYR S 275 -20.38 35.34 -11.83
CA TYR S 275 -21.25 35.76 -10.74
C TYR S 275 -20.72 37.07 -10.14
N CYS S 276 -21.53 38.11 -10.23
CA CYS S 276 -21.26 39.42 -9.67
C CYS S 276 -22.07 39.57 -8.39
N SER S 277 -21.47 39.41 -7.23
CA SER S 277 -22.06 39.91 -5.99
C SER S 277 -21.86 41.42 -5.98
N GLY S 278 -22.71 42.13 -6.71
CA GLY S 278 -22.55 43.55 -6.98
C GLY S 278 -22.93 44.46 -5.82
N ALA S 279 -22.53 45.73 -5.90
CA ALA S 279 -22.70 46.70 -4.82
C ALA S 279 -24.18 46.99 -4.48
N GLN S 280 -25.01 47.25 -5.50
CA GLN S 280 -26.44 47.51 -5.34
C GLN S 280 -27.29 46.23 -5.33
N GLY S 281 -26.79 45.14 -5.92
CA GLY S 281 -27.52 43.88 -6.05
C GLY S 281 -26.71 42.81 -6.81
N SER S 282 -27.04 41.55 -6.58
CA SER S 282 -26.37 40.40 -7.17
C SER S 282 -26.72 40.18 -8.64
N THR S 283 -25.91 39.43 -9.41
CA THR S 283 -26.19 39.08 -10.81
C THR S 283 -25.36 37.88 -11.26
N LEU S 284 -25.99 36.91 -11.89
CA LEU S 284 -25.34 35.78 -12.55
C LEU S 284 -25.37 36.00 -14.05
N SER S 285 -24.28 35.70 -14.75
CA SER S 285 -24.11 36.02 -16.17
C SER S 285 -23.54 34.84 -16.94
N PHE S 286 -24.12 34.54 -18.10
CA PHE S 286 -23.66 33.46 -18.98
C PHE S 286 -23.16 34.04 -20.31
N PRO S 287 -22.00 33.64 -20.83
CA PRO S 287 -21.55 34.11 -22.13
C PRO S 287 -22.42 33.47 -23.24
N PRO S 288 -22.51 34.08 -24.42
CA PRO S 288 -23.40 33.59 -25.46
C PRO S 288 -22.98 32.18 -25.92
N GLY S 289 -23.97 31.30 -26.13
CA GLY S 289 -23.76 29.90 -26.52
C GLY S 289 -23.62 28.92 -25.36
N VAL S 290 -23.28 29.37 -24.14
CA VAL S 290 -23.46 28.54 -22.93
C VAL S 290 -24.98 28.37 -22.69
N PRO S 291 -25.48 27.18 -22.31
CA PRO S 291 -26.93 26.92 -22.27
C PRO S 291 -27.79 27.82 -21.38
N ALA S 292 -27.18 28.64 -20.52
CA ALA S 292 -27.83 29.31 -19.40
C ALA S 292 -28.79 28.35 -18.65
N PRO S 293 -28.26 27.21 -18.14
CA PRO S 293 -29.03 26.00 -17.87
C PRO S 293 -30.05 26.12 -16.73
N THR S 294 -30.06 27.26 -16.04
CA THR S 294 -31.16 27.71 -15.17
C THR S 294 -32.40 28.05 -16.01
N ALA S 295 -33.04 27.05 -16.60
CA ALA S 295 -34.34 27.21 -17.26
C ALA S 295 -35.47 27.49 -16.25
N VAL S 296 -36.56 28.12 -16.69
CA VAL S 296 -37.72 28.37 -15.84
C VAL S 296 -38.41 27.06 -15.42
N SER S 297 -39.07 27.07 -14.26
CA SER S 297 -40.00 26.01 -13.85
C SER S 297 -41.34 26.62 -13.45
N GLN S 298 -42.43 26.00 -13.87
CA GLN S 298 -43.79 26.52 -13.74
C GLN S 298 -44.77 25.39 -13.39
N ARG S 299 -45.97 25.74 -12.93
CA ARG S 299 -47.06 24.78 -12.62
C ARG S 299 -47.93 24.50 -13.86
N PRO S 300 -47.77 23.36 -14.57
CA PRO S 300 -48.79 22.89 -15.52
C PRO S 300 -50.02 22.42 -14.72
N SER S 301 -51.19 22.94 -15.06
CA SER S 301 -52.36 22.85 -14.18
C SER S 301 -52.81 21.39 -13.93
N PRO S 302 -53.03 20.98 -12.65
CA PRO S 302 -53.51 19.65 -12.32
C PRO S 302 -55.02 19.51 -12.61
N SER S 303 -55.51 18.28 -12.64
CA SER S 303 -56.95 17.97 -12.69
C SER S 303 -57.68 18.36 -11.39
N GLY S 304 -59.01 18.43 -11.45
CA GLY S 304 -59.88 18.87 -10.34
C GLY S 304 -60.06 17.81 -9.23
N PRO S 305 -61.22 17.14 -9.14
CA PRO S 305 -61.48 16.14 -8.12
C PRO S 305 -60.63 14.87 -8.32
N PRO S 306 -60.37 14.08 -7.26
CA PRO S 306 -59.67 12.80 -7.36
C PRO S 306 -60.33 11.84 -8.35
N PRO S 307 -59.57 10.98 -9.05
CA PRO S 307 -60.15 9.88 -9.80
C PRO S 307 -60.84 8.90 -8.84
N ARG S 308 -61.94 8.28 -9.27
CA ARG S 308 -62.84 7.48 -8.41
C ARG S 308 -62.94 6.04 -8.89
N CYS S 309 -63.31 5.13 -8.00
CA CYS S 309 -63.62 3.75 -8.35
C CYS S 309 -64.67 3.68 -9.48
N SER S 310 -64.48 2.81 -10.47
CA SER S 310 -65.43 2.68 -11.60
C SER S 310 -66.58 1.68 -11.35
N VAL S 311 -66.66 1.05 -10.19
CA VAL S 311 -67.93 0.44 -9.74
C VAL S 311 -68.93 1.56 -9.44
N PRO S 312 -70.12 1.60 -10.06
CA PRO S 312 -70.91 2.82 -10.17
C PRO S 312 -71.50 3.31 -8.83
N GLY S 313 -71.73 2.41 -7.88
CA GLY S 313 -72.21 2.76 -6.54
C GLY S 313 -71.11 3.19 -5.56
N CYS S 314 -69.82 3.20 -5.95
CA CYS S 314 -68.71 3.31 -5.00
C CYS S 314 -68.15 4.75 -4.91
N PRO S 315 -68.13 5.38 -3.71
CA PRO S 315 -67.67 6.75 -3.54
C PRO S 315 -66.16 6.88 -3.32
N HIS S 316 -65.43 5.78 -3.15
CA HIS S 316 -64.02 5.80 -2.78
C HIS S 316 -63.08 6.29 -3.91
N PRO S 317 -61.95 6.92 -3.59
CA PRO S 317 -60.91 7.22 -4.55
C PRO S 317 -60.39 5.98 -5.28
N ARG S 318 -59.89 6.14 -6.50
CA ARG S 318 -59.08 5.11 -7.17
C ARG S 318 -57.87 4.80 -6.30
N ARG S 319 -57.62 3.51 -6.04
CA ARG S 319 -56.41 3.00 -5.39
C ARG S 319 -55.51 2.23 -6.35
N TYR S 320 -56.10 1.45 -7.25
CA TYR S 320 -55.42 0.64 -8.25
C TYR S 320 -56.39 0.26 -9.38
N ALA S 321 -55.93 -0.33 -10.48
CA ALA S 321 -56.79 -0.69 -11.61
C ALA S 321 -56.83 -2.20 -11.87
N CYS S 322 -57.95 -2.71 -12.40
CA CYS S 322 -58.06 -4.11 -12.76
C CYS S 322 -57.12 -4.44 -13.92
N SER S 323 -56.32 -5.51 -13.80
CA SER S 323 -55.40 -5.90 -14.87
C SER S 323 -56.09 -6.53 -16.09
N ARG S 324 -57.30 -7.07 -15.92
CA ARG S 324 -58.07 -7.71 -17.01
C ARG S 324 -58.91 -6.71 -17.81
N THR S 325 -59.65 -5.86 -17.12
CA THR S 325 -60.63 -4.96 -17.74
C THR S 325 -60.19 -3.49 -17.81
N GLY S 326 -59.14 -3.10 -17.09
CA GLY S 326 -58.56 -1.76 -17.12
C GLY S 326 -59.31 -0.71 -16.30
N GLN S 327 -60.44 -1.02 -15.68
CA GLN S 327 -61.17 -0.06 -14.83
C GLN S 327 -60.39 0.29 -13.56
N ALA S 328 -60.54 1.53 -13.10
CA ALA S 328 -60.10 1.96 -11.78
C ALA S 328 -60.94 1.30 -10.66
N LEU S 329 -60.29 0.95 -9.56
CA LEU S 329 -60.82 0.20 -8.42
C LEU S 329 -60.28 0.75 -7.09
N CYS S 330 -60.90 0.34 -5.97
CA CYS S 330 -60.56 0.82 -4.64
C CYS S 330 -60.48 -0.25 -3.54
N SER S 331 -61.01 -1.46 -3.76
CA SER S 331 -61.06 -2.52 -2.76
C SER S 331 -61.34 -3.88 -3.40
N LEU S 332 -61.17 -4.96 -2.63
CA LEU S 332 -61.57 -6.31 -3.04
C LEU S 332 -63.06 -6.38 -3.41
N GLN S 333 -63.94 -5.74 -2.65
CA GLN S 333 -65.36 -5.75 -2.99
C GLN S 333 -65.59 -5.16 -4.38
N CYS S 334 -64.97 -4.02 -4.69
CA CYS S 334 -65.07 -3.46 -6.04
C CYS S 334 -64.37 -4.31 -7.10
N TYR S 335 -63.28 -5.02 -6.78
CA TYR S 335 -62.68 -5.95 -7.73
C TYR S 335 -63.63 -7.10 -8.07
N ARG S 336 -64.26 -7.72 -7.06
CA ARG S 336 -65.27 -8.78 -7.27
C ARG S 336 -66.46 -8.27 -8.08
N ILE S 337 -67.01 -7.10 -7.73
CA ILE S 337 -68.11 -6.49 -8.48
C ILE S 337 -67.70 -6.17 -9.92
N ASN S 338 -66.56 -5.52 -10.16
CA ASN S 338 -66.10 -5.24 -11.52
C ASN S 338 -65.87 -6.53 -12.31
N LEU S 339 -65.39 -7.59 -11.68
CA LEU S 339 -65.20 -8.89 -12.34
C LEU S 339 -66.54 -9.59 -12.65
N GLN S 340 -67.61 -9.30 -11.90
CA GLN S 340 -68.97 -9.72 -12.26
C GLN S 340 -69.51 -8.93 -13.46
N MET S 341 -69.52 -7.60 -13.38
CA MET S 341 -70.19 -6.74 -14.36
C MET S 341 -69.35 -6.46 -15.64
N ARG S 342 -68.57 -7.44 -16.12
CA ARG S 342 -67.82 -7.39 -17.38
C ARG S 342 -67.85 -8.74 -18.10
N PRO T 7 12.19 -55.98 -37.41
CA PRO T 7 12.60 -55.35 -38.70
C PRO T 7 11.40 -55.05 -39.61
N PHE T 8 11.61 -54.24 -40.65
CA PHE T 8 10.65 -54.16 -41.76
C PHE T 8 10.51 -55.52 -42.46
N ARG T 9 9.44 -55.69 -43.23
CA ARG T 9 9.43 -56.63 -44.37
C ARG T 9 9.81 -55.86 -45.64
N ASP T 10 9.45 -56.40 -46.81
CA ASP T 10 9.32 -55.63 -48.04
C ASP T 10 7.99 -56.00 -48.73
N ALA T 11 7.33 -55.04 -49.37
CA ALA T 11 6.02 -55.22 -49.98
C ALA T 11 6.05 -56.17 -51.20
N ARG T 12 4.93 -56.85 -51.46
CA ARG T 12 4.72 -57.63 -52.68
C ARG T 12 4.58 -56.75 -53.93
N ALA T 13 4.77 -57.37 -55.09
CA ALA T 13 4.53 -56.84 -56.43
C ALA T 13 4.21 -57.99 -57.40
N ALA T 14 3.62 -57.66 -58.55
CA ALA T 14 3.38 -58.56 -59.69
C ALA T 14 2.76 -59.94 -59.35
N PRO T 15 1.56 -59.99 -58.74
CA PRO T 15 0.77 -61.22 -58.66
C PRO T 15 0.20 -61.60 -60.04
N ASP T 16 -0.36 -62.80 -60.17
CA ASP T 16 -0.98 -63.32 -61.40
C ASP T 16 -2.52 -63.50 -61.32
N PRO T 17 -3.32 -62.47 -61.01
CA PRO T 17 -4.78 -62.56 -60.97
C PRO T 17 -5.40 -62.47 -62.38
N VAL T 18 -4.96 -63.32 -63.31
CA VAL T 18 -5.48 -63.39 -64.69
C VAL T 18 -6.77 -64.24 -64.74
N LEU T 19 -7.73 -63.85 -65.58
CA LEU T 19 -9.05 -64.51 -65.70
C LEU T 19 -9.47 -64.70 -67.17
N GLU T 20 -10.51 -65.50 -67.37
CA GLU T 20 -11.20 -65.74 -68.65
C GLU T 20 -11.90 -64.47 -69.20
N ALA T 21 -12.82 -64.62 -70.16
CA ALA T 21 -13.69 -63.52 -70.62
C ALA T 21 -14.50 -62.88 -69.47
N GLY T 22 -14.76 -63.64 -68.40
CA GLY T 22 -15.24 -63.16 -67.11
C GLY T 22 -15.97 -64.26 -66.32
N PRO T 23 -15.85 -64.33 -64.99
CA PRO T 23 -16.62 -65.22 -64.11
C PRO T 23 -18.07 -64.74 -63.94
N VAL T 24 -18.79 -64.56 -65.06
CA VAL T 24 -20.17 -64.06 -65.10
C VAL T 24 -21.14 -65.10 -64.52
N ALA T 25 -21.82 -64.74 -63.44
CA ALA T 25 -22.73 -65.60 -62.69
C ALA T 25 -24.06 -65.89 -63.43
N HIS T 26 -24.78 -66.90 -62.94
CA HIS T 26 -26.08 -67.34 -63.45
C HIS T 26 -27.25 -66.48 -62.93
N GLY T 27 -28.46 -66.75 -63.43
CA GLY T 27 -29.67 -65.96 -63.14
C GLY T 27 -29.95 -64.93 -64.26
N PRO T 28 -30.33 -63.68 -63.94
CA PRO T 28 -30.53 -62.65 -64.96
C PRO T 28 -29.22 -62.32 -65.70
N LEU T 29 -29.33 -61.82 -66.92
CA LEU T 29 -28.17 -61.61 -67.80
C LEU T 29 -27.09 -60.66 -67.23
N PRO T 30 -27.41 -59.46 -66.69
CA PRO T 30 -26.39 -58.57 -66.15
C PRO T 30 -25.81 -59.05 -64.82
N VAL T 31 -24.49 -58.94 -64.69
CA VAL T 31 -23.75 -59.14 -63.43
C VAL T 31 -22.73 -58.00 -63.30
N PRO T 32 -22.92 -57.03 -62.38
CA PRO T 32 -22.15 -55.80 -62.44
C PRO T 32 -20.72 -55.94 -61.91
N LEU T 33 -19.81 -55.07 -62.36
CA LEU T 33 -18.54 -54.85 -61.68
C LEU T 33 -18.73 -53.89 -60.51
N VAL T 34 -18.05 -54.19 -59.42
CA VAL T 34 -18.00 -53.39 -58.21
C VAL T 34 -16.62 -52.77 -58.15
N LEU T 35 -16.54 -51.45 -58.32
CA LEU T 35 -15.29 -50.72 -58.48
C LEU T 35 -15.12 -49.66 -57.38
N ASP T 36 -14.04 -49.77 -56.62
CA ASP T 36 -13.71 -48.83 -55.57
C ASP T 36 -12.41 -48.09 -55.88
N ASN T 37 -12.54 -46.78 -56.06
CA ASN T 37 -11.45 -45.87 -56.35
C ASN T 37 -11.13 -45.01 -55.13
N GLY T 38 -9.88 -45.08 -54.65
CA GLY T 38 -9.34 -44.21 -53.63
C GLY T 38 -7.84 -44.01 -53.83
N SER T 39 -7.29 -42.91 -53.29
CA SER T 39 -5.91 -42.54 -53.64
C SER T 39 -4.85 -43.49 -53.07
N PHE T 40 -5.18 -44.37 -52.12
CA PHE T 40 -4.25 -45.41 -51.67
C PHE T 40 -4.30 -46.63 -52.60
N GLN T 41 -5.48 -47.24 -52.75
CA GLN T 41 -5.70 -48.47 -53.50
C GLN T 41 -6.93 -48.36 -54.39
N VAL T 42 -6.86 -48.98 -55.55
CA VAL T 42 -8.04 -49.41 -56.30
C VAL T 42 -8.31 -50.85 -55.93
N ARG T 43 -9.59 -51.20 -55.83
CA ARG T 43 -10.03 -52.59 -55.69
C ARG T 43 -11.29 -52.83 -56.51
N ALA T 44 -11.39 -53.98 -57.15
CA ALA T 44 -12.49 -54.25 -58.06
C ALA T 44 -12.82 -55.74 -58.19
N GLY T 45 -14.08 -56.08 -58.40
CA GLY T 45 -14.53 -57.46 -58.56
C GLY T 45 -15.92 -57.54 -59.18
N TRP T 46 -16.26 -58.67 -59.79
CA TRP T 46 -17.64 -58.93 -60.19
C TRP T 46 -18.52 -59.06 -58.94
N ALA T 47 -19.76 -58.59 -59.00
CA ALA T 47 -20.66 -58.53 -57.84
C ALA T 47 -21.00 -59.91 -57.22
N CYS T 48 -20.81 -60.99 -57.97
CA CYS T 48 -20.96 -62.37 -57.52
C CYS T 48 -22.34 -62.66 -56.88
N PRO T 49 -23.46 -62.40 -57.60
CA PRO T 49 -24.80 -62.48 -57.05
C PRO T 49 -25.18 -63.91 -56.65
N GLY T 50 -26.00 -64.02 -55.61
CA GLY T 50 -26.40 -65.29 -55.02
C GLY T 50 -25.34 -65.95 -54.13
N GLN T 51 -24.16 -65.34 -53.94
CA GLN T 51 -23.16 -65.81 -52.98
C GLN T 51 -23.15 -64.90 -51.75
N ASP T 52 -23.39 -65.46 -50.57
CA ASP T 52 -23.58 -64.67 -49.33
C ASP T 52 -22.29 -63.95 -48.89
N PRO T 53 -21.19 -64.62 -48.54
CA PRO T 53 -19.89 -63.97 -48.44
C PRO T 53 -19.35 -63.68 -49.84
N GLY T 54 -18.80 -62.49 -50.08
CA GLY T 54 -18.02 -62.24 -51.28
C GLY T 54 -16.77 -63.13 -51.27
N PRO T 55 -16.57 -64.03 -52.25
CA PRO T 55 -15.47 -65.01 -52.19
C PRO T 55 -14.11 -64.34 -52.37
N GLU T 56 -14.04 -63.29 -53.18
CA GLU T 56 -12.84 -62.48 -53.40
C GLU T 56 -13.21 -61.03 -53.78
N PRO T 57 -12.93 -60.03 -52.93
CA PRO T 57 -12.66 -58.66 -53.35
C PRO T 57 -11.37 -58.67 -54.17
N ARG T 58 -11.48 -58.99 -55.45
CA ARG T 58 -10.33 -59.18 -56.35
C ARG T 58 -9.52 -57.88 -56.54
N LEU T 59 -8.30 -58.04 -57.05
CA LEU T 59 -7.42 -56.94 -57.43
C LEU T 59 -7.19 -55.92 -56.31
N GLN T 60 -6.67 -56.33 -55.16
CA GLN T 60 -6.10 -55.35 -54.22
C GLN T 60 -4.77 -54.84 -54.79
N PHE T 61 -4.71 -53.57 -55.22
CA PHE T 61 -3.45 -52.97 -55.64
C PHE T 61 -3.39 -51.47 -55.38
N ARG T 62 -2.17 -50.98 -55.10
CA ARG T 62 -1.87 -49.56 -54.88
C ARG T 62 -2.25 -48.76 -56.12
N ALA T 63 -2.99 -47.68 -55.96
CA ALA T 63 -3.50 -46.84 -57.05
C ALA T 63 -2.43 -45.90 -57.65
N VAL T 64 -1.26 -46.46 -58.00
CA VAL T 64 -0.11 -45.72 -58.53
C VAL T 64 0.50 -46.49 -59.70
N CYS T 65 0.87 -45.77 -60.76
CA CYS T 65 1.18 -46.33 -62.08
C CYS T 65 2.38 -45.64 -62.74
N ALA T 66 3.03 -46.32 -63.68
CA ALA T 66 4.12 -45.76 -64.48
C ALA T 66 4.06 -46.25 -65.94
N ARG T 67 4.75 -45.55 -66.84
CA ARG T 67 4.88 -45.93 -68.25
C ARG T 67 6.20 -45.48 -68.84
N GLY T 68 6.67 -46.18 -69.88
CA GLY T 68 8.00 -45.97 -70.45
C GLY T 68 8.18 -44.61 -71.12
N ARG T 69 9.39 -44.05 -71.08
CA ARG T 69 9.70 -42.72 -71.66
C ARG T 69 9.70 -42.71 -73.20
N GLY T 70 9.65 -43.87 -73.84
CA GLY T 70 9.34 -44.05 -75.27
C GLY T 70 7.87 -44.45 -75.55
N GLY T 71 7.01 -44.54 -74.53
CA GLY T 71 5.60 -44.95 -74.64
C GLY T 71 5.35 -46.46 -74.83
N ALA T 72 6.40 -47.30 -74.78
CA ALA T 72 6.35 -48.70 -75.21
C ALA T 72 5.58 -49.66 -74.29
N ARG T 73 5.51 -49.39 -72.97
CA ARG T 73 4.84 -50.22 -71.95
C ARG T 73 4.25 -49.37 -70.83
N GLY T 74 3.20 -49.87 -70.17
CA GLY T 74 2.52 -49.22 -69.03
C GLY T 74 2.36 -50.17 -67.83
N ALA T 75 3.17 -49.96 -66.80
CA ALA T 75 3.09 -50.65 -65.50
C ALA T 75 1.99 -50.02 -64.62
N SER T 76 0.74 -50.35 -64.95
CA SER T 76 -0.45 -49.87 -64.21
C SER T 76 -0.68 -50.61 -62.89
N GLY T 77 -0.42 -51.92 -62.87
CA GLY T 77 -0.56 -52.78 -61.69
C GLY T 77 0.52 -52.57 -60.62
N PRO T 78 0.50 -53.35 -59.52
CA PRO T 78 1.43 -53.22 -58.41
C PRO T 78 2.82 -53.72 -58.83
N GLN T 79 3.68 -52.83 -59.28
CA GLN T 79 4.96 -53.14 -59.91
C GLN T 79 6.06 -52.15 -59.53
N MET T 93 10.24 -44.11 -60.47
CA MET T 93 9.15 -43.36 -59.85
C MET T 93 7.82 -43.57 -60.59
N LEU T 94 6.71 -43.28 -59.90
CA LEU T 94 5.33 -43.53 -60.36
C LEU T 94 4.41 -42.33 -60.11
N ARG T 95 3.18 -42.34 -60.65
CA ARG T 95 2.17 -41.28 -60.55
C ARG T 95 0.78 -41.85 -60.25
N SER T 96 -0.15 -41.01 -59.79
CA SER T 96 -1.50 -41.41 -59.41
C SER T 96 -2.55 -40.42 -59.95
N PRO T 97 -3.75 -40.86 -60.38
CA PRO T 97 -4.71 -40.00 -61.07
C PRO T 97 -5.54 -39.09 -60.16
N PHE T 98 -5.43 -39.28 -58.84
CA PHE T 98 -6.17 -38.49 -57.86
C PHE T 98 -5.46 -37.19 -57.47
N ASP T 99 -6.23 -36.23 -57.00
CA ASP T 99 -5.78 -35.17 -56.11
C ASP T 99 -6.74 -35.13 -54.92
N ARG T 100 -6.26 -35.08 -53.68
CA ARG T 100 -7.11 -35.00 -52.47
C ARG T 100 -8.24 -36.06 -52.39
N ASN T 101 -7.97 -37.28 -52.85
CA ASN T 101 -8.95 -38.38 -52.94
C ASN T 101 -10.18 -38.04 -53.81
N VAL T 102 -10.01 -37.28 -54.89
CA VAL T 102 -10.91 -37.22 -56.05
C VAL T 102 -10.12 -37.47 -57.34
N PRO T 103 -10.61 -38.30 -58.28
CA PRO T 103 -9.94 -38.49 -59.57
C PRO T 103 -10.03 -37.22 -60.43
N VAL T 104 -8.91 -36.82 -61.02
CA VAL T 104 -8.79 -35.60 -61.82
C VAL T 104 -7.79 -35.81 -62.96
N ASN T 105 -7.99 -36.89 -63.71
CA ASN T 105 -7.08 -37.37 -64.75
C ASN T 105 -7.83 -38.08 -65.90
N LEU T 106 -7.22 -38.14 -67.08
CA LEU T 106 -7.67 -38.94 -68.21
C LEU T 106 -6.61 -39.99 -68.61
N GLU T 107 -5.41 -39.54 -68.95
CA GLU T 107 -4.38 -40.32 -69.63
C GLU T 107 -3.75 -41.43 -68.76
N LEU T 108 -3.82 -41.29 -67.44
CA LEU T 108 -3.48 -42.30 -66.45
C LEU T 108 -4.75 -43.01 -65.96
N GLN T 109 -5.86 -42.29 -65.81
CA GLN T 109 -7.11 -42.90 -65.37
C GLN T 109 -7.59 -44.01 -66.32
N GLU T 110 -7.41 -43.84 -67.63
CA GLU T 110 -7.66 -44.88 -68.61
C GLU T 110 -6.77 -46.13 -68.36
N LEU T 111 -5.43 -46.00 -68.26
CA LEU T 111 -4.59 -47.18 -68.05
C LEU T 111 -4.78 -47.83 -66.67
N LEU T 112 -5.28 -47.08 -65.69
CA LEU T 112 -5.70 -47.64 -64.40
C LEU T 112 -6.98 -48.49 -64.54
N LEU T 113 -7.98 -48.00 -65.27
CA LEU T 113 -9.17 -48.78 -65.57
C LEU T 113 -8.85 -49.98 -66.47
N ASP T 114 -8.07 -49.80 -67.53
CA ASP T 114 -7.66 -50.88 -68.43
C ASP T 114 -7.07 -52.06 -67.67
N TYR T 115 -6.14 -51.81 -66.74
CA TYR T 115 -5.54 -52.88 -65.95
C TYR T 115 -6.60 -53.67 -65.18
N SER T 116 -7.53 -52.98 -64.54
CA SER T 116 -8.59 -53.63 -63.77
C SER T 116 -9.51 -54.46 -64.68
N PHE T 117 -10.02 -53.90 -65.78
CA PHE T 117 -10.89 -54.66 -66.70
C PHE T 117 -10.15 -55.83 -67.35
N GLN T 118 -8.90 -55.64 -67.77
CA GLN T 118 -8.10 -56.68 -68.40
C GLN T 118 -7.88 -57.88 -67.45
N HIS T 119 -7.65 -57.62 -66.17
CA HIS T 119 -7.55 -58.69 -65.17
C HIS T 119 -8.91 -59.27 -64.74
N LEU T 120 -9.97 -58.48 -64.70
CA LEU T 120 -11.33 -58.97 -64.39
C LEU T 120 -11.94 -59.84 -65.51
N GLY T 121 -11.49 -59.64 -66.75
CA GLY T 121 -12.04 -60.27 -67.94
C GLY T 121 -12.92 -59.30 -68.75
N VAL T 122 -12.67 -59.23 -70.05
CA VAL T 122 -13.47 -58.48 -71.04
C VAL T 122 -14.13 -59.48 -71.99
N SER T 123 -15.43 -59.30 -72.27
CA SER T 123 -16.23 -60.30 -72.99
C SER T 123 -15.78 -60.52 -74.44
N SER T 124 -15.88 -59.51 -75.30
CA SER T 124 -15.51 -59.61 -76.72
C SER T 124 -15.44 -58.24 -77.44
N GLN T 125 -16.54 -57.49 -77.46
CA GLN T 125 -16.72 -56.33 -78.35
C GLN T 125 -16.07 -55.03 -77.83
N GLY T 126 -16.19 -53.96 -78.61
CA GLY T 126 -15.68 -52.61 -78.31
C GLY T 126 -16.45 -51.83 -77.23
N CYS T 127 -16.73 -52.48 -76.09
CA CYS T 127 -17.12 -51.84 -74.83
C CYS T 127 -16.87 -52.80 -73.65
N VAL T 128 -16.87 -52.29 -72.42
CA VAL T 128 -17.01 -53.12 -71.22
C VAL T 128 -18.40 -53.75 -71.21
N ASP T 129 -18.50 -55.01 -70.79
CA ASP T 129 -19.65 -55.86 -71.12
C ASP T 129 -20.96 -55.46 -70.42
N HIS T 130 -20.87 -55.06 -69.16
CA HIS T 130 -21.99 -55.08 -68.20
C HIS T 130 -21.86 -53.98 -67.12
N PRO T 131 -22.94 -53.67 -66.37
CA PRO T 131 -23.02 -52.46 -65.56
C PRO T 131 -21.99 -52.39 -64.43
N ILE T 132 -21.71 -51.19 -63.90
CA ILE T 132 -20.75 -51.04 -62.80
C ILE T 132 -21.23 -50.07 -61.73
N VAL T 133 -20.83 -50.33 -60.49
CA VAL T 133 -20.85 -49.32 -59.42
C VAL T 133 -19.43 -48.82 -59.20
N LEU T 134 -19.23 -47.51 -59.35
CA LEU T 134 -17.95 -46.84 -59.25
C LEU T 134 -17.98 -45.91 -58.04
N THR T 135 -17.08 -46.16 -57.11
CA THR T 135 -17.00 -45.39 -55.87
C THR T 135 -16.35 -44.03 -56.12
N GLU T 136 -16.87 -42.96 -55.52
CA GLU T 136 -16.44 -41.58 -55.75
C GLU T 136 -16.28 -40.78 -54.45
N ALA T 137 -15.70 -39.58 -54.53
CA ALA T 137 -15.55 -38.66 -53.42
C ALA T 137 -16.91 -38.22 -52.81
N VAL T 138 -16.91 -37.87 -51.52
CA VAL T 138 -18.09 -37.53 -50.68
C VAL T 138 -19.00 -36.54 -51.39
N CYS T 139 -18.57 -35.29 -51.50
CA CYS T 139 -19.01 -34.47 -52.61
C CYS T 139 -17.98 -34.73 -53.70
N ASN T 140 -18.41 -34.73 -54.96
CA ASN T 140 -17.52 -34.81 -56.10
C ASN T 140 -17.74 -33.53 -56.90
N PRO T 141 -16.71 -32.74 -57.24
CA PRO T 141 -16.88 -31.59 -58.11
C PRO T 141 -17.58 -32.01 -59.41
N LEU T 142 -18.50 -31.18 -59.89
CA LEU T 142 -19.36 -31.54 -61.03
C LEU T 142 -18.51 -31.88 -62.25
N TYR T 143 -17.47 -31.08 -62.51
CA TYR T 143 -16.50 -31.36 -63.55
C TYR T 143 -15.81 -32.72 -63.37
N SER T 144 -15.47 -33.17 -62.17
CA SER T 144 -14.84 -34.48 -62.01
C SER T 144 -15.79 -35.61 -62.38
N ARG T 145 -17.06 -35.58 -61.93
CA ARG T 145 -18.02 -36.60 -62.37
C ARG T 145 -18.28 -36.52 -63.87
N GLN T 146 -18.31 -35.31 -64.43
CA GLN T 146 -18.44 -35.13 -65.86
C GLN T 146 -17.26 -35.77 -66.60
N MET T 147 -16.03 -35.45 -66.23
CA MET T 147 -14.83 -36.05 -66.82
C MET T 147 -14.83 -37.57 -66.64
N MET T 148 -15.24 -38.06 -65.48
CA MET T 148 -15.27 -39.49 -65.18
C MET T 148 -16.33 -40.23 -66.00
N SER T 149 -17.57 -39.73 -66.02
CA SER T 149 -18.64 -40.32 -66.82
C SER T 149 -18.31 -40.21 -68.31
N GLU T 150 -17.68 -39.12 -68.75
CA GLU T 150 -17.22 -38.98 -70.12
C GLU T 150 -16.21 -40.09 -70.47
N LEU T 151 -15.17 -40.33 -69.66
CA LEU T 151 -14.31 -41.51 -69.85
C LEU T 151 -15.12 -42.81 -69.88
N LEU T 152 -16.02 -42.96 -68.92
CA LEU T 152 -16.70 -44.23 -68.67
C LEU T 152 -17.76 -44.56 -69.74
N PHE T 153 -18.31 -43.57 -70.43
CA PHE T 153 -19.26 -43.75 -71.53
C PHE T 153 -18.62 -43.62 -72.91
N GLU T 154 -17.63 -42.74 -73.10
CA GLU T 154 -16.93 -42.61 -74.38
C GLU T 154 -16.03 -43.82 -74.64
N CYS T 155 -15.08 -44.09 -73.75
CA CYS T 155 -14.12 -45.17 -73.95
C CYS T 155 -14.72 -46.51 -73.52
N TYR T 156 -15.18 -46.62 -72.27
CA TYR T 156 -15.56 -47.93 -71.74
C TYR T 156 -17.01 -48.34 -72.05
N GLY T 157 -17.90 -47.39 -72.35
CA GLY T 157 -19.24 -47.67 -72.88
C GLY T 157 -20.16 -48.49 -71.96
N ILE T 158 -20.00 -48.40 -70.64
CA ILE T 158 -20.76 -49.23 -69.67
C ILE T 158 -22.29 -49.03 -69.89
N PRO T 159 -23.11 -50.10 -69.88
CA PRO T 159 -24.54 -50.00 -70.20
C PRO T 159 -25.40 -49.30 -69.14
N LYS T 160 -25.11 -49.47 -67.85
CA LYS T 160 -25.58 -48.56 -66.78
C LYS T 160 -24.57 -48.45 -65.62
N VAL T 161 -24.53 -47.29 -64.97
CA VAL T 161 -23.49 -46.89 -64.00
C VAL T 161 -24.11 -46.38 -62.72
N ALA T 162 -23.56 -46.77 -61.56
CA ALA T 162 -23.92 -46.22 -60.27
C ALA T 162 -22.71 -45.55 -59.60
N TYR T 163 -22.86 -44.30 -59.15
CA TYR T 163 -21.86 -43.61 -58.34
C TYR T 163 -22.27 -43.57 -56.88
N GLY T 164 -21.39 -43.98 -55.96
CA GLY T 164 -21.66 -43.93 -54.53
C GLY T 164 -20.38 -43.74 -53.72
N ILE T 165 -20.51 -43.63 -52.41
CA ILE T 165 -19.43 -43.14 -51.53
C ILE T 165 -18.87 -44.29 -50.70
N ASP T 166 -17.54 -44.45 -50.68
CA ASP T 166 -16.83 -45.55 -49.99
C ASP T 166 -17.31 -45.76 -48.55
N SER T 167 -17.52 -44.65 -47.87
CA SER T 167 -17.89 -44.54 -46.49
C SER T 167 -19.32 -45.02 -46.29
N LEU T 168 -20.27 -44.49 -47.05
CA LEU T 168 -21.67 -44.90 -46.91
C LEU T 168 -21.87 -46.33 -47.41
N PHE T 169 -21.10 -46.82 -48.38
CA PHE T 169 -21.12 -48.23 -48.72
C PHE T 169 -20.67 -49.10 -47.54
N SER T 170 -19.56 -48.77 -46.88
CA SER T 170 -19.14 -49.56 -45.72
C SER T 170 -20.15 -49.52 -44.59
N PHE T 171 -20.84 -48.40 -44.41
CA PHE T 171 -21.98 -48.30 -43.52
C PHE T 171 -23.13 -49.21 -43.97
N TYR T 172 -23.52 -49.17 -45.24
CA TYR T 172 -24.57 -50.01 -45.82
C TYR T 172 -24.31 -51.50 -45.57
N HIS T 173 -23.07 -51.96 -45.67
CA HIS T 173 -22.70 -53.32 -45.29
C HIS T 173 -22.93 -53.59 -43.80
N ASN T 174 -22.46 -52.68 -42.94
CA ASN T 174 -22.51 -52.87 -41.49
C ASN T 174 -23.90 -52.60 -40.86
N LYS T 175 -24.88 -52.10 -41.63
CA LYS T 175 -26.28 -52.03 -41.18
C LYS T 175 -26.83 -53.40 -40.76
N PRO T 176 -27.80 -53.47 -39.83
CA PRO T 176 -28.56 -54.69 -39.57
C PRO T 176 -29.40 -55.18 -40.75
N LYS T 177 -29.90 -54.26 -41.59
CA LYS T 177 -30.95 -54.48 -42.60
C LYS T 177 -30.84 -53.51 -43.79
N ASN T 178 -31.58 -53.79 -44.86
CA ASN T 178 -31.91 -52.84 -45.93
C ASN T 178 -32.90 -51.76 -45.44
N SER T 179 -32.53 -51.01 -44.39
CA SER T 179 -33.39 -50.06 -43.68
C SER T 179 -32.81 -48.64 -43.68
N MET T 180 -33.67 -47.63 -43.60
CA MET T 180 -33.25 -46.24 -43.41
C MET T 180 -32.73 -46.02 -41.99
N CYS T 181 -31.59 -45.34 -41.89
CA CYS T 181 -30.80 -45.20 -40.66
C CYS T 181 -30.28 -43.77 -40.48
N SER T 182 -29.81 -43.44 -39.29
CA SER T 182 -29.18 -42.17 -38.97
C SER T 182 -27.90 -42.40 -38.16
N GLY T 183 -26.85 -41.60 -38.41
CA GLY T 183 -25.52 -41.84 -37.87
C GLY T 183 -24.51 -40.75 -38.23
N LEU T 184 -23.31 -40.80 -37.64
CA LEU T 184 -22.14 -40.09 -38.17
C LEU T 184 -21.22 -41.10 -38.81
N ILE T 185 -20.92 -40.97 -40.10
CA ILE T 185 -19.82 -41.74 -40.68
C ILE T 185 -18.54 -40.98 -40.43
N ILE T 186 -17.67 -41.50 -39.57
CA ILE T 186 -16.32 -40.97 -39.35
C ILE T 186 -15.40 -41.69 -40.32
N SER T 187 -15.28 -41.12 -41.51
CA SER T 187 -14.48 -41.69 -42.60
C SER T 187 -13.04 -41.17 -42.58
N SER T 188 -12.08 -41.97 -43.05
CA SER T 188 -10.67 -41.57 -43.05
C SER T 188 -9.82 -42.32 -44.09
N GLY T 189 -9.84 -41.81 -45.31
CA GLY T 189 -9.10 -42.34 -46.46
C GLY T 189 -7.69 -41.77 -46.62
N TYR T 190 -7.10 -41.93 -47.79
CA TYR T 190 -5.67 -41.65 -47.95
C TYR T 190 -5.33 -40.16 -47.85
N GLN T 191 -6.16 -39.28 -48.40
CA GLN T 191 -5.88 -37.83 -48.41
C GLN T 191 -7.00 -36.96 -47.83
N CYS T 192 -8.07 -37.54 -47.28
CA CYS T 192 -9.08 -36.81 -46.53
C CYS T 192 -9.73 -37.68 -45.47
N THR T 193 -10.22 -37.05 -44.40
CA THR T 193 -11.12 -37.67 -43.43
C THR T 193 -12.39 -36.83 -43.35
N HIS T 194 -13.56 -37.45 -43.35
CA HIS T 194 -14.83 -36.75 -43.45
C HIS T 194 -15.78 -37.22 -42.38
N VAL T 195 -16.55 -36.29 -41.81
CA VAL T 195 -17.64 -36.56 -40.89
C VAL T 195 -18.93 -36.39 -41.67
N LEU T 196 -19.62 -37.50 -41.92
CA LEU T 196 -20.82 -37.53 -42.75
C LEU T 196 -22.04 -37.76 -41.88
N PRO T 197 -22.75 -36.73 -41.42
CA PRO T 197 -24.01 -36.91 -40.73
C PRO T 197 -25.07 -37.38 -41.71
N ILE T 198 -25.82 -38.41 -41.35
CA ILE T 198 -26.88 -38.95 -42.20
C ILE T 198 -28.21 -39.03 -41.44
N LEU T 199 -29.31 -38.69 -42.13
CA LEU T 199 -30.66 -38.55 -41.60
C LEU T 199 -31.63 -39.41 -42.41
N GLU T 200 -32.13 -40.50 -41.83
CA GLU T 200 -33.02 -41.46 -42.51
C GLU T 200 -32.49 -41.86 -43.90
N GLY T 201 -31.23 -42.27 -43.94
CA GLY T 201 -30.49 -42.69 -45.14
C GLY T 201 -29.93 -41.55 -46.00
N ARG T 202 -30.41 -40.31 -45.85
CA ARG T 202 -29.93 -39.15 -46.62
C ARG T 202 -28.65 -38.57 -46.01
N LEU T 203 -27.58 -38.46 -46.80
CA LEU T 203 -26.36 -37.77 -46.36
C LEU T 203 -26.66 -36.28 -46.26
N ASP T 204 -26.54 -35.68 -45.07
CA ASP T 204 -26.88 -34.27 -44.87
C ASP T 204 -25.76 -33.32 -45.36
N ALA T 205 -25.49 -33.36 -46.66
CA ALA T 205 -24.38 -32.67 -47.31
C ALA T 205 -24.40 -31.14 -47.09
N LYS T 206 -25.53 -30.57 -46.68
CA LYS T 206 -25.68 -29.17 -46.28
C LYS T 206 -24.72 -28.77 -45.14
N ASN T 207 -24.46 -29.68 -44.18
CA ASN T 207 -23.64 -29.39 -42.99
C ASN T 207 -22.60 -30.47 -42.66
N CYS T 208 -22.49 -31.51 -43.47
CA CYS T 208 -21.34 -32.41 -43.52
C CYS T 208 -20.00 -31.66 -43.63
N LYS T 209 -18.90 -32.21 -43.09
CA LYS T 209 -17.58 -31.58 -43.10
C LYS T 209 -16.43 -32.57 -43.32
N ARG T 210 -15.29 -32.10 -43.80
CA ARG T 210 -14.04 -32.87 -43.94
C ARG T 210 -12.83 -32.12 -43.44
N ILE T 211 -11.83 -32.87 -43.02
CA ILE T 211 -10.49 -32.41 -42.71
C ILE T 211 -9.59 -32.81 -43.88
N ASN T 212 -8.86 -31.86 -44.44
CA ASN T 212 -8.02 -32.05 -45.63
C ASN T 212 -6.70 -32.80 -45.35
N LEU T 213 -6.74 -33.85 -44.52
CA LEU T 213 -5.62 -34.70 -44.10
C LEU T 213 -6.02 -36.17 -44.07
N GLY T 214 -5.07 -37.09 -44.05
CA GLY T 214 -5.32 -38.53 -43.97
C GLY T 214 -4.03 -39.35 -43.94
N GLY T 215 -4.13 -40.67 -44.14
CA GLY T 215 -2.98 -41.59 -44.08
C GLY T 215 -1.76 -41.17 -44.88
N SER T 216 -1.93 -40.61 -46.07
CA SER T 216 -0.84 -40.10 -46.90
C SER T 216 -0.04 -39.03 -46.16
N GLN T 217 -0.71 -38.09 -45.52
CA GLN T 217 -0.05 -37.00 -44.81
C GLN T 217 0.52 -37.44 -43.47
N ALA T 218 -0.11 -38.41 -42.78
CA ALA T 218 0.47 -39.01 -41.60
C ALA T 218 1.72 -39.85 -41.93
N ALA T 219 1.71 -40.59 -43.03
CA ALA T 219 2.87 -41.34 -43.50
C ALA T 219 3.98 -40.41 -43.97
N GLY T 220 3.65 -39.36 -44.72
CA GLY T 220 4.60 -38.32 -45.10
C GLY T 220 5.21 -37.61 -43.90
N TYR T 221 4.42 -37.33 -42.87
CA TYR T 221 4.91 -36.80 -41.61
C TYR T 221 5.83 -37.77 -40.89
N LEU T 222 5.47 -39.06 -40.81
CA LEU T 222 6.32 -40.07 -40.18
C LEU T 222 7.64 -40.27 -40.94
N GLN T 223 7.62 -40.22 -42.28
CA GLN T 223 8.84 -40.14 -43.07
C GLN T 223 9.66 -38.92 -42.63
N ARG T 224 9.10 -37.72 -42.68
CA ARG T 224 9.82 -36.47 -42.41
C ARG T 224 10.41 -36.46 -40.99
N LEU T 225 9.70 -36.97 -40.00
CA LEU T 225 10.23 -37.19 -38.64
C LEU T 225 11.50 -38.03 -38.68
N LEU T 226 11.47 -39.21 -39.29
CA LEU T 226 12.64 -40.09 -39.29
C LEU T 226 13.77 -39.59 -40.21
N GLN T 227 13.48 -38.85 -41.26
CA GLN T 227 14.52 -38.16 -42.05
C GLN T 227 15.33 -37.23 -41.15
N LEU T 228 14.66 -36.34 -40.43
CA LEU T 228 15.32 -35.36 -39.56
C LEU T 228 15.91 -35.98 -38.29
N LYS T 229 15.43 -37.15 -37.86
CA LYS T 229 16.03 -37.93 -36.77
C LYS T 229 17.29 -38.67 -37.19
N TYR T 230 17.35 -39.17 -38.42
CA TYR T 230 18.48 -39.96 -38.93
C TYR T 230 19.06 -39.45 -40.28
N PRO T 231 19.63 -38.24 -40.36
CA PRO T 231 20.33 -37.76 -41.55
C PRO T 231 21.48 -38.68 -42.00
N GLY T 232 22.01 -39.51 -41.10
CA GLY T 232 23.04 -40.50 -41.41
C GLY T 232 22.62 -41.55 -42.46
N HIS T 233 21.32 -41.70 -42.73
CA HIS T 233 20.82 -42.57 -43.81
C HIS T 233 19.41 -42.16 -44.30
N LEU T 234 19.33 -40.96 -44.88
CA LEU T 234 18.11 -40.44 -45.53
C LEU T 234 17.57 -41.34 -46.66
N ALA T 235 18.43 -42.16 -47.26
CA ALA T 235 18.06 -43.07 -48.36
C ALA T 235 17.50 -44.43 -47.88
N ALA T 236 17.76 -44.84 -46.64
CA ALA T 236 17.42 -46.18 -46.16
C ALA T 236 15.95 -46.30 -45.71
N ILE T 237 15.42 -45.25 -45.06
CA ILE T 237 13.98 -45.08 -44.87
C ILE T 237 13.33 -44.62 -46.17
N THR T 238 12.10 -45.04 -46.40
CA THR T 238 11.33 -44.69 -47.60
C THR T 238 9.84 -44.77 -47.30
N LEU T 239 9.00 -44.00 -47.99
CA LEU T 239 7.57 -43.91 -47.74
C LEU T 239 6.91 -45.30 -47.74
N SER T 240 7.26 -46.17 -48.69
CA SER T 240 6.73 -47.53 -48.75
C SER T 240 7.11 -48.42 -47.56
N ARG T 241 8.14 -48.08 -46.77
CA ARG T 241 8.43 -48.71 -45.48
C ARG T 241 7.71 -48.02 -44.32
N MET T 242 7.50 -46.71 -44.38
CA MET T 242 6.71 -45.98 -43.38
C MET T 242 5.26 -46.49 -43.34
N GLU T 243 4.68 -46.83 -44.50
CA GLU T 243 3.37 -47.48 -44.57
C GLU T 243 3.30 -48.77 -43.73
N GLU T 244 4.41 -49.50 -43.55
CA GLU T 244 4.42 -50.67 -42.66
C GLU T 244 4.29 -50.24 -41.21
N ILE T 245 5.22 -49.44 -40.69
CA ILE T 245 5.22 -49.09 -39.26
C ILE T 245 4.01 -48.24 -38.85
N LEU T 246 3.41 -47.50 -39.79
CA LEU T 246 2.16 -46.80 -39.57
C LEU T 246 0.96 -47.77 -39.45
N HIS T 247 0.88 -48.85 -40.22
CA HIS T 247 -0.18 -49.84 -40.04
C HIS T 247 0.09 -50.84 -38.92
N GLU T 248 1.33 -51.32 -38.78
CA GLU T 248 1.67 -52.44 -37.90
C GLU T 248 1.87 -52.03 -36.44
N HIS T 249 2.58 -50.93 -36.20
CA HIS T 249 3.14 -50.63 -34.87
C HIS T 249 2.69 -49.31 -34.25
N SER T 250 2.12 -48.41 -35.04
CA SER T 250 1.57 -47.15 -34.55
C SER T 250 0.19 -47.33 -33.92
N TYR T 251 -0.14 -46.55 -32.89
CA TYR T 251 -1.45 -46.56 -32.25
C TYR T 251 -1.90 -45.16 -31.86
N ILE T 252 -3.20 -44.90 -31.93
CA ILE T 252 -3.80 -43.64 -31.53
C ILE T 252 -3.98 -43.59 -30.00
N ALA T 253 -3.66 -42.49 -29.36
CA ALA T 253 -3.69 -42.41 -27.90
C ALA T 253 -5.12 -42.49 -27.36
N GLU T 254 -5.32 -42.99 -26.14
CA GLU T 254 -6.60 -42.81 -25.45
C GLU T 254 -6.87 -41.32 -25.18
N ASP T 255 -5.85 -40.58 -24.76
CA ASP T 255 -5.80 -39.11 -24.84
C ASP T 255 -4.35 -38.64 -24.90
N TYR T 256 -4.03 -37.88 -25.93
CA TYR T 256 -2.65 -37.74 -26.38
C TYR T 256 -1.74 -37.09 -25.34
N VAL T 257 -2.19 -36.00 -24.72
CA VAL T 257 -1.44 -35.28 -23.68
C VAL T 257 -1.18 -36.10 -22.41
N GLU T 258 -1.84 -37.24 -22.23
CA GLU T 258 -1.54 -38.18 -21.14
C GLU T 258 -0.65 -39.33 -21.63
N GLU T 259 -0.91 -39.88 -22.81
CA GLU T 259 -0.03 -40.90 -23.38
C GLU T 259 1.39 -40.38 -23.53
N LEU T 260 1.58 -39.23 -24.16
CA LEU T 260 2.94 -38.68 -24.33
C LEU T 260 3.56 -38.30 -22.97
N HIS T 261 2.76 -38.09 -21.92
CA HIS T 261 3.30 -37.87 -20.59
C HIS T 261 3.84 -39.17 -19.99
N LYS T 262 3.19 -40.33 -20.17
CA LYS T 262 3.82 -41.59 -19.76
C LYS T 262 5.01 -42.00 -20.64
N TRP T 263 5.09 -41.54 -21.90
CA TRP T 263 6.34 -41.66 -22.69
C TRP T 263 7.51 -40.82 -22.16
N ARG T 264 7.30 -39.88 -21.22
CA ARG T 264 8.38 -39.01 -20.73
C ARG T 264 9.38 -39.72 -19.83
N CYS T 265 9.04 -40.84 -19.20
CA CYS T 265 9.94 -41.53 -18.27
C CYS T 265 10.68 -42.71 -18.93
N PRO T 266 12.01 -42.83 -18.77
CA PRO T 266 12.81 -43.81 -19.48
C PRO T 266 12.38 -45.27 -19.35
N ASP T 267 11.82 -45.67 -18.20
CA ASP T 267 11.40 -47.07 -17.98
C ASP T 267 10.22 -47.45 -18.90
N TYR T 268 9.17 -46.63 -18.98
CA TYR T 268 8.08 -46.87 -19.93
C TYR T 268 8.56 -46.71 -21.38
N TYR T 269 9.44 -45.75 -21.65
CA TYR T 269 10.01 -45.56 -22.99
C TYR T 269 10.74 -46.82 -23.46
N GLU T 270 11.69 -47.33 -22.67
CA GLU T 270 12.46 -48.52 -23.03
C GLU T 270 11.57 -49.76 -23.19
N ASN T 271 10.50 -49.87 -22.41
CA ASN T 271 9.53 -50.96 -22.54
C ASN T 271 8.68 -50.90 -23.82
N ASN T 272 8.64 -49.77 -24.55
CA ASN T 272 7.69 -49.57 -25.66
C ASN T 272 8.32 -49.03 -26.95
N VAL T 273 9.53 -48.48 -26.91
CA VAL T 273 10.25 -48.02 -28.11
C VAL T 273 10.59 -49.22 -28.99
N HIS T 274 10.36 -49.13 -30.30
CA HIS T 274 10.45 -50.31 -31.19
C HIS T 274 11.74 -50.38 -32.01
N LYS T 275 12.36 -51.57 -31.96
CA LYS T 275 13.49 -52.01 -32.79
C LYS T 275 13.12 -52.31 -34.25
N MET T 276 12.62 -51.31 -34.98
CA MET T 276 12.34 -51.43 -36.42
C MET T 276 13.63 -51.45 -37.27
N GLN T 277 14.44 -52.52 -37.22
CA GLN T 277 15.72 -52.56 -37.93
C GLN T 277 15.59 -52.42 -39.45
N LEU T 278 16.50 -51.62 -40.02
CA LEU T 278 16.86 -51.68 -41.43
C LEU T 278 17.57 -53.00 -41.76
N PRO T 279 17.55 -53.46 -43.03
CA PRO T 279 18.29 -54.66 -43.43
C PRO T 279 19.80 -54.40 -43.43
N PHE T 280 20.56 -55.26 -42.76
CA PHE T 280 22.02 -55.16 -42.63
C PHE T 280 22.76 -55.45 -43.96
N SER T 281 24.07 -55.17 -44.00
CA SER T 281 24.95 -55.44 -45.14
C SER T 281 24.88 -56.90 -45.63
N VAL T 433 32.25 -49.94 -34.61
CA VAL T 433 30.88 -49.45 -34.48
C VAL T 433 29.89 -50.62 -34.47
N PHE T 434 28.82 -50.52 -33.67
CA PHE T 434 27.79 -51.56 -33.49
C PHE T 434 26.80 -51.68 -34.67
N ASN T 435 27.23 -51.39 -35.89
CA ASN T 435 26.47 -51.35 -37.15
C ASN T 435 25.32 -50.31 -37.24
N LEU T 436 24.77 -49.84 -36.11
CA LEU T 436 23.55 -49.01 -36.12
C LEU T 436 23.74 -47.62 -36.76
N ALA T 437 24.97 -47.11 -36.90
CA ALA T 437 25.21 -45.86 -37.62
C ALA T 437 24.83 -45.91 -39.12
N ALA T 438 24.81 -47.11 -39.72
CA ALA T 438 24.37 -47.34 -41.10
C ALA T 438 23.14 -48.26 -41.20
N TYR T 439 22.93 -49.15 -40.22
CA TYR T 439 21.86 -50.13 -40.16
C TYR T 439 21.11 -50.04 -38.82
N HIS T 440 20.57 -48.86 -38.50
CA HIS T 440 19.97 -48.60 -37.19
C HIS T 440 18.75 -49.50 -36.92
N GLN T 441 18.46 -49.70 -35.65
CA GLN T 441 17.21 -50.27 -35.19
C GLN T 441 16.02 -49.30 -35.34
N LEU T 442 16.24 -48.06 -35.80
CA LEU T 442 15.25 -46.98 -35.97
C LEU T 442 14.25 -46.91 -34.81
N PHE T 443 14.76 -46.58 -33.62
CA PHE T 443 13.94 -46.44 -32.43
C PHE T 443 12.81 -45.43 -32.65
N VAL T 444 11.57 -45.94 -32.70
CA VAL T 444 10.33 -45.15 -32.69
C VAL T 444 9.64 -45.29 -31.35
N GLY T 445 9.37 -44.16 -30.72
CA GLY T 445 8.72 -44.01 -29.42
C GLY T 445 7.48 -43.14 -29.56
N THR T 446 7.56 -41.85 -29.26
CA THR T 446 6.41 -40.97 -29.49
C THR T 446 6.03 -40.87 -30.97
N GLU T 447 6.93 -41.18 -31.90
CA GLU T 447 6.64 -41.25 -33.34
C GLU T 447 5.56 -42.28 -33.66
N ARG T 448 5.48 -43.40 -32.92
CA ARG T 448 4.39 -44.37 -33.07
C ARG T 448 3.05 -43.90 -32.47
N ILE T 449 2.99 -42.68 -31.94
CA ILE T 449 1.76 -41.97 -31.54
C ILE T 449 1.49 -40.74 -32.41
N ARG T 450 2.50 -39.88 -32.65
CA ARG T 450 2.36 -38.59 -33.36
C ARG T 450 1.68 -38.73 -34.71
N ALA T 451 2.07 -39.70 -35.52
CA ALA T 451 1.50 -39.87 -36.85
C ALA T 451 -0.02 -40.22 -36.81
N PRO T 452 -0.48 -41.21 -36.04
CA PRO T 452 -1.90 -41.39 -35.78
C PRO T 452 -2.65 -40.12 -35.36
N GLU T 453 -2.10 -39.30 -34.48
CA GLU T 453 -2.78 -38.12 -33.95
C GLU T 453 -3.04 -37.02 -34.99
N ILE T 454 -2.41 -37.05 -36.16
CA ILE T 454 -2.56 -36.04 -37.21
C ILE T 454 -4.03 -35.73 -37.51
N ILE T 455 -4.89 -36.74 -37.65
CA ILE T 455 -6.30 -36.53 -37.97
C ILE T 455 -7.09 -35.94 -36.79
N PHE T 456 -6.65 -36.14 -35.55
CA PHE T 456 -7.27 -35.51 -34.38
C PHE T 456 -6.74 -34.10 -34.13
N GLN T 457 -5.46 -33.84 -34.41
CA GLN T 457 -4.76 -32.61 -34.06
C GLN T 457 -3.87 -32.16 -35.21
N PRO T 458 -4.44 -31.70 -36.33
CA PRO T 458 -3.68 -31.45 -37.55
C PRO T 458 -2.68 -30.28 -37.44
N SER T 459 -2.74 -29.50 -36.37
CA SER T 459 -1.68 -28.54 -36.04
C SER T 459 -0.37 -29.21 -35.59
N LEU T 460 -0.33 -30.55 -35.44
CA LEU T 460 0.92 -31.30 -35.40
C LEU T 460 1.72 -31.18 -36.70
N ILE T 461 1.05 -31.06 -37.84
CA ILE T 461 1.65 -30.79 -39.16
C ILE T 461 1.39 -29.32 -39.57
N GLY T 462 1.24 -28.44 -38.59
CA GLY T 462 1.10 -27.00 -38.78
C GLY T 462 -0.23 -26.51 -39.34
N GLU T 463 -1.12 -27.40 -39.79
CA GLU T 463 -2.39 -27.00 -40.40
C GLU T 463 -3.38 -26.47 -39.36
N GLU T 464 -4.09 -25.40 -39.69
CA GLU T 464 -5.06 -24.71 -38.84
C GLU T 464 -6.47 -25.35 -38.84
N GLN T 465 -6.66 -26.51 -39.47
CA GLN T 465 -7.94 -27.23 -39.50
C GLN T 465 -8.38 -27.71 -38.12
N ALA T 466 -9.69 -27.78 -37.88
CA ALA T 466 -10.25 -28.14 -36.58
C ALA T 466 -10.00 -29.61 -36.12
N GLY T 467 -9.71 -30.54 -37.03
CA GLY T 467 -9.45 -31.94 -36.66
C GLY T 467 -10.72 -32.73 -36.32
N ILE T 468 -10.59 -34.05 -36.20
CA ILE T 468 -11.75 -34.96 -36.17
C ILE T 468 -12.61 -34.86 -34.90
N ALA T 469 -12.10 -34.29 -33.81
CA ALA T 469 -12.84 -34.09 -32.57
C ALA T 469 -13.63 -32.78 -32.54
N GLU T 470 -13.01 -31.64 -32.83
CA GLU T 470 -13.73 -30.35 -32.88
C GLU T 470 -14.70 -30.28 -34.07
N THR T 471 -14.40 -30.89 -35.23
CA THR T 471 -15.38 -30.96 -36.31
C THR T 471 -16.61 -31.76 -35.91
N LEU T 472 -16.44 -32.90 -35.25
CA LEU T 472 -17.57 -33.70 -34.79
C LEU T 472 -18.44 -32.88 -33.83
N GLN T 473 -17.85 -32.07 -32.94
CA GLN T 473 -18.64 -31.13 -32.15
C GLN T 473 -19.33 -30.07 -33.01
N TYR T 474 -18.61 -29.44 -33.92
CA TYR T 474 -19.12 -28.33 -34.73
C TYR T 474 -20.26 -28.71 -35.68
N ILE T 475 -20.21 -29.90 -36.30
CA ILE T 475 -21.33 -30.34 -37.16
C ILE T 475 -22.51 -30.82 -36.33
N LEU T 476 -22.26 -31.40 -35.16
CA LEU T 476 -23.29 -31.98 -34.32
C LEU T 476 -24.12 -30.91 -33.60
N ASP T 477 -23.49 -29.88 -33.04
CA ASP T 477 -24.21 -28.87 -32.26
C ASP T 477 -25.13 -27.95 -33.10
N ARG T 478 -25.05 -28.04 -34.44
CA ARG T 478 -25.92 -27.33 -35.38
C ARG T 478 -27.31 -27.96 -35.53
N TYR T 479 -27.50 -29.18 -35.03
CA TYR T 479 -28.80 -29.85 -35.00
C TYR T 479 -29.64 -29.55 -33.74
N PRO T 480 -30.97 -29.60 -33.81
CA PRO T 480 -31.85 -29.67 -32.64
C PRO T 480 -31.45 -30.79 -31.67
N LYS T 481 -31.49 -30.53 -30.36
CA LYS T 481 -31.03 -31.49 -29.34
C LYS T 481 -31.70 -32.86 -29.46
N ASP T 482 -32.98 -32.88 -29.77
CA ASP T 482 -33.77 -34.11 -29.88
C ASP T 482 -33.45 -34.93 -31.14
N ILE T 483 -32.73 -34.38 -32.13
CA ILE T 483 -32.22 -35.15 -33.29
C ILE T 483 -30.70 -35.37 -33.29
N GLN T 484 -29.95 -34.79 -32.36
CA GLN T 484 -28.55 -35.17 -32.15
C GLN T 484 -28.43 -36.60 -31.62
N GLU T 485 -29.36 -37.05 -30.77
CA GLU T 485 -29.29 -38.38 -30.15
C GLU T 485 -29.29 -39.51 -31.20
N MET T 486 -30.29 -39.62 -32.06
CA MET T 486 -30.40 -40.80 -32.93
C MET T 486 -29.37 -40.84 -34.07
N LEU T 487 -28.47 -39.87 -34.18
CA LEU T 487 -27.27 -40.01 -35.02
C LEU T 487 -25.99 -40.25 -34.21
N VAL T 488 -25.86 -39.74 -32.98
CA VAL T 488 -24.79 -40.22 -32.09
C VAL T 488 -25.03 -41.66 -31.61
N GLN T 489 -26.26 -42.16 -31.75
CA GLN T 489 -26.59 -43.57 -31.55
C GLN T 489 -25.95 -44.48 -32.62
N ASN T 490 -25.36 -43.94 -33.70
CA ASN T 490 -24.54 -44.67 -34.67
C ASN T 490 -23.37 -43.80 -35.13
N VAL T 491 -22.40 -43.55 -34.26
CA VAL T 491 -21.07 -43.12 -34.72
C VAL T 491 -20.43 -44.34 -35.38
N PHE T 492 -20.05 -44.23 -36.65
CA PHE T 492 -19.51 -45.34 -37.41
C PHE T 492 -18.13 -44.98 -37.98
N LEU T 493 -17.09 -45.58 -37.42
CA LEU T 493 -15.69 -45.43 -37.85
C LEU T 493 -15.39 -46.28 -39.08
N THR T 494 -14.80 -45.68 -40.13
CA THR T 494 -14.46 -46.39 -41.37
C THR T 494 -13.33 -45.72 -42.16
N GLY T 495 -12.72 -46.44 -43.09
CA GLY T 495 -11.61 -46.00 -43.93
C GLY T 495 -10.25 -46.40 -43.34
N GLY T 496 -9.22 -46.37 -44.17
CA GLY T 496 -7.90 -46.91 -43.88
C GLY T 496 -7.29 -46.50 -42.53
N ASN T 497 -7.39 -45.23 -42.11
CA ASN T 497 -6.79 -44.82 -40.83
C ASN T 497 -7.44 -45.49 -39.61
N THR T 498 -8.72 -45.85 -39.68
CA THR T 498 -9.37 -46.55 -38.56
C THR T 498 -8.82 -47.95 -38.30
N MET T 499 -7.87 -48.45 -39.12
CA MET T 499 -7.06 -49.62 -38.81
C MET T 499 -6.30 -49.50 -37.49
N TYR T 500 -5.98 -48.29 -37.01
CA TYR T 500 -5.18 -48.14 -35.79
C TYR T 500 -5.81 -48.86 -34.60
N PRO T 501 -5.04 -49.60 -33.79
CA PRO T 501 -5.53 -50.11 -32.53
C PRO T 501 -5.81 -48.92 -31.61
N GLY T 502 -6.86 -49.00 -30.80
CA GLY T 502 -7.30 -47.93 -29.91
C GLY T 502 -8.20 -46.86 -30.55
N MET T 503 -8.49 -46.89 -31.86
CA MET T 503 -9.31 -45.85 -32.51
C MET T 503 -10.73 -45.73 -31.94
N LYS T 504 -11.41 -46.85 -31.71
CA LYS T 504 -12.71 -46.83 -31.01
C LYS T 504 -12.56 -46.24 -29.61
N ALA T 505 -11.59 -46.71 -28.83
CA ALA T 505 -11.37 -46.30 -27.45
C ALA T 505 -11.06 -44.80 -27.31
N ARG T 506 -10.33 -44.22 -28.27
CA ARG T 506 -10.14 -42.78 -28.37
C ARG T 506 -11.44 -42.07 -28.71
N MET T 507 -12.13 -42.52 -29.76
CA MET T 507 -13.31 -41.85 -30.24
C MET T 507 -14.41 -41.78 -29.19
N GLU T 508 -14.66 -42.88 -28.48
CA GLU T 508 -15.66 -42.85 -27.41
C GLU T 508 -15.25 -41.97 -26.21
N LYS T 509 -13.96 -41.72 -25.97
CA LYS T 509 -13.57 -40.69 -25.00
C LYS T 509 -13.82 -39.28 -25.55
N GLU T 510 -13.35 -38.98 -26.76
CA GLU T 510 -13.54 -37.65 -27.37
C GLU T 510 -15.03 -37.29 -27.48
N LEU T 511 -15.90 -38.29 -27.54
CA LEU T 511 -17.35 -38.17 -27.59
C LEU T 511 -18.00 -38.06 -26.21
N LEU T 512 -17.55 -38.85 -25.23
CA LEU T 512 -18.00 -38.72 -23.84
C LEU T 512 -17.73 -37.33 -23.29
N GLU T 513 -16.60 -36.74 -23.67
CA GLU T 513 -16.19 -35.39 -23.28
C GLU T 513 -17.03 -34.26 -23.91
N MET T 514 -18.03 -34.56 -24.74
CA MET T 514 -18.84 -33.56 -25.45
C MET T 514 -20.34 -33.87 -25.54
N ARG T 515 -20.78 -35.07 -25.17
CA ARG T 515 -22.19 -35.42 -25.05
C ARG T 515 -22.80 -34.94 -23.73
N PRO T 516 -24.09 -34.57 -23.68
CA PRO T 516 -24.78 -34.24 -22.44
C PRO T 516 -24.59 -35.32 -21.37
N PHE T 517 -24.52 -34.89 -20.10
CA PHE T 517 -23.93 -35.65 -19.01
C PHE T 517 -24.36 -37.12 -18.87
N ARG T 518 -25.66 -37.42 -18.82
CA ARG T 518 -26.15 -38.80 -18.71
C ARG T 518 -26.39 -39.48 -20.06
N SER T 519 -26.33 -38.75 -21.16
CA SER T 519 -26.82 -39.24 -22.46
C SER T 519 -25.98 -40.39 -23.03
N SER T 520 -26.63 -41.33 -23.72
CA SER T 520 -25.98 -42.46 -24.37
C SER T 520 -25.42 -42.10 -25.74
N PHE T 521 -24.39 -42.82 -26.15
CA PHE T 521 -23.77 -42.80 -27.47
C PHE T 521 -23.35 -44.22 -27.84
N GLN T 522 -23.10 -44.48 -29.12
CA GLN T 522 -22.62 -45.78 -29.55
C GLN T 522 -21.62 -45.62 -30.69
N VAL T 523 -20.41 -46.15 -30.49
CA VAL T 523 -19.33 -46.09 -31.48
C VAL T 523 -19.09 -47.49 -32.05
N GLN T 524 -19.38 -47.65 -33.34
CA GLN T 524 -19.27 -48.87 -34.10
C GLN T 524 -18.08 -48.74 -35.05
N LEU T 525 -17.24 -49.76 -35.15
CA LEU T 525 -16.14 -49.80 -36.11
C LEU T 525 -16.50 -50.74 -37.26
N ALA T 526 -16.27 -50.35 -38.51
CA ALA T 526 -16.53 -51.20 -39.67
C ALA T 526 -15.88 -52.59 -39.51
N SER T 527 -16.64 -53.67 -39.75
CA SER T 527 -16.22 -55.05 -39.50
C SER T 527 -14.89 -55.42 -40.18
N ASN T 528 -14.60 -54.84 -41.34
CA ASN T 528 -13.24 -54.59 -41.78
C ASN T 528 -13.07 -53.06 -41.95
N PRO T 529 -12.07 -52.41 -41.32
CA PRO T 529 -11.85 -50.97 -41.40
C PRO T 529 -11.85 -50.37 -42.80
N VAL T 530 -11.46 -51.12 -43.84
CA VAL T 530 -11.28 -50.58 -45.19
C VAL T 530 -12.03 -51.34 -46.28
N LEU T 531 -11.94 -52.67 -46.34
CA LEU T 531 -12.53 -53.43 -47.45
C LEU T 531 -14.06 -53.39 -47.45
N ASP T 532 -14.70 -53.06 -46.32
CA ASP T 532 -16.15 -52.91 -46.25
C ASP T 532 -16.68 -51.83 -47.19
N ALA T 533 -15.88 -50.88 -47.66
CA ALA T 533 -16.30 -49.98 -48.74
C ALA T 533 -16.64 -50.76 -50.01
N TRP T 534 -15.81 -51.73 -50.38
CA TRP T 534 -16.06 -52.59 -51.53
C TRP T 534 -17.15 -53.62 -51.23
N TYR T 535 -17.09 -54.34 -50.11
CA TYR T 535 -18.16 -55.29 -49.78
C TYR T 535 -19.52 -54.59 -49.68
N GLY T 536 -19.55 -53.36 -49.19
CA GLY T 536 -20.73 -52.52 -49.19
C GLY T 536 -21.22 -52.22 -50.59
N ALA T 537 -20.33 -51.79 -51.49
CA ALA T 537 -20.70 -51.55 -52.88
C ALA T 537 -21.16 -52.85 -53.56
N ARG T 538 -20.59 -54.00 -53.20
CA ARG T 538 -21.01 -55.33 -53.68
C ARG T 538 -22.43 -55.66 -53.23
N ASP T 539 -22.68 -55.60 -51.93
CA ASP T 539 -24.00 -55.87 -51.37
C ASP T 539 -25.05 -54.89 -51.93
N TRP T 540 -24.67 -53.62 -52.07
CA TRP T 540 -25.50 -52.61 -52.69
C TRP T 540 -25.82 -52.95 -54.14
N ALA T 541 -24.82 -53.29 -54.96
CA ALA T 541 -25.06 -53.60 -56.36
C ALA T 541 -25.88 -54.89 -56.52
N LEU T 542 -25.63 -55.90 -55.69
CA LEU T 542 -26.40 -57.13 -55.66
C LEU T 542 -27.88 -56.85 -55.32
N ASN T 543 -28.15 -56.00 -54.33
CA ASN T 543 -29.52 -55.65 -53.95
C ASN T 543 -30.22 -54.70 -54.94
N HIS T 544 -29.48 -53.84 -55.64
CA HIS T 544 -30.03 -52.84 -56.57
C HIS T 544 -29.86 -53.19 -58.06
N LEU T 545 -29.41 -54.40 -58.38
CA LEU T 545 -29.05 -54.84 -59.73
C LEU T 545 -30.15 -54.56 -60.77
N ASP T 546 -31.38 -54.94 -60.43
CA ASP T 546 -32.56 -54.87 -61.31
C ASP T 546 -33.43 -53.62 -61.08
N ASP T 547 -32.98 -52.64 -60.29
CA ASP T 547 -33.60 -51.31 -60.22
C ASP T 547 -33.33 -50.47 -61.48
N ASN T 548 -34.31 -49.69 -61.92
CA ASN T 548 -34.20 -48.79 -63.07
C ASN T 548 -33.72 -47.38 -62.66
N GLU T 549 -34.43 -46.75 -61.74
CA GLU T 549 -34.23 -45.35 -61.34
C GLU T 549 -32.94 -45.09 -60.56
N VAL T 550 -32.28 -46.15 -60.08
CA VAL T 550 -31.10 -46.09 -59.21
C VAL T 550 -29.78 -45.86 -59.97
N TRP T 551 -29.73 -46.15 -61.27
CA TRP T 551 -28.50 -46.14 -62.10
C TRP T 551 -28.57 -45.09 -63.20
N ILE T 552 -27.44 -44.49 -63.58
CA ILE T 552 -27.33 -43.75 -64.84
C ILE T 552 -27.29 -44.77 -65.98
N THR T 553 -28.36 -44.87 -66.77
CA THR T 553 -28.35 -45.75 -67.96
C THR T 553 -27.62 -45.06 -69.11
N ARG T 554 -26.87 -45.79 -69.95
CA ARG T 554 -25.98 -45.21 -70.98
C ARG T 554 -26.63 -44.09 -71.78
N LYS T 555 -27.85 -44.27 -72.28
CA LYS T 555 -28.57 -43.28 -73.09
C LYS T 555 -28.92 -41.97 -72.37
N GLU T 556 -28.97 -41.99 -71.03
CA GLU T 556 -29.24 -40.78 -70.23
C GLU T 556 -28.13 -39.75 -70.39
N TYR T 557 -26.90 -40.18 -70.67
CA TYR T 557 -25.75 -39.30 -70.90
C TYR T 557 -25.84 -38.46 -72.19
N GLU T 558 -26.75 -38.78 -73.13
CA GLU T 558 -27.05 -37.87 -74.25
C GLU T 558 -28.08 -36.78 -73.89
N GLU T 559 -28.82 -36.91 -72.78
CA GLU T 559 -29.83 -35.93 -72.35
C GLU T 559 -29.54 -35.28 -70.99
N LYS T 560 -28.51 -35.75 -70.29
CA LYS T 560 -27.92 -35.17 -69.07
C LYS T 560 -26.40 -35.10 -69.23
N GLY T 561 -25.77 -34.01 -68.78
CA GLY T 561 -24.41 -33.63 -69.17
C GLY T 561 -23.25 -34.49 -68.65
N GLY T 562 -23.50 -35.50 -67.79
CA GLY T 562 -22.47 -36.32 -67.13
C GLY T 562 -22.07 -35.85 -65.73
N GLU T 563 -22.48 -34.66 -65.32
CA GLU T 563 -22.43 -34.23 -63.92
C GLU T 563 -23.51 -34.93 -63.06
N TYR T 564 -24.51 -35.50 -63.72
CA TYR T 564 -25.76 -36.04 -63.19
C TYR T 564 -25.57 -37.15 -62.16
N LEU T 565 -26.47 -37.22 -61.17
CA LEU T 565 -26.47 -38.26 -60.14
C LEU T 565 -27.90 -38.67 -59.75
N LYS T 566 -28.09 -39.94 -59.36
CA LYS T 566 -29.40 -40.58 -59.15
C LYS T 566 -29.94 -40.52 -57.71
N GLU T 567 -29.14 -40.01 -56.76
CA GLU T 567 -29.52 -39.79 -55.35
C GLU T 567 -29.99 -41.03 -54.56
N HIS T 568 -29.59 -42.23 -54.96
CA HIS T 568 -29.86 -43.45 -54.18
C HIS T 568 -29.14 -43.42 -52.83
N CYS T 569 -29.60 -44.19 -51.84
CA CYS T 569 -28.93 -44.29 -50.54
C CYS T 569 -27.49 -44.80 -50.71
N ALA T 570 -26.55 -44.25 -49.94
CA ALA T 570 -25.11 -44.33 -50.15
C ALA T 570 -24.53 -43.55 -51.37
N SER T 571 -25.23 -42.52 -51.84
CA SER T 571 -24.70 -41.55 -52.80
C SER T 571 -25.06 -40.11 -52.42
N ASN T 572 -24.33 -39.15 -52.97
CA ASN T 572 -24.47 -37.74 -52.64
C ASN T 572 -25.83 -37.13 -53.06
N ILE T 573 -26.12 -35.93 -52.59
CA ILE T 573 -27.13 -35.03 -53.14
C ILE T 573 -26.83 -34.74 -54.61
N TYR T 574 -27.85 -34.60 -55.45
CA TYR T 574 -27.72 -33.99 -56.78
C TYR T 574 -28.27 -32.56 -56.78
N VAL T 575 -27.52 -31.63 -57.38
CA VAL T 575 -27.96 -30.26 -57.62
C VAL T 575 -28.43 -30.15 -59.07
N PRO T 576 -29.68 -29.73 -59.35
CA PRO T 576 -30.15 -29.47 -60.70
C PRO T 576 -29.30 -28.38 -61.37
N ILE T 577 -28.49 -28.76 -62.36
CA ILE T 577 -27.40 -27.94 -62.90
C ILE T 577 -27.01 -28.43 -64.31
N ARG T 578 -26.21 -27.66 -65.04
CA ARG T 578 -25.53 -28.07 -66.30
C ARG T 578 -24.11 -27.51 -66.34
N LEU T 579 -23.25 -28.14 -67.14
CA LEU T 579 -21.89 -27.66 -67.42
C LEU T 579 -21.73 -27.20 -68.88
N PRO T 580 -21.44 -25.91 -69.12
CA PRO T 580 -20.93 -25.44 -70.41
C PRO T 580 -19.56 -26.07 -70.75
N LYS T 581 -19.39 -26.54 -71.99
CA LYS T 581 -18.15 -27.14 -72.52
C LYS T 581 -18.09 -27.01 -74.05
N GLN T 582 -16.87 -27.00 -74.60
CA GLN T 582 -16.56 -27.12 -76.04
C GLN T 582 -15.32 -28.00 -76.27
PB ADP U . -36.37 8.98 53.40
O1B ADP U . -35.67 9.17 52.10
O2B ADP U . -36.15 10.10 54.35
O3B ADP U . -35.75 7.81 54.07
PA ADP U . -38.74 9.56 52.21
O1A ADP U . -38.92 8.78 50.96
O2A ADP U . -38.30 10.97 51.97
O3A ADP U . -37.90 8.76 53.25
O5' ADP U . -40.11 9.57 53.08
C5' ADP U . -40.97 8.44 53.10
C4' ADP U . -42.33 8.74 52.43
O4' ADP U . -43.25 9.27 53.40
C3' ADP U . -42.30 9.77 51.30
O3' ADP U . -42.03 9.18 50.04
C2' ADP U . -43.70 10.35 51.35
O2' ADP U . -44.59 9.45 50.70
C1' ADP U . -43.96 10.40 52.87
N9 ADP U . -43.46 11.60 53.51
C8 ADP U . -42.26 11.76 54.19
N7 ADP U . -42.18 12.92 54.83
C5 ADP U . -43.39 13.46 54.59
C6 ADP U . -43.92 14.64 55.08
N6 ADP U . -43.25 15.42 55.93
N1 ADP U . -45.15 15.02 54.84
C2 ADP U . -45.84 14.20 54.05
N3 ADP U . -45.43 13.04 53.52
C4 ADP U . -44.17 12.70 53.82
PB ADP V . -8.54 24.05 54.48
O1B ADP V . -8.02 23.67 53.14
O2B ADP V . -7.46 24.59 55.33
O3B ADP V . -8.96 22.80 55.15
PA ADP V . -9.61 26.39 53.63
O1A ADP V . -8.23 26.87 53.32
O2A ADP V . -10.45 26.43 52.42
O3A ADP V . -9.71 25.05 54.42
O5' ADP V . -10.31 27.33 54.74
C5' ADP V . -11.72 27.20 54.95
C4' ADP V . -12.46 28.55 54.81
O4' ADP V . -11.79 29.51 55.65
C3' ADP V . -12.46 29.15 53.38
O3' ADP V . -13.69 29.85 53.15
C2' ADP V . -11.32 30.14 53.44
O2' ADP V . -11.44 31.25 52.54
C1' ADP V . -11.33 30.63 54.87
N9 ADP V . -10.00 30.99 55.32
C8 ADP V . -9.08 30.18 55.95
N7 ADP V . -7.90 30.78 56.15
C5 ADP V . -8.13 32.00 55.58
C6 ADP V . -7.28 33.08 55.49
N6 ADP V . -6.05 33.10 56.03
N1 ADP V . -7.64 34.23 54.95
C2 ADP V . -8.88 34.24 54.46
N3 ADP V . -9.77 33.24 54.47
C4 ADP V . -9.36 32.14 55.08
PG ATP W . -11.43 -33.86 36.61
O1G ATP W . -10.05 -33.48 37.00
O2G ATP W . -12.37 -32.84 37.11
O3G ATP W . -11.48 -33.93 35.12
PB ATP W . -10.86 -36.35 37.55
O1B ATP W . -9.71 -35.89 38.39
O2B ATP W . -11.55 -37.38 38.38
O3B ATP W . -11.87 -35.21 37.26
PA ATP W . -10.81 -38.17 35.60
O1A ATP W . -12.27 -38.23 35.40
O2A ATP W . -10.32 -39.23 36.50
O3A ATP W . -10.38 -36.78 36.13
O5' ATP W . -10.08 -38.18 34.17
C5' ATP W . -8.77 -38.70 33.96
C4' ATP W . -8.62 -40.22 34.28
O4' ATP W . -9.82 -40.98 34.01
C3' ATP W . -7.54 -40.87 33.38
O3' ATP W . -6.49 -41.39 34.18
C2' ATP W . -8.27 -42.05 32.76
O2' ATP W . -7.39 -43.15 32.52
C1' ATP W . -9.35 -42.31 33.81
N9 ATP W . -10.42 -43.21 33.40
C8 ATP W . -10.55 -43.85 32.18
N7 ATP W . -11.32 -44.96 32.24
C5 ATP W . -11.71 -44.94 33.53
C6 ATP W . -12.60 -45.78 34.17
N6 ATP W . -13.25 -46.76 33.57
N1 ATP W . -13.07 -45.54 35.36
C2 ATP W . -12.59 -44.45 35.95
N3 ATP W . -11.64 -43.65 35.47
C4 ATP W . -11.22 -43.91 34.24
PB ADP X . 17.90 8.53 45.62
O1B ADP X . 16.79 8.60 44.66
O2B ADP X . 17.28 8.14 46.91
O3B ADP X . 18.85 7.44 45.30
PA ADP X . 19.02 10.83 44.62
O1A ADP X . 19.72 10.21 43.46
O2A ADP X . 17.87 11.66 44.22
O3A ADP X . 18.71 9.85 45.81
O5' ADP X . 20.05 11.79 45.39
C5' ADP X . 19.58 12.88 46.21
C4' ADP X . 19.97 14.30 45.66
O4' ADP X . 21.37 14.52 45.91
C3' ADP X . 19.80 14.57 44.16
O3' ADP X . 19.72 15.98 43.96
C2' ADP X . 21.12 14.03 43.62
O2' ADP X . 21.46 14.50 42.31
C1' ADP X . 22.12 14.45 44.69
N9 ADP X . 23.20 13.50 44.88
C8 ADP X . 23.16 12.32 45.61
N7 ADP X . 24.36 11.72 45.66
C5 ADP X . 25.14 12.59 44.96
C6 ADP X . 26.50 12.53 44.72
N6 ADP X . 27.25 11.50 45.12
N1 ADP X . 27.15 13.48 44.10
C2 ADP X . 26.40 14.51 43.68
N3 ADP X . 25.08 14.64 43.83
C4 ADP X . 24.49 13.66 44.50
PB ADP Y . 16.51 -21.90 37.17
O1B ADP Y . 16.95 -23.30 37.37
O2B ADP Y . 15.99 -21.50 38.50
O3B ADP Y . 15.41 -21.82 36.19
PA ADP Y . 18.88 -21.43 35.95
O1A ADP Y . 19.69 -22.41 36.72
O2A ADP Y . 18.60 -21.85 34.55
O3A ADP Y . 17.64 -20.94 36.73
O5' ADP Y . 19.59 -20.00 36.03
C5' ADP Y . 20.31 -19.44 34.92
C4' ADP Y . 21.79 -19.93 34.86
O4' ADP Y . 21.88 -21.33 35.12
C3' ADP Y . 22.38 -19.78 33.45
O3' ADP Y . 23.35 -18.75 33.43
C2' ADP Y . 23.05 -21.13 33.18
O2' ADP Y . 24.36 -21.02 32.64
C1' ADP Y . 23.08 -21.81 34.54
N9 ADP Y . 23.02 -23.25 34.51
C8 ADP Y . 22.21 -24.04 35.31
N7 ADP Y . 22.32 -25.35 35.04
C5 ADP Y . 23.24 -25.35 34.04
C6 ADP Y . 23.79 -26.42 33.38
N6 ADP Y . 23.43 -27.68 33.66
N1 ADP Y . 24.74 -26.31 32.48
C2 ADP Y . 25.10 -25.04 32.22
N3 ADP Y . 24.62 -23.92 32.79
C4 ADP Y . 23.68 -24.12 33.71
PB ADP Z . -37.57 -21.65 45.49
O1B ADP Z . -36.67 -20.99 44.52
O2B ADP Z . -36.69 -21.99 46.63
O3B ADP Z . -38.57 -20.73 46.06
PA ADP Z . -39.17 -22.89 43.66
O1A ADP Z . -38.47 -22.83 42.36
O2A ADP Z . -40.26 -21.90 43.74
O3A ADP Z . -38.23 -22.95 44.92
O5' ADP Z . -39.80 -24.37 43.77
C5' ADP Z . -38.99 -25.51 43.39
C4' ADP Z . -39.81 -26.57 42.64
O4' ADP Z . -40.99 -26.87 43.38
C3' ADP Z . -40.29 -26.15 41.23
O3' ADP Z . -40.42 -27.30 40.41
C2' ADP Z . -41.65 -25.57 41.55
O2' ADP Z . -42.57 -25.52 40.46
C1' ADP Z . -42.15 -26.49 42.64
N9 ADP Z . -43.09 -25.84 43.51
C8 ADP Z . -42.84 -25.32 44.77
N7 ADP Z . -43.95 -24.82 45.33
C5 ADP Z . -44.89 -25.08 44.38
C6 ADP Z . -46.25 -24.83 44.41
N6 ADP Z . -46.82 -24.20 45.45
N1 ADP Z . -47.06 -25.21 43.47
C2 ADP Z . -46.48 -25.80 42.42
N3 ADP Z . -45.16 -26.03 42.26
C4 ADP Z . -44.40 -25.67 43.29
PB ADP AA . 37.89 57.47 -5.67
O1B ADP AA . 38.89 56.47 -6.08
O2B ADP AA . 38.55 58.76 -5.34
O3B ADP AA . 37.29 56.93 -4.43
PA ADP AA . 36.76 57.69 -8.23
O1A ADP AA . 37.97 57.08 -8.82
O2A ADP AA . 35.56 57.00 -8.77
O3A ADP AA . 36.67 57.69 -6.65
O5' ADP AA . 36.72 59.29 -8.53
C5' ADP AA . 35.47 59.91 -8.88
C4' ADP AA . 34.49 60.00 -7.67
O4' ADP AA . 34.45 61.38 -7.22
C3' ADP AA . 33.04 59.66 -8.08
O3' ADP AA . 32.32 59.16 -6.96
C2' ADP AA . 32.48 61.03 -8.44
O2' ADP AA . 31.05 61.05 -8.39
C1' ADP AA . 33.13 61.94 -7.38
N9 ADP AA . 33.24 63.35 -7.74
C8 ADP AA . 34.30 64.24 -7.51
N7 ADP AA . 34.01 65.51 -7.88
C5 ADP AA . 32.74 65.38 -8.35
C6 ADP AA . 31.90 66.37 -8.87
N6 ADP AA . 32.22 67.66 -8.93
N1 ADP AA . 30.66 66.12 -9.26
C2 ADP AA . 30.27 64.83 -9.14
N3 ADP AA . 31.00 63.81 -8.67
C4 ADP AA . 32.25 64.12 -8.28
#